data_2N8J
#
_entry.id   2N8J
#
loop_
_entity.id
_entity.type
_entity.pdbx_description
1 polymer Calmodulin
2 polymer 'Nitric oxide synthase, endothelial'
#
loop_
_entity_poly.entity_id
_entity_poly.type
_entity_poly.pdbx_seq_one_letter_code
_entity_poly.pdbx_strand_id
1 'polypeptide(L)'
;ADQLTEEQIAEFKEAFSLFDKDGDGTITTKELGTVMRSLGQNPTEAELQDMINEVDADGNGTIDFPEFLTMMARKMKDTD
SEEEIREAFRVFDKDGNGYISAAELRHVMTNLGEKLTDEEVDEMIREADIDGDGQVNYEEFVQMMTAK
;
A
2 'polypeptide(L)' TRKKTFKEVANAVKISASLMGT B
#
# COMPACT_ATOMS: atom_id res chain seq x y z
N ALA A 1 -8.16 16.91 -1.40
CA ALA A 1 -7.56 17.74 -0.33
C ALA A 1 -7.86 17.16 1.06
N ASP A 2 -9.10 16.72 1.26
CA ASP A 2 -9.54 16.14 2.54
C ASP A 2 -9.53 14.61 2.48
N GLN A 3 -9.99 14.05 1.36
CA GLN A 3 -10.05 12.61 1.16
C GLN A 3 -9.50 12.23 -0.22
N LEU A 4 -8.96 11.00 -0.33
CA LEU A 4 -8.41 10.51 -1.56
C LEU A 4 -9.34 9.43 -2.11
N THR A 5 -8.83 8.21 -2.27
CA THR A 5 -9.59 7.09 -2.75
C THR A 5 -9.95 6.20 -1.55
N GLU A 6 -10.54 5.04 -1.80
CA GLU A 6 -10.86 4.07 -0.75
C GLU A 6 -9.60 3.60 -0.04
N GLU A 7 -8.43 3.91 -0.66
CA GLU A 7 -7.13 3.54 -0.07
C GLU A 7 -7.00 4.02 1.37
N GLN A 8 -7.53 5.22 1.61
CA GLN A 8 -7.56 5.79 2.96
C GLN A 8 -8.53 5.01 3.82
N ILE A 9 -9.74 4.84 3.27
CA ILE A 9 -10.81 4.11 3.91
C ILE A 9 -10.36 2.70 4.35
N ALA A 10 -9.48 2.09 3.55
CA ALA A 10 -8.96 0.75 3.82
C ALA A 10 -8.00 0.67 5.02
N GLU A 11 -7.18 1.72 5.24
CA GLU A 11 -6.21 1.68 6.34
C GLU A 11 -6.39 2.76 7.40
N PHE A 12 -7.13 3.84 7.09
CA PHE A 12 -7.34 4.92 8.08
C PHE A 12 -8.24 4.45 9.22
N LYS A 13 -8.94 3.33 8.98
CA LYS A 13 -9.82 2.73 9.93
C LYS A 13 -9.00 1.86 10.87
N GLU A 14 -8.04 1.15 10.26
CA GLU A 14 -7.17 0.25 11.01
C GLU A 14 -6.04 0.98 11.68
N ALA A 15 -5.49 2.00 11.01
CA ALA A 15 -4.41 2.81 11.60
C ALA A 15 -4.95 3.57 12.79
N PHE A 16 -6.28 3.69 12.81
CA PHE A 16 -6.99 4.32 13.89
C PHE A 16 -7.28 3.30 14.99
N SER A 17 -7.82 2.15 14.60
CA SER A 17 -8.20 1.11 15.54
C SER A 17 -7.10 0.15 15.93
N LEU A 18 -5.98 0.14 15.22
CA LEU A 18 -4.89 -0.79 15.55
C LEU A 18 -4.21 -0.43 16.86
N PHE A 19 -4.24 0.87 17.18
CA PHE A 19 -3.61 1.36 18.40
C PHE A 19 -4.44 2.30 19.27
N ASP A 20 -5.66 2.67 18.84
CA ASP A 20 -6.49 3.60 19.65
C ASP A 20 -7.21 2.88 20.81
N LYS A 21 -6.43 2.18 21.65
CA LYS A 21 -6.97 1.48 22.80
C LYS A 21 -7.09 2.33 24.05
N ASP A 22 -6.31 3.40 24.12
CA ASP A 22 -6.32 4.30 25.24
C ASP A 22 -7.61 5.12 25.25
N GLY A 23 -8.21 5.21 24.06
CA GLY A 23 -9.45 5.98 23.89
C GLY A 23 -9.15 7.46 23.91
N ASP A 24 -8.08 7.78 23.19
CA ASP A 24 -7.52 9.11 23.12
C ASP A 24 -7.84 9.80 21.80
N GLY A 25 -8.91 9.34 21.18
CA GLY A 25 -9.34 9.85 19.90
C GLY A 25 -8.55 9.23 18.77
N THR A 26 -7.33 9.72 18.55
CA THR A 26 -6.45 9.22 17.55
C THR A 26 -5.39 8.31 18.16
N ILE A 27 -4.54 7.74 17.32
CA ILE A 27 -3.48 6.85 17.75
C ILE A 27 -2.22 7.60 18.21
N THR A 28 -1.52 7.01 19.18
CA THR A 28 -0.30 7.59 19.77
C THR A 28 0.82 7.82 18.76
N THR A 29 1.78 8.67 19.17
CA THR A 29 2.92 9.04 18.34
C THR A 29 4.04 8.01 18.35
N LYS A 30 4.52 7.70 19.55
CA LYS A 30 5.57 6.68 19.75
C LYS A 30 5.13 5.32 19.22
N GLU A 31 3.82 5.20 18.95
CA GLU A 31 3.22 3.94 18.50
C GLU A 31 2.77 3.98 17.03
N LEU A 32 2.67 5.19 16.46
CA LEU A 32 2.26 5.39 15.06
C LEU A 32 3.10 4.57 14.08
N GLY A 33 4.42 4.50 14.31
CA GLY A 33 5.28 3.69 13.47
C GLY A 33 4.81 2.26 13.45
N THR A 34 4.37 1.79 14.61
CA THR A 34 3.88 0.44 14.79
C THR A 34 2.49 0.24 14.19
N VAL A 35 1.67 1.30 14.14
CA VAL A 35 0.36 1.21 13.52
C VAL A 35 0.60 1.17 12.01
N MET A 36 1.72 1.81 11.64
CA MET A 36 2.21 1.86 10.27
C MET A 36 2.83 0.52 9.85
N ARG A 37 3.59 -0.09 10.75
CA ARG A 37 4.26 -1.36 10.49
C ARG A 37 3.33 -2.56 10.61
N SER A 38 2.31 -2.43 11.48
CA SER A 38 1.32 -3.49 11.67
C SER A 38 0.45 -3.68 10.44
N LEU A 39 0.64 -2.76 9.52
CA LEU A 39 -0.05 -2.75 8.24
C LEU A 39 0.84 -3.42 7.18
N GLY A 40 2.08 -3.75 7.59
CA GLY A 40 3.03 -4.40 6.69
C GLY A 40 4.07 -3.51 6.11
N GLN A 41 3.96 -2.31 6.51
CA GLN A 41 4.83 -1.22 6.09
C GLN A 41 6.13 -1.17 6.89
N ASN A 42 7.24 -0.90 6.18
CA ASN A 42 8.56 -0.82 6.82
C ASN A 42 9.15 0.60 6.64
N PRO A 43 8.67 1.60 7.43
CA PRO A 43 9.15 2.99 7.37
C PRO A 43 10.43 3.20 8.20
N THR A 44 10.94 4.43 8.21
CA THR A 44 12.13 4.78 8.96
C THR A 44 11.75 5.48 10.25
N GLU A 45 12.67 5.50 11.21
CA GLU A 45 12.47 6.17 12.50
C GLU A 45 12.71 7.65 12.35
N ALA A 46 13.57 7.95 11.39
CA ALA A 46 13.96 9.31 11.13
C ALA A 46 12.82 10.04 10.45
N GLU A 47 12.12 9.30 9.60
CA GLU A 47 10.92 9.79 8.91
C GLU A 47 9.76 9.77 9.87
N LEU A 48 9.84 8.83 10.82
CA LEU A 48 8.88 8.70 11.92
C LEU A 48 9.01 9.92 12.82
N GLN A 49 10.16 10.58 12.72
CA GLN A 49 10.45 11.78 13.47
C GLN A 49 10.21 13.00 12.66
N ASP A 50 10.10 12.73 11.42
CA ASP A 50 9.79 13.73 10.42
C ASP A 50 8.28 13.91 10.31
N MET A 51 7.55 12.82 10.50
CA MET A 51 6.09 12.85 10.48
C MET A 51 5.56 13.20 11.87
N ILE A 52 6.27 12.74 12.90
CA ILE A 52 5.92 13.10 14.28
C ILE A 52 6.25 14.58 14.45
N ASN A 53 7.27 15.02 13.68
CA ASN A 53 7.66 16.44 13.67
C ASN A 53 6.59 17.28 12.94
N GLU A 54 5.96 16.69 11.91
CA GLU A 54 4.95 17.37 11.13
C GLU A 54 3.57 17.38 11.81
N VAL A 55 3.20 16.27 12.47
CA VAL A 55 1.91 16.17 13.15
C VAL A 55 1.91 16.83 14.53
N ASP A 56 3.01 16.67 15.28
CA ASP A 56 3.13 17.28 16.62
C ASP A 56 3.32 18.79 16.51
N ALA A 57 2.67 19.34 15.48
CA ALA A 57 2.73 20.77 15.18
C ALA A 57 1.67 21.54 15.95
N ASP A 58 0.87 20.75 16.61
CA ASP A 58 -0.25 21.20 17.42
C ASP A 58 0.04 20.95 18.90
N GLY A 59 0.74 19.85 19.20
CA GLY A 59 1.09 19.50 20.58
C GLY A 59 -0.03 18.75 21.30
N ASN A 60 -0.53 17.68 20.67
CA ASN A 60 -1.59 16.85 21.25
C ASN A 60 -1.07 15.48 21.67
N GLY A 61 0.06 15.08 21.07
CA GLY A 61 0.69 13.79 21.36
C GLY A 61 -0.04 12.59 20.79
N THR A 62 -0.76 12.82 19.70
CA THR A 62 -1.53 11.80 19.01
C THR A 62 -1.49 12.03 17.49
N ILE A 63 -2.06 11.11 16.70
CA ILE A 63 -2.02 11.22 15.24
C ILE A 63 -3.35 10.90 14.53
N ASP A 64 -3.97 11.95 13.96
CA ASP A 64 -5.17 11.82 13.12
C ASP A 64 -4.93 10.85 11.95
N PHE A 65 -5.96 10.08 11.62
CA PHE A 65 -5.88 9.06 10.56
C PHE A 65 -6.28 9.57 9.16
N PRO A 66 -7.33 10.45 8.98
CA PRO A 66 -7.72 10.93 7.64
C PRO A 66 -6.73 11.91 7.04
N GLU A 67 -5.88 12.50 7.90
CA GLU A 67 -4.89 13.46 7.49
C GLU A 67 -3.49 12.86 7.28
N PHE A 68 -3.25 11.61 7.72
CA PHE A 68 -1.92 11.00 7.57
C PHE A 68 -1.70 10.35 6.22
N LEU A 69 -2.73 9.76 5.65
CA LEU A 69 -2.62 9.16 4.33
C LEU A 69 -2.41 10.24 3.29
N THR A 70 -3.03 11.38 3.60
CA THR A 70 -2.90 12.60 2.84
C THR A 70 -1.44 12.99 2.79
N MET A 71 -0.74 12.68 3.89
CA MET A 71 0.70 12.90 3.97
C MET A 71 1.39 11.94 3.01
N MET A 72 0.82 10.73 2.93
CA MET A 72 1.33 9.67 2.04
C MET A 72 0.95 9.94 0.61
N ALA A 73 -0.13 10.68 0.43
CA ALA A 73 -0.58 11.08 -0.88
C ALA A 73 0.37 12.12 -1.42
N ARG A 74 0.87 12.99 -0.53
CA ARG A 74 1.81 14.02 -0.93
C ARG A 74 3.27 13.51 -0.98
N LYS A 75 3.54 12.37 -0.31
CA LYS A 75 4.87 11.77 -0.35
C LYS A 75 5.18 11.10 -1.71
N MET A 76 4.14 10.92 -2.53
CA MET A 76 4.31 10.24 -3.82
C MET A 76 3.84 11.09 -5.01
N LYS A 77 2.79 11.87 -4.78
CA LYS A 77 2.16 12.72 -5.78
C LYS A 77 3.07 13.83 -6.37
N ASP A 78 3.88 14.47 -5.52
CA ASP A 78 4.74 15.57 -5.97
C ASP A 78 6.19 15.16 -6.30
N THR A 79 6.69 14.12 -5.62
CA THR A 79 8.07 13.64 -5.82
C THR A 79 8.35 13.20 -7.27
N ASP A 80 7.66 12.14 -7.70
CA ASP A 80 7.80 11.58 -9.05
C ASP A 80 6.52 10.87 -9.49
N SER A 81 5.89 11.41 -10.53
CA SER A 81 4.65 10.85 -11.07
C SER A 81 4.92 9.69 -12.07
N GLU A 82 6.17 9.59 -12.51
CA GLU A 82 6.58 8.56 -13.47
C GLU A 82 6.97 7.29 -12.72
N GLU A 83 7.84 7.48 -11.73
CA GLU A 83 8.34 6.41 -10.86
C GLU A 83 7.25 5.86 -9.93
N GLU A 84 6.17 6.63 -9.75
CA GLU A 84 5.03 6.26 -8.89
C GLU A 84 4.41 4.92 -9.28
N ILE A 85 4.50 4.63 -10.57
CA ILE A 85 3.98 3.39 -11.15
C ILE A 85 5.04 2.27 -11.08
N ARG A 86 6.25 2.60 -11.57
CA ARG A 86 7.39 1.66 -11.58
C ARG A 86 7.77 1.15 -10.19
N GLU A 87 7.32 1.87 -9.17
CA GLU A 87 7.56 1.50 -7.78
C GLU A 87 6.66 0.34 -7.38
N ALA A 88 5.56 0.18 -8.14
CA ALA A 88 4.63 -0.92 -7.92
C ALA A 88 5.27 -2.23 -8.33
N PHE A 89 6.30 -2.10 -9.16
CA PHE A 89 7.12 -3.24 -9.57
C PHE A 89 8.11 -3.48 -8.45
N ARG A 90 8.31 -2.42 -7.66
CA ARG A 90 9.13 -2.49 -6.47
C ARG A 90 8.30 -3.18 -5.38
N VAL A 91 6.98 -3.14 -5.60
CA VAL A 91 6.01 -3.75 -4.74
C VAL A 91 5.74 -5.21 -5.11
N PHE A 92 5.34 -5.44 -6.37
CA PHE A 92 4.97 -6.77 -6.82
C PHE A 92 6.09 -7.50 -7.62
N ASP A 93 6.76 -6.78 -8.54
CA ASP A 93 7.84 -7.36 -9.39
C ASP A 93 9.04 -7.83 -8.59
N LYS A 94 9.03 -9.12 -8.30
CA LYS A 94 10.12 -9.75 -7.52
C LYS A 94 11.28 -10.20 -8.39
N ASP A 95 10.97 -10.92 -9.47
CA ASP A 95 11.98 -11.50 -10.33
C ASP A 95 12.76 -10.47 -11.17
N GLY A 96 12.38 -9.23 -10.98
CA GLY A 96 12.98 -8.08 -11.69
C GLY A 96 13.17 -8.26 -13.19
N ASN A 97 12.29 -9.06 -13.81
CA ASN A 97 12.36 -9.33 -15.25
C ASN A 97 11.40 -8.45 -16.04
N GLY A 98 10.56 -7.68 -15.32
CA GLY A 98 9.60 -6.82 -15.96
C GLY A 98 8.18 -7.35 -15.86
N TYR A 99 8.10 -8.63 -15.57
CA TYR A 99 6.84 -9.33 -15.43
C TYR A 99 6.70 -9.93 -14.02
N ILE A 100 5.67 -9.47 -13.28
CA ILE A 100 5.37 -9.97 -11.95
C ILE A 100 4.65 -11.32 -12.10
N SER A 101 5.44 -12.40 -12.16
CA SER A 101 4.94 -13.77 -12.35
C SER A 101 4.01 -14.22 -11.22
N ALA A 102 3.27 -15.29 -11.51
CA ALA A 102 2.30 -15.87 -10.60
C ALA A 102 2.88 -16.39 -9.30
N ALA A 103 4.21 -16.55 -9.25
CA ALA A 103 4.87 -17.04 -8.05
C ALA A 103 5.21 -15.89 -7.16
N GLU A 104 5.42 -14.78 -7.83
CA GLU A 104 5.79 -13.54 -7.21
C GLU A 104 4.61 -12.86 -6.62
N LEU A 105 3.49 -12.90 -7.32
CA LEU A 105 2.28 -12.33 -6.78
C LEU A 105 1.85 -13.17 -5.58
N ARG A 106 2.20 -14.45 -5.67
CA ARG A 106 1.96 -15.39 -4.59
C ARG A 106 2.94 -15.12 -3.50
N HIS A 107 4.19 -14.89 -3.91
CA HIS A 107 5.24 -14.56 -3.00
C HIS A 107 4.99 -13.18 -2.45
N VAL A 108 4.18 -12.43 -3.21
CA VAL A 108 3.77 -11.11 -2.77
C VAL A 108 2.78 -11.35 -1.68
N MET A 109 1.76 -12.08 -2.06
CA MET A 109 0.71 -12.48 -1.14
C MET A 109 1.26 -13.06 0.14
N THR A 110 2.31 -13.87 0.03
CA THR A 110 2.88 -14.49 1.24
C THR A 110 3.51 -13.45 2.12
N ASN A 111 4.16 -12.50 1.46
CA ASN A 111 4.77 -11.36 2.15
C ASN A 111 3.68 -10.49 2.77
N LEU A 112 2.66 -10.22 1.94
CA LEU A 112 1.52 -9.44 2.31
C LEU A 112 0.59 -10.17 3.28
N GLY A 113 0.59 -11.51 3.19
CA GLY A 113 -0.26 -12.31 4.06
C GLY A 113 -0.79 -13.63 3.47
N GLU A 114 -1.08 -13.71 2.15
CA GLU A 114 -1.66 -14.93 1.61
C GLU A 114 -0.72 -15.85 0.86
N LYS A 115 -1.05 -17.13 0.94
CA LYS A 115 -0.37 -18.13 0.19
C LYS A 115 -1.28 -18.53 -0.94
N LEU A 116 -0.71 -18.58 -2.11
CA LEU A 116 -1.45 -18.86 -3.33
C LEU A 116 -0.75 -19.85 -4.26
N THR A 117 -1.42 -21.02 -4.46
CA THR A 117 -0.93 -22.08 -5.32
C THR A 117 -0.93 -21.69 -6.79
N ASP A 118 -0.57 -22.67 -7.62
CA ASP A 118 -0.46 -22.49 -9.07
C ASP A 118 -1.79 -22.28 -9.80
N GLU A 119 -2.83 -22.99 -9.38
CA GLU A 119 -4.14 -22.87 -10.02
C GLU A 119 -5.01 -21.76 -9.42
N GLU A 120 -4.65 -21.29 -8.23
CA GLU A 120 -5.38 -20.21 -7.57
C GLU A 120 -4.86 -18.84 -8.02
N VAL A 121 -3.67 -18.83 -8.64
CA VAL A 121 -3.07 -17.59 -9.16
C VAL A 121 -3.59 -17.25 -10.55
N ASP A 122 -4.00 -18.29 -11.27
CA ASP A 122 -4.53 -18.15 -12.64
C ASP A 122 -5.91 -17.45 -12.69
N GLU A 123 -6.12 -16.59 -11.71
CA GLU A 123 -7.32 -15.77 -11.58
C GLU A 123 -6.94 -14.35 -11.16
N MET A 124 -5.88 -14.27 -10.35
CA MET A 124 -5.30 -13.00 -9.89
C MET A 124 -4.61 -12.29 -11.04
N ILE A 125 -4.11 -13.10 -11.97
CA ILE A 125 -3.44 -12.62 -13.15
C ILE A 125 -4.38 -12.36 -14.31
N ARG A 126 -5.24 -13.33 -14.57
CA ARG A 126 -6.24 -13.25 -15.66
C ARG A 126 -7.13 -12.02 -15.52
N GLU A 127 -7.29 -11.61 -14.27
CA GLU A 127 -8.06 -10.44 -13.89
C GLU A 127 -7.44 -9.16 -14.50
N ALA A 128 -6.10 -9.12 -14.57
CA ALA A 128 -5.41 -7.97 -15.12
C ALA A 128 -4.85 -8.28 -16.49
N ASP A 129 -4.48 -9.55 -16.65
CA ASP A 129 -3.89 -10.05 -17.88
C ASP A 129 -4.80 -9.91 -19.10
N ILE A 130 -4.23 -9.29 -20.11
CA ILE A 130 -4.90 -9.01 -21.38
C ILE A 130 -4.71 -10.19 -22.36
N ASP A 131 -3.45 -10.63 -22.51
CA ASP A 131 -3.11 -11.73 -23.41
C ASP A 131 -3.21 -13.09 -22.72
N GLY A 132 -3.05 -13.10 -21.40
CA GLY A 132 -3.14 -14.34 -20.62
C GLY A 132 -1.87 -15.19 -20.65
N ASP A 133 -0.71 -14.56 -20.39
CA ASP A 133 0.58 -15.27 -20.39
C ASP A 133 0.89 -15.91 -19.03
N GLY A 134 0.21 -15.42 -17.99
CA GLY A 134 0.39 -15.93 -16.63
C GLY A 134 1.41 -15.19 -15.83
N GLN A 135 1.80 -14.06 -16.37
CA GLN A 135 2.75 -13.16 -15.78
C GLN A 135 2.28 -11.73 -16.02
N VAL A 136 1.75 -11.10 -14.96
CA VAL A 136 1.20 -9.74 -15.03
C VAL A 136 2.26 -8.69 -15.36
N ASN A 137 1.96 -7.93 -16.42
CA ASN A 137 2.81 -6.84 -16.91
C ASN A 137 2.48 -5.53 -16.20
N TYR A 138 2.93 -4.42 -16.79
CA TYR A 138 2.68 -3.09 -16.27
C TYR A 138 1.25 -2.64 -16.63
N GLU A 139 0.94 -2.71 -17.93
CA GLU A 139 -0.37 -2.29 -18.46
C GLU A 139 -1.55 -3.10 -17.94
N GLU A 140 -1.31 -4.30 -17.42
CA GLU A 140 -2.39 -5.12 -16.87
C GLU A 140 -2.59 -4.80 -15.41
N PHE A 141 -1.48 -4.70 -14.73
CA PHE A 141 -1.42 -4.31 -13.34
C PHE A 141 -1.86 -2.84 -13.22
N VAL A 142 -1.69 -2.10 -14.32
CA VAL A 142 -2.00 -0.67 -14.38
C VAL A 142 -3.45 -0.38 -14.71
N GLN A 143 -3.94 -0.98 -15.79
CA GLN A 143 -5.33 -0.77 -16.21
C GLN A 143 -6.31 -1.10 -15.12
N MET A 144 -5.99 -2.15 -14.34
CA MET A 144 -6.85 -2.57 -13.24
C MET A 144 -6.89 -1.52 -12.12
N MET A 145 -5.93 -0.56 -12.17
CA MET A 145 -5.90 0.55 -11.22
C MET A 145 -6.83 1.66 -11.73
N THR A 146 -7.25 1.54 -13.00
CA THR A 146 -8.15 2.50 -13.64
C THR A 146 -9.44 1.82 -14.16
N ALA A 147 -9.30 0.59 -14.69
CA ALA A 147 -10.42 -0.23 -15.21
C ALA A 147 -11.75 0.01 -14.47
N LYS A 148 -11.70 0.07 -13.14
CA LYS A 148 -12.90 0.29 -12.31
C LYS A 148 -13.12 1.78 -12.02
N THR B 1 -15.37 -13.00 -6.07
CA THR B 1 -14.63 -12.39 -7.20
C THR B 1 -13.93 -13.45 -8.04
N ARG B 2 -14.06 -13.33 -9.36
CA ARG B 2 -13.45 -14.28 -10.30
C ARG B 2 -12.70 -13.54 -11.42
N LYS B 3 -13.30 -12.45 -11.91
CA LYS B 3 -12.71 -11.65 -12.99
C LYS B 3 -11.91 -10.46 -12.43
N LYS B 4 -12.15 -10.13 -11.15
CA LYS B 4 -11.45 -9.02 -10.48
C LYS B 4 -10.75 -9.51 -9.22
N THR B 5 -9.41 -9.41 -9.20
CA THR B 5 -8.62 -9.83 -8.05
C THR B 5 -7.48 -8.87 -7.71
N PHE B 6 -6.73 -8.35 -8.73
CA PHE B 6 -5.66 -7.37 -8.42
C PHE B 6 -6.28 -6.05 -7.93
N LYS B 7 -7.49 -5.75 -8.45
CA LYS B 7 -8.23 -4.53 -8.06
C LYS B 7 -8.45 -4.49 -6.53
N GLU B 8 -8.68 -5.67 -5.95
CA GLU B 8 -8.89 -5.82 -4.50
C GLU B 8 -7.57 -5.75 -3.70
N VAL B 9 -6.52 -6.44 -4.20
CA VAL B 9 -5.20 -6.47 -3.53
C VAL B 9 -4.46 -5.13 -3.63
N ALA B 10 -4.71 -4.39 -4.72
CA ALA B 10 -4.07 -3.10 -4.99
C ALA B 10 -4.44 -2.03 -3.96
N ASN B 11 -5.72 -2.00 -3.55
CA ASN B 11 -6.20 -1.03 -2.56
C ASN B 11 -5.37 -1.09 -1.27
N ALA B 12 -4.96 -2.32 -0.91
CA ALA B 12 -4.15 -2.56 0.28
C ALA B 12 -2.66 -2.22 0.05
N VAL B 13 -2.09 -2.68 -1.08
CA VAL B 13 -0.68 -2.44 -1.39
C VAL B 13 -0.48 -1.90 -2.83
N LYS B 14 -0.97 -0.69 -3.09
CA LYS B 14 -0.80 -0.04 -4.40
C LYS B 14 0.48 0.81 -4.40
N ILE B 15 0.90 1.27 -3.22
CA ILE B 15 2.11 2.10 -3.07
C ILE B 15 2.88 1.71 -1.80
N SER B 16 4.20 1.55 -1.97
CA SER B 16 5.09 1.19 -0.86
C SER B 16 6.29 2.13 -0.79
N ALA B 17 6.76 2.58 -1.98
CA ALA B 17 7.90 3.50 -2.07
C ALA B 17 7.54 4.94 -1.67
N SER B 18 6.25 5.16 -1.35
CA SER B 18 5.74 6.47 -0.93
C SER B 18 6.16 6.77 0.51
N LEU B 19 6.13 5.74 1.36
CA LEU B 19 6.52 5.86 2.77
C LEU B 19 7.84 5.11 3.03
N MET B 20 8.42 4.53 1.97
CA MET B 20 9.68 3.78 2.08
C MET B 20 10.88 4.69 1.78
N GLY B 21 11.98 4.46 2.51
CA GLY B 21 13.18 5.26 2.33
C GLY B 21 14.45 4.45 2.48
N THR B 22 15.06 4.09 1.35
CA THR B 22 16.29 3.30 1.33
C THR B 22 17.26 3.81 0.27
N ALA A 1 -11.65 20.05 9.28
CA ALA A 1 -10.96 18.87 8.69
C ALA A 1 -11.04 18.88 7.17
N ASP A 2 -9.89 18.67 6.53
CA ASP A 2 -9.81 18.65 5.07
C ASP A 2 -9.34 17.28 4.55
N GLN A 3 -10.21 16.61 3.79
CA GLN A 3 -9.92 15.31 3.23
C GLN A 3 -9.42 15.43 1.79
N LEU A 4 -8.58 14.47 1.37
CA LEU A 4 -8.03 14.43 0.04
C LEU A 4 -8.92 13.58 -0.86
N THR A 5 -8.37 12.46 -1.33
CA THR A 5 -9.05 11.53 -2.17
C THR A 5 -9.51 10.32 -1.33
N GLU A 6 -10.03 9.28 -1.98
CA GLU A 6 -10.50 8.07 -1.29
C GLU A 6 -9.34 7.26 -0.72
N GLU A 7 -8.14 7.55 -1.23
CA GLU A 7 -6.89 6.88 -0.76
C GLU A 7 -6.80 6.81 0.76
N GLN A 8 -7.28 7.88 1.39
CA GLN A 8 -7.31 7.96 2.84
C GLN A 8 -8.39 7.09 3.41
N ILE A 9 -9.57 7.27 2.85
CA ILE A 9 -10.74 6.54 3.22
C ILE A 9 -10.56 5.04 2.95
N ALA A 10 -9.70 4.74 1.97
CA ALA A 10 -9.39 3.36 1.58
C ALA A 10 -8.63 2.57 2.66
N GLU A 11 -7.56 3.14 3.27
CA GLU A 11 -6.77 2.39 4.28
C GLU A 11 -6.38 3.21 5.49
N PHE A 12 -6.14 4.49 5.30
CA PHE A 12 -5.78 5.36 6.43
C PHE A 12 -6.88 5.38 7.49
N LYS A 13 -8.07 4.85 7.11
CA LYS A 13 -9.22 4.70 7.97
C LYS A 13 -8.94 3.54 8.94
N GLU A 14 -8.35 2.48 8.38
CA GLU A 14 -8.02 1.29 9.16
C GLU A 14 -6.87 1.55 10.14
N ALA A 15 -5.85 2.24 9.66
CA ALA A 15 -4.71 2.65 10.50
C ALA A 15 -5.21 3.61 11.58
N PHE A 16 -6.41 4.14 11.31
CA PHE A 16 -7.11 5.02 12.22
C PHE A 16 -7.89 4.19 13.24
N SER A 17 -8.66 3.22 12.74
CA SER A 17 -9.48 2.37 13.57
C SER A 17 -8.80 1.13 14.14
N LEU A 18 -7.61 0.78 13.64
CA LEU A 18 -6.90 -0.40 14.13
C LEU A 18 -6.40 -0.23 15.57
N PHE A 19 -6.11 1.01 15.93
CA PHE A 19 -5.60 1.32 17.25
C PHE A 19 -6.40 2.38 18.02
N ASP A 20 -7.41 3.01 17.40
CA ASP A 20 -8.20 4.05 18.10
C ASP A 20 -9.25 3.45 19.06
N LYS A 21 -8.78 2.61 20.01
CA LYS A 21 -9.65 1.98 20.99
C LYS A 21 -9.89 2.80 22.23
N ASP A 22 -8.98 3.73 22.51
CA ASP A 22 -9.08 4.60 23.65
C ASP A 22 -10.19 5.62 23.45
N GLY A 23 -10.51 5.84 22.17
CA GLY A 23 -11.54 6.80 21.78
C GLY A 23 -11.01 8.21 21.92
N ASP A 24 -9.76 8.33 21.49
CA ASP A 24 -8.98 9.54 21.58
C ASP A 24 -8.94 10.32 20.27
N GLY A 25 -9.95 10.06 19.45
CA GLY A 25 -10.05 10.68 18.14
C GLY A 25 -9.21 9.94 17.12
N THR A 26 -7.89 10.19 17.14
CA THR A 26 -6.97 9.53 16.26
C THR A 26 -6.07 8.56 17.05
N ILE A 27 -5.24 7.80 16.34
CA ILE A 27 -4.36 6.82 16.94
C ILE A 27 -3.12 7.43 17.57
N THR A 28 -2.63 6.78 18.64
CA THR A 28 -1.46 7.21 19.39
C THR A 28 -0.17 7.22 18.56
N THR A 29 0.82 7.98 19.04
CA THR A 29 2.11 8.14 18.39
C THR A 29 3.01 6.93 18.57
N LYS A 30 3.26 6.58 19.83
CA LYS A 30 4.06 5.41 20.20
C LYS A 30 3.49 4.11 19.61
N GLU A 31 2.24 4.20 19.14
CA GLU A 31 1.53 3.03 18.61
C GLU A 31 1.32 3.07 17.10
N LEU A 32 1.48 4.27 16.48
CA LEU A 32 1.30 4.45 15.02
C LEU A 32 2.21 3.50 14.22
N GLY A 33 3.44 3.31 14.71
CA GLY A 33 4.35 2.38 14.04
C GLY A 33 3.74 1.01 13.94
N THR A 34 3.06 0.63 15.03
CA THR A 34 2.39 -0.67 15.14
C THR A 34 1.13 -0.75 14.29
N VAL A 35 0.42 0.37 14.10
CA VAL A 35 -0.75 0.38 13.27
C VAL A 35 -0.26 0.30 11.82
N MET A 36 0.98 0.80 11.65
CA MET A 36 1.71 0.76 10.39
C MET A 36 2.26 -0.63 10.09
N ARG A 37 2.78 -1.30 11.14
CA ARG A 37 3.36 -2.63 11.01
C ARG A 37 2.31 -3.74 11.03
N SER A 38 1.17 -3.50 11.69
CA SER A 38 0.08 -4.47 11.76
C SER A 38 -0.54 -4.74 10.39
N LEU A 39 -0.09 -3.94 9.46
CA LEU A 39 -0.50 -4.02 8.07
C LEU A 39 0.52 -4.85 7.28
N GLY A 40 1.62 -5.22 7.95
CA GLY A 40 2.65 -6.01 7.32
C GLY A 40 3.86 -5.25 6.90
N GLN A 41 3.76 -4.01 7.16
CA GLN A 41 4.77 -3.00 6.83
C GLN A 41 5.91 -3.00 7.84
N ASN A 42 7.13 -2.84 7.34
CA ASN A 42 8.33 -2.82 8.18
C ASN A 42 9.08 -1.47 8.04
N PRO A 43 8.54 -0.37 8.66
CA PRO A 43 9.18 0.97 8.62
C PRO A 43 10.33 1.09 9.64
N THR A 44 10.94 2.26 9.72
CA THR A 44 12.03 2.50 10.66
C THR A 44 11.52 3.25 11.88
N GLU A 45 12.27 3.13 12.96
CA GLU A 45 11.95 3.81 14.22
C GLU A 45 12.42 5.23 14.14
N ALA A 46 13.46 5.40 13.35
CA ALA A 46 14.09 6.67 13.15
C ALA A 46 13.20 7.58 12.33
N GLU A 47 12.50 6.93 11.39
CA GLU A 47 11.52 7.60 10.55
C GLU A 47 10.22 7.76 11.32
N LEU A 48 10.01 6.80 12.24
CA LEU A 48 8.89 6.83 13.17
C LEU A 48 9.08 7.98 14.16
N GLN A 49 10.34 8.40 14.25
CA GLN A 49 10.73 9.52 15.11
C GLN A 49 10.86 10.77 14.34
N ASP A 50 10.92 10.56 13.07
CA ASP A 50 10.97 11.62 12.09
C ASP A 50 9.56 12.10 11.76
N MET A 51 8.62 11.15 11.78
CA MET A 51 7.21 11.46 11.54
C MET A 51 6.55 11.89 12.84
N ILE A 52 6.99 11.29 13.96
CA ILE A 52 6.50 11.69 15.26
C ILE A 52 7.07 13.08 15.56
N ASN A 53 8.26 13.32 14.98
CA ASN A 53 8.91 14.64 15.09
C ASN A 53 8.18 15.68 14.24
N GLU A 54 7.64 15.24 13.09
CA GLU A 54 6.92 16.13 12.19
C GLU A 54 5.45 16.33 12.58
N VAL A 55 4.83 15.31 13.19
CA VAL A 55 3.43 15.40 13.59
C VAL A 55 3.26 16.00 14.99
N ASP A 56 4.11 15.58 15.94
CA ASP A 56 4.05 16.10 17.32
C ASP A 56 4.56 17.55 17.36
N ALA A 57 4.24 18.28 16.29
CA ALA A 57 4.62 19.67 16.13
C ALA A 57 3.65 20.62 16.78
N ASP A 58 2.61 20.00 17.24
CA ASP A 58 1.50 20.65 17.91
C ASP A 58 1.50 20.34 19.40
N GLY A 59 1.95 19.11 19.76
CA GLY A 59 2.01 18.68 21.15
C GLY A 59 0.69 18.12 21.65
N ASN A 60 0.13 17.17 20.90
CA ASN A 60 -1.15 16.53 21.26
C ASN A 60 -0.95 15.08 21.69
N GLY A 61 0.17 14.49 21.27
CA GLY A 61 0.48 13.10 21.60
C GLY A 61 -0.36 12.07 20.87
N THR A 62 -0.84 12.46 19.70
CA THR A 62 -1.68 11.62 18.87
C THR A 62 -1.43 11.94 17.38
N ILE A 63 -1.90 11.05 16.50
CA ILE A 63 -1.72 11.22 15.06
C ILE A 63 -3.05 11.54 14.34
N ASP A 64 -3.39 12.84 14.32
CA ASP A 64 -4.61 13.36 13.65
C ASP A 64 -4.74 12.84 12.20
N PHE A 65 -5.98 12.71 11.71
CA PHE A 65 -6.21 12.17 10.36
C PHE A 65 -6.25 13.24 9.24
N PRO A 66 -6.84 14.47 9.43
CA PRO A 66 -6.90 15.49 8.37
C PRO A 66 -5.55 16.16 8.11
N GLU A 67 -4.64 16.03 9.08
CA GLU A 67 -3.33 16.65 9.02
C GLU A 67 -2.20 15.68 8.64
N PHE A 68 -2.36 14.36 8.91
CA PHE A 68 -1.27 13.41 8.63
C PHE A 68 -1.24 12.90 7.20
N LEU A 69 -2.38 12.91 6.52
CA LEU A 69 -2.40 12.49 5.14
C LEU A 69 -1.79 13.56 4.29
N THR A 70 -2.02 14.78 4.74
CA THR A 70 -1.48 15.98 4.18
C THR A 70 0.04 15.88 4.14
N MET A 71 0.62 15.23 5.16
CA MET A 71 2.05 15.01 5.18
C MET A 71 2.40 13.85 4.25
N MET A 72 1.42 12.97 4.03
CA MET A 72 1.58 11.83 3.11
C MET A 72 1.18 12.23 1.70
N ALA A 73 0.42 13.31 1.60
CA ALA A 73 0.00 13.84 0.31
C ALA A 73 1.17 14.58 -0.30
N ARG A 74 2.03 15.15 0.56
CA ARG A 74 3.18 15.89 0.10
C ARG A 74 4.32 14.93 -0.24
N LYS A 75 4.30 13.76 0.40
CA LYS A 75 5.27 12.68 0.12
C LYS A 75 5.07 12.08 -1.28
N MET A 76 3.92 12.35 -1.90
CA MET A 76 3.59 11.79 -3.20
C MET A 76 3.30 12.85 -4.27
N LYS A 77 2.92 14.05 -3.81
CA LYS A 77 2.61 15.18 -4.69
C LYS A 77 3.78 15.61 -5.59
N ASP A 78 4.99 15.10 -5.30
CA ASP A 78 6.19 15.44 -6.09
C ASP A 78 6.60 14.30 -7.02
N THR A 79 6.29 13.06 -6.63
CA THR A 79 6.60 11.89 -7.44
C THR A 79 5.65 11.75 -8.64
N ASP A 80 6.15 12.11 -9.83
CA ASP A 80 5.40 12.06 -11.10
C ASP A 80 4.62 10.75 -11.27
N SER A 81 3.51 10.83 -12.01
CA SER A 81 2.63 9.69 -12.29
C SER A 81 3.26 8.66 -13.23
N GLU A 82 4.34 9.06 -13.90
CA GLU A 82 5.07 8.23 -14.86
C GLU A 82 5.87 7.14 -14.13
N GLU A 83 6.63 7.59 -13.14
CA GLU A 83 7.46 6.72 -12.32
C GLU A 83 6.66 5.93 -11.26
N GLU A 84 5.43 6.39 -10.98
CA GLU A 84 4.54 5.74 -10.00
C GLU A 84 4.07 4.37 -10.48
N ILE A 85 4.19 4.13 -11.78
CA ILE A 85 3.80 2.86 -12.39
C ILE A 85 4.95 1.85 -12.33
N ARG A 86 6.13 2.28 -12.82
CA ARG A 86 7.35 1.45 -12.84
C ARG A 86 7.75 0.93 -11.45
N GLU A 87 7.25 1.60 -10.41
CA GLU A 87 7.52 1.20 -9.04
C GLU A 87 6.65 0.01 -8.65
N ALA A 88 5.56 -0.19 -9.41
CA ALA A 88 4.66 -1.31 -9.19
C ALA A 88 5.34 -2.60 -9.60
N PHE A 89 6.35 -2.45 -10.47
CA PHE A 89 7.19 -3.56 -10.87
C PHE A 89 8.24 -3.74 -9.79
N ARG A 90 8.42 -2.65 -9.03
CA ARG A 90 9.30 -2.67 -7.87
C ARG A 90 8.54 -3.34 -6.73
N VAL A 91 7.20 -3.35 -6.87
CA VAL A 91 6.31 -3.97 -5.93
C VAL A 91 6.05 -5.44 -6.27
N PHE A 92 5.64 -5.70 -7.52
CA PHE A 92 5.29 -7.04 -7.94
C PHE A 92 6.40 -7.76 -8.74
N ASP A 93 7.02 -7.07 -9.72
CA ASP A 93 8.10 -7.65 -10.56
C ASP A 93 9.29 -8.04 -9.71
N LYS A 94 9.30 -9.32 -9.33
CA LYS A 94 10.38 -9.87 -8.47
C LYS A 94 11.58 -10.35 -9.25
N ASP A 95 11.33 -11.18 -10.28
CA ASP A 95 12.39 -11.78 -11.05
C ASP A 95 13.12 -10.81 -11.98
N GLY A 96 12.68 -9.57 -11.92
CA GLY A 96 13.24 -8.48 -12.73
C GLY A 96 13.40 -8.79 -14.21
N ASN A 97 12.50 -9.61 -14.75
CA ASN A 97 12.54 -10.01 -16.16
C ASN A 97 11.61 -9.14 -17.02
N GLY A 98 10.84 -8.27 -16.37
CA GLY A 98 9.91 -7.41 -17.08
C GLY A 98 8.47 -7.87 -16.95
N TYR A 99 8.33 -9.12 -16.57
CA TYR A 99 7.04 -9.75 -16.38
C TYR A 99 6.91 -10.29 -14.96
N ILE A 100 5.85 -9.87 -14.25
CA ILE A 100 5.56 -10.31 -12.90
C ILE A 100 4.88 -11.69 -12.95
N SER A 101 5.71 -12.74 -12.96
CA SER A 101 5.26 -14.13 -13.05
C SER A 101 4.49 -14.59 -11.80
N ALA A 102 3.81 -15.73 -11.95
CA ALA A 102 2.99 -16.33 -10.90
C ALA A 102 3.78 -16.72 -9.65
N ALA A 103 5.11 -16.75 -9.75
CA ALA A 103 5.95 -17.11 -8.61
C ALA A 103 6.25 -15.89 -7.81
N GLU A 104 6.33 -14.81 -8.57
CA GLU A 104 6.63 -13.49 -8.04
C GLU A 104 5.41 -12.93 -7.40
N LEU A 105 4.28 -13.12 -8.06
CA LEU A 105 3.01 -12.68 -7.55
C LEU A 105 2.76 -13.43 -6.26
N ARG A 106 3.20 -14.68 -6.25
CA ARG A 106 3.11 -15.52 -5.09
C ARG A 106 4.12 -15.05 -4.07
N HIS A 107 5.31 -14.75 -4.56
CA HIS A 107 6.36 -14.23 -3.74
C HIS A 107 6.00 -12.84 -3.30
N VAL A 108 5.10 -12.22 -4.08
CA VAL A 108 4.61 -10.88 -3.74
C VAL A 108 3.67 -11.06 -2.58
N MET A 109 2.75 -11.97 -2.81
CA MET A 109 1.76 -12.38 -1.83
C MET A 109 2.39 -12.88 -0.56
N THR A 110 3.57 -13.50 -0.67
CA THR A 110 4.24 -13.98 0.53
C THR A 110 4.90 -12.81 1.26
N ASN A 111 5.10 -11.69 0.54
CA ASN A 111 5.67 -10.47 1.11
C ASN A 111 4.60 -9.74 1.90
N LEU A 112 3.42 -9.64 1.27
CA LEU A 112 2.28 -8.96 1.86
C LEU A 112 1.56 -9.88 2.85
N GLY A 113 1.67 -11.17 2.56
CA GLY A 113 1.07 -12.22 3.37
C GLY A 113 -0.28 -12.69 2.87
N GLU A 114 -0.46 -12.87 1.54
CA GLU A 114 -1.75 -13.35 1.01
C GLU A 114 -1.67 -14.79 0.69
N LYS A 115 -0.44 -15.10 0.48
CA LYS A 115 0.08 -16.40 0.08
C LYS A 115 -0.84 -17.14 -0.86
N LEU A 116 -0.28 -17.45 -1.99
CA LEU A 116 -0.98 -18.08 -3.08
C LEU A 116 -0.10 -19.07 -3.83
N THR A 117 -0.55 -20.35 -3.85
CA THR A 117 0.13 -21.45 -4.53
C THR A 117 0.16 -21.26 -6.04
N ASP A 118 0.70 -22.28 -6.71
CA ASP A 118 0.88 -22.28 -8.15
C ASP A 118 -0.43 -22.28 -8.97
N GLU A 119 -1.41 -23.04 -8.53
CA GLU A 119 -2.70 -23.13 -9.23
C GLU A 119 -3.69 -22.05 -8.79
N GLU A 120 -3.46 -21.45 -7.64
CA GLU A 120 -4.33 -20.39 -7.14
C GLU A 120 -3.93 -19.02 -7.73
N VAL A 121 -2.71 -18.94 -8.30
CA VAL A 121 -2.23 -17.70 -8.94
C VAL A 121 -2.76 -17.60 -10.36
N ASP A 122 -3.11 -18.76 -10.93
CA ASP A 122 -3.64 -18.84 -12.30
C ASP A 122 -5.08 -18.27 -12.42
N GLU A 123 -5.34 -17.27 -11.58
CA GLU A 123 -6.61 -16.56 -11.55
C GLU A 123 -6.33 -15.06 -11.52
N MET A 124 -5.45 -14.66 -10.59
CA MET A 124 -5.00 -13.25 -10.41
C MET A 124 -4.38 -12.72 -11.69
N ILE A 125 -3.78 -13.63 -12.46
CA ILE A 125 -3.12 -13.28 -13.71
C ILE A 125 -4.09 -13.24 -14.87
N ARG A 126 -5.16 -14.03 -14.79
CA ARG A 126 -6.18 -14.08 -15.85
C ARG A 126 -7.09 -12.86 -15.79
N GLU A 127 -7.25 -12.35 -14.59
CA GLU A 127 -8.04 -11.15 -14.30
C GLU A 127 -7.34 -9.92 -14.87
N ALA A 128 -6.00 -10.02 -14.94
CA ALA A 128 -5.18 -8.93 -15.45
C ALA A 128 -4.79 -9.17 -16.90
N ASP A 129 -4.47 -10.42 -17.17
CA ASP A 129 -4.03 -10.89 -18.48
C ASP A 129 -5.04 -10.70 -19.60
N ILE A 130 -4.58 -9.98 -20.63
CA ILE A 130 -5.36 -9.69 -21.83
C ILE A 130 -5.12 -10.79 -22.88
N ASP A 131 -3.83 -11.04 -23.18
CA ASP A 131 -3.42 -12.04 -24.15
C ASP A 131 -3.26 -13.43 -23.53
N GLY A 132 -3.01 -13.46 -22.21
CA GLY A 132 -2.86 -14.73 -21.50
C GLY A 132 -1.44 -15.29 -21.50
N ASP A 133 -0.46 -14.43 -21.14
CA ASP A 133 0.94 -14.85 -21.10
C ASP A 133 1.28 -15.64 -19.82
N GLY A 134 0.43 -15.48 -18.80
CA GLY A 134 0.58 -16.19 -17.53
C GLY A 134 1.57 -15.57 -16.58
N GLN A 135 1.75 -14.28 -16.72
CA GLN A 135 2.64 -13.51 -15.89
C GLN A 135 1.96 -12.21 -15.42
N VAL A 136 1.80 -11.25 -16.37
CA VAL A 136 1.15 -9.93 -16.14
C VAL A 136 2.11 -8.78 -16.46
N ASN A 137 1.73 -8.00 -17.47
CA ASN A 137 2.50 -6.84 -17.95
C ASN A 137 2.01 -5.56 -17.26
N TYR A 138 2.38 -4.41 -17.85
CA TYR A 138 1.96 -3.11 -17.36
C TYR A 138 0.46 -2.92 -17.52
N GLU A 139 -0.02 -2.98 -18.78
CA GLU A 139 -1.45 -2.80 -19.10
C GLU A 139 -2.35 -3.82 -18.44
N GLU A 140 -1.79 -4.96 -18.04
CA GLU A 140 -2.58 -5.98 -17.37
C GLU A 140 -2.65 -5.69 -15.89
N PHE A 141 -1.51 -5.28 -15.37
CA PHE A 141 -1.39 -4.88 -13.98
C PHE A 141 -2.05 -3.51 -13.78
N VAL A 142 -2.13 -2.76 -14.88
CA VAL A 142 -2.68 -1.39 -14.87
C VAL A 142 -4.18 -1.36 -15.05
N GLN A 143 -4.71 -2.23 -15.88
CA GLN A 143 -6.17 -2.28 -16.11
C GLN A 143 -6.99 -2.32 -14.81
N MET A 144 -6.40 -2.75 -13.68
CA MET A 144 -7.11 -2.78 -12.39
C MET A 144 -7.38 -1.34 -11.91
N MET A 145 -6.51 -0.41 -12.37
CA MET A 145 -6.64 1.01 -12.07
C MET A 145 -7.67 1.66 -13.02
N THR A 146 -8.11 0.88 -14.02
CA THR A 146 -9.07 1.33 -15.01
C THR A 146 -10.38 0.56 -14.91
N ALA A 147 -10.27 -0.78 -14.85
CA ALA A 147 -11.43 -1.69 -14.74
C ALA A 147 -12.32 -1.34 -13.53
N LYS A 148 -11.68 -1.01 -12.39
CA LYS A 148 -12.37 -0.66 -11.12
C LYS A 148 -13.33 -1.76 -10.65
N THR B 1 -10.57 -18.76 2.43
CA THR B 1 -12.02 -18.47 2.58
C THR B 1 -12.53 -17.58 1.44
N ARG B 2 -11.76 -16.54 1.11
CA ARG B 2 -12.13 -15.60 0.05
C ARG B 2 -10.99 -15.46 -0.96
N LYS B 3 -11.35 -15.22 -2.22
CA LYS B 3 -10.36 -15.05 -3.29
C LYS B 3 -10.16 -13.57 -3.61
N LYS B 4 -8.88 -13.18 -3.73
CA LYS B 4 -8.52 -11.80 -4.03
C LYS B 4 -7.53 -11.74 -5.19
N THR B 5 -7.83 -10.88 -6.17
CA THR B 5 -6.97 -10.72 -7.35
C THR B 5 -6.28 -9.33 -7.34
N PHE B 6 -5.66 -8.93 -8.46
CA PHE B 6 -4.95 -7.63 -8.58
C PHE B 6 -5.86 -6.44 -8.25
N LYS B 7 -7.18 -6.59 -8.48
CA LYS B 7 -8.15 -5.52 -8.16
C LYS B 7 -8.09 -5.23 -6.66
N GLU B 8 -8.17 -6.29 -5.84
CA GLU B 8 -8.09 -6.18 -4.37
C GLU B 8 -6.64 -6.03 -3.85
N VAL B 9 -5.77 -7.00 -4.20
CA VAL B 9 -4.37 -7.03 -3.73
C VAL B 9 -3.43 -5.98 -4.36
N ALA B 10 -3.46 -5.82 -5.69
CA ALA B 10 -2.58 -4.87 -6.39
C ALA B 10 -2.98 -3.40 -6.18
N ASN B 11 -4.29 -3.14 -6.08
CA ASN B 11 -4.80 -1.76 -5.87
C ASN B 11 -4.51 -1.28 -4.45
N ALA B 12 -4.29 -2.22 -3.52
CA ALA B 12 -4.00 -1.92 -2.12
C ALA B 12 -2.55 -1.46 -1.93
N VAL B 13 -1.61 -2.14 -2.62
CA VAL B 13 -0.19 -1.80 -2.55
C VAL B 13 0.23 -0.81 -3.68
N LYS B 14 -0.77 -0.30 -4.42
CA LYS B 14 -0.52 0.66 -5.52
C LYS B 14 0.12 1.96 -5.00
N ILE B 15 -0.31 2.40 -3.82
CA ILE B 15 0.22 3.63 -3.20
C ILE B 15 1.36 3.27 -2.23
N SER B 16 2.60 3.47 -2.68
CA SER B 16 3.79 3.18 -1.88
C SER B 16 4.76 4.36 -1.85
N ALA B 17 4.57 5.32 -2.76
CA ALA B 17 5.43 6.51 -2.84
C ALA B 17 5.03 7.58 -1.81
N SER B 18 4.03 7.26 -0.98
CA SER B 18 3.55 8.18 0.05
C SER B 18 4.19 7.89 1.41
N LEU B 19 4.43 6.60 1.69
CA LEU B 19 5.04 6.19 2.96
C LEU B 19 6.36 5.44 2.72
N MET B 20 6.39 4.59 1.68
CA MET B 20 7.58 3.80 1.34
C MET B 20 8.49 4.57 0.37
N GLY B 21 9.79 4.27 0.44
CA GLY B 21 10.77 4.93 -0.41
C GLY B 21 12.19 4.53 -0.07
N THR B 22 12.46 3.21 -0.03
CA THR B 22 13.78 2.62 0.29
C THR B 22 14.37 3.16 1.61
N ALA A 1 -11.96 16.74 7.75
CA ALA A 1 -11.72 16.09 6.44
C ALA A 1 -12.33 14.70 6.39
N ASP A 2 -12.68 14.25 5.18
CA ASP A 2 -13.28 12.93 4.97
C ASP A 2 -12.23 11.90 4.54
N GLN A 3 -12.61 10.62 4.60
CA GLN A 3 -11.74 9.49 4.23
C GLN A 3 -11.28 9.58 2.76
N LEU A 4 -10.22 8.83 2.42
CA LEU A 4 -9.70 8.82 1.08
C LEU A 4 -10.05 7.49 0.40
N THR A 5 -9.03 6.66 0.18
CA THR A 5 -9.19 5.36 -0.40
C THR A 5 -9.16 4.28 0.68
N GLU A 6 -9.17 3.00 0.27
CA GLU A 6 -9.15 1.86 1.21
C GLU A 6 -7.88 1.80 2.03
N GLU A 7 -6.82 2.43 1.53
CA GLU A 7 -5.51 2.49 2.24
C GLU A 7 -5.67 3.03 3.66
N GLN A 8 -6.67 3.87 3.80
CA GLN A 8 -7.03 4.49 5.06
C GLN A 8 -7.78 3.50 5.93
N ILE A 9 -8.76 2.87 5.33
CA ILE A 9 -9.57 1.88 5.98
C ILE A 9 -8.74 0.62 6.28
N ALA A 10 -7.73 0.40 5.44
CA ALA A 10 -6.83 -0.74 5.55
C ALA A 10 -5.90 -0.73 6.78
N GLU A 11 -5.24 0.42 7.10
CA GLU A 11 -4.29 0.42 8.23
C GLU A 11 -4.36 1.61 9.14
N PHE A 12 -4.59 2.79 8.59
CA PHE A 12 -4.68 4.00 9.40
C PHE A 12 -5.81 3.92 10.43
N LYS A 13 -6.71 2.93 10.25
CA LYS A 13 -7.78 2.67 11.17
C LYS A 13 -7.16 2.01 12.41
N GLU A 14 -6.20 1.10 12.11
CA GLU A 14 -5.47 0.38 13.16
C GLU A 14 -4.45 1.29 13.81
N ALA A 15 -3.75 2.05 12.97
CA ALA A 15 -2.77 3.05 13.46
C ALA A 15 -3.50 4.07 14.33
N PHE A 16 -4.82 4.09 14.16
CA PHE A 16 -5.72 4.94 14.92
C PHE A 16 -6.06 4.25 16.25
N SER A 17 -6.48 2.99 16.16
CA SER A 17 -6.89 2.22 17.33
C SER A 17 -5.77 1.48 18.05
N LEU A 18 -4.59 1.37 17.43
CA LEU A 18 -3.48 0.65 18.06
C LEU A 18 -2.96 1.34 19.32
N PHE A 19 -3.07 2.67 19.35
CA PHE A 19 -2.59 3.43 20.49
C PHE A 19 -3.58 4.48 21.03
N ASP A 20 -4.75 4.65 20.40
CA ASP A 20 -5.72 5.68 20.87
C ASP A 20 -6.56 5.20 22.08
N LYS A 21 -5.86 4.79 23.16
CA LYS A 21 -6.52 4.34 24.37
C LYS A 21 -6.87 5.45 25.34
N ASP A 22 -6.17 6.58 25.20
CA ASP A 22 -6.41 7.74 26.04
C ASP A 22 -7.72 8.40 25.69
N GLY A 23 -8.15 8.13 24.44
CA GLY A 23 -9.39 8.71 23.92
C GLY A 23 -9.17 10.16 23.53
N ASP A 24 -8.05 10.34 22.87
CA ASP A 24 -7.55 11.64 22.45
C ASP A 24 -7.73 11.90 20.97
N GLY A 25 -8.70 11.20 20.39
CA GLY A 25 -8.97 11.28 18.97
C GLY A 25 -8.06 10.38 18.18
N THR A 26 -6.84 10.84 17.92
CA THR A 26 -5.85 10.06 17.21
C THR A 26 -4.72 9.65 18.17
N ILE A 27 -3.81 8.81 17.68
CA ILE A 27 -2.72 8.28 18.47
C ILE A 27 -1.57 9.27 18.73
N THR A 28 -0.92 9.07 19.88
CA THR A 28 0.20 9.88 20.36
C THR A 28 1.36 9.98 19.36
N THR A 29 2.21 11.02 19.54
CA THR A 29 3.35 11.28 18.69
C THR A 29 4.56 10.42 19.01
N LYS A 30 4.99 10.49 20.26
CA LYS A 30 6.12 9.68 20.78
C LYS A 30 5.88 8.18 20.57
N GLU A 31 4.63 7.84 20.24
CA GLU A 31 4.22 6.45 20.06
C GLU A 31 3.89 6.11 18.60
N LEU A 32 3.68 7.15 17.75
CA LEU A 32 3.35 7.00 16.32
C LEU A 32 4.30 6.04 15.60
N GLY A 33 5.60 6.13 15.91
CA GLY A 33 6.57 5.22 15.32
C GLY A 33 6.21 3.79 15.63
N THR A 34 5.78 3.59 16.87
CA THR A 34 5.38 2.28 17.37
C THR A 34 4.03 1.84 16.82
N VAL A 35 3.14 2.78 16.52
CA VAL A 35 1.86 2.45 15.93
C VAL A 35 2.12 2.05 14.48
N MET A 36 3.23 2.63 13.97
CA MET A 36 3.75 2.37 12.63
C MET A 36 4.50 1.04 12.57
N ARG A 37 5.30 0.75 13.61
CA ARG A 37 6.09 -0.48 13.67
C ARG A 37 5.30 -1.70 14.14
N SER A 38 4.26 -1.45 14.95
CA SER A 38 3.40 -2.54 15.44
C SER A 38 2.62 -3.22 14.33
N LEU A 39 2.73 -2.61 13.18
CA LEU A 39 2.12 -3.08 11.95
C LEU A 39 3.14 -3.88 11.13
N GLY A 40 4.40 -3.90 11.63
CA GLY A 40 5.46 -4.63 10.97
C GLY A 40 6.35 -3.80 10.10
N GLN A 41 6.01 -2.56 10.12
CA GLN A 41 6.69 -1.52 9.36
C GLN A 41 7.93 -1.00 10.07
N ASN A 42 8.99 -0.76 9.29
CA ASN A 42 10.26 -0.27 9.82
C ASN A 42 10.58 1.15 9.26
N PRO A 43 9.94 2.22 9.81
CA PRO A 43 10.17 3.61 9.38
C PRO A 43 11.46 4.20 10.00
N THR A 44 11.74 5.46 9.71
CA THR A 44 12.92 6.13 10.24
C THR A 44 12.53 7.04 11.39
N GLU A 45 13.52 7.36 12.23
CA GLU A 45 13.33 8.26 13.36
C GLU A 45 13.38 9.68 12.90
N ALA A 46 14.12 9.86 11.81
CA ALA A 46 14.33 11.15 11.22
C ALA A 46 13.06 11.61 10.53
N GLU A 47 12.38 10.62 9.94
CA GLU A 47 11.09 10.83 9.28
C GLU A 47 10.01 10.90 10.34
N LEU A 48 10.28 10.22 11.45
CA LEU A 48 9.42 10.25 12.63
C LEU A 48 9.50 11.64 13.27
N GLN A 49 10.57 12.34 12.92
CA GLN A 49 10.81 13.71 13.39
C GLN A 49 10.41 14.70 12.37
N ASP A 50 10.25 14.17 11.22
CA ASP A 50 9.78 14.91 10.06
C ASP A 50 8.25 14.92 10.03
N MET A 51 7.67 13.83 10.53
CA MET A 51 6.23 13.69 10.62
C MET A 51 5.72 14.30 11.92
N ILE A 52 6.53 14.16 12.99
CA ILE A 52 6.20 14.79 14.27
C ILE A 52 6.44 16.29 14.08
N ASN A 53 7.33 16.61 13.13
CA ASN A 53 7.61 18.00 12.75
C ASN A 53 6.43 18.61 11.99
N GLU A 54 5.76 17.80 11.15
CA GLU A 54 4.63 18.29 10.37
C GLU A 54 3.34 18.37 11.20
N VAL A 55 3.09 17.34 12.00
CA VAL A 55 1.91 17.25 12.86
C VAL A 55 1.94 18.26 14.02
N ASP A 56 3.12 18.41 14.66
CA ASP A 56 3.27 19.35 15.77
C ASP A 56 3.28 20.80 15.26
N ALA A 57 2.45 21.03 14.23
CA ALA A 57 2.31 22.33 13.59
C ALA A 57 1.29 23.20 14.29
N ASP A 58 0.66 22.57 15.23
CA ASP A 58 -0.38 23.13 16.05
C ASP A 58 0.08 23.24 17.50
N GLY A 59 0.91 22.28 17.94
CA GLY A 59 1.44 22.25 19.30
C GLY A 59 0.49 21.61 20.30
N ASN A 60 -0.04 20.43 19.95
CA ASN A 60 -0.96 19.68 20.82
C ASN A 60 -0.30 18.43 21.38
N GLY A 61 0.75 17.96 20.70
CA GLY A 61 1.48 16.75 21.13
C GLY A 61 0.75 15.45 20.83
N THR A 62 -0.08 15.50 19.78
CA THR A 62 -0.88 14.37 19.35
C THR A 62 -1.14 14.44 17.84
N ILE A 63 -1.56 13.30 17.25
CA ILE A 63 -1.87 13.21 15.82
C ILE A 63 -3.37 13.46 15.58
N ASP A 64 -3.70 13.76 14.32
CA ASP A 64 -5.07 13.98 13.86
C ASP A 64 -5.44 12.92 12.83
N PHE A 65 -6.71 12.54 12.77
CA PHE A 65 -7.16 11.50 11.85
C PHE A 65 -7.63 12.02 10.47
N PRO A 66 -8.31 13.20 10.36
CA PRO A 66 -8.76 13.71 9.05
C PRO A 66 -7.60 14.33 8.24
N GLU A 67 -6.50 14.63 8.94
CA GLU A 67 -5.36 15.27 8.32
C GLU A 67 -4.08 14.41 8.21
N PHE A 68 -4.02 13.19 8.79
CA PHE A 68 -2.77 12.41 8.70
C PHE A 68 -2.61 11.60 7.43
N LEU A 69 -3.65 10.91 6.98
CA LEU A 69 -3.56 10.17 5.74
C LEU A 69 -3.38 11.11 4.58
N THR A 70 -3.96 12.29 4.76
CA THR A 70 -3.85 13.39 3.86
C THR A 70 -2.38 13.71 3.65
N MET A 71 -1.61 13.52 4.73
CA MET A 71 -0.16 13.70 4.67
C MET A 71 0.45 12.57 3.85
N MET A 72 -0.12 11.37 4.01
CA MET A 72 0.32 10.18 3.27
C MET A 72 -0.21 10.19 1.86
N ALA A 73 -1.29 10.94 1.66
CA ALA A 73 -1.88 11.09 0.35
C ALA A 73 -0.99 12.01 -0.46
N ARG A 74 -0.40 13.03 0.21
CA ARG A 74 0.50 13.94 -0.48
C ARG A 74 1.92 13.38 -0.60
N LYS A 75 2.26 12.37 0.22
CA LYS A 75 3.57 11.72 0.15
C LYS A 75 3.70 10.81 -1.08
N MET A 76 2.57 10.52 -1.74
CA MET A 76 2.56 9.61 -2.89
C MET A 76 2.00 10.28 -4.14
N LYS A 77 1.02 11.14 -3.93
CA LYS A 77 0.32 11.85 -4.99
C LYS A 77 1.16 12.95 -5.67
N ASP A 78 1.96 13.67 -4.90
CA ASP A 78 2.75 14.80 -5.44
C ASP A 78 4.25 14.49 -5.61
N THR A 79 4.75 13.44 -4.96
CA THR A 79 6.18 13.07 -5.02
C THR A 79 6.66 12.77 -6.46
N ASP A 80 6.19 11.66 -7.01
CA ASP A 80 6.55 11.21 -8.37
C ASP A 80 5.62 10.08 -8.84
N SER A 81 5.00 10.29 -10.00
CA SER A 81 4.09 9.30 -10.60
C SER A 81 4.87 8.24 -11.39
N GLU A 82 6.14 8.52 -11.64
CA GLU A 82 7.03 7.63 -12.39
C GLU A 82 7.50 6.48 -11.51
N GLU A 83 7.88 6.83 -10.29
CA GLU A 83 8.35 5.88 -9.28
C GLU A 83 7.19 5.08 -8.66
N GLU A 84 5.95 5.59 -8.79
CA GLU A 84 4.76 4.93 -8.26
C GLU A 84 4.44 3.62 -9.00
N ILE A 85 5.02 3.50 -10.19
CA ILE A 85 4.84 2.33 -11.06
C ILE A 85 5.87 1.24 -10.74
N ARG A 86 7.16 1.62 -10.84
CA ARG A 86 8.29 0.70 -10.59
C ARG A 86 8.25 0.03 -9.21
N GLU A 87 7.44 0.57 -8.31
CA GLU A 87 7.29 0.01 -6.98
C GLU A 87 6.35 -1.17 -6.99
N ALA A 88 5.53 -1.24 -8.04
CA ALA A 88 4.60 -2.35 -8.23
C ALA A 88 5.36 -3.60 -8.67
N PHE A 89 6.58 -3.38 -9.19
CA PHE A 89 7.46 -4.46 -9.57
C PHE A 89 8.20 -4.87 -8.31
N ARG A 90 8.21 -3.93 -7.35
CA ARG A 90 8.77 -4.18 -6.04
C ARG A 90 7.76 -4.98 -5.24
N VAL A 91 6.48 -4.84 -5.64
CA VAL A 91 5.38 -5.52 -5.04
C VAL A 91 5.12 -6.89 -5.68
N PHE A 92 4.89 -6.92 -7.00
CA PHE A 92 4.55 -8.16 -7.68
C PHE A 92 5.72 -8.82 -8.41
N ASP A 93 6.50 -8.04 -9.17
CA ASP A 93 7.65 -8.56 -9.93
C ASP A 93 8.72 -9.14 -9.01
N LYS A 94 8.63 -10.46 -8.81
CA LYS A 94 9.56 -11.17 -7.92
C LYS A 94 10.83 -11.63 -8.61
N ASP A 95 10.66 -12.30 -9.77
CA ASP A 95 11.78 -12.88 -10.48
C ASP A 95 12.70 -11.86 -11.15
N GLY A 96 12.34 -10.61 -10.98
CA GLY A 96 13.08 -9.46 -11.53
C GLY A 96 13.39 -9.56 -13.02
N ASN A 97 12.53 -10.26 -13.77
CA ASN A 97 12.72 -10.45 -15.22
C ASN A 97 11.91 -9.43 -16.02
N GLY A 98 11.07 -8.65 -15.32
CA GLY A 98 10.25 -7.64 -15.96
C GLY A 98 8.81 -8.06 -16.11
N TYR A 99 8.60 -9.36 -16.01
CA TYR A 99 7.28 -9.96 -16.10
C TYR A 99 6.94 -10.72 -14.81
N ILE A 100 5.87 -10.28 -14.13
CA ILE A 100 5.39 -10.91 -12.92
C ILE A 100 4.62 -12.19 -13.29
N SER A 101 5.34 -13.32 -13.28
CA SER A 101 4.79 -14.62 -13.65
C SER A 101 3.83 -15.17 -12.60
N ALA A 102 3.05 -16.17 -13.04
CA ALA A 102 2.03 -16.84 -12.24
C ALA A 102 2.55 -17.52 -10.98
N ALA A 103 3.86 -17.70 -10.88
CA ALA A 103 4.44 -18.37 -9.72
C ALA A 103 4.73 -17.35 -8.66
N GLU A 104 5.08 -16.19 -9.17
CA GLU A 104 5.43 -15.05 -8.38
C GLU A 104 4.21 -14.38 -7.89
N LEU A 105 3.22 -14.30 -8.77
CA LEU A 105 1.94 -13.73 -8.43
C LEU A 105 1.32 -14.60 -7.35
N ARG A 106 1.58 -15.90 -7.48
CA ARG A 106 1.17 -16.88 -6.52
C ARG A 106 2.02 -16.71 -5.28
N HIS A 107 3.32 -16.54 -5.52
CA HIS A 107 4.27 -16.31 -4.47
C HIS A 107 3.99 -14.96 -3.86
N VAL A 108 3.30 -14.12 -4.66
CA VAL A 108 2.88 -12.82 -4.19
C VAL A 108 1.76 -13.04 -3.22
N MET A 109 0.82 -13.84 -3.71
CA MET A 109 -0.31 -14.28 -2.90
C MET A 109 0.13 -14.98 -1.64
N THR A 110 1.16 -15.82 -1.72
CA THR A 110 1.64 -16.53 -0.55
C THR A 110 2.29 -15.55 0.44
N ASN A 111 2.67 -14.37 -0.08
CA ASN A 111 3.23 -13.31 0.74
C ASN A 111 2.12 -12.58 1.45
N LEU A 112 1.05 -12.27 0.69
CA LEU A 112 -0.08 -11.54 1.21
C LEU A 112 -1.02 -12.44 2.01
N GLY A 113 -1.04 -13.73 1.65
CA GLY A 113 -1.87 -14.69 2.34
C GLY A 113 -2.58 -15.74 1.49
N GLU A 114 -2.56 -15.66 0.13
CA GLU A 114 -3.25 -16.65 -0.66
C GLU A 114 -2.36 -17.71 -1.24
N LYS A 115 -2.97 -18.88 -1.42
CA LYS A 115 -2.34 -20.00 -2.07
C LYS A 115 -3.01 -20.19 -3.40
N LEU A 116 -2.19 -20.28 -4.42
CA LEU A 116 -2.69 -20.38 -5.77
C LEU A 116 -1.89 -21.39 -6.63
N THR A 117 -2.59 -22.46 -7.05
CA THR A 117 -2.03 -23.52 -7.87
C THR A 117 -1.78 -23.06 -9.31
N ASP A 118 -1.34 -24.01 -10.12
CA ASP A 118 -1.00 -23.76 -11.52
C ASP A 118 -2.21 -23.45 -12.43
N GLU A 119 -3.33 -24.14 -12.21
CA GLU A 119 -4.53 -23.92 -13.01
C GLU A 119 -5.44 -22.83 -12.45
N GLU A 120 -5.25 -22.47 -11.18
CA GLU A 120 -6.06 -21.42 -10.55
C GLU A 120 -5.45 -20.03 -10.83
N VAL A 121 -4.18 -20.01 -11.28
CA VAL A 121 -3.51 -18.74 -11.63
C VAL A 121 -3.89 -18.28 -13.02
N ASP A 122 -4.26 -19.25 -13.86
CA ASP A 122 -4.66 -18.98 -15.25
C ASP A 122 -6.01 -18.25 -15.36
N GLU A 123 -6.28 -17.44 -14.35
CA GLU A 123 -7.50 -16.62 -14.27
C GLU A 123 -7.20 -15.24 -13.66
N MET A 124 -6.05 -15.12 -12.99
CA MET A 124 -5.56 -13.86 -12.40
C MET A 124 -4.76 -13.10 -13.45
N ILE A 125 -4.19 -13.88 -14.36
CA ILE A 125 -3.35 -13.36 -15.41
C ILE A 125 -4.12 -12.91 -16.64
N ARG A 126 -5.12 -13.68 -17.03
CA ARG A 126 -5.95 -13.36 -18.21
C ARG A 126 -6.66 -12.02 -18.02
N GLU A 127 -6.88 -11.74 -16.75
CA GLU A 127 -7.47 -10.49 -16.24
C GLU A 127 -6.68 -9.28 -16.71
N ALA A 128 -5.36 -9.41 -16.62
CA ALA A 128 -4.45 -8.31 -16.99
C ALA A 128 -3.76 -8.58 -18.30
N ASP A 129 -3.56 -9.86 -18.58
CA ASP A 129 -2.88 -10.31 -19.79
C ASP A 129 -3.60 -9.89 -21.05
N ILE A 130 -2.88 -9.07 -21.78
CA ILE A 130 -3.34 -8.49 -23.05
C ILE A 130 -2.91 -9.39 -24.23
N ASP A 131 -1.65 -9.85 -24.20
CA ASP A 131 -1.09 -10.70 -25.24
C ASP A 131 -1.39 -12.19 -24.99
N GLY A 132 -1.60 -12.55 -23.72
CA GLY A 132 -1.92 -13.93 -23.34
C GLY A 132 -0.71 -14.85 -23.31
N ASP A 133 0.36 -14.42 -22.62
CA ASP A 133 1.58 -15.22 -22.50
C ASP A 133 1.66 -15.97 -21.17
N GLY A 134 0.89 -15.50 -20.19
CA GLY A 134 0.87 -16.11 -18.87
C GLY A 134 1.82 -15.48 -17.90
N GLN A 135 2.29 -14.31 -18.30
CA GLN A 135 3.21 -13.51 -17.53
C GLN A 135 2.79 -12.04 -17.62
N VAL A 136 2.21 -11.55 -16.54
CA VAL A 136 1.70 -10.18 -16.43
C VAL A 136 2.81 -9.14 -16.28
N ASN A 137 2.77 -8.13 -17.15
CA ASN A 137 3.73 -7.03 -17.15
C ASN A 137 3.23 -5.92 -16.23
N TYR A 138 3.89 -4.77 -16.33
CA TYR A 138 3.54 -3.59 -15.58
C TYR A 138 2.27 -2.98 -16.17
N GLU A 139 2.34 -2.62 -17.46
CA GLU A 139 1.24 -1.99 -18.20
C GLU A 139 -0.06 -2.78 -18.20
N GLU A 140 0.01 -4.09 -18.00
CA GLU A 140 -1.22 -4.87 -17.98
C GLU A 140 -1.80 -4.90 -16.60
N PHE A 141 -0.91 -5.04 -15.64
CA PHE A 141 -1.26 -4.99 -14.23
C PHE A 141 -1.61 -3.55 -13.84
N VAL A 142 -1.07 -2.61 -14.63
CA VAL A 142 -1.25 -1.16 -14.37
C VAL A 142 -2.53 -0.62 -14.96
N GLN A 143 -2.79 -0.94 -16.22
CA GLN A 143 -4.02 -0.45 -16.87
C GLN A 143 -5.26 -0.97 -16.18
N MET A 144 -5.13 -2.08 -15.47
CA MET A 144 -6.24 -2.68 -14.74
C MET A 144 -6.51 -1.91 -13.45
N MET A 145 -5.52 -1.06 -13.06
CA MET A 145 -5.66 -0.19 -11.89
C MET A 145 -6.48 1.05 -12.29
N THR A 146 -6.53 1.28 -13.60
CA THR A 146 -7.26 2.39 -14.20
C THR A 146 -8.48 1.88 -14.97
N ALA A 147 -8.26 0.86 -15.83
CA ALA A 147 -9.30 0.18 -16.64
C ALA A 147 -10.74 0.66 -16.40
N LYS A 148 -11.24 0.48 -15.16
CA LYS A 148 -12.61 0.89 -14.78
C LYS A 148 -12.66 2.38 -14.41
N THR B 1 -15.58 -10.72 -18.55
CA THR B 1 -15.07 -10.81 -17.15
C THR B 1 -16.21 -10.79 -16.15
N ARG B 2 -16.12 -11.67 -15.15
CA ARG B 2 -17.14 -11.78 -14.10
C ARG B 2 -16.52 -11.71 -12.71
N LYS B 3 -15.39 -12.41 -12.52
CA LYS B 3 -14.69 -12.44 -11.24
C LYS B 3 -13.50 -11.47 -11.26
N LYS B 4 -13.42 -10.63 -10.21
CA LYS B 4 -12.35 -9.64 -10.08
C LYS B 4 -11.32 -10.11 -9.06
N THR B 5 -10.05 -10.06 -9.46
CA THR B 5 -8.94 -10.48 -8.59
C THR B 5 -7.75 -9.51 -8.72
N PHE B 6 -7.28 -9.29 -9.95
CA PHE B 6 -6.14 -8.39 -10.26
C PHE B 6 -6.35 -6.97 -9.73
N LYS B 7 -7.56 -6.43 -9.95
CA LYS B 7 -7.90 -5.08 -9.47
C LYS B 7 -8.05 -5.08 -7.94
N GLU B 8 -8.53 -6.22 -7.40
CA GLU B 8 -8.72 -6.43 -5.96
C GLU B 8 -7.39 -6.71 -5.23
N VAL B 9 -6.51 -7.52 -5.85
CA VAL B 9 -5.20 -7.90 -5.27
C VAL B 9 -4.27 -6.67 -5.16
N ALA B 10 -4.28 -5.84 -6.21
CA ALA B 10 -3.48 -4.62 -6.27
C ALA B 10 -4.04 -3.51 -5.37
N ASN B 11 -5.37 -3.41 -5.31
CA ASN B 11 -6.06 -2.40 -4.49
C ASN B 11 -5.70 -2.53 -3.00
N ALA B 12 -5.41 -3.77 -2.58
CA ALA B 12 -5.03 -4.06 -1.18
C ALA B 12 -3.58 -3.65 -0.90
N VAL B 13 -2.70 -3.82 -1.90
CA VAL B 13 -1.29 -3.47 -1.77
C VAL B 13 -0.92 -2.25 -2.65
N LYS B 14 -1.91 -1.40 -2.95
CA LYS B 14 -1.70 -0.20 -3.77
C LYS B 14 -1.22 0.97 -2.90
N ILE B 15 0.06 0.93 -2.55
CA ILE B 15 0.70 1.97 -1.73
C ILE B 15 2.15 2.16 -2.22
N SER B 16 2.39 3.30 -2.88
CA SER B 16 3.72 3.61 -3.42
C SER B 16 4.19 5.00 -3.00
N ALA B 17 5.36 5.04 -2.32
CA ALA B 17 5.99 6.29 -1.83
C ALA B 17 5.17 7.04 -0.77
N SER B 18 4.09 6.41 -0.27
CA SER B 18 3.23 7.02 0.76
C SER B 18 3.95 7.18 2.10
N LEU B 19 4.77 6.17 2.45
CA LEU B 19 5.54 6.20 3.69
C LEU B 19 7.00 5.83 3.39
N MET B 20 7.19 4.64 2.76
CA MET B 20 8.52 4.10 2.38
C MET B 20 9.53 4.14 3.53
N GLY B 21 9.88 2.96 4.06
CA GLY B 21 10.83 2.85 5.16
C GLY B 21 12.23 2.53 4.68
N THR B 22 12.57 1.24 4.68
CA THR B 22 13.89 0.78 4.24
C THR B 22 13.78 -0.49 3.40
N ALA A 1 -13.92 15.32 8.60
CA ALA A 1 -14.17 14.00 7.97
C ALA A 1 -13.44 13.87 6.63
N ASP A 2 -13.46 14.95 5.84
CA ASP A 2 -12.81 14.96 4.52
C ASP A 2 -11.72 16.04 4.48
N GLN A 3 -10.48 15.59 4.33
CA GLN A 3 -9.33 16.50 4.27
C GLN A 3 -8.75 16.55 2.88
N LEU A 4 -8.46 15.39 2.34
CA LEU A 4 -7.91 15.24 1.01
C LEU A 4 -8.83 14.37 0.15
N THR A 5 -8.37 13.17 -0.19
CA THR A 5 -9.11 12.22 -0.98
C THR A 5 -9.71 11.14 -0.08
N GLU A 6 -10.33 10.11 -0.72
CA GLU A 6 -10.95 8.98 0.01
C GLU A 6 -9.96 8.19 0.83
N GLU A 7 -8.69 8.27 0.44
CA GLU A 7 -7.59 7.58 1.16
C GLU A 7 -7.58 7.94 2.64
N GLN A 8 -8.04 9.17 2.90
CA GLN A 8 -8.16 9.70 4.24
C GLN A 8 -9.36 9.09 4.94
N ILE A 9 -10.46 9.03 4.22
CA ILE A 9 -11.69 8.46 4.72
C ILE A 9 -11.54 6.94 4.94
N ALA A 10 -10.70 6.34 4.11
CA ALA A 10 -10.45 4.89 4.15
C ALA A 10 -9.52 4.45 5.29
N GLU A 11 -8.50 5.26 5.64
CA GLU A 11 -7.56 4.85 6.69
C GLU A 11 -7.60 5.68 7.96
N PHE A 12 -8.16 6.90 7.92
CA PHE A 12 -8.24 7.71 9.14
C PHE A 12 -9.33 7.15 10.07
N LYS A 13 -10.18 6.30 9.50
CA LYS A 13 -11.26 5.67 10.22
C LYS A 13 -10.69 4.49 10.99
N GLU A 14 -9.81 3.75 10.30
CA GLU A 14 -9.17 2.58 10.88
C GLU A 14 -8.00 2.92 11.76
N ALA A 15 -7.20 3.90 11.34
CA ALA A 15 -6.05 4.34 12.14
C ALA A 15 -6.56 4.99 13.43
N PHE A 16 -7.84 5.37 13.38
CA PHE A 16 -8.56 5.95 14.49
C PHE A 16 -9.13 4.84 15.35
N SER A 17 -9.80 3.88 14.72
CA SER A 17 -10.45 2.81 15.44
C SER A 17 -9.58 1.61 15.74
N LEU A 18 -8.41 1.50 15.13
CA LEU A 18 -7.53 0.37 15.40
C LEU A 18 -6.89 0.46 16.77
N PHE A 19 -6.69 1.69 17.23
CA PHE A 19 -6.07 1.93 18.51
C PHE A 19 -6.78 2.99 19.38
N ASP A 20 -7.79 3.68 18.85
CA ASP A 20 -8.48 4.71 19.66
C ASP A 20 -9.75 4.15 20.30
N LYS A 21 -9.57 3.41 21.39
CA LYS A 21 -10.66 2.80 22.11
C LYS A 21 -11.37 3.76 23.05
N ASP A 22 -10.60 4.65 23.63
CA ASP A 22 -11.11 5.65 24.52
C ASP A 22 -11.81 6.74 23.71
N GLY A 23 -11.43 6.80 22.43
CA GLY A 23 -11.98 7.80 21.50
C GLY A 23 -11.34 9.13 21.77
N ASP A 24 -10.01 9.09 21.79
CA ASP A 24 -9.17 10.22 22.13
C ASP A 24 -8.66 11.00 20.92
N GLY A 25 -9.38 10.86 19.82
CA GLY A 25 -9.04 11.54 18.57
C GLY A 25 -7.77 10.99 17.92
N THR A 26 -6.63 11.21 18.57
CA THR A 26 -5.35 10.75 18.09
C THR A 26 -4.93 9.44 18.78
N ILE A 27 -3.83 8.92 18.28
CA ILE A 27 -3.24 7.70 18.75
C ILE A 27 -1.74 7.91 18.96
N THR A 28 -1.18 7.19 19.93
CA THR A 28 0.23 7.27 20.29
C THR A 28 1.19 7.00 19.12
N THR A 29 2.37 7.63 19.20
CA THR A 29 3.41 7.53 18.18
C THR A 29 4.05 6.15 18.15
N LYS A 30 4.56 5.72 19.30
CA LYS A 30 5.18 4.40 19.46
C LYS A 30 4.23 3.27 19.02
N GLU A 31 2.95 3.64 18.86
CA GLU A 31 1.90 2.68 18.47
C GLU A 31 1.38 2.93 17.06
N LEU A 32 1.64 4.14 16.52
CA LEU A 32 1.20 4.52 15.17
C LEU A 32 1.78 3.58 14.11
N GLY A 33 3.03 3.14 14.32
CA GLY A 33 3.64 2.20 13.39
C GLY A 33 2.78 0.96 13.25
N THR A 34 2.23 0.53 14.39
CA THR A 34 1.38 -0.65 14.45
C THR A 34 -0.03 -0.38 13.91
N VAL A 35 -0.51 0.86 14.01
CA VAL A 35 -1.80 1.20 13.47
C VAL A 35 -1.62 1.31 11.95
N MET A 36 -0.37 1.63 11.59
CA MET A 36 0.11 1.70 10.21
C MET A 36 0.27 0.31 9.62
N ARG A 37 0.86 -0.60 10.41
CA ARG A 37 1.11 -1.97 9.97
C ARG A 37 -0.14 -2.84 10.01
N SER A 38 -1.05 -2.54 10.94
CA SER A 38 -2.31 -3.27 11.05
C SER A 38 -3.23 -3.01 9.87
N LEU A 39 -2.80 -2.05 9.08
CA LEU A 39 -3.47 -1.66 7.85
C LEU A 39 -2.89 -2.44 6.66
N GLY A 40 -1.82 -3.21 6.93
CA GLY A 40 -1.20 -4.01 5.90
C GLY A 40 0.12 -3.52 5.42
N GLN A 41 0.46 -2.43 5.97
CA GLN A 41 1.69 -1.70 5.68
C GLN A 41 2.89 -2.30 6.41
N ASN A 42 4.04 -2.36 5.71
CA ASN A 42 5.27 -2.90 6.27
C ASN A 42 6.40 -1.84 6.18
N PRO A 43 6.30 -0.73 6.96
CA PRO A 43 7.32 0.34 6.97
C PRO A 43 8.44 0.07 7.98
N THR A 44 9.38 1.01 8.08
CA THR A 44 10.50 0.91 9.02
C THR A 44 10.22 1.75 10.25
N GLU A 45 10.93 1.45 11.33
CA GLU A 45 10.80 2.19 12.59
C GLU A 45 11.62 3.46 12.51
N ALA A 46 12.66 3.37 11.69
CA ALA A 46 13.58 4.46 11.51
C ALA A 46 12.93 5.55 10.67
N GLU A 47 12.14 5.10 9.70
CA GLU A 47 11.36 5.98 8.85
C GLU A 47 10.17 6.50 9.64
N LEU A 48 9.72 5.68 10.59
CA LEU A 48 8.67 6.04 11.53
C LEU A 48 9.17 7.18 12.40
N GLN A 49 10.51 7.30 12.44
CA GLN A 49 11.20 8.35 13.19
C GLN A 49 11.47 9.53 12.34
N ASP A 50 11.36 9.26 11.10
CA ASP A 50 11.50 10.26 10.04
C ASP A 50 10.20 11.02 9.89
N MET A 51 9.09 10.29 10.06
CA MET A 51 7.76 10.87 10.01
C MET A 51 7.37 11.41 11.37
N ILE A 52 7.88 10.79 12.44
CA ILE A 52 7.66 11.31 13.78
C ILE A 52 8.57 12.53 13.93
N ASN A 53 9.63 12.54 13.10
CA ASN A 53 10.54 13.68 13.01
C ASN A 53 9.81 14.89 12.42
N GLU A 54 8.90 14.63 11.48
CA GLU A 54 8.10 15.68 10.86
C GLU A 54 6.85 16.02 11.67
N VAL A 55 6.18 14.98 12.19
CA VAL A 55 4.97 15.12 12.98
C VAL A 55 5.22 15.77 14.34
N ASP A 56 6.28 15.34 15.05
CA ASP A 56 6.62 15.89 16.36
C ASP A 56 7.18 17.32 16.21
N ALA A 57 6.59 18.05 15.26
CA ALA A 57 6.97 19.43 14.96
C ALA A 57 6.27 20.42 15.86
N ASP A 58 5.39 19.85 16.61
CA ASP A 58 4.54 20.55 17.55
C ASP A 58 4.92 20.17 19.00
N GLY A 59 5.36 18.91 19.18
CA GLY A 59 5.76 18.41 20.48
C GLY A 59 4.60 17.91 21.33
N ASN A 60 3.73 17.07 20.73
CA ASN A 60 2.57 16.51 21.42
C ASN A 60 2.74 15.01 21.67
N GLY A 61 3.60 14.38 20.88
CA GLY A 61 3.87 12.93 21.01
C GLY A 61 2.69 12.05 20.67
N THR A 62 1.81 12.58 19.81
CA THR A 62 0.62 11.89 19.39
C THR A 62 0.42 12.05 17.87
N ILE A 63 -0.68 11.50 17.32
CA ILE A 63 -0.93 11.52 15.87
C ILE A 63 -2.40 11.82 15.50
N ASP A 64 -2.75 13.11 15.39
CA ASP A 64 -4.09 13.52 14.95
C ASP A 64 -4.30 13.21 13.45
N PHE A 65 -5.56 12.93 13.06
CA PHE A 65 -5.90 12.54 11.68
C PHE A 65 -5.80 13.69 10.64
N PRO A 66 -6.15 14.98 10.97
CA PRO A 66 -6.07 16.09 9.99
C PRO A 66 -4.64 16.44 9.61
N GLU A 67 -3.68 15.98 10.41
CA GLU A 67 -2.27 16.28 10.20
C GLU A 67 -1.42 15.14 9.61
N PHE A 68 -1.79 13.85 9.80
CA PHE A 68 -0.92 12.76 9.31
C PHE A 68 -1.11 12.35 7.86
N LEU A 69 -2.34 12.20 7.39
CA LEU A 69 -2.56 11.83 6.00
C LEU A 69 -2.05 12.91 5.07
N THR A 70 -2.15 14.12 5.57
CA THR A 70 -1.64 15.30 4.95
C THR A 70 -0.15 15.13 4.72
N MET A 71 0.50 14.44 5.68
CA MET A 71 1.91 14.11 5.57
C MET A 71 2.10 13.07 4.48
N MET A 72 1.05 12.28 4.26
CA MET A 72 1.06 11.24 3.22
C MET A 72 0.66 11.81 1.88
N ALA A 73 0.02 12.97 1.91
CA ALA A 73 -0.33 13.65 0.69
C ALA A 73 0.88 14.40 0.18
N ARG A 74 1.70 14.93 1.12
CA ARG A 74 2.88 15.68 0.73
C ARG A 74 4.09 14.79 0.40
N LYS A 75 4.11 13.52 0.82
CA LYS A 75 5.22 12.66 0.46
C LYS A 75 5.02 11.98 -0.91
N MET A 76 3.80 12.04 -1.44
CA MET A 76 3.49 11.40 -2.70
C MET A 76 3.20 12.42 -3.80
N LYS A 77 2.71 13.59 -3.38
CA LYS A 77 2.41 14.70 -4.28
C LYS A 77 3.65 15.31 -4.95
N ASP A 78 4.84 14.96 -4.44
CA ASP A 78 6.11 15.48 -4.97
C ASP A 78 6.87 14.47 -5.82
N THR A 79 6.59 13.17 -5.60
CA THR A 79 7.26 12.09 -6.34
C THR A 79 6.71 11.90 -7.77
N ASP A 80 5.87 12.86 -8.23
CA ASP A 80 5.25 12.86 -9.58
C ASP A 80 4.27 11.70 -9.77
N SER A 81 3.26 11.93 -10.61
CA SER A 81 2.23 10.93 -10.93
C SER A 81 2.68 9.96 -12.03
N GLU A 82 3.77 10.33 -12.71
CA GLU A 82 4.34 9.54 -13.81
C GLU A 82 5.13 8.36 -13.23
N GLU A 83 5.90 8.68 -12.20
CA GLU A 83 6.73 7.72 -11.48
C GLU A 83 5.89 6.75 -10.64
N GLU A 84 4.63 7.12 -10.36
CA GLU A 84 3.70 6.30 -9.57
C GLU A 84 3.31 5.00 -10.27
N ILE A 85 3.51 4.97 -11.58
CA ILE A 85 3.19 3.80 -12.41
C ILE A 85 4.39 2.85 -12.47
N ARG A 86 5.57 3.40 -12.80
CA ARG A 86 6.82 2.61 -12.89
C ARG A 86 7.24 2.00 -11.56
N GLU A 87 6.67 2.52 -10.47
CA GLU A 87 6.94 2.00 -9.14
C GLU A 87 6.22 0.66 -8.96
N ALA A 88 5.21 0.42 -9.83
CA ALA A 88 4.46 -0.83 -9.82
C ALA A 88 5.35 -2.00 -10.18
N PHE A 89 6.44 -1.70 -10.89
CA PHE A 89 7.44 -2.70 -11.22
C PHE A 89 8.35 -2.84 -10.00
N ARG A 90 8.33 -1.78 -9.18
CA ARG A 90 9.04 -1.77 -7.91
C ARG A 90 8.18 -2.50 -6.88
N VAL A 91 6.87 -2.60 -7.21
CA VAL A 91 5.90 -3.28 -6.40
C VAL A 91 5.80 -4.77 -6.75
N PHE A 92 5.54 -5.09 -8.02
CA PHE A 92 5.37 -6.48 -8.43
C PHE A 92 6.61 -7.07 -9.11
N ASP A 93 7.20 -6.32 -10.06
CA ASP A 93 8.39 -6.79 -10.82
C ASP A 93 9.61 -7.03 -9.93
N LYS A 94 9.76 -8.29 -9.54
CA LYS A 94 10.88 -8.72 -8.67
C LYS A 94 12.13 -9.05 -9.45
N ASP A 95 11.95 -9.75 -10.57
CA ASP A 95 13.08 -10.22 -11.37
C ASP A 95 13.83 -9.12 -12.10
N GLY A 96 13.14 -8.03 -12.23
CA GLY A 96 13.64 -6.82 -12.88
C GLY A 96 13.81 -6.96 -14.40
N ASN A 97 13.12 -7.94 -15.00
CA ASN A 97 13.19 -8.18 -16.44
C ASN A 97 12.05 -7.47 -17.18
N GLY A 98 11.13 -6.87 -16.42
CA GLY A 98 10.00 -6.17 -17.01
C GLY A 98 8.71 -6.96 -16.91
N TYR A 99 8.88 -8.25 -16.69
CA TYR A 99 7.77 -9.18 -16.55
C TYR A 99 7.69 -9.71 -15.11
N ILE A 100 6.55 -9.48 -14.46
CA ILE A 100 6.32 -9.94 -13.10
C ILE A 100 5.79 -11.39 -13.14
N SER A 101 6.73 -12.32 -13.18
CA SER A 101 6.45 -13.76 -13.23
C SER A 101 5.67 -14.25 -12.02
N ALA A 102 5.07 -15.44 -12.18
CA ALA A 102 4.25 -16.09 -11.15
C ALA A 102 4.98 -16.39 -9.85
N ALA A 103 6.31 -16.32 -9.87
CA ALA A 103 7.10 -16.60 -8.67
C ALA A 103 7.28 -15.34 -7.90
N GLU A 104 7.30 -14.27 -8.66
CA GLU A 104 7.49 -12.94 -8.16
C GLU A 104 6.22 -12.39 -7.64
N LEU A 105 5.14 -12.68 -8.36
CA LEU A 105 3.82 -12.27 -7.93
C LEU A 105 3.51 -13.05 -6.66
N ARG A 106 4.08 -14.25 -6.61
CA ARG A 106 3.97 -15.12 -5.46
C ARG A 106 4.85 -14.57 -4.36
N HIS A 107 6.04 -14.18 -4.77
CA HIS A 107 6.99 -13.57 -3.88
C HIS A 107 6.44 -12.23 -3.47
N VAL A 108 5.54 -11.72 -4.32
CA VAL A 108 4.86 -10.46 -4.05
C VAL A 108 3.91 -10.70 -2.92
N MET A 109 3.09 -11.74 -3.12
CA MET A 109 2.15 -12.17 -2.09
C MET A 109 2.85 -12.52 -0.80
N THR A 110 3.98 -13.21 -0.88
CA THR A 110 4.70 -13.57 0.34
C THR A 110 5.37 -12.34 0.95
N ASN A 111 5.54 -11.30 0.11
CA ASN A 111 6.11 -10.02 0.54
C ASN A 111 5.05 -9.21 1.27
N LEU A 112 3.85 -9.15 0.67
CA LEU A 112 2.76 -8.39 1.24
C LEU A 112 2.09 -9.16 2.37
N GLY A 113 2.15 -10.49 2.25
CA GLY A 113 1.58 -11.36 3.26
C GLY A 113 0.73 -12.53 2.76
N GLU A 114 0.53 -12.76 1.44
CA GLU A 114 -0.28 -13.87 1.04
C GLU A 114 0.51 -15.07 0.59
N LYS A 115 -0.07 -16.22 0.86
CA LYS A 115 0.47 -17.47 0.43
C LYS A 115 -0.44 -18.02 -0.60
N LEU A 116 0.13 -18.14 -1.75
CA LEU A 116 -0.59 -18.56 -2.92
C LEU A 116 0.02 -19.79 -3.57
N THR A 117 -0.86 -20.76 -3.78
CA THR A 117 -0.53 -22.03 -4.41
C THR A 117 -0.41 -21.89 -5.93
N ASP A 118 -0.21 -23.04 -6.57
CA ASP A 118 -0.05 -23.15 -8.02
C ASP A 118 -1.30 -22.67 -8.79
N GLU A 119 -2.47 -23.09 -8.34
CA GLU A 119 -3.73 -22.67 -8.97
C GLU A 119 -4.13 -21.24 -8.53
N GLU A 120 -3.47 -20.77 -7.46
CA GLU A 120 -3.69 -19.42 -6.91
C GLU A 120 -3.04 -18.34 -7.79
N VAL A 121 -1.93 -18.71 -8.43
CA VAL A 121 -1.17 -17.81 -9.30
C VAL A 121 -1.69 -17.79 -10.73
N ASP A 122 -2.16 -18.94 -11.17
CA ASP A 122 -2.70 -19.10 -12.52
C ASP A 122 -4.14 -18.56 -12.62
N GLU A 123 -4.43 -17.64 -11.72
CA GLU A 123 -5.72 -16.96 -11.64
C GLU A 123 -5.55 -15.46 -11.36
N MET A 124 -4.36 -15.09 -10.85
CA MET A 124 -4.00 -13.69 -10.60
C MET A 124 -3.37 -13.13 -11.87
N ILE A 125 -2.75 -14.04 -12.63
CA ILE A 125 -2.10 -13.70 -13.88
C ILE A 125 -3.04 -13.75 -15.06
N ARG A 126 -3.84 -14.80 -15.14
CA ARG A 126 -4.79 -15.01 -16.26
C ARG A 126 -5.81 -13.88 -16.39
N GLU A 127 -6.12 -13.29 -15.26
CA GLU A 127 -7.02 -12.15 -15.16
C GLU A 127 -6.35 -10.90 -15.68
N ALA A 128 -5.01 -10.92 -15.58
CA ALA A 128 -4.18 -9.80 -16.02
C ALA A 128 -3.49 -10.12 -17.34
N ASP A 129 -3.28 -11.42 -17.53
CA ASP A 129 -2.60 -11.97 -18.71
C ASP A 129 -3.30 -11.64 -20.03
N ILE A 130 -2.58 -10.85 -20.81
CA ILE A 130 -3.03 -10.41 -22.13
C ILE A 130 -2.55 -11.37 -23.23
N ASP A 131 -1.23 -11.65 -23.23
CA ASP A 131 -0.62 -12.53 -24.21
C ASP A 131 -0.62 -14.00 -23.76
N GLY A 132 -0.66 -14.22 -22.45
CA GLY A 132 -0.68 -15.58 -21.91
C GLY A 132 0.69 -16.20 -21.72
N ASP A 133 1.60 -15.45 -21.07
CA ASP A 133 2.97 -15.93 -20.83
C ASP A 133 3.14 -16.56 -19.44
N GLY A 134 2.22 -16.23 -18.53
CA GLY A 134 2.25 -16.75 -17.17
C GLY A 134 2.81 -15.77 -16.17
N GLN A 135 3.19 -14.65 -16.70
CA GLN A 135 3.74 -13.53 -15.97
C GLN A 135 2.84 -12.30 -16.17
N VAL A 136 3.15 -11.20 -15.48
CA VAL A 136 2.34 -9.98 -15.59
C VAL A 136 3.20 -8.73 -15.76
N ASN A 137 2.99 -8.04 -16.88
CA ASN A 137 3.72 -6.82 -17.22
C ASN A 137 3.06 -5.60 -16.57
N TYR A 138 3.52 -4.42 -16.98
CA TYR A 138 2.99 -3.15 -16.52
C TYR A 138 1.51 -3.02 -16.93
N GLU A 139 1.22 -3.29 -18.21
CA GLU A 139 -0.15 -3.20 -18.75
C GLU A 139 -1.08 -4.28 -18.22
N GLU A 140 -0.53 -5.38 -17.73
CA GLU A 140 -1.37 -6.43 -17.18
C GLU A 140 -1.66 -6.14 -15.74
N PHE A 141 -0.69 -5.55 -15.08
CA PHE A 141 -0.82 -5.12 -13.71
C PHE A 141 -1.62 -3.82 -13.66
N VAL A 142 -1.58 -3.10 -14.78
CA VAL A 142 -2.26 -1.79 -14.91
C VAL A 142 -3.71 -1.93 -15.32
N GLN A 143 -3.96 -2.87 -16.23
CA GLN A 143 -5.34 -3.11 -16.69
C GLN A 143 -6.37 -3.23 -15.55
N MET A 144 -5.94 -3.72 -14.37
CA MET A 144 -6.87 -3.83 -13.21
C MET A 144 -7.36 -2.45 -12.78
N MET A 145 -6.53 -1.42 -13.04
CA MET A 145 -6.88 -0.03 -12.72
C MET A 145 -7.75 0.56 -13.85
N THR A 146 -7.94 -0.24 -14.92
CA THR A 146 -8.74 0.16 -16.07
C THR A 146 -9.93 -0.78 -16.28
N ALA A 147 -9.65 -2.09 -16.19
CA ALA A 147 -10.66 -3.16 -16.34
C ALA A 147 -11.94 -2.92 -15.51
N LYS A 148 -11.78 -2.29 -14.33
CA LYS A 148 -12.90 -1.99 -13.43
C LYS A 148 -13.63 -0.71 -13.87
N THR B 1 -14.86 -13.58 0.32
CA THR B 1 -14.01 -13.91 -0.85
C THR B 1 -12.86 -14.82 -0.46
N ARG B 2 -12.74 -15.95 -1.15
CA ARG B 2 -11.68 -16.93 -0.89
C ARG B 2 -10.54 -16.80 -1.91
N LYS B 3 -10.91 -16.57 -3.18
CA LYS B 3 -9.93 -16.42 -4.26
C LYS B 3 -9.61 -14.94 -4.50
N LYS B 4 -8.33 -14.67 -4.76
CA LYS B 4 -7.87 -13.30 -5.01
C LYS B 4 -7.04 -13.22 -6.29
N THR B 5 -7.16 -12.09 -6.99
CA THR B 5 -6.43 -11.86 -8.24
C THR B 5 -5.88 -10.41 -8.27
N PHE B 6 -5.36 -9.96 -9.44
CA PHE B 6 -4.79 -8.61 -9.58
C PHE B 6 -5.84 -7.50 -9.33
N LYS B 7 -7.12 -7.82 -9.57
CA LYS B 7 -8.23 -6.87 -9.35
C LYS B 7 -8.50 -6.68 -7.85
N GLU B 8 -8.51 -7.79 -7.10
CA GLU B 8 -8.77 -7.77 -5.64
C GLU B 8 -7.55 -7.30 -4.83
N VAL B 9 -6.35 -7.71 -5.25
CA VAL B 9 -5.09 -7.34 -4.57
C VAL B 9 -4.74 -5.86 -4.78
N ALA B 10 -5.17 -5.32 -5.94
CA ALA B 10 -4.91 -3.93 -6.35
C ALA B 10 -5.32 -2.91 -5.29
N ASN B 11 -6.50 -3.12 -4.67
CA ASN B 11 -7.01 -2.21 -3.63
C ASN B 11 -6.04 -2.10 -2.44
N ALA B 12 -5.31 -3.20 -2.19
CA ALA B 12 -4.32 -3.27 -1.11
C ALA B 12 -3.01 -2.56 -1.45
N VAL B 13 -2.55 -2.70 -2.71
CA VAL B 13 -1.28 -2.07 -3.13
C VAL B 13 -1.45 -1.06 -4.30
N LYS B 14 -2.60 -0.34 -4.33
CA LYS B 14 -2.84 0.67 -5.37
C LYS B 14 -2.17 2.01 -5.00
N ILE B 15 -2.32 2.42 -3.74
CA ILE B 15 -1.73 3.67 -3.25
C ILE B 15 -0.45 3.36 -2.44
N SER B 16 0.54 2.79 -3.13
CA SER B 16 1.83 2.43 -2.51
C SER B 16 2.79 3.62 -2.51
N ALA B 17 2.36 4.75 -3.07
CA ALA B 17 3.17 5.97 -3.12
C ALA B 17 2.93 6.87 -1.91
N SER B 18 1.90 6.54 -1.10
CA SER B 18 1.56 7.31 0.10
C SER B 18 2.59 7.13 1.22
N LEU B 19 3.17 5.93 1.30
CA LEU B 19 4.19 5.62 2.31
C LEU B 19 5.40 4.94 1.68
N MET B 20 5.15 4.05 0.70
CA MET B 20 6.20 3.28 -0.03
C MET B 20 6.97 2.35 0.90
N GLY B 21 7.04 1.06 0.52
CA GLY B 21 7.75 0.07 1.31
C GLY B 21 9.13 -0.23 0.77
N THR B 22 10.14 0.49 1.29
CA THR B 22 11.52 0.32 0.86
C THR B 22 12.30 -0.54 1.87
N ALA A 1 -7.67 16.54 9.37
CA ALA A 1 -8.69 17.43 8.77
C ALA A 1 -8.91 17.10 7.31
N ASP A 2 -10.21 16.97 6.92
CA ASP A 2 -10.62 16.65 5.54
C ASP A 2 -10.13 15.27 5.09
N GLN A 3 -11.09 14.41 4.70
CA GLN A 3 -10.79 13.06 4.22
C GLN A 3 -10.56 13.04 2.72
N LEU A 4 -9.89 11.97 2.22
CA LEU A 4 -9.62 11.82 0.82
C LEU A 4 -10.52 10.73 0.24
N THR A 5 -9.93 9.59 -0.12
CA THR A 5 -10.62 8.47 -0.66
C THR A 5 -10.85 7.40 0.41
N GLU A 6 -11.38 6.22 0.00
CA GLU A 6 -11.66 5.10 0.90
C GLU A 6 -10.41 4.60 1.62
N GLU A 7 -9.25 4.80 1.00
CA GLU A 7 -7.96 4.39 1.59
C GLU A 7 -7.75 5.01 2.97
N GLN A 8 -8.28 6.21 3.12
CA GLN A 8 -8.24 6.94 4.36
C GLN A 8 -9.29 6.37 5.30
N ILE A 9 -10.48 6.15 4.75
CA ILE A 9 -11.59 5.60 5.48
C ILE A 9 -11.25 4.22 6.07
N ALA A 10 -10.47 3.43 5.32
CA ALA A 10 -10.07 2.08 5.71
C ALA A 10 -9.01 2.04 6.82
N GLU A 11 -8.07 3.00 6.84
CA GLU A 11 -7.00 2.99 7.85
C GLU A 11 -7.07 4.10 8.88
N PHE A 12 -7.82 5.18 8.61
CA PHE A 12 -7.93 6.27 9.57
C PHE A 12 -8.82 5.87 10.76
N LYS A 13 -9.57 4.77 10.55
CA LYS A 13 -10.45 4.22 11.53
C LYS A 13 -9.64 3.33 12.45
N GLU A 14 -8.73 2.56 11.82
CA GLU A 14 -7.88 1.63 12.56
C GLU A 14 -6.69 2.31 13.18
N ALA A 15 -6.13 3.29 12.50
CA ALA A 15 -4.97 4.04 13.04
C ALA A 15 -5.41 4.84 14.25
N PHE A 16 -6.71 5.12 14.27
CA PHE A 16 -7.34 5.82 15.36
C PHE A 16 -7.75 4.84 16.45
N SER A 17 -8.33 3.70 16.04
CA SER A 17 -8.81 2.72 16.98
C SER A 17 -7.78 1.71 17.44
N LEU A 18 -6.62 1.64 16.77
CA LEU A 18 -5.58 0.70 17.18
C LEU A 18 -4.89 1.16 18.46
N PHE A 19 -4.86 2.48 18.66
CA PHE A 19 -4.22 3.04 19.84
C PHE A 19 -5.07 4.08 20.58
N ASP A 20 -6.22 4.51 20.03
CA ASP A 20 -7.06 5.50 20.73
C ASP A 20 -8.22 4.79 21.44
N LYS A 21 -7.89 4.23 22.61
CA LYS A 21 -8.85 3.51 23.42
C LYS A 21 -9.83 4.39 24.16
N ASP A 22 -9.30 5.51 24.64
CA ASP A 22 -10.07 6.50 25.34
C ASP A 22 -10.91 7.28 24.33
N GLY A 23 -10.45 7.21 23.08
CA GLY A 23 -11.10 7.94 21.98
C GLY A 23 -10.71 9.39 22.04
N ASP A 24 -9.41 9.59 22.11
CA ASP A 24 -8.79 10.89 22.29
C ASP A 24 -8.43 11.60 20.98
N GLY A 25 -9.11 11.20 19.90
CA GLY A 25 -8.89 11.77 18.58
C GLY A 25 -7.52 11.46 17.98
N THR A 26 -6.46 11.94 18.63
CA THR A 26 -5.10 11.77 18.21
C THR A 26 -4.43 10.61 18.93
N ILE A 27 -3.38 10.08 18.31
CA ILE A 27 -2.64 8.96 18.85
C ILE A 27 -1.17 9.33 19.08
N THR A 28 -0.57 8.71 20.11
CA THR A 28 0.82 8.94 20.50
C THR A 28 1.83 8.71 19.37
N THR A 29 2.94 9.46 19.44
CA THR A 29 4.01 9.40 18.45
C THR A 29 4.88 8.16 18.57
N LYS A 30 5.44 7.96 19.76
CA LYS A 30 6.26 6.78 20.07
C LYS A 30 5.52 5.47 19.74
N GLU A 31 4.21 5.61 19.53
CA GLU A 31 3.34 4.47 19.24
C GLU A 31 2.77 4.54 17.82
N LEU A 32 2.84 5.75 17.20
CA LEU A 32 2.35 5.97 15.83
C LEU A 32 2.98 5.02 14.82
N GLY A 33 4.29 4.77 14.98
CA GLY A 33 4.98 3.84 14.10
C GLY A 33 4.31 2.50 14.13
N THR A 34 3.87 2.12 15.33
CA THR A 34 3.20 0.84 15.55
C THR A 34 1.76 0.83 15.05
N VAL A 35 1.08 1.99 15.07
CA VAL A 35 -0.26 2.07 14.54
C VAL A 35 -0.13 2.04 13.02
N MET A 36 1.04 2.51 12.57
CA MET A 36 1.45 2.53 11.17
C MET A 36 1.82 1.12 10.69
N ARG A 37 2.54 0.38 11.55
CA ARG A 37 2.98 -0.98 11.23
C ARG A 37 1.90 -2.02 11.45
N SER A 38 0.99 -1.76 12.38
CA SER A 38 -0.13 -2.66 12.66
C SER A 38 -1.10 -2.74 11.50
N LEU A 39 -0.86 -1.86 10.57
CA LEU A 39 -1.63 -1.76 9.33
C LEU A 39 -0.96 -2.61 8.24
N GLY A 40 0.25 -3.13 8.55
CA GLY A 40 0.97 -3.96 7.61
C GLY A 40 2.19 -3.34 7.02
N GLN A 41 2.33 -2.12 7.39
CA GLN A 41 3.42 -1.25 6.95
C GLN A 41 4.73 -1.54 7.69
N ASN A 42 5.84 -1.48 6.95
CA ASN A 42 7.16 -1.71 7.52
C ASN A 42 8.11 -0.52 7.23
N PRO A 43 7.84 0.67 7.85
CA PRO A 43 8.67 1.88 7.67
C PRO A 43 9.90 1.89 8.60
N THR A 44 10.69 2.97 8.53
CA THR A 44 11.88 3.10 9.36
C THR A 44 11.56 3.98 10.57
N GLU A 45 12.40 3.87 11.59
CA GLU A 45 12.26 4.68 12.81
C GLU A 45 12.85 6.04 12.58
N ALA A 46 13.82 6.07 11.68
CA ALA A 46 14.53 7.28 11.34
C ALA A 46 13.65 8.18 10.51
N GLU A 47 12.88 7.54 9.62
CA GLU A 47 11.90 8.22 8.78
C GLU A 47 10.69 8.55 9.62
N LEU A 48 10.47 7.72 10.64
CA LEU A 48 9.43 7.94 11.62
C LEU A 48 9.74 9.23 12.38
N GLN A 49 11.03 9.58 12.38
CA GLN A 49 11.53 10.79 13.01
C GLN A 49 11.48 11.96 12.10
N ASP A 50 11.38 11.59 10.87
CA ASP A 50 11.21 12.54 9.80
C ASP A 50 9.77 13.04 9.81
N MET A 51 8.90 12.16 10.32
CA MET A 51 7.48 12.46 10.49
C MET A 51 7.26 13.14 11.83
N ILE A 52 8.04 12.72 12.85
CA ILE A 52 7.99 13.38 14.17
C ILE A 52 8.58 14.77 13.99
N ASN A 53 9.47 14.86 12.99
CA ASN A 53 10.10 16.13 12.61
C ASN A 53 9.11 17.05 11.87
N GLU A 54 8.19 16.46 11.09
CA GLU A 54 7.23 17.24 10.33
C GLU A 54 5.94 17.55 11.10
N VAL A 55 5.32 16.52 11.71
CA VAL A 55 4.06 16.70 12.44
C VAL A 55 4.26 17.19 13.87
N ASP A 56 5.15 16.54 14.63
CA ASP A 56 5.41 16.92 16.02
C ASP A 56 6.18 18.25 16.06
N ALA A 57 5.80 19.13 15.13
CA ALA A 57 6.40 20.45 14.98
C ALA A 57 5.73 21.48 15.87
N ASP A 58 4.70 20.99 16.48
CA ASP A 58 3.85 21.75 17.38
C ASP A 58 4.17 21.41 18.84
N GLY A 59 4.57 20.15 19.08
CA GLY A 59 4.90 19.70 20.43
C GLY A 59 3.69 19.26 21.23
N ASN A 60 2.87 18.39 20.65
CA ASN A 60 1.66 17.88 21.31
C ASN A 60 1.80 16.40 21.67
N GLY A 61 2.72 15.72 20.99
CA GLY A 61 2.99 14.30 21.23
C GLY A 61 1.84 13.36 20.89
N THR A 62 1.01 13.81 19.95
CA THR A 62 -0.15 13.06 19.50
C THR A 62 -0.41 13.31 18.01
N ILE A 63 -1.10 12.37 17.35
CA ILE A 63 -1.35 12.46 15.89
C ILE A 63 -2.81 12.11 15.50
N ASP A 64 -3.44 13.04 14.77
CA ASP A 64 -4.81 12.85 14.25
C ASP A 64 -4.80 11.85 13.09
N PHE A 65 -5.96 11.22 12.86
CA PHE A 65 -6.08 10.20 11.80
C PHE A 65 -6.53 10.74 10.43
N PRO A 66 -7.49 11.73 10.32
CA PRO A 66 -7.92 12.25 9.01
C PRO A 66 -6.88 13.16 8.36
N GLU A 67 -5.95 13.66 9.18
CA GLU A 67 -4.92 14.57 8.74
C GLU A 67 -3.59 13.90 8.33
N PHE A 68 -3.30 12.65 8.74
CA PHE A 68 -2.01 12.05 8.37
C PHE A 68 -2.00 11.41 6.98
N LEU A 69 -3.12 10.84 6.55
CA LEU A 69 -3.20 10.24 5.23
C LEU A 69 -3.05 11.29 4.16
N THR A 70 -3.60 12.44 4.48
CA THR A 70 -3.51 13.64 3.69
C THR A 70 -2.04 14.02 3.55
N MET A 71 -1.28 13.72 4.61
CA MET A 71 0.15 13.93 4.62
C MET A 71 0.82 12.81 3.83
N MET A 72 0.10 11.68 3.73
CA MET A 72 0.57 10.53 2.96
C MET A 72 0.13 10.63 1.52
N ALA A 73 -0.86 11.46 1.28
CA ALA A 73 -1.36 11.69 -0.06
C ALA A 73 -0.48 12.72 -0.73
N ARG A 74 0.17 13.56 0.09
CA ARG A 74 1.02 14.60 -0.44
C ARG A 74 2.46 14.15 -0.63
N LYS A 75 2.91 13.19 0.19
CA LYS A 75 4.28 12.69 0.04
C LYS A 75 4.47 11.76 -1.16
N MET A 76 3.36 11.30 -1.75
CA MET A 76 3.41 10.38 -2.88
C MET A 76 2.90 11.02 -4.18
N LYS A 77 1.91 11.89 -4.02
CA LYS A 77 1.27 12.58 -5.12
C LYS A 77 2.10 13.73 -5.70
N ASP A 78 2.99 14.31 -4.87
CA ASP A 78 3.82 15.45 -5.30
C ASP A 78 5.26 15.08 -5.62
N THR A 79 5.75 13.96 -5.06
CA THR A 79 7.13 13.51 -5.29
C THR A 79 7.43 13.22 -6.77
N ASP A 80 6.79 12.17 -7.29
CA ASP A 80 6.95 11.73 -8.69
C ASP A 80 5.80 10.80 -9.09
N SER A 81 5.06 11.21 -10.13
CA SER A 81 3.92 10.44 -10.64
C SER A 81 4.35 9.34 -11.62
N GLU A 82 5.60 9.41 -12.08
CA GLU A 82 6.16 8.46 -13.05
C GLU A 82 6.49 7.13 -12.39
N GLU A 83 7.24 7.21 -11.30
CA GLU A 83 7.66 6.05 -10.52
C GLU A 83 6.53 5.41 -9.70
N GLU A 84 5.43 6.16 -9.50
CA GLU A 84 4.25 5.69 -8.74
C GLU A 84 3.71 4.35 -9.28
N ILE A 85 3.96 4.14 -10.57
CA ILE A 85 3.57 2.93 -11.27
C ILE A 85 4.67 1.87 -11.13
N ARG A 86 5.92 2.32 -11.36
CA ARG A 86 7.14 1.49 -11.23
C ARG A 86 7.21 0.78 -9.90
N GLU A 87 6.64 1.41 -8.89
CA GLU A 87 6.60 0.88 -7.52
C GLU A 87 5.81 -0.42 -7.45
N ALA A 88 4.96 -0.64 -8.46
CA ALA A 88 4.18 -1.85 -8.57
C ALA A 88 5.08 -3.01 -8.99
N PHE A 89 6.23 -2.65 -9.57
CA PHE A 89 7.26 -3.61 -9.93
C PHE A 89 8.10 -3.85 -8.69
N ARG A 90 8.03 -2.87 -7.78
CA ARG A 90 8.68 -2.97 -6.49
C ARG A 90 7.84 -3.85 -5.59
N VAL A 91 6.53 -3.84 -5.86
CA VAL A 91 5.56 -4.61 -5.14
C VAL A 91 5.36 -6.01 -5.72
N PHE A 92 5.12 -6.09 -7.03
CA PHE A 92 4.81 -7.36 -7.67
C PHE A 92 6.01 -8.00 -8.40
N ASP A 93 6.78 -7.19 -9.14
CA ASP A 93 7.96 -7.68 -9.88
C ASP A 93 9.10 -8.10 -8.96
N LYS A 94 9.09 -9.40 -8.70
CA LYS A 94 10.08 -10.03 -7.83
C LYS A 94 11.35 -10.46 -8.55
N ASP A 95 11.17 -11.19 -9.66
CA ASP A 95 12.30 -11.76 -10.39
C ASP A 95 13.15 -10.72 -11.13
N GLY A 96 12.75 -9.47 -10.96
CA GLY A 96 13.42 -8.31 -11.58
C GLY A 96 13.72 -8.45 -13.08
N ASN A 97 12.89 -9.22 -13.78
CA ASN A 97 13.06 -9.44 -15.22
C ASN A 97 12.14 -8.52 -16.04
N GLY A 98 11.31 -7.73 -15.34
CA GLY A 98 10.38 -6.83 -16.00
C GLY A 98 8.98 -7.38 -16.05
N TYR A 99 8.90 -8.68 -15.87
CA TYR A 99 7.64 -9.40 -15.86
C TYR A 99 7.37 -10.01 -14.49
N ILE A 100 6.17 -9.75 -13.97
CA ILE A 100 5.73 -10.27 -12.69
C ILE A 100 5.07 -11.65 -12.91
N SER A 101 5.93 -12.67 -12.99
CA SER A 101 5.53 -14.06 -13.21
C SER A 101 4.62 -14.62 -12.11
N ALA A 102 4.01 -15.78 -12.41
CA ALA A 102 3.08 -16.47 -11.52
C ALA A 102 3.66 -16.86 -10.17
N ALA A 103 4.99 -16.81 -10.05
CA ALA A 103 5.65 -17.17 -8.80
C ALA A 103 5.75 -15.96 -7.93
N GLU A 104 5.81 -14.84 -8.63
CA GLU A 104 5.94 -13.54 -8.04
C GLU A 104 4.65 -13.03 -7.55
N LEU A 105 3.60 -13.21 -8.33
CA LEU A 105 2.29 -12.80 -7.91
C LEU A 105 1.87 -13.70 -6.75
N ARG A 106 2.38 -14.92 -6.81
CA ARG A 106 2.19 -15.90 -5.77
C ARG A 106 3.04 -15.50 -4.59
N HIS A 107 4.27 -15.11 -4.89
CA HIS A 107 5.19 -14.65 -3.88
C HIS A 107 4.67 -13.34 -3.33
N VAL A 108 3.82 -12.71 -4.15
CA VAL A 108 3.15 -11.48 -3.75
C VAL A 108 2.13 -11.86 -2.72
N MET A 109 1.35 -12.85 -3.12
CA MET A 109 0.34 -13.44 -2.25
C MET A 109 0.95 -13.98 -0.97
N THR A 110 2.09 -14.64 -1.08
CA THR A 110 2.74 -15.20 0.12
C THR A 110 3.28 -14.07 1.00
N ASN A 111 3.44 -12.88 0.40
CA ASN A 111 3.87 -11.70 1.12
C ASN A 111 2.69 -11.11 1.87
N LEU A 112 1.55 -11.03 1.16
CA LEU A 112 0.34 -10.46 1.73
C LEU A 112 -0.40 -11.45 2.61
N GLY A 113 -0.24 -12.74 2.30
CA GLY A 113 -0.88 -13.79 3.08
C GLY A 113 -1.46 -14.98 2.31
N GLU A 114 -1.52 -14.98 0.95
CA GLU A 114 -2.08 -16.11 0.26
C GLU A 114 -1.06 -17.07 -0.32
N LYS A 115 -1.50 -18.31 -0.41
CA LYS A 115 -0.72 -19.36 -1.02
C LYS A 115 -1.39 -19.73 -2.30
N LEU A 116 -0.59 -19.73 -3.35
CA LEU A 116 -1.06 -19.98 -4.69
C LEU A 116 -0.16 -20.95 -5.46
N THR A 117 -0.75 -22.08 -5.89
CA THR A 117 -0.06 -23.12 -6.64
C THR A 117 0.22 -22.69 -8.06
N ASP A 118 0.77 -23.62 -8.83
CA ASP A 118 1.17 -23.38 -10.21
C ASP A 118 0.00 -23.27 -11.19
N GLU A 119 -1.02 -24.09 -11.01
CA GLU A 119 -2.19 -24.08 -11.89
C GLU A 119 -3.28 -23.11 -11.44
N GLU A 120 -3.21 -22.64 -10.19
CA GLU A 120 -4.17 -21.69 -9.67
C GLU A 120 -3.76 -20.24 -10.03
N VAL A 121 -2.49 -20.08 -10.44
CA VAL A 121 -1.95 -18.76 -10.86
C VAL A 121 -2.29 -18.45 -12.30
N ASP A 122 -2.53 -19.49 -13.08
CA ASP A 122 -2.87 -19.35 -14.51
C ASP A 122 -4.30 -18.82 -14.73
N GLU A 123 -4.74 -18.01 -13.78
CA GLU A 123 -6.05 -17.37 -13.80
C GLU A 123 -5.99 -15.94 -13.26
N MET A 124 -4.91 -15.63 -12.52
CA MET A 124 -4.64 -14.28 -11.97
C MET A 124 -3.88 -13.46 -13.00
N ILE A 125 -3.21 -14.19 -13.90
CA ILE A 125 -2.41 -13.59 -14.97
C ILE A 125 -3.23 -13.31 -16.22
N ARG A 126 -4.07 -14.26 -16.61
CA ARG A 126 -4.93 -14.12 -17.82
C ARG A 126 -5.84 -12.91 -17.70
N GLU A 127 -6.15 -12.59 -16.45
CA GLU A 127 -6.93 -11.43 -16.02
C GLU A 127 -6.33 -10.14 -16.55
N ALA A 128 -5.01 -10.05 -16.45
CA ALA A 128 -4.30 -8.84 -16.88
C ALA A 128 -3.55 -9.06 -18.17
N ASP A 129 -3.14 -10.30 -18.38
CA ASP A 129 -2.37 -10.70 -19.55
C ASP A 129 -3.10 -10.44 -20.86
N ILE A 130 -2.40 -9.69 -21.70
CA ILE A 130 -2.89 -9.28 -23.01
C ILE A 130 -2.49 -10.31 -24.08
N ASP A 131 -1.21 -10.73 -24.06
CA ASP A 131 -0.69 -11.71 -25.01
C ASP A 131 -0.82 -13.15 -24.51
N GLY A 132 -0.87 -13.32 -23.20
CA GLY A 132 -1.02 -14.65 -22.59
C GLY A 132 0.27 -15.43 -22.47
N ASP A 133 1.32 -14.79 -21.91
CA ASP A 133 2.63 -15.43 -21.74
C ASP A 133 2.73 -16.21 -20.42
N GLY A 134 1.84 -15.87 -19.48
CA GLY A 134 1.81 -16.52 -18.17
C GLY A 134 2.44 -15.71 -17.08
N GLN A 135 2.88 -14.54 -17.48
CA GLN A 135 3.49 -13.57 -16.62
C GLN A 135 2.88 -12.19 -16.87
N VAL A 136 2.57 -11.46 -15.80
CA VAL A 136 1.95 -10.14 -15.90
C VAL A 136 2.98 -9.01 -15.92
N ASN A 137 2.74 -8.07 -16.84
CA ASN A 137 3.59 -6.90 -17.00
C ASN A 137 3.00 -5.71 -16.25
N TYR A 138 3.56 -4.53 -16.52
CA TYR A 138 3.12 -3.28 -15.95
C TYR A 138 1.79 -2.87 -16.59
N GLU A 139 1.80 -2.69 -17.91
CA GLU A 139 0.63 -2.27 -18.69
C GLU A 139 -0.57 -3.20 -18.57
N GLU A 140 -0.34 -4.45 -18.18
CA GLU A 140 -1.44 -5.41 -18.04
C GLU A 140 -2.02 -5.32 -16.66
N PHE A 141 -1.13 -5.19 -15.70
CA PHE A 141 -1.48 -5.01 -14.32
C PHE A 141 -2.01 -3.59 -14.11
N VAL A 142 -1.59 -2.71 -15.03
CA VAL A 142 -1.95 -1.28 -14.98
C VAL A 142 -3.30 -0.98 -15.61
N GLN A 143 -3.51 -1.50 -16.81
CA GLN A 143 -4.78 -1.26 -17.50
C GLN A 143 -5.95 -1.90 -16.78
N MET A 144 -5.67 -2.86 -15.90
CA MET A 144 -6.71 -3.54 -15.14
C MET A 144 -7.06 -2.74 -13.88
N MET A 145 -6.14 -1.86 -13.46
CA MET A 145 -6.39 -0.97 -12.32
C MET A 145 -7.15 0.26 -12.84
N THR A 146 -7.15 0.38 -14.18
CA THR A 146 -7.84 1.44 -14.88
C THR A 146 -9.11 0.88 -15.51
N ALA A 147 -8.93 -0.15 -16.38
CA ALA A 147 -10.02 -0.90 -17.06
C ALA A 147 -11.44 -0.32 -16.86
N LYS A 148 -11.97 -0.43 -15.62
CA LYS A 148 -13.30 0.07 -15.27
C LYS A 148 -13.25 1.54 -14.85
N THR B 1 -17.84 -17.32 -3.99
CA THR B 1 -17.67 -17.04 -5.44
C THR B 1 -16.56 -16.00 -5.66
N ARG B 2 -15.60 -16.35 -6.52
CA ARG B 2 -14.47 -15.46 -6.83
C ARG B 2 -14.30 -15.32 -8.33
N LYS B 3 -14.21 -14.07 -8.79
CA LYS B 3 -14.04 -13.77 -10.23
C LYS B 3 -12.89 -12.78 -10.46
N LYS B 4 -12.84 -11.73 -9.62
CA LYS B 4 -11.80 -10.70 -9.72
C LYS B 4 -10.68 -10.96 -8.71
N THR B 5 -9.43 -10.78 -9.16
CA THR B 5 -8.26 -10.99 -8.30
C THR B 5 -7.21 -9.90 -8.54
N PHE B 6 -6.78 -9.75 -9.79
CA PHE B 6 -5.76 -8.76 -10.22
C PHE B 6 -6.13 -7.33 -9.83
N LYS B 7 -7.40 -6.96 -10.01
CA LYS B 7 -7.89 -5.63 -9.66
C LYS B 7 -7.97 -5.48 -8.13
N GLU B 8 -8.28 -6.61 -7.46
CA GLU B 8 -8.36 -6.67 -5.99
C GLU B 8 -6.98 -6.74 -5.32
N VAL B 9 -6.05 -7.50 -5.93
CA VAL B 9 -4.67 -7.68 -5.39
C VAL B 9 -3.92 -6.33 -5.35
N ALA B 10 -4.14 -5.50 -6.39
CA ALA B 10 -3.52 -4.19 -6.52
C ALA B 10 -4.14 -3.17 -5.56
N ASN B 11 -5.48 -3.18 -5.46
CA ASN B 11 -6.22 -2.24 -4.58
C ASN B 11 -5.82 -2.39 -3.11
N ALA B 12 -5.40 -3.60 -2.72
CA ALA B 12 -4.97 -3.90 -1.35
C ALA B 12 -3.56 -3.38 -1.06
N VAL B 13 -2.70 -3.40 -2.08
CA VAL B 13 -1.32 -2.93 -1.94
C VAL B 13 -1.01 -1.73 -2.88
N LYS B 14 -2.05 -0.94 -3.19
CA LYS B 14 -1.90 0.24 -4.07
C LYS B 14 -1.44 1.48 -3.29
N ILE B 15 -1.51 1.41 -1.95
CA ILE B 15 -1.09 2.52 -1.08
C ILE B 15 -0.15 2.03 0.04
N SER B 16 0.62 0.96 -0.25
CA SER B 16 1.56 0.39 0.71
C SER B 16 2.96 0.99 0.54
N ALA B 17 3.39 1.16 -0.71
CA ALA B 17 4.70 1.73 -1.03
C ALA B 17 4.63 3.25 -1.21
N SER B 18 3.56 3.86 -0.67
CA SER B 18 3.33 5.31 -0.76
C SER B 18 4.03 6.07 0.37
N LEU B 19 4.36 5.37 1.45
CA LEU B 19 5.02 5.96 2.61
C LEU B 19 6.56 5.84 2.47
N MET B 20 7.16 6.84 1.81
CA MET B 20 8.60 6.88 1.59
C MET B 20 9.14 8.29 1.82
N GLY B 21 10.39 8.37 2.28
CA GLY B 21 11.03 9.65 2.54
C GLY B 21 12.46 9.51 3.02
N THR B 22 13.34 9.12 2.09
CA THR B 22 14.76 8.94 2.40
C THR B 22 15.64 9.48 1.27
N ALA A 1 -6.77 21.02 7.68
CA ALA A 1 -7.23 19.64 7.38
C ALA A 1 -8.11 19.60 6.14
N ASP A 2 -7.76 18.75 5.17
CA ASP A 2 -8.52 18.62 3.93
C ASP A 2 -8.71 17.13 3.57
N GLN A 3 -9.97 16.75 3.37
CA GLN A 3 -10.33 15.39 3.01
C GLN A 3 -10.21 15.16 1.48
N LEU A 4 -10.05 13.89 1.08
CA LEU A 4 -9.92 13.54 -0.32
C LEU A 4 -11.23 12.90 -0.79
N THR A 5 -11.15 11.61 -1.15
CA THR A 5 -12.28 10.85 -1.59
C THR A 5 -12.79 9.95 -0.46
N GLU A 6 -13.75 9.07 -0.78
CA GLU A 6 -14.35 8.13 0.20
C GLU A 6 -13.31 7.22 0.84
N GLU A 7 -12.20 7.03 0.13
CA GLU A 7 -11.06 6.22 0.62
C GLU A 7 -10.57 6.73 1.96
N GLN A 8 -10.74 8.02 2.14
CA GLN A 8 -10.37 8.71 3.36
C GLN A 8 -11.39 8.41 4.44
N ILE A 9 -12.66 8.52 4.08
CA ILE A 9 -13.76 8.26 4.98
C ILE A 9 -13.78 6.78 5.39
N ALA A 10 -13.36 5.91 4.47
CA ALA A 10 -13.33 4.47 4.69
C ALA A 10 -12.16 4.00 5.56
N GLU A 11 -11.00 4.67 5.48
CA GLU A 11 -9.83 4.23 6.25
C GLU A 11 -9.44 5.17 7.39
N PHE A 12 -9.89 6.43 7.38
CA PHE A 12 -9.56 7.35 8.48
C PHE A 12 -10.33 6.97 9.74
N LYS A 13 -11.36 6.13 9.53
CA LYS A 13 -12.20 5.62 10.57
C LYS A 13 -11.45 4.49 11.28
N GLU A 14 -10.80 3.67 10.44
CA GLU A 14 -10.05 2.52 10.90
C GLU A 14 -8.68 2.86 11.44
N ALA A 15 -7.95 3.71 10.73
CA ALA A 15 -6.61 4.17 11.18
C ALA A 15 -6.75 4.89 12.51
N PHE A 16 -7.99 5.31 12.77
CA PHE A 16 -8.36 5.96 14.01
C PHE A 16 -8.70 4.92 15.06
N SER A 17 -9.60 4.00 14.70
CA SER A 17 -10.08 2.99 15.62
C SER A 17 -9.25 1.72 15.69
N LEU A 18 -8.33 1.51 14.74
CA LEU A 18 -7.52 0.29 14.75
C LEU A 18 -6.60 0.22 15.95
N PHE A 19 -6.20 1.39 16.45
CA PHE A 19 -5.29 1.45 17.59
C PHE A 19 -5.63 2.46 18.68
N ASP A 20 -6.73 3.23 18.56
CA ASP A 20 -7.07 4.21 19.61
C ASP A 20 -7.73 3.55 20.86
N LYS A 21 -7.04 2.54 21.42
CA LYS A 21 -7.51 1.82 22.59
C LYS A 21 -7.13 2.45 23.91
N ASP A 22 -6.14 3.34 23.89
CA ASP A 22 -5.68 4.02 25.08
C ASP A 22 -6.71 5.04 25.54
N GLY A 23 -7.54 5.46 24.57
CA GLY A 23 -8.59 6.44 24.83
C GLY A 23 -7.99 7.83 24.89
N ASP A 24 -7.10 8.05 23.93
CA ASP A 24 -6.32 9.25 23.81
C ASP A 24 -6.73 10.09 22.59
N GLY A 25 -7.96 9.88 22.17
CA GLY A 25 -8.49 10.55 21.00
C GLY A 25 -8.08 9.84 19.72
N THR A 26 -6.86 10.13 19.25
CA THR A 26 -6.32 9.54 18.07
C THR A 26 -5.38 8.38 18.41
N ILE A 27 -4.84 7.73 17.38
CA ILE A 27 -3.95 6.60 17.52
C ILE A 27 -2.51 7.01 17.88
N THR A 28 -1.84 6.13 18.63
CA THR A 28 -0.47 6.32 19.11
C THR A 28 0.58 6.23 17.99
N THR A 29 1.79 6.75 18.29
CA THR A 29 2.91 6.79 17.38
C THR A 29 3.63 5.45 17.29
N LYS A 30 4.07 4.94 18.44
CA LYS A 30 4.73 3.62 18.54
C LYS A 30 3.85 2.53 17.93
N GLU A 31 2.58 2.88 17.71
CA GLU A 31 1.57 1.97 17.16
C GLU A 31 1.11 2.42 15.77
N LEU A 32 1.40 3.69 15.43
CA LEU A 32 1.04 4.29 14.13
C LEU A 32 1.53 3.46 12.95
N GLY A 33 2.77 2.97 13.03
CA GLY A 33 3.31 2.12 11.98
C GLY A 33 2.42 0.93 11.74
N THR A 34 1.88 0.41 12.85
CA THR A 34 1.00 -0.74 12.83
C THR A 34 -0.41 -0.41 12.33
N VAL A 35 -0.90 0.83 12.57
CA VAL A 35 -2.19 1.22 12.06
C VAL A 35 -2.01 1.46 10.57
N MET A 36 -0.77 1.84 10.24
CA MET A 36 -0.30 2.05 8.87
C MET A 36 -0.20 0.71 8.13
N ARG A 37 0.36 -0.29 8.82
CA ARG A 37 0.54 -1.62 8.26
C ARG A 37 -0.76 -2.43 8.24
N SER A 38 -1.66 -2.14 9.19
CA SER A 38 -2.96 -2.82 9.26
C SER A 38 -3.86 -2.47 8.09
N LEU A 39 -3.37 -1.51 7.34
CA LEU A 39 -4.02 -1.03 6.13
C LEU A 39 -3.44 -1.76 4.91
N GLY A 40 -2.40 -2.57 5.16
CA GLY A 40 -1.77 -3.33 4.09
C GLY A 40 -0.45 -2.82 3.65
N GLN A 41 -0.11 -1.75 4.26
CA GLN A 41 1.12 -1.01 4.02
C GLN A 41 2.33 -1.66 4.69
N ASN A 42 3.48 -1.60 4.00
CA ASN A 42 4.73 -2.16 4.50
C ASN A 42 5.83 -1.07 4.51
N PRO A 43 5.72 -0.06 5.43
CA PRO A 43 6.70 1.04 5.54
C PRO A 43 7.93 0.66 6.37
N THR A 44 8.86 1.61 6.52
CA THR A 44 10.08 1.40 7.29
C THR A 44 9.93 2.02 8.67
N GLU A 45 10.81 1.60 9.59
CA GLU A 45 10.83 2.13 10.95
C GLU A 45 11.55 3.45 10.98
N ALA A 46 12.48 3.56 10.04
CA ALA A 46 13.31 4.74 9.92
C ALA A 46 12.50 5.90 9.37
N GLU A 47 11.62 5.56 8.42
CA GLU A 47 10.69 6.51 7.83
C GLU A 47 9.57 6.78 8.81
N LEU A 48 9.29 5.76 9.63
CA LEU A 48 8.34 5.86 10.73
C LEU A 48 8.81 6.90 11.72
N GLN A 49 10.14 7.08 11.73
CA GLN A 49 10.82 8.06 12.59
C GLN A 49 10.92 9.38 11.92
N ASP A 50 10.76 9.29 10.65
CA ASP A 50 10.72 10.44 9.78
C ASP A 50 9.35 11.10 9.93
N MET A 51 8.36 10.26 10.28
CA MET A 51 7.01 10.70 10.56
C MET A 51 6.88 11.11 12.02
N ILE A 52 7.65 10.44 12.90
CA ILE A 52 7.67 10.81 14.33
C ILE A 52 8.46 12.13 14.42
N ASN A 53 9.35 12.30 13.45
CA ASN A 53 10.14 13.53 13.33
C ASN A 53 9.35 14.67 12.68
N GLU A 54 8.48 14.32 11.71
CA GLU A 54 7.68 15.31 11.00
C GLU A 54 6.33 15.60 11.66
N VAL A 55 5.56 14.54 12.00
CA VAL A 55 4.23 14.70 12.59
C VAL A 55 4.29 14.88 14.11
N ASP A 56 5.03 14.01 14.81
CA ASP A 56 5.15 14.09 16.27
C ASP A 56 6.04 15.29 16.65
N ALA A 57 5.86 16.38 15.89
CA ALA A 57 6.61 17.62 16.07
C ALA A 57 5.98 18.53 17.10
N ASP A 58 4.84 18.08 17.53
CA ASP A 58 4.01 18.76 18.51
C ASP A 58 4.24 18.20 19.91
N GLY A 59 4.52 16.89 19.99
CA GLY A 59 4.77 16.22 21.26
C GLY A 59 3.51 15.77 21.98
N ASN A 60 2.58 15.16 21.23
CA ASN A 60 1.33 14.66 21.79
C ASN A 60 1.29 13.13 21.81
N GLY A 61 2.12 12.52 20.96
CA GLY A 61 2.20 11.06 20.86
C GLY A 61 0.95 10.40 20.30
N THR A 62 0.22 11.16 19.50
CA THR A 62 -0.99 10.72 18.87
C THR A 62 -1.08 11.25 17.44
N ILE A 63 -1.98 10.67 16.61
CA ILE A 63 -2.09 11.06 15.20
C ILE A 63 -3.53 11.29 14.73
N ASP A 64 -3.84 12.57 14.44
CA ASP A 64 -5.14 13.00 13.88
C ASP A 64 -5.53 12.17 12.65
N PHE A 65 -6.85 11.95 12.49
CA PHE A 65 -7.38 11.13 11.40
C PHE A 65 -7.73 11.91 10.11
N PRO A 66 -8.31 13.17 10.16
CA PRO A 66 -8.63 13.93 8.94
C PRO A 66 -7.39 14.40 8.17
N GLU A 67 -6.25 14.40 8.89
CA GLU A 67 -4.98 14.82 8.34
C GLU A 67 -4.00 13.65 8.10
N PHE A 68 -4.46 12.40 8.29
CA PHE A 68 -3.59 11.23 8.12
C PHE A 68 -3.49 10.75 6.68
N LEU A 69 -4.61 10.36 6.09
CA LEU A 69 -4.59 9.92 4.70
C LEU A 69 -4.09 11.01 3.80
N THR A 70 -4.38 12.22 4.23
CA THR A 70 -3.91 13.43 3.63
C THR A 70 -2.41 13.43 3.61
N MET A 71 -1.79 12.93 4.70
CA MET A 71 -0.34 12.83 4.75
C MET A 71 0.10 11.61 3.92
N MET A 72 -0.86 10.70 3.67
CA MET A 72 -0.63 9.52 2.84
C MET A 72 -0.90 9.82 1.38
N ALA A 73 -1.68 10.86 1.13
CA ALA A 73 -1.98 11.26 -0.22
C ALA A 73 -0.81 12.05 -0.77
N ARG A 74 -0.14 12.81 0.11
CA ARG A 74 1.00 13.61 -0.31
C ARG A 74 2.32 12.84 -0.37
N LYS A 75 2.41 11.67 0.26
CA LYS A 75 3.64 10.89 0.23
C LYS A 75 3.76 10.04 -1.06
N MET A 76 2.63 9.89 -1.77
CA MET A 76 2.58 9.07 -2.97
C MET A 76 2.34 9.91 -4.23
N LYS A 77 1.60 11.00 -4.05
CA LYS A 77 1.24 11.92 -5.10
C LYS A 77 2.39 12.84 -5.54
N ASP A 78 3.39 13.03 -4.67
CA ASP A 78 4.54 13.91 -4.96
C ASP A 78 5.82 13.15 -5.32
N THR A 79 5.84 11.83 -5.03
CA THR A 79 7.01 10.99 -5.30
C THR A 79 7.15 10.63 -6.81
N ASP A 80 7.17 11.67 -7.67
CA ASP A 80 7.31 11.53 -9.14
C ASP A 80 6.18 10.69 -9.76
N SER A 81 5.44 11.31 -10.68
CA SER A 81 4.32 10.65 -11.37
C SER A 81 4.77 9.79 -12.55
N GLU A 82 6.03 9.97 -12.96
CA GLU A 82 6.62 9.25 -14.08
C GLU A 82 7.17 7.90 -13.59
N GLU A 83 7.87 8.00 -12.47
CA GLU A 83 8.48 6.84 -11.79
C GLU A 83 7.43 5.96 -11.08
N GLU A 84 6.23 6.51 -10.85
CA GLU A 84 5.14 5.79 -10.17
C GLU A 84 4.69 4.54 -10.93
N ILE A 85 4.97 4.53 -12.22
CA ILE A 85 4.62 3.40 -13.09
C ILE A 85 5.73 2.34 -13.09
N ARG A 86 6.97 2.79 -13.36
CA ARG A 86 8.14 1.90 -13.39
C ARG A 86 8.51 1.35 -12.02
N GLU A 87 7.99 1.99 -10.97
CA GLU A 87 8.21 1.54 -9.61
C GLU A 87 7.36 0.29 -9.34
N ALA A 88 6.34 0.10 -10.18
CA ALA A 88 5.45 -1.05 -10.08
C ALA A 88 6.20 -2.34 -10.34
N PHE A 89 7.31 -2.23 -11.08
CA PHE A 89 8.19 -3.36 -11.32
C PHE A 89 9.10 -3.47 -10.10
N ARG A 90 9.21 -2.35 -9.38
CA ARG A 90 9.94 -2.31 -8.13
C ARG A 90 9.03 -2.84 -7.03
N VAL A 91 7.72 -2.82 -7.34
CA VAL A 91 6.69 -3.30 -6.47
C VAL A 91 6.40 -4.78 -6.66
N PHE A 92 6.12 -5.19 -7.90
CA PHE A 92 5.76 -6.57 -8.19
C PHE A 92 6.90 -7.43 -8.76
N ASP A 93 7.66 -6.91 -9.72
CA ASP A 93 8.78 -7.64 -10.36
C ASP A 93 9.84 -8.06 -9.34
N LYS A 94 9.70 -9.30 -8.87
CA LYS A 94 10.63 -9.83 -7.85
C LYS A 94 11.86 -10.48 -8.46
N ASP A 95 11.63 -11.39 -9.41
CA ASP A 95 12.70 -12.15 -10.01
C ASP A 95 13.60 -11.34 -10.96
N GLY A 96 13.26 -10.07 -11.06
CA GLY A 96 13.98 -9.11 -11.92
C GLY A 96 14.19 -9.57 -13.36
N ASN A 97 13.24 -10.34 -13.89
CA ASN A 97 13.31 -10.85 -15.26
C ASN A 97 12.50 -9.99 -16.24
N GLY A 98 11.78 -9.00 -15.71
CA GLY A 98 10.98 -8.12 -16.53
C GLY A 98 9.51 -8.49 -16.52
N TYR A 99 9.27 -9.72 -16.13
CA TYR A 99 7.92 -10.28 -16.04
C TYR A 99 7.65 -10.74 -14.61
N ILE A 100 6.63 -10.13 -13.98
CA ILE A 100 6.22 -10.47 -12.62
C ILE A 100 5.40 -11.78 -12.65
N SER A 101 6.09 -12.89 -12.35
CA SER A 101 5.50 -14.22 -12.34
C SER A 101 4.70 -14.49 -11.08
N ALA A 102 3.94 -15.61 -11.12
CA ALA A 102 3.07 -16.04 -10.02
C ALA A 102 3.81 -16.32 -8.72
N ALA A 103 5.13 -16.43 -8.79
CA ALA A 103 5.94 -16.70 -7.61
C ALA A 103 6.32 -15.41 -6.98
N GLU A 104 6.43 -14.43 -7.86
CA GLU A 104 6.81 -13.09 -7.50
C GLU A 104 5.67 -12.34 -6.92
N LEU A 105 4.51 -12.49 -7.52
CA LEU A 105 3.33 -11.86 -7.00
C LEU A 105 3.03 -12.48 -5.64
N ARG A 106 3.34 -13.77 -5.56
CA ARG A 106 3.20 -14.51 -4.33
C ARG A 106 4.27 -14.06 -3.36
N HIS A 107 5.47 -13.91 -3.88
CA HIS A 107 6.59 -13.45 -3.10
C HIS A 107 6.37 -11.99 -2.78
N VAL A 108 5.53 -11.36 -3.61
CA VAL A 108 5.17 -9.96 -3.40
C VAL A 108 4.30 -9.92 -2.20
N MET A 109 3.28 -10.74 -2.31
CA MET A 109 2.31 -10.91 -1.28
C MET A 109 2.91 -11.39 0.01
N THR A 110 3.88 -12.29 -0.06
CA THR A 110 4.49 -12.78 1.17
C THR A 110 5.40 -11.71 1.77
N ASN A 111 5.78 -10.73 0.92
CA ASN A 111 6.58 -9.60 1.37
C ASN A 111 5.65 -8.55 1.97
N LEU A 112 4.56 -8.28 1.24
CA LEU A 112 3.59 -7.30 1.63
C LEU A 112 2.66 -7.78 2.75
N GLY A 113 2.45 -9.10 2.80
CA GLY A 113 1.61 -9.67 3.85
C GLY A 113 0.69 -10.82 3.44
N GLU A 114 0.50 -11.13 2.13
CA GLU A 114 -0.40 -12.21 1.76
C GLU A 114 0.29 -13.49 1.41
N LYS A 115 -0.45 -14.58 1.63
CA LYS A 115 -0.01 -15.89 1.26
C LYS A 115 -0.84 -16.34 0.10
N LEU A 116 -0.14 -16.74 -0.94
CA LEU A 116 -0.75 -17.13 -2.18
C LEU A 116 -0.15 -18.42 -2.75
N THR A 117 -1.00 -19.46 -2.84
CA THR A 117 -0.61 -20.76 -3.36
C THR A 117 -0.43 -20.73 -4.87
N ASP A 118 -0.16 -21.91 -5.42
CA ASP A 118 0.09 -22.07 -6.85
C ASP A 118 -1.16 -21.96 -7.72
N GLU A 119 -2.28 -22.48 -7.24
CA GLU A 119 -3.54 -22.44 -7.99
C GLU A 119 -4.33 -21.15 -7.77
N GLU A 120 -4.00 -20.40 -6.72
CA GLU A 120 -4.68 -19.14 -6.43
C GLU A 120 -4.05 -17.97 -7.22
N VAL A 121 -2.83 -18.20 -7.72
CA VAL A 121 -2.11 -17.18 -8.53
C VAL A 121 -2.52 -17.23 -9.98
N ASP A 122 -2.93 -18.43 -10.41
CA ASP A 122 -3.38 -18.67 -11.80
C ASP A 122 -4.78 -18.08 -12.04
N GLU A 123 -5.03 -16.95 -11.37
CA GLU A 123 -6.26 -16.19 -11.44
C GLU A 123 -5.91 -14.72 -11.44
N MET A 124 -5.21 -14.30 -10.37
CA MET A 124 -4.72 -12.92 -10.17
C MET A 124 -3.92 -12.43 -11.39
N ILE A 125 -3.39 -13.38 -12.15
CA ILE A 125 -2.63 -13.09 -13.35
C ILE A 125 -3.52 -12.95 -14.58
N ARG A 126 -4.45 -13.88 -14.72
CA ARG A 126 -5.38 -13.90 -15.86
C ARG A 126 -6.24 -12.64 -15.92
N GLU A 127 -6.51 -12.11 -14.73
CA GLU A 127 -7.28 -10.87 -14.54
C GLU A 127 -6.50 -9.69 -15.09
N ALA A 128 -5.17 -9.75 -14.94
CA ALA A 128 -4.28 -8.69 -15.37
C ALA A 128 -3.69 -8.98 -16.75
N ASP A 129 -3.46 -10.25 -16.97
CA ASP A 129 -2.86 -10.78 -18.19
C ASP A 129 -3.66 -10.49 -19.45
N ILE A 130 -2.94 -9.92 -20.42
CA ILE A 130 -3.48 -9.54 -21.73
C ILE A 130 -3.36 -10.72 -22.71
N ASP A 131 -2.14 -11.29 -22.81
CA ASP A 131 -1.87 -12.41 -23.70
C ASP A 131 -2.07 -13.77 -23.03
N GLY A 132 -1.94 -13.80 -21.69
CA GLY A 132 -2.14 -15.03 -20.93
C GLY A 132 -0.91 -15.91 -20.86
N ASP A 133 0.25 -15.33 -20.51
CA ASP A 133 1.51 -16.06 -20.42
C ASP A 133 1.75 -16.64 -19.01
N GLY A 134 1.06 -16.07 -18.02
CA GLY A 134 1.17 -16.51 -16.64
C GLY A 134 2.12 -15.68 -15.82
N GLN A 135 2.49 -14.57 -16.41
CA GLN A 135 3.37 -13.60 -15.81
C GLN A 135 2.84 -12.20 -16.12
N VAL A 136 2.63 -11.41 -15.07
CA VAL A 136 2.08 -10.06 -15.20
C VAL A 136 3.17 -9.01 -15.43
N ASN A 137 2.91 -8.14 -16.42
CA ASN A 137 3.82 -7.06 -16.80
C ASN A 137 3.37 -5.74 -16.19
N TYR A 138 3.94 -4.64 -16.71
CA TYR A 138 3.61 -3.29 -16.29
C TYR A 138 2.15 -2.95 -16.65
N GLU A 139 1.82 -3.07 -17.96
CA GLU A 139 0.47 -2.76 -18.47
C GLU A 139 -0.61 -3.69 -17.95
N GLU A 140 -0.22 -4.87 -17.49
CA GLU A 140 -1.20 -5.80 -16.94
C GLU A 140 -1.45 -5.48 -15.49
N PHE A 141 -0.39 -5.08 -14.83
CA PHE A 141 -0.44 -4.65 -13.45
C PHE A 141 -1.03 -3.24 -13.39
N VAL A 142 -0.90 -2.53 -14.51
CA VAL A 142 -1.37 -1.14 -14.63
C VAL A 142 -2.82 -1.04 -15.01
N GLN A 143 -3.26 -1.92 -15.90
CA GLN A 143 -4.67 -1.95 -16.33
C GLN A 143 -5.66 -1.85 -15.16
N MET A 144 -5.31 -2.43 -14.00
CA MET A 144 -6.20 -2.36 -12.82
C MET A 144 -6.44 -0.91 -12.38
N MET A 145 -5.49 -0.03 -12.72
CA MET A 145 -5.60 1.39 -12.40
C MET A 145 -6.47 2.12 -13.45
N THR A 146 -6.86 1.39 -14.51
CA THR A 146 -7.69 1.94 -15.57
C THR A 146 -8.89 1.05 -15.91
N ALA A 147 -8.72 -0.28 -15.79
CA ALA A 147 -9.79 -1.28 -16.05
C ALA A 147 -11.10 -0.96 -15.33
N LYS A 148 -11.00 -0.33 -14.15
CA LYS A 148 -12.17 0.05 -13.34
C LYS A 148 -12.91 1.25 -13.95
N THR B 1 -8.42 -10.07 3.57
CA THR B 1 -8.01 -11.43 4.02
C THR B 1 -7.87 -12.39 2.83
N ARG B 2 -8.86 -12.36 1.93
CA ARG B 2 -8.86 -13.21 0.74
C ARG B 2 -8.86 -12.37 -0.53
N LYS B 3 -7.85 -12.59 -1.37
CA LYS B 3 -7.71 -11.85 -2.65
C LYS B 3 -7.30 -12.80 -3.77
N LYS B 4 -7.94 -12.63 -4.93
CA LYS B 4 -7.66 -13.47 -6.11
C LYS B 4 -7.50 -12.63 -7.38
N THR B 5 -7.66 -11.31 -7.25
CA THR B 5 -7.53 -10.39 -8.40
C THR B 5 -6.53 -9.28 -8.12
N PHE B 6 -5.96 -8.71 -9.21
CA PHE B 6 -4.99 -7.61 -9.09
C PHE B 6 -5.68 -6.31 -8.66
N LYS B 7 -6.96 -6.18 -9.02
CA LYS B 7 -7.77 -5.00 -8.66
C LYS B 7 -7.89 -4.86 -7.13
N GLU B 8 -8.01 -6.01 -6.44
CA GLU B 8 -8.13 -6.07 -4.98
C GLU B 8 -6.77 -5.86 -4.27
N VAL B 9 -5.69 -6.40 -4.87
CA VAL B 9 -4.33 -6.28 -4.29
C VAL B 9 -3.78 -4.85 -4.39
N ALA B 10 -4.23 -4.11 -5.43
CA ALA B 10 -3.79 -2.73 -5.69
C ALA B 10 -3.93 -1.79 -4.48
N ASN B 11 -4.96 -2.04 -3.65
CA ASN B 11 -5.19 -1.21 -2.46
C ASN B 11 -4.15 -1.49 -1.37
N ALA B 12 -3.76 -2.77 -1.24
CA ALA B 12 -2.77 -3.20 -0.25
C ALA B 12 -1.32 -2.91 -0.65
N VAL B 13 -0.99 -3.06 -1.94
CA VAL B 13 0.39 -2.84 -2.42
C VAL B 13 0.52 -1.56 -3.27
N LYS B 14 -0.33 -1.40 -4.31
CA LYS B 14 -0.26 -0.22 -5.19
C LYS B 14 -0.63 1.07 -4.44
N ILE B 15 0.40 1.69 -3.85
CA ILE B 15 0.26 2.94 -3.08
C ILE B 15 1.65 3.63 -2.96
N SER B 16 2.48 3.48 -4.03
CA SER B 16 3.84 4.05 -4.11
C SER B 16 4.77 3.43 -3.04
N ALA B 17 4.61 2.10 -2.83
CA ALA B 17 5.40 1.32 -1.85
C ALA B 17 5.17 1.80 -0.41
N SER B 18 4.03 2.50 -0.19
CA SER B 18 3.63 3.06 1.12
C SER B 18 4.72 3.95 1.72
N LEU B 19 4.56 5.27 1.51
CA LEU B 19 5.51 6.31 1.99
C LEU B 19 6.99 5.92 1.75
N MET B 20 7.41 6.04 0.48
CA MET B 20 8.77 5.71 0.07
C MET B 20 9.36 6.83 -0.78
N GLY B 21 10.60 7.23 -0.47
CA GLY B 21 11.27 8.28 -1.23
C GLY B 21 11.97 9.28 -0.32
N THR B 22 12.22 10.47 -0.87
CA THR B 22 12.90 11.54 -0.12
C THR B 22 12.23 12.89 -0.39
N ALA A 1 -15.80 14.80 7.40
CA ALA A 1 -14.97 15.99 7.07
C ALA A 1 -14.20 15.79 5.76
N ASP A 2 -13.63 14.57 5.58
CA ASP A 2 -12.85 14.19 4.38
C ASP A 2 -11.57 15.04 4.24
N GLN A 3 -10.43 14.36 4.12
CA GLN A 3 -9.13 15.02 3.97
C GLN A 3 -8.81 15.28 2.51
N LEU A 4 -8.55 14.20 1.79
CA LEU A 4 -8.24 14.23 0.40
C LEU A 4 -9.31 13.47 -0.39
N THR A 5 -8.88 12.40 -1.06
CA THR A 5 -9.74 11.55 -1.85
C THR A 5 -10.07 10.27 -1.08
N GLU A 6 -10.74 9.32 -1.74
CA GLU A 6 -11.13 8.04 -1.11
C GLU A 6 -9.93 7.26 -0.58
N GLU A 7 -8.74 7.57 -1.10
CA GLU A 7 -7.49 6.92 -0.66
C GLU A 7 -7.31 7.03 0.85
N GLN A 8 -7.72 8.17 1.39
CA GLN A 8 -7.68 8.41 2.83
C GLN A 8 -8.79 7.64 3.52
N ILE A 9 -9.97 7.79 2.94
CA ILE A 9 -11.15 7.12 3.40
C ILE A 9 -10.96 5.60 3.43
N ALA A 10 -10.20 5.11 2.44
CA ALA A 10 -9.91 3.70 2.28
C ALA A 10 -9.08 3.06 3.41
N GLU A 11 -7.95 3.68 3.83
CA GLU A 11 -7.11 3.03 4.86
C GLU A 11 -6.62 3.95 5.96
N PHE A 12 -6.58 5.26 5.75
CA PHE A 12 -6.13 6.14 6.82
C PHE A 12 -7.13 6.14 7.97
N LYS A 13 -8.35 5.63 7.67
CA LYS A 13 -9.42 5.51 8.64
C LYS A 13 -9.09 4.41 9.63
N GLU A 14 -8.57 3.30 9.06
CA GLU A 14 -8.21 2.12 9.85
C GLU A 14 -7.03 2.38 10.77
N ALA A 15 -6.06 3.10 10.26
CA ALA A 15 -4.86 3.50 11.04
C ALA A 15 -5.29 4.30 12.26
N PHE A 16 -6.49 4.89 12.18
CA PHE A 16 -7.06 5.63 13.29
C PHE A 16 -7.83 4.69 14.21
N SER A 17 -8.59 3.78 13.63
CA SER A 17 -9.39 2.85 14.41
C SER A 17 -8.65 1.59 14.83
N LEU A 18 -7.48 1.32 14.24
CA LEU A 18 -6.71 0.14 14.59
C LEU A 18 -6.09 0.27 15.98
N PHE A 19 -5.80 1.52 16.36
CA PHE A 19 -5.20 1.77 17.64
C PHE A 19 -5.94 2.80 18.51
N ASP A 20 -6.91 3.56 17.96
CA ASP A 20 -7.64 4.54 18.77
C ASP A 20 -9.02 4.00 19.18
N LYS A 21 -9.04 3.07 20.15
CA LYS A 21 -10.30 2.49 20.60
C LYS A 21 -10.97 3.28 21.69
N ASP A 22 -10.18 4.10 22.37
CA ASP A 22 -10.66 4.96 23.44
C ASP A 22 -11.52 6.08 22.90
N GLY A 23 -11.32 6.39 21.61
CA GLY A 23 -12.08 7.46 20.95
C GLY A 23 -11.47 8.80 21.27
N ASP A 24 -10.16 8.86 21.06
CA ASP A 24 -9.34 10.01 21.37
C ASP A 24 -9.05 10.84 20.12
N GLY A 25 -9.92 10.70 19.14
CA GLY A 25 -9.78 11.39 17.87
C GLY A 25 -8.89 10.62 16.91
N THR A 26 -7.57 10.76 17.11
CA THR A 26 -6.60 10.07 16.30
C THR A 26 -5.72 9.15 17.13
N ILE A 27 -4.84 8.40 16.46
CA ILE A 27 -3.95 7.44 17.09
C ILE A 27 -2.67 8.07 17.65
N THR A 28 -2.16 7.45 18.73
CA THR A 28 -0.95 7.85 19.42
C THR A 28 0.32 7.68 18.58
N THR A 29 1.38 8.39 18.99
CA THR A 29 2.68 8.35 18.33
C THR A 29 3.47 7.10 18.63
N LYS A 30 3.67 6.85 19.93
CA LYS A 30 4.36 5.64 20.42
C LYS A 30 3.70 4.36 19.89
N GLU A 31 2.48 4.53 19.35
CA GLU A 31 1.68 3.41 18.83
C GLU A 31 1.48 3.49 17.32
N LEU A 32 1.74 4.68 16.73
CA LEU A 32 1.60 4.91 15.28
C LEU A 32 2.47 3.96 14.47
N GLY A 33 3.71 3.73 14.94
CA GLY A 33 4.60 2.80 14.26
C GLY A 33 3.94 1.45 14.11
N THR A 34 3.23 1.05 15.16
CA THR A 34 2.54 -0.23 15.21
C THR A 34 1.28 -0.25 14.35
N VAL A 35 0.59 0.88 14.18
CA VAL A 35 -0.56 0.93 13.32
C VAL A 35 -0.05 0.90 11.88
N MET A 36 1.19 1.41 11.75
CA MET A 36 1.93 1.42 10.50
C MET A 36 2.43 0.02 10.15
N ARG A 37 2.93 -0.70 11.17
CA ARG A 37 3.47 -2.06 10.98
C ARG A 37 2.38 -3.13 10.94
N SER A 38 1.27 -2.88 11.64
CA SER A 38 0.14 -3.83 11.66
C SER A 38 -0.52 -3.95 10.29
N LEU A 39 -0.08 -3.09 9.42
CA LEU A 39 -0.54 -3.04 8.03
C LEU A 39 0.40 -3.88 7.15
N GLY A 40 1.51 -4.34 7.74
CA GLY A 40 2.46 -5.16 7.01
C GLY A 40 3.80 -4.54 6.80
N GLN A 41 3.84 -3.31 7.16
CA GLN A 41 5.02 -2.46 7.03
C GLN A 41 6.08 -2.78 8.09
N ASN A 42 7.35 -2.76 7.67
CA ASN A 42 8.46 -3.05 8.56
C ASN A 42 9.53 -1.91 8.54
N PRO A 43 9.15 -0.66 8.99
CA PRO A 43 10.09 0.47 9.04
C PRO A 43 10.92 0.48 10.33
N THR A 44 11.77 1.49 10.52
CA THR A 44 12.59 1.58 11.73
C THR A 44 12.01 2.59 12.69
N GLU A 45 12.76 2.77 13.76
CA GLU A 45 12.47 3.71 14.79
C GLU A 45 12.95 5.07 14.36
N ALA A 46 13.93 5.02 13.45
CA ALA A 46 14.56 6.24 12.96
C ALA A 46 13.60 7.05 12.10
N GLU A 47 12.70 6.34 11.44
CA GLU A 47 11.66 6.94 10.61
C GLU A 47 10.48 7.26 11.48
N LEU A 48 10.35 6.46 12.55
CA LEU A 48 9.34 6.69 13.57
C LEU A 48 9.68 7.95 14.34
N GLN A 49 10.96 8.32 14.26
CA GLN A 49 11.48 9.52 14.91
C GLN A 49 11.54 10.66 13.96
N ASP A 50 11.46 10.27 12.74
CA ASP A 50 11.43 11.19 11.62
C ASP A 50 10.00 11.66 11.38
N MET A 51 9.05 10.75 11.64
CA MET A 51 7.63 11.04 11.52
C MET A 51 7.13 11.64 12.81
N ILE A 52 7.68 11.18 13.97
CA ILE A 52 7.31 11.77 15.25
C ILE A 52 7.93 13.17 15.30
N ASN A 53 9.03 13.33 14.54
CA ASN A 53 9.68 14.64 14.39
C ASN A 53 8.77 15.56 13.58
N GLU A 54 8.01 14.96 12.65
CA GLU A 54 7.08 15.69 11.81
C GLU A 54 5.68 15.82 12.47
N VAL A 55 5.35 14.88 13.36
CA VAL A 55 4.05 14.88 14.06
C VAL A 55 4.07 15.78 15.29
N ASP A 56 5.18 15.75 16.06
CA ASP A 56 5.32 16.56 17.26
C ASP A 56 5.48 18.04 16.92
N ALA A 57 4.88 18.41 15.80
CA ALA A 57 4.90 19.78 15.28
C ALA A 57 3.78 20.62 15.85
N ASP A 58 2.96 19.90 16.55
CA ASP A 58 1.76 20.41 17.20
C ASP A 58 1.90 20.31 18.73
N GLY A 59 2.47 19.18 19.19
CA GLY A 59 2.65 18.94 20.62
C GLY A 59 1.42 18.39 21.31
N ASN A 60 0.70 17.49 20.62
CA ASN A 60 -0.52 16.87 21.16
C ASN A 60 -0.30 15.39 21.45
N GLY A 61 0.70 14.81 20.79
CA GLY A 61 1.03 13.39 20.97
C GLY A 61 0.10 12.43 20.25
N THR A 62 -0.49 12.93 19.17
CA THR A 62 -1.41 12.16 18.36
C THR A 62 -1.22 12.47 16.87
N ILE A 63 -1.88 11.69 15.99
CA ILE A 63 -1.74 11.87 14.54
C ILE A 63 -3.05 12.34 13.88
N ASP A 64 -3.33 13.65 14.01
CA ASP A 64 -4.51 14.28 13.38
C ASP A 64 -4.62 13.96 11.88
N PHE A 65 -5.87 13.88 11.38
CA PHE A 65 -6.14 13.50 9.97
C PHE A 65 -5.98 14.64 8.94
N PRO A 66 -6.36 15.93 9.23
CA PRO A 66 -6.22 17.03 8.26
C PRO A 66 -4.76 17.39 7.94
N GLU A 67 -3.86 16.95 8.82
CA GLU A 67 -2.45 17.26 8.70
C GLU A 67 -1.53 16.12 8.21
N PHE A 68 -1.87 14.85 8.48
CA PHE A 68 -0.96 13.75 8.09
C PHE A 68 -1.09 13.24 6.67
N LEU A 69 -2.28 12.97 6.20
CA LEU A 69 -2.42 12.49 4.83
C LEU A 69 -1.90 13.51 3.85
N THR A 70 -2.06 14.75 4.26
CA THR A 70 -1.56 15.89 3.58
C THR A 70 -0.05 15.78 3.41
N MET A 71 0.62 15.22 4.43
CA MET A 71 2.05 14.98 4.33
C MET A 71 2.31 13.77 3.44
N MET A 72 1.29 12.90 3.35
CA MET A 72 1.38 11.70 2.52
C MET A 72 0.95 11.99 1.11
N ALA A 73 0.23 13.07 0.93
CA ALA A 73 -0.20 13.48 -0.40
C ALA A 73 0.92 14.24 -1.06
N ARG A 74 1.79 14.86 -0.24
CA ARG A 74 2.89 15.62 -0.76
C ARG A 74 4.15 14.79 -0.96
N LYS A 75 4.36 13.76 -0.12
CA LYS A 75 5.55 12.93 -0.26
C LYS A 75 5.51 11.97 -1.46
N MET A 76 4.33 11.79 -2.08
CA MET A 76 4.19 10.87 -3.19
C MET A 76 3.78 11.56 -4.50
N LYS A 77 3.12 12.71 -4.36
CA LYS A 77 2.63 13.49 -5.49
C LYS A 77 3.72 14.24 -6.28
N ASP A 78 4.75 14.74 -5.57
CA ASP A 78 5.83 15.52 -6.22
C ASP A 78 7.00 14.64 -6.68
N THR A 79 7.18 13.49 -6.03
CA THR A 79 8.27 12.56 -6.35
C THR A 79 8.01 11.75 -7.65
N ASP A 80 7.78 12.50 -8.75
CA ASP A 80 7.51 11.93 -10.10
C ASP A 80 6.26 11.05 -10.12
N SER A 81 5.32 11.38 -11.01
CA SER A 81 4.07 10.64 -11.17
C SER A 81 4.24 9.42 -12.08
N GLU A 82 5.37 9.37 -12.80
CA GLU A 82 5.70 8.30 -13.71
C GLU A 82 6.27 7.12 -12.93
N GLU A 83 7.15 7.47 -12.00
CA GLU A 83 7.80 6.51 -11.11
C GLU A 83 6.84 5.90 -10.08
N GLU A 84 5.68 6.57 -9.86
CA GLU A 84 4.66 6.11 -8.91
C GLU A 84 4.05 4.77 -9.30
N ILE A 85 4.15 4.46 -10.59
CA ILE A 85 3.63 3.20 -11.15
C ILE A 85 4.69 2.11 -11.05
N ARG A 86 5.91 2.45 -11.52
CA ARG A 86 7.07 1.53 -11.50
C ARG A 86 7.37 0.98 -10.10
N GLU A 87 6.80 1.61 -9.08
CA GLU A 87 6.96 1.22 -7.69
C GLU A 87 6.06 0.05 -7.35
N ALA A 88 5.01 -0.13 -8.14
CA ALA A 88 4.08 -1.24 -7.99
C ALA A 88 4.70 -2.48 -8.60
N PHE A 89 5.68 -2.22 -9.47
CA PHE A 89 6.48 -3.26 -10.09
C PHE A 89 7.59 -3.60 -9.11
N ARG A 90 7.83 -2.63 -8.22
CA ARG A 90 8.76 -2.79 -7.14
C ARG A 90 8.07 -3.65 -6.08
N VAL A 91 6.72 -3.65 -6.15
CA VAL A 91 5.87 -4.41 -5.29
C VAL A 91 5.62 -5.82 -5.84
N PHE A 92 5.15 -5.93 -7.09
CA PHE A 92 4.82 -7.22 -7.68
C PHE A 92 5.91 -7.75 -8.62
N ASP A 93 6.46 -6.88 -9.51
CA ASP A 93 7.52 -7.30 -10.48
C ASP A 93 8.80 -7.70 -9.77
N LYS A 94 8.87 -8.99 -9.48
CA LYS A 94 10.03 -9.56 -8.78
C LYS A 94 11.14 -10.01 -9.70
N ASP A 95 10.79 -10.71 -10.79
CA ASP A 95 11.76 -11.27 -11.69
C ASP A 95 12.49 -10.23 -12.56
N GLY A 96 12.14 -8.99 -12.32
CA GLY A 96 12.71 -7.83 -13.02
C GLY A 96 12.76 -7.94 -14.54
N ASN A 97 11.81 -8.69 -15.11
CA ASN A 97 11.76 -8.90 -16.56
C ASN A 97 10.73 -7.97 -17.22
N GLY A 98 10.01 -7.20 -16.39
CA GLY A 98 9.00 -6.29 -16.90
C GLY A 98 7.60 -6.82 -16.74
N TYR A 99 7.53 -8.12 -16.56
CA TYR A 99 6.28 -8.83 -16.37
C TYR A 99 6.27 -9.59 -15.04
N ILE A 100 5.25 -9.31 -14.21
CA ILE A 100 5.06 -9.96 -12.93
C ILE A 100 4.39 -11.34 -13.17
N SER A 101 5.21 -12.38 -13.20
CA SER A 101 4.75 -13.75 -13.45
C SER A 101 3.99 -14.35 -12.26
N ALA A 102 3.23 -15.41 -12.58
CA ALA A 102 2.38 -16.13 -11.62
C ALA A 102 3.11 -16.68 -10.41
N ALA A 103 4.44 -16.75 -10.47
CA ALA A 103 5.21 -17.28 -9.36
C ALA A 103 5.54 -16.18 -8.40
N GLU A 104 5.64 -15.01 -9.00
CA GLU A 104 5.98 -13.80 -8.31
C GLU A 104 4.81 -13.24 -7.61
N LEU A 105 3.64 -13.28 -8.24
CA LEU A 105 2.44 -12.80 -7.60
C LEU A 105 2.16 -13.73 -6.42
N ARG A 106 2.53 -14.98 -6.62
CA ARG A 106 2.43 -15.99 -5.59
C ARG A 106 3.47 -15.71 -4.54
N HIS A 107 4.68 -15.43 -5.02
CA HIS A 107 5.78 -15.10 -4.16
C HIS A 107 5.48 -13.77 -3.51
N VAL A 108 4.59 -13.02 -4.17
CA VAL A 108 4.15 -11.73 -3.65
C VAL A 108 3.26 -12.02 -2.48
N MET A 109 2.34 -12.92 -2.75
CA MET A 109 1.43 -13.43 -1.74
C MET A 109 2.16 -14.01 -0.56
N THR A 110 3.24 -14.77 -0.83
CA THR A 110 3.99 -15.38 0.26
C THR A 110 4.73 -14.29 1.07
N ASN A 111 4.90 -13.12 0.44
CA ASN A 111 5.51 -11.97 1.09
C ASN A 111 4.49 -11.27 1.98
N LEU A 112 3.27 -11.09 1.43
CA LEU A 112 2.21 -10.43 2.15
C LEU A 112 1.54 -11.37 3.16
N GLY A 113 1.56 -12.67 2.85
CA GLY A 113 0.99 -13.66 3.73
C GLY A 113 0.20 -14.79 3.06
N GLU A 114 -0.06 -14.78 1.73
CA GLU A 114 -0.84 -15.84 1.14
C GLU A 114 -0.02 -16.88 0.42
N LYS A 115 -0.57 -18.08 0.39
CA LYS A 115 0.00 -19.18 -0.32
C LYS A 115 -0.89 -19.49 -1.50
N LEU A 116 -0.26 -19.55 -2.64
CA LEU A 116 -0.95 -19.75 -3.90
C LEU A 116 -0.20 -20.72 -4.82
N THR A 117 -0.84 -21.88 -5.12
CA THR A 117 -0.28 -22.90 -5.98
C THR A 117 -0.16 -22.44 -7.42
N ASP A 118 0.27 -23.37 -8.27
CA ASP A 118 0.49 -23.11 -9.69
C ASP A 118 -0.79 -22.97 -10.51
N GLU A 119 -1.80 -23.77 -10.19
CA GLU A 119 -3.08 -23.73 -10.90
C GLU A 119 -4.05 -22.67 -10.35
N GLU A 120 -3.78 -22.18 -9.14
CA GLU A 120 -4.62 -21.15 -8.53
C GLU A 120 -4.15 -19.75 -8.93
N VAL A 121 -2.91 -19.65 -9.42
CA VAL A 121 -2.34 -18.37 -9.90
C VAL A 121 -2.71 -18.10 -11.34
N ASP A 122 -2.88 -19.18 -12.09
CA ASP A 122 -3.24 -19.13 -13.51
C ASP A 122 -4.69 -18.63 -13.72
N GLU A 123 -5.12 -17.75 -12.80
CA GLU A 123 -6.45 -17.14 -12.83
C GLU A 123 -6.50 -15.77 -12.14
N MET A 124 -5.43 -15.41 -11.40
CA MET A 124 -5.33 -14.10 -10.72
C MET A 124 -4.71 -13.07 -11.65
N ILE A 125 -3.73 -13.52 -12.44
CA ILE A 125 -3.05 -12.65 -13.40
C ILE A 125 -3.80 -12.60 -14.72
N ARG A 126 -4.51 -13.69 -15.05
CA ARG A 126 -5.31 -13.77 -16.29
C ARG A 126 -6.41 -12.71 -16.28
N GLU A 127 -6.78 -12.35 -15.06
CA GLU A 127 -7.77 -11.32 -14.76
C GLU A 127 -7.21 -9.95 -15.10
N ALA A 128 -5.89 -9.87 -15.02
CA ALA A 128 -5.17 -8.65 -15.32
C ALA A 128 -4.53 -8.76 -16.69
N ASP A 129 -4.00 -9.96 -16.96
CA ASP A 129 -3.36 -10.30 -18.23
C ASP A 129 -4.32 -10.17 -19.42
N ILE A 130 -3.88 -9.41 -20.42
CA ILE A 130 -4.65 -9.16 -21.63
C ILE A 130 -4.34 -10.22 -22.70
N ASP A 131 -3.04 -10.48 -22.92
CA ASP A 131 -2.58 -11.45 -23.92
C ASP A 131 -2.83 -12.91 -23.48
N GLY A 132 -2.92 -13.12 -22.17
CA GLY A 132 -3.19 -14.45 -21.63
C GLY A 132 -1.99 -15.40 -21.67
N ASP A 133 -0.83 -14.91 -21.20
CA ASP A 133 0.40 -15.71 -21.17
C ASP A 133 0.76 -16.13 -19.74
N GLY A 134 0.09 -15.50 -18.77
CA GLY A 134 0.31 -15.78 -17.35
C GLY A 134 1.40 -14.94 -16.74
N GLN A 135 1.67 -13.85 -17.42
CA GLN A 135 2.67 -12.87 -17.03
C GLN A 135 2.09 -11.47 -17.27
N VAL A 136 1.87 -10.75 -16.18
CA VAL A 136 1.23 -9.43 -16.22
C VAL A 136 2.21 -8.26 -16.33
N ASN A 137 1.80 -7.27 -17.15
CA ASN A 137 2.56 -6.05 -17.40
C ASN A 137 1.94 -4.86 -16.69
N TYR A 138 2.35 -3.67 -17.14
CA TYR A 138 1.86 -2.39 -16.65
C TYR A 138 0.37 -2.21 -16.94
N GLU A 139 0.01 -2.15 -18.24
CA GLU A 139 -1.39 -1.98 -18.68
C GLU A 139 -2.30 -3.11 -18.20
N GLU A 140 -1.70 -4.24 -17.83
CA GLU A 140 -2.49 -5.37 -17.34
C GLU A 140 -2.72 -5.23 -15.85
N PHE A 141 -1.67 -4.82 -15.16
CA PHE A 141 -1.71 -4.53 -13.73
C PHE A 141 -2.46 -3.23 -13.51
N VAL A 142 -2.49 -2.41 -14.57
CA VAL A 142 -3.15 -1.09 -14.52
C VAL A 142 -4.62 -1.20 -14.81
N GLN A 143 -4.97 -1.98 -15.81
CA GLN A 143 -6.39 -2.17 -16.16
C GLN A 143 -7.18 -2.70 -14.97
N MET A 144 -6.56 -3.55 -14.14
CA MET A 144 -7.24 -4.12 -12.96
C MET A 144 -7.60 -3.01 -11.94
N MET A 145 -6.95 -1.84 -12.05
CA MET A 145 -7.27 -0.71 -11.18
C MET A 145 -8.38 0.17 -11.82
N THR A 146 -8.78 -0.19 -13.07
CA THR A 146 -9.82 0.54 -13.78
C THR A 146 -10.89 -0.39 -14.37
N ALA A 147 -10.49 -1.60 -14.78
CA ALA A 147 -11.42 -2.62 -15.34
C ALA A 147 -12.72 -2.78 -14.54
N LYS A 148 -12.64 -2.58 -13.21
CA LYS A 148 -13.79 -2.70 -12.32
C LYS A 148 -14.64 -1.42 -12.35
N THR B 1 -6.14 -11.23 3.66
CA THR B 1 -6.23 -11.07 2.18
C THR B 1 -6.91 -12.27 1.55
N ARG B 2 -7.73 -12.00 0.53
CA ARG B 2 -8.45 -13.06 -0.19
C ARG B 2 -7.85 -13.30 -1.57
N LYS B 3 -7.96 -14.54 -2.06
CA LYS B 3 -7.43 -14.92 -3.36
C LYS B 3 -8.54 -14.92 -4.42
N LYS B 4 -8.48 -13.94 -5.34
CA LYS B 4 -9.48 -13.82 -6.41
C LYS B 4 -8.86 -13.29 -7.72
N THR B 5 -8.48 -12.00 -7.73
CA THR B 5 -7.91 -11.35 -8.93
C THR B 5 -6.77 -10.39 -8.57
N PHE B 6 -6.09 -9.83 -9.59
CA PHE B 6 -5.01 -8.85 -9.38
C PHE B 6 -5.59 -7.55 -8.80
N LYS B 7 -6.88 -7.31 -9.11
CA LYS B 7 -7.63 -6.12 -8.65
C LYS B 7 -7.62 -6.00 -7.11
N GLU B 8 -7.97 -7.11 -6.42
CA GLU B 8 -8.04 -7.15 -4.96
C GLU B 8 -6.66 -7.24 -4.28
N VAL B 9 -5.71 -7.95 -4.91
CA VAL B 9 -4.36 -8.12 -4.34
C VAL B 9 -3.55 -6.81 -4.43
N ALA B 10 -3.71 -6.10 -5.57
CA ALA B 10 -3.04 -4.82 -5.83
C ALA B 10 -3.64 -3.67 -5.02
N ASN B 11 -4.99 -3.67 -4.89
CA ASN B 11 -5.70 -2.62 -4.13
C ASN B 11 -5.26 -2.57 -2.67
N ALA B 12 -4.82 -3.71 -2.14
CA ALA B 12 -4.33 -3.82 -0.76
C ALA B 12 -2.93 -3.23 -0.60
N VAL B 13 -2.10 -3.41 -1.63
CA VAL B 13 -0.72 -2.90 -1.60
C VAL B 13 -0.46 -1.88 -2.75
N LYS B 14 -1.51 -1.12 -3.14
CA LYS B 14 -1.41 -0.11 -4.21
C LYS B 14 -0.79 1.19 -3.67
N ILE B 15 -1.22 1.62 -2.48
CA ILE B 15 -0.71 2.85 -1.85
C ILE B 15 0.19 2.52 -0.64
N SER B 16 1.06 1.51 -0.83
CA SER B 16 1.99 1.07 0.23
C SER B 16 3.36 1.74 0.08
N ALA B 17 3.74 2.06 -1.17
CA ALA B 17 5.02 2.70 -1.45
C ALA B 17 4.93 4.23 -1.40
N SER B 18 3.87 4.74 -0.76
CA SER B 18 3.63 6.18 -0.62
C SER B 18 4.29 6.75 0.64
N LEU B 19 4.57 5.88 1.61
CA LEU B 19 5.21 6.28 2.87
C LEU B 19 6.74 6.24 2.77
N MET B 20 7.25 5.65 1.68
CA MET B 20 8.69 5.55 1.44
C MET B 20 9.16 6.64 0.50
N GLY B 21 10.24 7.33 0.89
CA GLY B 21 10.79 8.40 0.09
C GLY B 21 12.25 8.69 0.41
N THR B 22 12.66 9.94 0.20
CA THR B 22 14.04 10.36 0.47
C THR B 22 14.07 11.73 1.16
N ALA A 1 -11.69 16.77 9.13
CA ALA A 1 -11.90 18.15 8.62
C ALA A 1 -11.54 18.24 7.13
N ASP A 2 -10.43 17.61 6.75
CA ASP A 2 -9.96 17.62 5.35
C ASP A 2 -9.50 16.22 4.92
N GLN A 3 -10.35 15.55 4.13
CA GLN A 3 -10.07 14.22 3.61
C GLN A 3 -9.39 14.31 2.23
N LEU A 4 -8.70 13.24 1.82
CA LEU A 4 -8.04 13.21 0.54
C LEU A 4 -8.83 12.33 -0.41
N THR A 5 -8.24 11.19 -0.78
CA THR A 5 -8.84 10.24 -1.66
C THR A 5 -9.40 9.06 -0.86
N GLU A 6 -9.87 8.03 -1.56
CA GLU A 6 -10.45 6.82 -0.93
C GLU A 6 -9.46 6.10 -0.03
N GLU A 7 -8.18 6.32 -0.27
CA GLU A 7 -7.09 5.72 0.54
C GLU A 7 -7.27 6.04 2.02
N GLN A 8 -7.79 7.23 2.26
CA GLN A 8 -8.09 7.72 3.60
C GLN A 8 -9.34 7.07 4.12
N ILE A 9 -10.33 7.05 3.25
CA ILE A 9 -11.61 6.47 3.53
C ILE A 9 -11.53 4.95 3.70
N ALA A 10 -10.62 4.33 2.97
CA ALA A 10 -10.41 2.89 2.97
C ALA A 10 -9.58 2.32 4.13
N GLU A 11 -8.44 2.96 4.51
CA GLU A 11 -7.58 2.38 5.56
C GLU A 11 -7.13 3.35 6.60
N PHE A 12 -6.87 4.59 6.19
CA PHE A 12 -6.45 5.63 7.12
C PHE A 12 -7.55 5.90 8.16
N LYS A 13 -8.77 5.40 7.85
CA LYS A 13 -9.91 5.49 8.72
C LYS A 13 -9.68 4.52 9.88
N GLU A 14 -9.11 3.36 9.51
CA GLU A 14 -8.77 2.31 10.46
C GLU A 14 -7.62 2.72 11.35
N ALA A 15 -6.57 3.23 10.71
CA ALA A 15 -5.38 3.75 11.44
C ALA A 15 -5.82 4.87 12.37
N PHE A 16 -7.02 5.37 12.09
CA PHE A 16 -7.67 6.39 12.88
C PHE A 16 -8.45 5.72 14.02
N SER A 17 -9.29 4.75 13.66
CA SER A 17 -10.13 4.04 14.60
C SER A 17 -9.50 2.82 15.27
N LEU A 18 -8.37 2.33 14.77
CA LEU A 18 -7.73 1.13 15.35
C LEU A 18 -7.31 1.33 16.81
N PHE A 19 -6.96 2.55 17.15
CA PHE A 19 -6.53 2.88 18.51
C PHE A 19 -7.23 4.09 19.13
N ASP A 20 -8.08 4.80 18.36
CA ASP A 20 -8.75 6.01 18.89
C ASP A 20 -9.95 5.71 19.81
N LYS A 21 -9.71 4.94 20.88
CA LYS A 21 -10.75 4.61 21.85
C LYS A 21 -10.93 5.67 22.93
N ASP A 22 -9.94 6.53 23.08
CA ASP A 22 -9.98 7.60 24.05
C ASP A 22 -10.97 8.68 23.63
N GLY A 23 -11.23 8.72 22.32
CA GLY A 23 -12.17 9.70 21.75
C GLY A 23 -11.54 11.08 21.74
N ASP A 24 -10.28 11.08 21.33
CA ASP A 24 -9.43 12.24 21.31
C ASP A 24 -9.10 12.71 19.90
N GLY A 25 -9.96 12.35 18.98
CA GLY A 25 -9.77 12.67 17.58
C GLY A 25 -8.85 11.65 16.93
N THR A 26 -7.54 11.87 17.05
CA THR A 26 -6.55 10.96 16.53
C THR A 26 -5.76 10.34 17.69
N ILE A 27 -4.84 9.43 17.36
CA ILE A 27 -4.06 8.70 18.33
C ILE A 27 -2.65 9.21 18.52
N THR A 28 -2.13 9.00 19.74
CA THR A 28 -0.79 9.42 20.14
C THR A 28 0.33 8.99 19.19
N THR A 29 1.43 9.74 19.24
CA THR A 29 2.60 9.51 18.41
C THR A 29 3.27 8.16 18.66
N LYS A 30 3.61 7.93 19.92
CA LYS A 30 4.20 6.66 20.36
C LYS A 30 3.28 5.47 20.01
N GLU A 31 2.04 5.79 19.66
CA GLU A 31 1.03 4.77 19.34
C GLU A 31 0.77 4.63 17.85
N LEU A 32 0.94 5.74 17.09
CA LEU A 32 0.72 5.75 15.63
C LEU A 32 1.53 4.69 14.91
N GLY A 33 2.77 4.46 15.38
CA GLY A 33 3.60 3.41 14.79
C GLY A 33 2.91 2.08 14.88
N THR A 34 2.25 1.86 16.03
CA THR A 34 1.53 0.62 16.30
C THR A 34 0.21 0.55 15.55
N VAL A 35 -0.43 1.70 15.27
CA VAL A 35 -1.65 1.71 14.49
C VAL A 35 -1.26 1.46 13.04
N MET A 36 -0.01 1.85 12.75
CA MET A 36 0.63 1.64 11.46
C MET A 36 1.04 0.17 11.28
N ARG A 37 1.56 -0.43 12.36
CA ARG A 37 2.01 -1.83 12.34
C ARG A 37 0.89 -2.83 12.60
N SER A 38 -0.17 -2.39 13.31
CA SER A 38 -1.33 -3.26 13.59
C SER A 38 -2.07 -3.66 12.32
N LEU A 39 -1.65 -3.05 11.26
CA LEU A 39 -2.18 -3.29 9.92
C LEU A 39 -1.31 -4.33 9.20
N GLY A 40 -0.18 -4.69 9.86
CA GLY A 40 0.72 -5.68 9.29
C GLY A 40 1.93 -5.11 8.63
N GLN A 41 1.95 -3.82 8.73
CA GLN A 41 2.99 -2.98 8.16
C GLN A 41 4.26 -2.98 9.01
N ASN A 42 5.40 -3.02 8.34
CA ASN A 42 6.70 -3.02 9.01
C ASN A 42 7.51 -1.76 8.61
N PRO A 43 7.15 -0.55 9.15
CA PRO A 43 7.86 0.71 8.87
C PRO A 43 9.18 0.82 9.64
N THR A 44 9.87 1.96 9.48
CA THR A 44 11.13 2.19 10.17
C THR A 44 10.90 3.07 11.39
N GLU A 45 11.83 3.01 12.33
CA GLU A 45 11.79 3.83 13.53
C GLU A 45 12.30 5.20 13.23
N ALA A 46 13.18 5.22 12.23
CA ALA A 46 13.83 6.44 11.78
C ALA A 46 12.81 7.32 11.07
N GLU A 47 11.91 6.64 10.35
CA GLU A 47 10.82 7.29 9.65
C GLU A 47 9.72 7.61 10.64
N LEU A 48 9.63 6.78 11.68
CA LEU A 48 8.72 6.98 12.80
C LEU A 48 9.19 8.19 13.61
N GLN A 49 10.47 8.52 13.41
CA GLN A 49 11.09 9.66 14.06
C GLN A 49 11.16 10.82 13.14
N ASP A 50 10.96 10.49 11.92
CA ASP A 50 10.90 11.46 10.83
C ASP A 50 9.48 12.02 10.72
N MET A 51 8.50 11.17 11.04
CA MET A 51 7.10 11.56 11.04
C MET A 51 6.73 12.18 12.37
N ILE A 52 7.33 11.65 13.45
CA ILE A 52 7.13 12.21 14.78
C ILE A 52 7.87 13.55 14.82
N ASN A 53 8.91 13.65 13.98
CA ASN A 53 9.67 14.89 13.81
C ASN A 53 8.88 15.91 12.99
N GLU A 54 8.09 15.40 12.02
CA GLU A 54 7.29 16.26 11.14
C GLU A 54 5.97 16.70 11.78
N VAL A 55 5.27 15.78 12.46
CA VAL A 55 3.98 16.09 13.08
C VAL A 55 4.13 16.72 14.47
N ASP A 56 4.93 16.11 15.35
CA ASP A 56 5.15 16.63 16.70
C ASP A 56 6.01 17.91 16.64
N ALA A 57 5.74 18.72 15.61
CA ALA A 57 6.45 19.97 15.37
C ALA A 57 5.89 21.13 16.17
N ASP A 58 4.81 20.79 16.81
CA ASP A 58 4.05 21.70 17.65
C ASP A 58 4.28 21.40 19.13
N GLY A 59 4.52 20.12 19.44
CA GLY A 59 4.77 19.69 20.82
C GLY A 59 3.51 19.42 21.61
N ASN A 60 2.59 18.63 21.02
CA ASN A 60 1.33 18.30 21.67
C ASN A 60 1.28 16.82 22.08
N GLY A 61 2.11 16.01 21.44
CA GLY A 61 2.19 14.57 21.72
C GLY A 61 0.96 13.79 21.28
N THR A 62 0.30 14.32 20.25
CA THR A 62 -0.91 13.72 19.70
C THR A 62 -0.95 13.89 18.18
N ILE A 63 -1.67 12.98 17.51
CA ILE A 63 -1.81 13.00 16.05
C ILE A 63 -3.13 13.69 15.65
N ASP A 64 -3.17 14.11 14.38
CA ASP A 64 -4.34 14.76 13.77
C ASP A 64 -4.68 14.03 12.48
N PHE A 65 -5.96 14.00 12.13
CA PHE A 65 -6.42 13.28 10.93
C PHE A 65 -6.42 14.13 9.64
N PRO A 66 -6.83 15.44 9.66
CA PRO A 66 -6.84 16.27 8.44
C PRO A 66 -5.43 16.66 7.97
N GLU A 67 -4.45 16.54 8.88
CA GLU A 67 -3.09 16.92 8.61
C GLU A 67 -2.09 15.76 8.45
N PHE A 68 -2.31 14.62 9.12
CA PHE A 68 -1.33 13.51 9.04
C PHE A 68 -1.49 12.59 7.84
N LEU A 69 -2.66 12.55 7.21
CA LEU A 69 -2.83 11.72 6.04
C LEU A 69 -2.24 12.40 4.85
N THR A 70 -2.41 13.70 4.88
CA THR A 70 -1.82 14.64 3.97
C THR A 70 -0.32 14.41 3.93
N MET A 71 0.20 13.97 5.09
CA MET A 71 1.60 13.60 5.22
C MET A 71 1.88 12.36 4.37
N MET A 72 0.88 11.47 4.29
CA MET A 72 0.97 10.26 3.46
C MET A 72 0.66 10.58 2.02
N ALA A 73 -0.05 11.68 1.82
CA ALA A 73 -0.37 12.15 0.49
C ALA A 73 0.89 12.72 -0.13
N ARG A 74 1.71 13.42 0.70
CA ARG A 74 2.95 13.99 0.21
C ARG A 74 4.06 12.94 0.07
N LYS A 75 3.90 11.78 0.73
CA LYS A 75 4.84 10.68 0.60
C LYS A 75 4.72 9.99 -0.76
N MET A 76 3.61 10.28 -1.47
CA MET A 76 3.35 9.67 -2.76
C MET A 76 3.25 10.70 -3.88
N LYS A 77 2.72 11.86 -3.52
CA LYS A 77 2.52 12.98 -4.42
C LYS A 77 3.81 13.74 -4.75
N ASP A 78 4.84 13.60 -3.90
CA ASP A 78 6.11 14.31 -4.10
C ASP A 78 7.20 13.42 -4.72
N THR A 79 7.13 12.11 -4.45
CA THR A 79 8.11 11.16 -4.98
C THR A 79 7.80 10.75 -6.43
N ASP A 80 7.54 11.75 -7.29
CA ASP A 80 7.21 11.56 -8.72
C ASP A 80 5.93 10.76 -8.92
N SER A 81 4.95 11.38 -9.58
CA SER A 81 3.64 10.76 -9.85
C SER A 81 3.67 9.86 -11.08
N GLU A 82 4.74 9.98 -11.88
CA GLU A 82 4.92 9.19 -13.09
C GLU A 82 5.60 7.88 -12.74
N GLU A 83 6.65 8.02 -11.93
CA GLU A 83 7.46 6.91 -11.44
C GLU A 83 6.77 6.10 -10.33
N GLU A 84 5.74 6.68 -9.69
CA GLU A 84 5.01 6.01 -8.59
C GLU A 84 4.33 4.69 -9.03
N ILE A 85 4.10 4.58 -10.33
CA ILE A 85 3.47 3.41 -10.93
C ILE A 85 4.53 2.35 -11.28
N ARG A 86 5.58 2.79 -12.01
CA ARG A 86 6.68 1.92 -12.43
C ARG A 86 7.39 1.21 -11.26
N GLU A 87 7.16 1.72 -10.05
CA GLU A 87 7.72 1.14 -8.85
C GLU A 87 6.93 -0.10 -8.40
N ALA A 88 5.68 -0.19 -8.88
CA ALA A 88 4.82 -1.32 -8.59
C ALA A 88 5.27 -2.51 -9.39
N PHE A 89 6.01 -2.21 -10.47
CA PHE A 89 6.64 -3.21 -11.30
C PHE A 89 7.93 -3.59 -10.60
N ARG A 90 8.37 -2.66 -9.73
CA ARG A 90 9.52 -2.90 -8.88
C ARG A 90 9.06 -3.84 -7.76
N VAL A 91 7.72 -3.87 -7.58
CA VAL A 91 7.06 -4.70 -6.62
C VAL A 91 6.74 -6.09 -7.18
N PHE A 92 6.11 -6.13 -8.37
CA PHE A 92 5.68 -7.38 -8.97
C PHE A 92 6.64 -7.90 -10.07
N ASP A 93 7.07 -7.01 -10.99
CA ASP A 93 7.99 -7.37 -12.09
C ASP A 93 9.36 -7.80 -11.56
N LYS A 94 9.46 -9.11 -11.31
CA LYS A 94 10.69 -9.71 -10.77
C LYS A 94 11.68 -10.12 -11.83
N ASP A 95 11.19 -10.86 -12.84
CA ASP A 95 12.06 -11.41 -13.87
C ASP A 95 12.63 -10.36 -14.84
N GLY A 96 12.30 -9.11 -14.54
CA GLY A 96 12.74 -7.94 -15.31
C GLY A 96 12.57 -8.05 -16.83
N ASN A 97 11.57 -8.83 -17.27
CA ASN A 97 11.30 -9.02 -18.70
C ASN A 97 10.17 -8.10 -19.18
N GLY A 98 9.58 -7.35 -18.24
CA GLY A 98 8.50 -6.44 -18.57
C GLY A 98 7.14 -7.02 -18.27
N TYR A 99 7.13 -8.33 -18.14
CA TYR A 99 5.94 -9.09 -17.83
C TYR A 99 6.07 -9.76 -16.46
N ILE A 100 5.17 -9.40 -15.53
CA ILE A 100 5.15 -9.98 -14.20
C ILE A 100 4.49 -11.37 -14.30
N SER A 101 5.33 -12.37 -14.57
CA SER A 101 4.90 -13.76 -14.72
C SER A 101 4.27 -14.32 -13.45
N ALA A 102 3.55 -15.43 -13.62
CA ALA A 102 2.85 -16.11 -12.54
C ALA A 102 3.75 -16.59 -11.40
N ALA A 103 5.07 -16.60 -11.64
CA ALA A 103 6.00 -17.06 -10.62
C ALA A 103 6.39 -15.90 -9.76
N GLU A 104 6.32 -14.74 -10.38
CA GLU A 104 6.68 -13.50 -9.78
C GLU A 104 5.61 -12.97 -8.90
N LEU A 105 4.38 -13.04 -9.36
CA LEU A 105 3.27 -12.59 -8.57
C LEU A 105 3.10 -13.57 -7.40
N ARG A 106 3.56 -14.79 -7.66
CA ARG A 106 3.60 -15.85 -6.69
C ARG A 106 4.75 -15.60 -5.76
N HIS A 107 5.88 -15.25 -6.35
CA HIS A 107 7.06 -14.91 -5.60
C HIS A 107 6.79 -13.65 -4.84
N VAL A 108 5.79 -12.91 -5.36
CA VAL A 108 5.31 -11.69 -4.72
C VAL A 108 4.58 -12.14 -3.48
N MET A 109 3.68 -13.07 -3.71
CA MET A 109 2.93 -13.69 -2.63
C MET A 109 3.84 -14.32 -1.60
N THR A 110 4.90 -15.00 -2.05
CA THR A 110 5.82 -15.64 -1.12
C THR A 110 6.61 -14.58 -0.33
N ASN A 111 6.64 -13.35 -0.88
CA ASN A 111 7.28 -12.22 -0.24
C ASN A 111 6.36 -11.66 0.83
N LEU A 112 5.07 -11.51 0.45
CA LEU A 112 4.08 -10.95 1.35
C LEU A 112 3.59 -11.98 2.36
N GLY A 113 3.63 -13.26 1.96
CA GLY A 113 3.21 -14.33 2.84
C GLY A 113 2.42 -15.47 2.20
N GLU A 114 2.00 -15.41 0.92
CA GLU A 114 1.24 -16.50 0.36
C GLU A 114 2.03 -17.44 -0.51
N LYS A 115 1.57 -18.68 -0.50
CA LYS A 115 2.10 -19.72 -1.34
C LYS A 115 1.07 -20.01 -2.40
N LEU A 116 1.53 -19.98 -3.62
CA LEU A 116 0.69 -20.14 -4.77
C LEU A 116 1.22 -21.17 -5.77
N THR A 117 0.41 -22.22 -6.02
CA THR A 117 0.74 -23.30 -6.94
C THR A 117 0.63 -22.87 -8.40
N ASP A 118 0.84 -23.83 -9.29
CA ASP A 118 0.82 -23.60 -10.72
C ASP A 118 -0.58 -23.42 -11.32
N GLU A 119 -1.55 -24.15 -10.81
CA GLU A 119 -2.93 -24.05 -11.30
C GLU A 119 -3.76 -22.98 -10.57
N GLU A 120 -3.27 -22.53 -9.41
CA GLU A 120 -3.97 -21.51 -8.64
C GLU A 120 -3.56 -20.10 -9.11
N VAL A 121 -2.44 -20.02 -9.85
CA VAL A 121 -1.95 -18.75 -10.40
C VAL A 121 -2.63 -18.40 -11.71
N ASP A 122 -3.04 -19.43 -12.43
CA ASP A 122 -3.72 -19.29 -13.72
C ASP A 122 -5.14 -18.69 -13.59
N GLU A 123 -5.30 -17.85 -12.56
CA GLU A 123 -6.55 -17.15 -12.29
C GLU A 123 -6.34 -15.76 -11.66
N MET A 124 -5.12 -15.48 -11.17
CA MET A 124 -4.76 -14.18 -10.59
C MET A 124 -4.28 -13.23 -11.67
N ILE A 125 -3.57 -13.80 -12.66
CA ILE A 125 -3.05 -13.03 -13.79
C ILE A 125 -4.14 -12.80 -14.82
N ARG A 126 -5.02 -13.80 -14.96
CA ARG A 126 -6.15 -13.72 -15.91
C ARG A 126 -7.04 -12.52 -15.60
N GLU A 127 -7.00 -12.16 -14.33
CA GLU A 127 -7.72 -11.01 -13.78
C GLU A 127 -7.11 -9.71 -14.30
N ALA A 128 -5.80 -9.78 -14.56
CA ALA A 128 -5.06 -8.64 -15.08
C ALA A 128 -4.67 -8.90 -16.53
N ASP A 129 -4.34 -10.16 -16.82
CA ASP A 129 -3.97 -10.60 -18.17
C ASP A 129 -5.09 -10.39 -19.18
N ILE A 130 -4.74 -9.72 -20.28
CA ILE A 130 -5.69 -9.40 -21.35
C ILE A 130 -5.72 -10.53 -22.40
N ASP A 131 -4.53 -10.93 -22.87
CA ASP A 131 -4.40 -11.98 -23.87
C ASP A 131 -4.47 -13.39 -23.27
N GLY A 132 -4.12 -13.50 -21.99
CA GLY A 132 -4.17 -14.78 -21.28
C GLY A 132 -2.99 -15.70 -21.57
N ASP A 133 -1.78 -15.15 -21.48
CA ASP A 133 -0.55 -15.91 -21.72
C ASP A 133 0.05 -16.42 -20.41
N GLY A 134 -0.44 -15.87 -19.30
CA GLY A 134 0.01 -16.23 -17.95
C GLY A 134 1.11 -15.36 -17.44
N GLN A 135 1.31 -14.26 -18.14
CA GLN A 135 2.29 -13.25 -17.83
C GLN A 135 1.67 -11.89 -18.09
N VAL A 136 1.59 -11.08 -17.04
CA VAL A 136 0.96 -9.76 -17.10
C VAL A 136 1.94 -8.64 -17.47
N ASN A 137 1.53 -7.85 -18.47
CA ASN A 137 2.32 -6.72 -18.99
C ASN A 137 2.08 -5.47 -18.14
N TYR A 138 2.45 -4.31 -18.71
CA TYR A 138 2.30 -3.02 -18.06
C TYR A 138 0.84 -2.55 -18.11
N GLU A 139 0.25 -2.47 -19.32
CA GLU A 139 -1.14 -2.04 -19.52
C GLU A 139 -2.15 -2.96 -18.86
N GLU A 140 -1.74 -4.20 -18.59
CA GLU A 140 -2.63 -5.17 -17.95
C GLU A 140 -2.56 -5.03 -16.44
N PHE A 141 -1.36 -4.81 -15.97
CA PHE A 141 -1.09 -4.57 -14.56
C PHE A 141 -1.56 -3.16 -14.22
N VAL A 142 -1.64 -2.32 -15.26
CA VAL A 142 -2.04 -0.90 -15.11
C VAL A 142 -3.54 -0.78 -15.11
N GLN A 143 -4.17 -1.45 -16.07
CA GLN A 143 -5.65 -1.46 -16.12
C GLN A 143 -6.20 -1.97 -14.80
N MET A 144 -5.44 -2.86 -14.15
CA MET A 144 -5.79 -3.44 -12.87
C MET A 144 -5.99 -2.36 -11.80
N MET A 145 -5.33 -1.21 -11.99
CA MET A 145 -5.44 -0.09 -11.06
C MET A 145 -6.62 0.82 -11.46
N THR A 146 -7.28 0.51 -12.60
CA THR A 146 -8.41 1.29 -13.10
C THR A 146 -9.58 0.42 -13.63
N ALA A 147 -9.30 -0.83 -14.03
CA ALA A 147 -10.33 -1.76 -14.55
C ALA A 147 -11.56 -1.89 -13.63
N LYS A 148 -11.32 -1.80 -12.31
CA LYS A 148 -12.40 -1.91 -11.32
C LYS A 148 -12.94 -0.52 -10.94
N THR B 1 -10.85 -11.75 1.59
CA THR B 1 -9.92 -12.58 0.77
C THR B 1 -10.50 -13.98 0.57
N ARG B 2 -10.65 -14.37 -0.70
CA ARG B 2 -11.19 -15.69 -1.06
C ARG B 2 -10.33 -16.36 -2.13
N LYS B 3 -9.96 -15.59 -3.17
CA LYS B 3 -9.15 -16.10 -4.27
C LYS B 3 -7.99 -15.15 -4.61
N LYS B 4 -8.21 -13.83 -4.34
CA LYS B 4 -7.22 -12.77 -4.60
C LYS B 4 -6.91 -12.60 -6.09
N THR B 5 -6.79 -11.33 -6.50
CA THR B 5 -6.50 -10.97 -7.90
C THR B 5 -5.39 -9.91 -7.94
N PHE B 6 -4.87 -9.59 -9.16
CA PHE B 6 -3.80 -8.58 -9.32
C PHE B 6 -4.27 -7.21 -8.77
N LYS B 7 -5.60 -6.99 -8.80
CA LYS B 7 -6.22 -5.75 -8.28
C LYS B 7 -6.19 -5.72 -6.75
N GLU B 8 -6.56 -6.84 -6.12
CA GLU B 8 -6.61 -6.97 -4.65
C GLU B 8 -5.21 -7.14 -4.03
N VAL B 9 -4.34 -7.88 -4.72
CA VAL B 9 -2.96 -8.14 -4.23
C VAL B 9 -2.07 -6.88 -4.33
N ALA B 10 -2.23 -6.13 -5.43
CA ALA B 10 -1.46 -4.90 -5.68
C ALA B 10 -1.96 -3.74 -4.83
N ASN B 11 -3.28 -3.72 -4.53
CA ASN B 11 -3.90 -2.66 -3.72
C ASN B 11 -3.23 -2.56 -2.34
N ALA B 12 -2.86 -3.73 -1.79
CA ALA B 12 -2.19 -3.81 -0.49
C ALA B 12 -0.71 -3.44 -0.58
N VAL B 13 -0.10 -3.68 -1.75
CA VAL B 13 1.33 -3.39 -1.95
C VAL B 13 1.57 -2.27 -3.02
N LYS B 14 0.58 -1.37 -3.20
CA LYS B 14 0.73 -0.25 -4.16
C LYS B 14 1.62 0.87 -3.57
N ILE B 15 1.98 0.69 -2.29
CA ILE B 15 2.84 1.63 -1.56
C ILE B 15 4.16 0.92 -1.20
N SER B 16 5.25 1.35 -1.85
CA SER B 16 6.57 0.74 -1.62
C SER B 16 7.58 1.72 -1.01
N ALA B 17 7.40 3.03 -1.24
CA ALA B 17 8.31 4.05 -0.69
C ALA B 17 7.96 4.42 0.77
N SER B 18 7.19 3.53 1.43
CA SER B 18 6.78 3.68 2.84
C SER B 18 5.87 4.88 3.08
N LEU B 19 4.73 4.63 3.76
CA LEU B 19 3.74 5.66 4.14
C LEU B 19 3.22 6.50 2.96
N MET B 20 3.34 5.94 1.73
CA MET B 20 2.87 6.60 0.50
C MET B 20 1.34 6.67 0.46
N GLY B 21 0.68 5.73 1.14
CA GLY B 21 -0.76 5.67 1.18
C GLY B 21 -1.29 4.43 1.87
N THR B 22 -0.65 4.08 3.00
CA THR B 22 -1.04 2.90 3.80
C THR B 22 -1.01 3.20 5.29
N ALA A 1 -10.18 21.51 10.53
CA ALA A 1 -9.80 20.26 9.83
C ALA A 1 -9.80 20.45 8.32
N ASP A 2 -8.85 19.78 7.65
CA ASP A 2 -8.73 19.86 6.19
C ASP A 2 -8.68 18.47 5.57
N GLN A 3 -9.79 18.10 4.90
CA GLN A 3 -9.91 16.81 4.23
C GLN A 3 -9.44 16.87 2.77
N LEU A 4 -8.98 15.73 2.25
CA LEU A 4 -8.52 15.65 0.88
C LEU A 4 -9.57 14.92 0.04
N THR A 5 -9.27 13.67 -0.38
CA THR A 5 -10.18 12.87 -1.15
C THR A 5 -10.83 11.83 -0.23
N GLU A 6 -11.61 10.92 -0.83
CA GLU A 6 -12.24 9.82 -0.09
C GLU A 6 -11.20 8.94 0.59
N GLU A 7 -9.95 9.10 0.15
CA GLU A 7 -8.82 8.33 0.72
C GLU A 7 -8.65 8.65 2.21
N GLN A 8 -9.01 9.88 2.53
CA GLN A 8 -8.97 10.38 3.88
C GLN A 8 -10.17 9.86 4.65
N ILE A 9 -11.34 9.94 4.00
CA ILE A 9 -12.57 9.46 4.56
C ILE A 9 -12.52 7.95 4.85
N ALA A 10 -11.79 7.22 3.98
CA ALA A 10 -11.65 5.77 4.09
C ALA A 10 -10.71 5.30 5.21
N GLU A 11 -9.62 6.06 5.50
CA GLU A 11 -8.68 5.63 6.52
C GLU A 11 -8.60 6.52 7.75
N PHE A 12 -9.08 7.77 7.69
CA PHE A 12 -9.04 8.64 8.88
C PHE A 12 -10.09 8.19 9.89
N LYS A 13 -11.03 7.37 9.42
CA LYS A 13 -12.08 6.84 10.24
C LYS A 13 -11.54 5.64 11.00
N GLU A 14 -10.74 4.84 10.27
CA GLU A 14 -10.16 3.63 10.83
C GLU A 14 -8.86 3.88 11.56
N ALA A 15 -8.02 4.74 11.02
CA ALA A 15 -6.73 5.06 11.66
C ALA A 15 -6.99 5.78 12.97
N PHE A 16 -8.21 6.31 13.07
CA PHE A 16 -8.70 6.99 14.25
C PHE A 16 -9.29 5.96 15.22
N SER A 17 -10.17 5.11 14.70
CA SER A 17 -10.86 4.13 15.52
C SER A 17 -10.15 2.81 15.71
N LEU A 18 -9.09 2.53 14.93
CA LEU A 18 -8.40 1.26 15.09
C LEU A 18 -7.62 1.18 16.39
N PHE A 19 -7.19 2.33 16.89
CA PHE A 19 -6.41 2.39 18.11
C PHE A 19 -6.82 3.46 19.13
N ASP A 20 -7.82 4.32 18.83
CA ASP A 20 -8.21 5.36 19.79
C ASP A 20 -9.18 4.85 20.87
N LYS A 21 -8.77 3.78 21.57
CA LYS A 21 -9.57 3.20 22.64
C LYS A 21 -9.36 3.83 24.00
N ASP A 22 -8.23 4.50 24.17
CA ASP A 22 -7.88 5.16 25.40
C ASP A 22 -8.75 6.40 25.60
N GLY A 23 -9.26 6.90 24.47
CA GLY A 23 -10.11 8.10 24.47
C GLY A 23 -9.25 9.33 24.64
N ASP A 24 -8.12 9.28 23.94
CA ASP A 24 -7.08 10.28 23.98
C ASP A 24 -7.14 11.23 22.78
N GLY A 25 -8.32 11.32 22.20
CA GLY A 25 -8.54 12.13 21.03
C GLY A 25 -8.18 11.37 19.78
N THR A 26 -6.88 11.32 19.45
CA THR A 26 -6.39 10.60 18.32
C THR A 26 -5.53 9.42 18.77
N ILE A 27 -5.03 8.63 17.81
CA ILE A 27 -4.24 7.45 18.06
C ILE A 27 -2.78 7.73 18.47
N THR A 28 -2.26 6.82 19.30
CA THR A 28 -0.89 6.87 19.84
C THR A 28 0.21 6.66 18.79
N THR A 29 1.43 7.08 19.16
CA THR A 29 2.61 6.98 18.31
C THR A 29 3.20 5.58 18.27
N LYS A 30 3.52 5.05 19.44
CA LYS A 30 4.05 3.68 19.59
C LYS A 30 3.10 2.65 18.96
N GLU A 31 1.88 3.11 18.67
CA GLU A 31 0.83 2.26 18.10
C GLU A 31 0.44 2.70 16.68
N LEU A 32 0.82 3.92 16.29
CA LEU A 32 0.52 4.48 14.95
C LEU A 32 0.98 3.56 13.82
N GLY A 33 2.17 2.97 13.97
CA GLY A 33 2.67 2.04 12.97
C GLY A 33 1.68 0.92 12.75
N THR A 34 1.08 0.47 13.85
CA THR A 34 0.11 -0.60 13.85
C THR A 34 -1.26 -0.16 13.32
N VAL A 35 -1.61 1.12 13.52
CA VAL A 35 -2.85 1.63 12.98
C VAL A 35 -2.65 1.80 11.48
N MET A 36 -1.37 2.03 11.14
CA MET A 36 -0.89 2.15 9.77
C MET A 36 -0.88 0.79 9.07
N ARG A 37 -0.41 -0.24 9.80
CA ARG A 37 -0.32 -1.60 9.27
C ARG A 37 -1.65 -2.34 9.29
N SER A 38 -2.50 -2.01 10.27
CA SER A 38 -3.83 -2.63 10.38
C SER A 38 -4.74 -2.24 9.22
N LEU A 39 -4.24 -1.29 8.48
CA LEU A 39 -4.90 -0.78 7.27
C LEU A 39 -4.41 -1.54 6.05
N GLY A 40 -3.40 -2.41 6.27
CA GLY A 40 -2.86 -3.22 5.18
C GLY A 40 -1.57 -2.74 4.62
N GLN A 41 -1.13 -1.69 5.22
CA GLN A 41 0.08 -1.00 4.86
C GLN A 41 1.31 -1.60 5.55
N ASN A 42 2.40 -1.72 4.78
CA ASN A 42 3.65 -2.27 5.28
C ASN A 42 4.77 -1.21 5.23
N PRO A 43 4.77 -0.22 6.18
CA PRO A 43 5.79 0.83 6.24
C PRO A 43 7.06 0.39 6.98
N THR A 44 8.06 1.29 7.05
CA THR A 44 9.31 1.00 7.71
C THR A 44 9.30 1.60 9.12
N GLU A 45 10.21 1.14 9.96
CA GLU A 45 10.34 1.64 11.33
C GLU A 45 11.12 2.93 11.33
N ALA A 46 11.99 3.02 10.33
CA ALA A 46 12.86 4.16 10.18
C ALA A 46 12.07 5.36 9.70
N GLU A 47 11.13 5.08 8.79
CA GLU A 47 10.21 6.09 8.27
C GLU A 47 9.17 6.38 9.32
N LEU A 48 8.90 5.35 10.13
CA LEU A 48 8.01 5.47 11.27
C LEU A 48 8.59 6.46 12.26
N GLN A 49 9.92 6.63 12.16
CA GLN A 49 10.68 7.56 13.00
C GLN A 49 10.75 8.90 12.38
N ASP A 50 10.49 8.86 11.13
CA ASP A 50 10.41 10.07 10.32
C ASP A 50 9.08 10.75 10.59
N MET A 51 8.08 9.94 10.92
CA MET A 51 6.76 10.42 11.27
C MET A 51 6.70 10.74 12.76
N ILE A 52 7.48 10.00 13.57
CA ILE A 52 7.58 10.30 15.00
C ILE A 52 8.41 11.57 15.13
N ASN A 53 9.29 11.77 14.13
CA ASN A 53 10.13 12.96 14.04
C ASN A 53 9.32 14.17 13.55
N GLU A 54 8.36 13.93 12.65
CA GLU A 54 7.52 14.99 12.09
C GLU A 54 6.28 15.29 12.94
N VAL A 55 5.64 14.24 13.48
CA VAL A 55 4.43 14.39 14.30
C VAL A 55 4.72 14.95 15.70
N ASP A 56 5.78 14.45 16.34
CA ASP A 56 6.15 14.91 17.69
C ASP A 56 6.74 16.33 17.63
N ALA A 57 6.19 17.12 16.70
CA ALA A 57 6.61 18.50 16.50
C ALA A 57 5.88 19.46 17.40
N ASP A 58 4.94 18.88 18.08
CA ASP A 58 4.07 19.55 19.01
C ASP A 58 4.33 19.06 20.44
N GLY A 59 4.64 17.76 20.56
CA GLY A 59 4.92 17.16 21.86
C GLY A 59 3.68 16.70 22.61
N ASN A 60 2.77 16.02 21.90
CA ASN A 60 1.53 15.51 22.50
C ASN A 60 1.53 13.99 22.60
N GLY A 61 2.37 13.35 21.77
CA GLY A 61 2.49 11.88 21.76
C GLY A 61 1.30 11.18 21.13
N THR A 62 0.63 11.88 20.22
CA THR A 62 -0.53 11.38 19.53
C THR A 62 -0.53 11.83 18.06
N ILE A 63 -1.46 11.28 17.25
CA ILE A 63 -1.52 11.61 15.82
C ILE A 63 -2.91 12.11 15.39
N ASP A 64 -3.07 13.44 15.35
CA ASP A 64 -4.31 14.09 14.87
C ASP A 64 -4.66 13.56 13.47
N PHE A 65 -5.97 13.51 13.15
CA PHE A 65 -6.42 12.97 11.85
C PHE A 65 -6.38 13.96 10.66
N PRO A 66 -6.71 15.28 10.84
CA PRO A 66 -6.67 16.24 9.71
C PRO A 66 -5.25 16.57 9.25
N GLU A 67 -4.27 16.27 10.11
CA GLU A 67 -2.88 16.57 9.85
C GLU A 67 -2.01 15.40 9.37
N PHE A 68 -2.42 14.12 9.58
CA PHE A 68 -1.54 12.99 9.17
C PHE A 68 -1.67 12.58 7.71
N LEU A 69 -2.87 12.49 7.18
CA LEU A 69 -3.04 12.10 5.79
C LEU A 69 -2.41 13.13 4.88
N THR A 70 -2.46 14.35 5.36
CA THR A 70 -1.83 15.50 4.75
C THR A 70 -0.34 15.24 4.60
N MET A 71 0.23 14.53 5.59
CA MET A 71 1.63 14.15 5.53
C MET A 71 1.81 13.05 4.49
N MET A 72 0.72 12.27 4.30
CA MET A 72 0.69 11.17 3.32
C MET A 72 0.32 11.70 1.95
N ALA A 73 -0.31 12.87 1.93
CA ALA A 73 -0.68 13.51 0.68
C ALA A 73 0.58 14.12 0.09
N ARG A 74 1.46 14.65 0.97
CA ARG A 74 2.71 15.24 0.50
C ARG A 74 3.74 14.17 0.16
N LYS A 75 3.54 12.92 0.65
CA LYS A 75 4.42 11.81 0.32
C LYS A 75 4.15 11.26 -1.09
N MET A 76 3.00 11.63 -1.68
CA MET A 76 2.61 11.13 -2.98
C MET A 76 2.42 12.23 -4.01
N LYS A 77 2.18 13.44 -3.52
CA LYS A 77 1.98 14.63 -4.36
C LYS A 77 3.23 15.01 -5.17
N ASP A 78 4.39 14.43 -4.82
CA ASP A 78 5.66 14.72 -5.50
C ASP A 78 6.08 13.60 -6.44
N THR A 79 5.70 12.35 -6.12
CA THR A 79 6.06 11.19 -6.95
C THR A 79 5.34 11.23 -8.31
N ASP A 80 6.11 11.59 -9.35
CA ASP A 80 5.63 11.68 -10.74
C ASP A 80 4.80 10.46 -11.16
N SER A 81 3.81 10.71 -12.04
CA SER A 81 2.89 9.66 -12.54
C SER A 81 3.58 8.71 -13.53
N GLU A 82 4.78 9.09 -14.00
CA GLU A 82 5.55 8.30 -14.95
C GLU A 82 6.29 7.18 -14.21
N GLU A 83 6.91 7.59 -13.11
CA GLU A 83 7.67 6.69 -12.24
C GLU A 83 6.77 5.77 -11.40
N GLU A 84 5.49 6.15 -11.27
CA GLU A 84 4.50 5.38 -10.51
C GLU A 84 4.19 4.03 -11.15
N ILE A 85 4.49 3.93 -12.44
CA ILE A 85 4.27 2.70 -13.22
C ILE A 85 5.50 1.78 -13.13
N ARG A 86 6.67 2.33 -13.49
CA ARG A 86 7.95 1.58 -13.48
C ARG A 86 8.33 1.08 -12.10
N GLU A 87 7.71 1.63 -11.05
CA GLU A 87 7.96 1.21 -9.70
C GLU A 87 7.20 -0.09 -9.41
N ALA A 88 6.18 -0.36 -10.23
CA ALA A 88 5.37 -1.57 -10.11
C ALA A 88 6.19 -2.79 -10.48
N PHE A 89 7.26 -2.56 -11.25
CA PHE A 89 8.20 -3.60 -11.60
C PHE A 89 9.19 -3.69 -10.44
N ARG A 90 9.24 -2.60 -9.67
CA ARG A 90 10.05 -2.55 -8.47
C ARG A 90 9.28 -3.24 -7.35
N VAL A 91 7.96 -3.26 -7.49
CA VAL A 91 7.06 -3.88 -6.56
C VAL A 91 6.81 -5.37 -6.88
N PHE A 92 6.38 -5.66 -8.11
CA PHE A 92 6.04 -7.01 -8.49
C PHE A 92 7.12 -7.76 -9.28
N ASP A 93 7.73 -7.10 -10.27
CA ASP A 93 8.80 -7.71 -11.10
C ASP A 93 10.02 -8.06 -10.26
N LYS A 94 10.04 -9.33 -9.83
CA LYS A 94 11.13 -9.83 -8.98
C LYS A 94 12.31 -10.34 -9.77
N ASP A 95 12.02 -11.22 -10.75
CA ASP A 95 13.06 -11.87 -11.53
C ASP A 95 13.77 -10.94 -12.52
N GLY A 96 13.34 -9.70 -12.50
CA GLY A 96 13.90 -8.64 -13.37
C GLY A 96 13.98 -9.01 -14.86
N ASN A 97 13.03 -9.82 -15.33
CA ASN A 97 13.00 -10.25 -16.73
C ASN A 97 12.00 -9.44 -17.56
N GLY A 98 11.24 -8.56 -16.88
CA GLY A 98 10.26 -7.73 -17.56
C GLY A 98 8.85 -8.24 -17.38
N TYR A 99 8.77 -9.51 -17.01
CA TYR A 99 7.50 -10.18 -16.77
C TYR A 99 7.44 -10.68 -15.33
N ILE A 100 6.44 -10.18 -14.58
CA ILE A 100 6.23 -10.56 -13.21
C ILE A 100 5.56 -11.95 -13.16
N SER A 101 6.41 -12.99 -13.17
CA SER A 101 5.97 -14.39 -13.16
C SER A 101 5.23 -14.79 -11.89
N ALA A 102 4.52 -15.92 -11.98
CA ALA A 102 3.72 -16.48 -10.90
C ALA A 102 4.50 -16.79 -9.62
N ALA A 103 5.83 -16.80 -9.71
CA ALA A 103 6.67 -17.07 -8.55
C ALA A 103 6.96 -15.80 -7.84
N GLU A 104 7.01 -14.76 -8.65
CA GLU A 104 7.28 -13.43 -8.21
C GLU A 104 6.08 -12.84 -7.57
N LEU A 105 4.93 -13.09 -8.17
CA LEU A 105 3.68 -12.64 -7.64
C LEU A 105 3.47 -13.32 -6.31
N ARG A 106 3.92 -14.57 -6.25
CA ARG A 106 3.88 -15.36 -5.05
C ARG A 106 4.93 -14.83 -4.10
N HIS A 107 6.09 -14.55 -4.67
CA HIS A 107 7.18 -13.98 -3.91
C HIS A 107 6.79 -12.58 -3.49
N VAL A 108 5.83 -12.02 -4.25
CA VAL A 108 5.29 -10.71 -3.93
C VAL A 108 4.43 -10.88 -2.71
N MET A 109 3.55 -11.87 -2.83
CA MET A 109 2.69 -12.27 -1.74
C MET A 109 3.47 -12.67 -0.52
N THR A 110 4.57 -13.39 -0.70
CA THR A 110 5.39 -13.82 0.43
C THR A 110 6.09 -12.62 1.08
N ASN A 111 6.18 -11.53 0.30
CA ASN A 111 6.75 -10.29 0.79
C ASN A 111 5.72 -9.55 1.63
N LEU A 112 4.49 -9.51 1.09
CA LEU A 112 3.39 -8.82 1.75
C LEU A 112 2.77 -9.66 2.86
N GLY A 113 2.84 -10.98 2.70
CA GLY A 113 2.30 -11.89 3.70
C GLY A 113 1.60 -13.15 3.19
N GLU A 114 1.33 -13.31 1.87
CA GLU A 114 0.65 -14.51 1.43
C GLU A 114 1.56 -15.55 0.81
N LYS A 115 1.11 -16.79 0.93
CA LYS A 115 1.76 -17.92 0.34
C LYS A 115 0.89 -18.42 -0.77
N LEU A 116 1.49 -18.57 -1.93
CA LEU A 116 0.77 -18.97 -3.12
C LEU A 116 1.55 -19.96 -3.99
N THR A 117 0.98 -21.18 -4.11
CA THR A 117 1.56 -22.26 -4.90
C THR A 117 1.46 -21.98 -6.39
N ASP A 118 1.89 -22.95 -7.18
CA ASP A 118 1.92 -22.85 -8.63
C ASP A 118 0.54 -22.83 -9.30
N GLU A 119 -0.39 -23.62 -8.80
CA GLU A 119 -1.74 -23.70 -9.37
C GLU A 119 -2.71 -22.68 -8.76
N GLU A 120 -2.36 -22.12 -7.61
CA GLU A 120 -3.20 -21.13 -6.95
C GLU A 120 -2.92 -19.72 -7.50
N VAL A 121 -1.77 -19.57 -8.22
CA VAL A 121 -1.41 -18.29 -8.85
C VAL A 121 -2.09 -18.12 -10.19
N ASP A 122 -2.47 -19.25 -10.78
CA ASP A 122 -3.15 -19.28 -12.09
C ASP A 122 -4.59 -18.73 -12.03
N GLU A 123 -4.81 -17.82 -11.09
CA GLU A 123 -6.09 -17.16 -10.90
C GLU A 123 -5.90 -15.65 -10.67
N MET A 124 -4.69 -15.26 -10.24
CA MET A 124 -4.29 -13.86 -10.04
C MET A 124 -3.77 -13.32 -11.36
N ILE A 125 -3.16 -14.20 -12.13
CA ILE A 125 -2.57 -13.85 -13.41
C ILE A 125 -3.59 -13.79 -14.53
N ARG A 126 -4.67 -14.56 -14.41
CA ARG A 126 -5.73 -14.59 -15.43
C ARG A 126 -6.56 -13.31 -15.38
N GLU A 127 -6.64 -12.77 -14.17
CA GLU A 127 -7.34 -11.52 -13.87
C GLU A 127 -6.68 -10.35 -14.58
N ALA A 128 -5.35 -10.40 -14.65
CA ALA A 128 -4.55 -9.34 -15.26
C ALA A 128 -4.22 -9.65 -16.70
N ASP A 129 -3.99 -10.93 -16.93
CA ASP A 129 -3.60 -11.46 -18.23
C ASP A 129 -4.64 -11.23 -19.32
N ILE A 130 -4.20 -10.44 -20.30
CA ILE A 130 -5.00 -10.08 -21.47
C ILE A 130 -4.77 -11.11 -22.59
N ASP A 131 -3.49 -11.35 -22.91
CA ASP A 131 -3.09 -12.29 -23.94
C ASP A 131 -2.93 -13.70 -23.40
N GLY A 132 -2.67 -13.80 -22.09
CA GLY A 132 -2.53 -15.09 -21.41
C GLY A 132 -1.11 -15.63 -21.43
N ASP A 133 -0.13 -14.79 -21.04
CA ASP A 133 1.29 -15.19 -21.01
C ASP A 133 1.63 -16.02 -19.77
N GLY A 134 0.81 -15.88 -18.75
CA GLY A 134 0.95 -16.63 -17.50
C GLY A 134 1.97 -16.08 -16.55
N GLN A 135 2.21 -14.79 -16.69
CA GLN A 135 3.14 -14.06 -15.85
C GLN A 135 2.51 -12.75 -15.38
N VAL A 136 2.30 -11.80 -16.33
CA VAL A 136 1.71 -10.46 -16.09
C VAL A 136 2.72 -9.36 -16.39
N ASN A 137 2.35 -8.53 -17.37
CA ASN A 137 3.17 -7.38 -17.80
C ASN A 137 2.74 -6.12 -17.06
N TYR A 138 3.15 -4.97 -17.58
CA TYR A 138 2.80 -3.67 -17.04
C TYR A 138 1.31 -3.37 -17.27
N GLU A 139 0.85 -3.50 -18.52
CA GLU A 139 -0.55 -3.24 -18.90
C GLU A 139 -1.53 -4.22 -18.30
N GLU A 140 -1.06 -5.39 -17.90
CA GLU A 140 -1.95 -6.37 -17.28
C GLU A 140 -2.06 -6.08 -15.82
N PHE A 141 -0.93 -5.68 -15.25
CA PHE A 141 -0.85 -5.29 -13.87
C PHE A 141 -1.46 -3.89 -13.70
N VAL A 142 -1.47 -3.14 -14.80
CA VAL A 142 -1.99 -1.75 -14.81
C VAL A 142 -3.49 -1.72 -15.02
N GLN A 143 -3.99 -2.61 -15.85
CA GLN A 143 -5.44 -2.70 -16.12
C GLN A 143 -6.28 -2.67 -14.83
N MET A 144 -5.77 -3.20 -13.70
CA MET A 144 -6.52 -3.17 -12.42
C MET A 144 -6.75 -1.73 -11.95
N MET A 145 -5.86 -0.82 -12.39
CA MET A 145 -5.99 0.60 -12.06
C MET A 145 -6.95 1.27 -13.06
N THR A 146 -7.41 0.49 -14.05
CA THR A 146 -8.33 0.97 -15.08
C THR A 146 -9.63 0.16 -15.12
N ALA A 147 -9.48 -1.18 -15.05
CA ALA A 147 -10.62 -2.13 -15.06
C ALA A 147 -11.74 -1.75 -14.08
N LYS A 148 -11.36 -1.26 -12.90
CA LYS A 148 -12.32 -0.87 -11.87
C LYS A 148 -12.46 0.66 -11.81
N THR B 1 -12.74 -21.45 -7.64
CA THR B 1 -12.23 -20.94 -6.33
C THR B 1 -11.27 -19.77 -6.53
N ARG B 2 -11.55 -18.66 -5.85
CA ARG B 2 -10.72 -17.46 -5.93
C ARG B 2 -10.34 -16.96 -4.55
N LYS B 3 -9.03 -16.72 -4.34
CA LYS B 3 -8.52 -16.23 -3.06
C LYS B 3 -8.27 -14.72 -3.11
N LYS B 4 -7.41 -14.29 -4.05
CA LYS B 4 -7.07 -12.88 -4.22
C LYS B 4 -6.73 -12.57 -5.68
N THR B 5 -7.21 -11.43 -6.16
CA THR B 5 -6.97 -10.98 -7.54
C THR B 5 -6.00 -9.80 -7.55
N PHE B 6 -5.60 -9.32 -8.75
CA PHE B 6 -4.67 -8.18 -8.86
C PHE B 6 -5.31 -6.87 -8.36
N LYS B 7 -6.65 -6.78 -8.45
CA LYS B 7 -7.40 -5.61 -7.96
C LYS B 7 -7.37 -5.55 -6.43
N GLU B 8 -7.37 -6.73 -5.79
CA GLU B 8 -7.33 -6.87 -4.32
C GLU B 8 -5.93 -6.62 -3.75
N VAL B 9 -4.89 -7.04 -4.50
CA VAL B 9 -3.49 -6.86 -4.07
C VAL B 9 -3.08 -5.38 -4.14
N ALA B 10 -3.70 -4.65 -5.07
CA ALA B 10 -3.44 -3.21 -5.31
C ALA B 10 -3.64 -2.37 -4.05
N ASN B 11 -4.67 -2.70 -3.26
CA ASN B 11 -4.95 -1.98 -2.01
C ASN B 11 -3.86 -2.24 -0.96
N ALA B 12 -3.15 -3.36 -1.14
CA ALA B 12 -2.07 -3.78 -0.24
C ALA B 12 -0.76 -3.01 -0.48
N VAL B 13 -0.36 -2.83 -1.76
CA VAL B 13 0.90 -2.13 -2.06
C VAL B 13 0.77 -0.94 -3.03
N LYS B 14 -0.20 -0.98 -3.97
CA LYS B 14 -0.37 0.12 -4.95
C LYS B 14 -0.73 1.45 -4.26
N ILE B 15 0.32 2.23 -3.99
CA ILE B 15 0.20 3.56 -3.35
C ILE B 15 1.39 4.45 -3.75
N SER B 16 2.25 3.93 -4.67
CA SER B 16 3.45 4.62 -5.17
C SER B 16 4.49 4.84 -4.07
N ALA B 17 5.60 5.52 -4.41
CA ALA B 17 6.67 5.81 -3.45
C ALA B 17 6.27 6.94 -2.49
N SER B 18 5.16 6.70 -1.79
CA SER B 18 4.60 7.66 -0.84
C SER B 18 5.00 7.28 0.60
N LEU B 19 4.59 6.08 1.03
CA LEU B 19 4.88 5.60 2.38
C LEU B 19 5.92 4.48 2.35
N MET B 20 6.02 3.79 1.20
CA MET B 20 6.96 2.68 1.01
C MET B 20 8.28 3.16 0.40
N GLY B 21 8.18 4.02 -0.62
CA GLY B 21 9.37 4.54 -1.29
C GLY B 21 9.65 5.98 -0.92
N THR B 22 10.31 6.71 -1.83
CA THR B 22 10.66 8.11 -1.62
C THR B 22 10.40 8.93 -2.88
N ALA A 1 -11.12 17.57 10.48
CA ALA A 1 -11.52 18.78 9.71
C ALA A 1 -11.12 18.66 8.24
N ASP A 2 -9.92 18.14 7.99
CA ASP A 2 -9.40 17.97 6.63
C ASP A 2 -9.56 16.52 6.18
N GLN A 3 -10.19 16.34 5.00
CA GLN A 3 -10.43 15.02 4.43
C GLN A 3 -10.20 15.04 2.92
N LEU A 4 -9.76 13.91 2.37
CA LEU A 4 -9.51 13.80 0.95
C LEU A 4 -10.54 12.87 0.31
N THR A 5 -10.10 11.69 -0.13
CA THR A 5 -10.94 10.70 -0.75
C THR A 5 -11.29 9.58 0.25
N GLU A 6 -11.96 8.53 -0.26
CA GLU A 6 -12.38 7.37 0.56
C GLU A 6 -11.22 6.69 1.28
N GLU A 7 -10.02 6.81 0.70
CA GLU A 7 -8.79 6.25 1.29
C GLU A 7 -8.55 6.80 2.69
N GLN A 8 -9.01 8.03 2.88
CA GLN A 8 -8.92 8.72 4.14
C GLN A 8 -10.03 8.23 5.05
N ILE A 9 -11.22 8.10 4.48
CA ILE A 9 -12.39 7.63 5.18
C ILE A 9 -12.18 6.20 5.72
N ALA A 10 -11.48 5.38 4.93
CA ALA A 10 -11.20 3.98 5.28
C ALA A 10 -10.12 3.80 6.35
N GLU A 11 -9.09 4.66 6.36
CA GLU A 11 -8.00 4.50 7.33
C GLU A 11 -7.98 5.53 8.45
N PHE A 12 -8.68 6.66 8.28
CA PHE A 12 -8.73 7.67 9.35
C PHE A 12 -9.63 7.19 10.50
N LYS A 13 -10.44 6.17 10.19
CA LYS A 13 -11.34 5.57 11.11
C LYS A 13 -10.57 4.58 11.98
N GLU A 14 -9.68 3.83 11.28
CA GLU A 14 -8.87 2.82 11.94
C GLU A 14 -7.65 3.39 12.61
N ALA A 15 -7.03 4.39 11.99
CA ALA A 15 -5.85 5.05 12.57
C ALA A 15 -6.25 5.78 13.85
N PHE A 16 -7.54 6.12 13.90
CA PHE A 16 -8.12 6.76 15.06
C PHE A 16 -8.58 5.71 16.07
N SER A 17 -9.22 4.65 15.57
CA SER A 17 -9.77 3.63 16.44
C SER A 17 -8.79 2.54 16.83
N LEU A 18 -7.63 2.46 16.16
CA LEU A 18 -6.66 1.43 16.51
C LEU A 18 -5.98 1.73 17.85
N PHE A 19 -5.88 3.02 18.17
CA PHE A 19 -5.27 3.44 19.41
C PHE A 19 -6.06 4.48 20.22
N ASP A 20 -7.16 5.02 19.67
CA ASP A 20 -7.95 6.01 20.42
C ASP A 20 -9.16 5.33 21.06
N LYS A 21 -8.90 4.65 22.18
CA LYS A 21 -9.93 3.93 22.91
C LYS A 21 -10.85 4.83 23.70
N ASP A 22 -10.27 5.84 24.31
CA ASP A 22 -11.00 6.82 25.07
C ASP A 22 -11.69 7.78 24.12
N GLY A 23 -11.17 7.78 22.88
CA GLY A 23 -11.68 8.66 21.82
C GLY A 23 -11.12 10.05 22.00
N ASP A 24 -9.79 10.06 22.13
CA ASP A 24 -9.02 11.25 22.41
C ASP A 24 -8.54 12.00 21.17
N GLY A 25 -9.23 11.77 20.07
CA GLY A 25 -8.92 12.40 18.79
C GLY A 25 -7.59 11.96 18.18
N THR A 26 -6.49 12.26 18.88
CA THR A 26 -5.15 11.93 18.45
C THR A 26 -4.65 10.64 19.09
N ILE A 27 -3.68 10.01 18.41
CA ILE A 27 -3.09 8.78 18.86
C ILE A 27 -1.61 8.96 19.19
N THR A 28 -1.12 8.17 20.15
CA THR A 28 0.27 8.22 20.61
C THR A 28 1.31 8.04 19.50
N THR A 29 2.49 8.67 19.71
CA THR A 29 3.60 8.65 18.77
C THR A 29 4.32 7.33 18.72
N LYS A 30 4.80 6.88 19.89
CA LYS A 30 5.49 5.59 20.03
C LYS A 30 4.64 4.44 19.50
N GLU A 31 3.35 4.74 19.27
CA GLU A 31 2.37 3.75 18.80
C GLU A 31 1.92 4.04 17.37
N LEU A 32 2.16 5.28 16.89
CA LEU A 32 1.78 5.71 15.53
C LEU A 32 2.28 4.76 14.46
N GLY A 33 3.53 4.27 14.59
CA GLY A 33 4.06 3.32 13.65
C GLY A 33 3.16 2.11 13.53
N THR A 34 2.65 1.69 14.70
CA THR A 34 1.77 0.53 14.79
C THR A 34 0.38 0.80 14.24
N VAL A 35 -0.11 2.04 14.36
CA VAL A 35 -1.41 2.38 13.80
C VAL A 35 -1.24 2.45 12.29
N MET A 36 0.02 2.75 11.91
CA MET A 36 0.47 2.80 10.53
C MET A 36 0.69 1.41 9.94
N ARG A 37 1.29 0.51 10.74
CA ARG A 37 1.58 -0.86 10.30
C ARG A 37 0.35 -1.76 10.33
N SER A 38 -0.57 -1.46 11.26
CA SER A 38 -1.82 -2.24 11.37
C SER A 38 -2.74 -2.01 10.19
N LEU A 39 -2.32 -1.07 9.39
CA LEU A 39 -3.01 -0.70 8.15
C LEU A 39 -2.39 -1.46 6.96
N GLY A 40 -1.28 -2.19 7.24
CA GLY A 40 -0.63 -2.97 6.21
C GLY A 40 0.75 -2.54 5.84
N GLN A 41 1.07 -1.41 6.38
CA GLN A 41 2.35 -0.74 6.18
C GLN A 41 3.48 -1.44 6.94
N ASN A 42 4.66 -1.52 6.29
CA ASN A 42 5.84 -2.15 6.90
C ASN A 42 7.07 -1.22 6.84
N PRO A 43 7.03 -0.02 7.49
CA PRO A 43 8.15 0.93 7.52
C PRO A 43 9.13 0.65 8.68
N THR A 44 10.17 1.48 8.81
CA THR A 44 11.15 1.32 9.89
C THR A 44 10.85 2.26 11.03
N GLU A 45 11.77 2.22 11.98
CA GLU A 45 11.76 3.08 13.14
C GLU A 45 12.34 4.40 12.76
N ALA A 46 13.17 4.34 11.72
CA ALA A 46 13.86 5.52 11.25
C ALA A 46 12.91 6.52 10.61
N GLU A 47 11.79 5.98 10.11
CA GLU A 47 10.72 6.76 9.52
C GLU A 47 9.77 7.19 10.60
N LEU A 48 9.68 6.34 11.63
CA LEU A 48 8.89 6.65 12.83
C LEU A 48 9.57 7.78 13.58
N GLN A 49 10.86 7.95 13.30
CA GLN A 49 11.66 9.01 13.90
C GLN A 49 11.78 10.18 13.00
N ASP A 50 11.45 9.90 11.81
CA ASP A 50 11.42 10.88 10.74
C ASP A 50 10.08 11.59 10.70
N MET A 51 9.02 10.84 10.99
CA MET A 51 7.67 11.38 11.03
C MET A 51 7.38 11.94 12.40
N ILE A 52 7.96 11.32 13.44
CA ILE A 52 7.84 11.84 14.80
C ILE A 52 8.71 13.09 14.88
N ASN A 53 9.73 13.13 14.02
CA ASN A 53 10.60 14.30 13.89
C ASN A 53 9.87 15.46 13.21
N GLU A 54 8.98 15.14 12.26
CA GLU A 54 8.24 16.15 11.52
C GLU A 54 6.92 16.57 12.21
N VAL A 55 6.11 15.59 12.61
CA VAL A 55 4.81 15.85 13.24
C VAL A 55 4.93 16.37 14.67
N ASP A 56 5.78 15.72 15.50
CA ASP A 56 5.97 16.16 16.88
C ASP A 56 6.77 17.47 16.93
N ALA A 57 6.44 18.35 15.97
CA ALA A 57 7.08 19.65 15.83
C ALA A 57 6.44 20.70 16.71
N ASP A 58 5.38 20.26 17.31
CA ASP A 58 4.54 21.04 18.19
C ASP A 58 4.80 20.64 19.65
N GLY A 59 5.14 19.36 19.86
CA GLY A 59 5.42 18.84 21.20
C GLY A 59 4.17 18.40 21.95
N ASN A 60 3.31 17.63 21.28
CA ASN A 60 2.08 17.12 21.90
C ASN A 60 2.15 15.61 22.14
N GLY A 61 3.02 14.93 21.39
CA GLY A 61 3.21 13.48 21.52
C GLY A 61 2.00 12.66 21.11
N THR A 62 1.19 13.23 20.22
CA THR A 62 -0.02 12.60 19.74
C THR A 62 -0.28 13.00 18.27
N ILE A 63 -1.07 12.19 17.55
CA ILE A 63 -1.35 12.44 16.11
C ILE A 63 -2.83 12.27 15.76
N ASP A 64 -3.38 13.30 15.09
CA ASP A 64 -4.76 13.29 14.60
C ASP A 64 -4.89 12.40 13.36
N PHE A 65 -6.11 11.95 13.07
CA PHE A 65 -6.38 11.06 11.94
C PHE A 65 -6.72 11.78 10.62
N PRO A 66 -7.56 12.87 10.60
CA PRO A 66 -7.90 13.57 9.34
C PRO A 66 -6.72 14.35 8.73
N GLU A 67 -5.72 14.64 9.58
CA GLU A 67 -4.56 15.40 9.18
C GLU A 67 -3.34 14.54 8.79
N PHE A 68 -3.34 13.25 9.16
CA PHE A 68 -2.18 12.38 8.86
C PHE A 68 -2.21 11.77 7.47
N LEU A 69 -3.38 11.68 6.86
CA LEU A 69 -3.47 11.19 5.51
C LEU A 69 -3.10 12.28 4.55
N THR A 70 -3.44 13.48 4.98
CA THR A 70 -3.13 14.70 4.32
C THR A 70 -1.63 14.80 4.14
N MET A 71 -0.87 14.34 5.16
CA MET A 71 0.57 14.33 5.05
C MET A 71 0.99 13.21 4.10
N MET A 72 0.11 12.19 4.00
CA MET A 72 0.34 11.04 3.11
C MET A 72 -0.08 11.34 1.70
N ALA A 73 -0.91 12.37 1.54
CA ALA A 73 -1.32 12.79 0.23
C ALA A 73 -0.24 13.68 -0.35
N ARG A 74 0.45 14.42 0.52
CA ARG A 74 1.50 15.31 0.07
C ARG A 74 2.88 14.65 -0.02
N LYS A 75 3.11 13.50 0.64
CA LYS A 75 4.42 12.85 0.52
C LYS A 75 4.51 11.95 -0.72
N MET A 76 3.37 11.68 -1.36
CA MET A 76 3.34 10.81 -2.52
C MET A 76 2.99 11.57 -3.80
N LYS A 77 2.17 12.60 -3.64
CA LYS A 77 1.71 13.46 -4.73
C LYS A 77 2.82 14.31 -5.36
N ASP A 78 3.99 14.36 -4.72
CA ASP A 78 5.12 15.16 -5.21
C ASP A 78 6.21 14.28 -5.87
N THR A 79 6.33 13.03 -5.41
CA THR A 79 7.31 12.09 -5.94
C THR A 79 6.81 11.37 -7.21
N ASP A 80 6.26 12.17 -8.15
CA ASP A 80 5.72 11.68 -9.44
C ASP A 80 4.53 10.73 -9.22
N SER A 81 3.35 11.19 -9.65
CA SER A 81 2.10 10.41 -9.51
C SER A 81 1.93 9.41 -10.66
N GLU A 82 2.71 9.59 -11.73
CA GLU A 82 2.66 8.75 -12.91
C GLU A 82 3.56 7.52 -12.70
N GLU A 83 4.74 7.81 -12.18
CA GLU A 83 5.76 6.79 -11.87
C GLU A 83 5.40 6.00 -10.60
N GLU A 84 4.49 6.56 -9.78
CA GLU A 84 4.05 5.92 -8.54
C GLU A 84 3.24 4.64 -8.79
N ILE A 85 2.74 4.52 -10.02
CA ILE A 85 1.96 3.35 -10.44
C ILE A 85 2.88 2.25 -10.98
N ARG A 86 3.72 2.62 -11.96
CA ARG A 86 4.67 1.68 -12.60
C ARG A 86 5.63 1.02 -11.59
N GLU A 87 5.80 1.64 -10.43
CA GLU A 87 6.66 1.10 -9.38
C GLU A 87 5.99 -0.11 -8.73
N ALA A 88 4.67 -0.20 -8.90
CA ALA A 88 3.90 -1.33 -8.37
C ALA A 88 4.25 -2.59 -9.12
N PHE A 89 4.80 -2.42 -10.33
CA PHE A 89 5.29 -3.54 -11.11
C PHE A 89 6.66 -3.87 -10.56
N ARG A 90 7.25 -2.85 -9.90
CA ARG A 90 8.53 -3.00 -9.22
C ARG A 90 8.28 -3.72 -7.90
N VAL A 91 6.99 -3.73 -7.51
CA VAL A 91 6.51 -4.39 -6.32
C VAL A 91 6.23 -5.88 -6.58
N PHE A 92 5.78 -6.18 -7.81
CA PHE A 92 5.42 -7.55 -8.16
C PHE A 92 6.55 -8.28 -8.90
N ASP A 93 7.33 -7.53 -9.69
CA ASP A 93 8.49 -8.06 -10.44
C ASP A 93 9.55 -8.64 -9.50
N LYS A 94 9.44 -9.94 -9.25
CA LYS A 94 10.36 -10.62 -8.33
C LYS A 94 11.63 -11.11 -9.01
N ASP A 95 11.45 -11.84 -10.12
CA ASP A 95 12.56 -12.44 -10.82
C ASP A 95 13.46 -11.45 -11.57
N GLY A 96 13.09 -10.19 -11.43
CA GLY A 96 13.80 -9.07 -12.06
C GLY A 96 14.07 -9.22 -13.56
N ASN A 97 13.15 -9.93 -14.26
CA ASN A 97 13.29 -10.16 -15.69
C ASN A 97 12.46 -9.16 -16.51
N GLY A 98 11.65 -8.37 -15.81
CA GLY A 98 10.80 -7.38 -16.46
C GLY A 98 9.36 -7.81 -16.56
N TYR A 99 9.17 -9.11 -16.42
CA TYR A 99 7.85 -9.73 -16.46
C TYR A 99 7.56 -10.46 -15.15
N ILE A 100 6.49 -10.05 -14.46
CA ILE A 100 6.07 -10.65 -13.21
C ILE A 100 5.35 -11.99 -13.51
N SER A 101 6.13 -13.07 -13.37
CA SER A 101 5.65 -14.44 -13.63
C SER A 101 4.77 -14.97 -12.51
N ALA A 102 4.13 -16.10 -12.80
CA ALA A 102 3.22 -16.77 -11.88
C ALA A 102 3.84 -17.23 -10.57
N ALA A 103 5.17 -17.26 -10.52
CA ALA A 103 5.87 -17.68 -9.31
C ALA A 103 6.11 -16.49 -8.45
N GLU A 104 6.27 -15.37 -9.15
CA GLU A 104 6.53 -14.10 -8.54
C GLU A 104 5.30 -13.53 -7.95
N LEU A 105 4.19 -13.67 -8.65
CA LEU A 105 2.91 -13.21 -8.16
C LEU A 105 2.59 -13.99 -6.91
N ARG A 106 2.94 -15.26 -6.96
CA ARG A 106 2.82 -16.16 -5.84
C ARG A 106 3.80 -15.77 -4.78
N HIS A 107 5.02 -15.49 -5.23
CA HIS A 107 6.07 -15.07 -4.35
C HIS A 107 5.74 -13.69 -3.84
N VAL A 108 4.88 -13.00 -4.60
CA VAL A 108 4.41 -11.68 -4.21
C VAL A 108 3.48 -11.87 -3.06
N MET A 109 2.56 -12.78 -3.30
CA MET A 109 1.60 -13.21 -2.29
C MET A 109 2.28 -13.72 -1.04
N THR A 110 3.35 -14.49 -1.21
CA THR A 110 4.06 -15.02 -0.04
C THR A 110 4.78 -13.90 0.70
N ASN A 111 5.00 -12.77 -0.02
CA ASN A 111 5.61 -11.58 0.57
C ASN A 111 4.57 -10.83 1.38
N LEU A 112 3.37 -10.68 0.78
CA LEU A 112 2.28 -9.96 1.42
C LEU A 112 1.56 -10.84 2.45
N GLY A 113 1.59 -12.16 2.20
CA GLY A 113 0.97 -13.11 3.11
C GLY A 113 0.15 -14.25 2.48
N GLU A 114 -0.08 -14.27 1.14
CA GLU A 114 -0.88 -15.33 0.57
C GLU A 114 -0.08 -16.42 -0.10
N LYS A 115 -0.69 -17.59 -0.16
CA LYS A 115 -0.12 -18.71 -0.85
C LYS A 115 -0.98 -19.01 -2.05
N LEU A 116 -0.31 -19.09 -3.18
CA LEU A 116 -0.94 -19.31 -4.46
C LEU A 116 -0.13 -20.27 -5.32
N THR A 117 -0.75 -21.40 -5.68
CA THR A 117 -0.12 -22.46 -6.46
C THR A 117 -0.17 -22.20 -7.96
N ASP A 118 0.33 -23.18 -8.69
CA ASP A 118 0.42 -23.14 -10.14
C ASP A 118 -0.94 -23.00 -10.84
N GLU A 119 -1.90 -23.81 -10.44
CA GLU A 119 -3.23 -23.80 -11.05
C GLU A 119 -4.18 -22.73 -10.47
N GLU A 120 -3.90 -22.28 -9.26
CA GLU A 120 -4.72 -21.24 -8.62
C GLU A 120 -4.21 -19.83 -8.99
N VAL A 121 -2.92 -19.76 -9.33
CA VAL A 121 -2.26 -18.52 -9.73
C VAL A 121 -2.38 -18.28 -11.22
N ASP A 122 -2.53 -19.38 -11.94
CA ASP A 122 -2.61 -19.32 -13.40
C ASP A 122 -3.94 -18.73 -13.92
N GLU A 123 -4.54 -17.91 -13.08
CA GLU A 123 -5.77 -17.21 -13.40
C GLU A 123 -5.55 -15.71 -13.19
N MET A 124 -4.88 -15.37 -12.08
CA MET A 124 -4.55 -13.99 -11.69
C MET A 124 -3.77 -13.26 -12.78
N ILE A 125 -3.12 -14.03 -13.65
CA ILE A 125 -2.34 -13.48 -14.77
C ILE A 125 -3.23 -13.25 -15.97
N ARG A 126 -4.00 -14.26 -16.30
CA ARG A 126 -4.93 -14.25 -17.43
C ARG A 126 -5.91 -13.08 -17.36
N GLU A 127 -6.23 -12.72 -16.13
CA GLU A 127 -7.13 -11.60 -15.81
C GLU A 127 -6.53 -10.27 -16.26
N ALA A 128 -5.20 -10.15 -16.11
CA ALA A 128 -4.50 -8.93 -16.51
C ALA A 128 -3.90 -9.10 -17.90
N ASP A 129 -3.46 -10.32 -18.16
CA ASP A 129 -2.83 -10.74 -19.40
C ASP A 129 -3.74 -10.59 -20.62
N ILE A 130 -3.21 -9.90 -21.61
CA ILE A 130 -3.90 -9.65 -22.88
C ILE A 130 -3.59 -10.77 -23.89
N ASP A 131 -2.31 -11.17 -23.96
CA ASP A 131 -1.87 -12.21 -24.87
C ASP A 131 -1.90 -13.60 -24.22
N GLY A 132 -1.81 -13.64 -22.89
CA GLY A 132 -1.86 -14.90 -22.14
C GLY A 132 -0.56 -15.69 -22.18
N ASP A 133 0.57 -15.02 -21.87
CA ASP A 133 1.89 -15.67 -21.86
C ASP A 133 2.21 -16.33 -20.51
N GLY A 134 1.51 -15.89 -19.47
CA GLY A 134 1.70 -16.43 -18.12
C GLY A 134 2.64 -15.61 -17.29
N GLN A 135 3.01 -14.49 -17.85
CA GLN A 135 3.88 -13.52 -17.23
C GLN A 135 3.36 -12.13 -17.55
N VAL A 136 2.79 -11.50 -16.53
CA VAL A 136 2.16 -10.19 -16.65
C VAL A 136 3.16 -9.05 -16.90
N ASN A 137 2.90 -8.31 -18.00
CA ASN A 137 3.73 -7.18 -18.43
C ASN A 137 3.27 -5.89 -17.74
N TYR A 138 3.69 -4.76 -18.30
CA TYR A 138 3.34 -3.43 -17.81
C TYR A 138 1.87 -3.12 -18.13
N GLU A 139 1.50 -3.21 -19.41
CA GLU A 139 0.13 -2.92 -19.88
C GLU A 139 -0.93 -3.87 -19.33
N GLU A 140 -0.50 -5.04 -18.88
CA GLU A 140 -1.45 -6.00 -18.30
C GLU A 140 -1.63 -5.72 -16.82
N PHE A 141 -0.52 -5.44 -16.19
CA PHE A 141 -0.47 -5.05 -14.80
C PHE A 141 -1.11 -3.65 -14.64
N VAL A 142 -1.10 -2.92 -15.75
CA VAL A 142 -1.63 -1.55 -15.77
C VAL A 142 -3.13 -1.54 -16.03
N GLN A 143 -3.53 -2.26 -17.07
CA GLN A 143 -4.96 -2.35 -17.42
C GLN A 143 -5.80 -2.86 -16.25
N MET A 144 -5.22 -3.75 -15.42
CA MET A 144 -5.93 -4.29 -14.26
C MET A 144 -6.20 -3.21 -13.21
N MET A 145 -5.42 -2.11 -13.26
CA MET A 145 -5.63 -0.98 -12.36
C MET A 145 -6.65 -0.01 -12.99
N THR A 146 -7.07 -0.34 -14.24
CA THR A 146 -8.04 0.46 -14.99
C THR A 146 -9.28 -0.36 -15.34
N ALA A 147 -9.05 -1.56 -15.90
CA ALA A 147 -10.14 -2.48 -16.29
C ALA A 147 -11.10 -2.80 -15.12
N LYS A 148 -10.51 -2.99 -13.92
CA LYS A 148 -11.28 -3.30 -12.68
C LYS A 148 -12.15 -4.55 -12.83
N THR B 1 -10.28 -17.92 0.08
CA THR B 1 -9.46 -16.99 -0.74
C THR B 1 -10.17 -15.66 -0.96
N ARG B 2 -9.43 -14.56 -0.81
CA ARG B 2 -9.97 -13.22 -0.99
C ARG B 2 -9.57 -12.63 -2.34
N LYS B 3 -8.31 -12.86 -2.73
CA LYS B 3 -7.79 -12.34 -4.01
C LYS B 3 -7.83 -13.43 -5.09
N LYS B 4 -8.32 -13.05 -6.27
CA LYS B 4 -8.42 -13.98 -7.41
C LYS B 4 -7.98 -13.31 -8.73
N THR B 5 -7.71 -12.01 -8.68
CA THR B 5 -7.29 -11.25 -9.87
C THR B 5 -6.18 -10.24 -9.53
N PHE B 6 -5.42 -9.82 -10.56
CA PHE B 6 -4.33 -8.83 -10.37
C PHE B 6 -4.92 -7.48 -9.92
N LYS B 7 -6.19 -7.23 -10.31
CA LYS B 7 -6.92 -5.99 -9.95
C LYS B 7 -7.03 -5.82 -8.42
N GLU B 8 -7.34 -6.92 -7.73
CA GLU B 8 -7.51 -6.94 -6.26
C GLU B 8 -6.17 -6.94 -5.51
N VAL B 9 -5.16 -7.61 -6.06
CA VAL B 9 -3.82 -7.70 -5.44
C VAL B 9 -3.09 -6.36 -5.49
N ALA B 10 -3.33 -5.60 -6.58
CA ALA B 10 -2.72 -4.29 -6.80
C ALA B 10 -3.34 -3.22 -5.90
N ASN B 11 -4.67 -3.28 -5.74
CA ASN B 11 -5.42 -2.33 -4.90
C ASN B 11 -4.95 -2.37 -3.44
N ALA B 12 -4.41 -3.53 -3.03
CA ALA B 12 -3.91 -3.72 -1.66
C ALA B 12 -2.54 -3.05 -1.47
N VAL B 13 -1.69 -3.12 -2.51
CA VAL B 13 -0.35 -2.51 -2.45
C VAL B 13 -0.19 -1.34 -3.47
N LYS B 14 -1.32 -0.67 -3.81
CA LYS B 14 -1.30 0.47 -4.74
C LYS B 14 -0.98 1.78 -4.02
N ILE B 15 -1.51 1.91 -2.80
CA ILE B 15 -1.29 3.11 -1.98
C ILE B 15 -0.31 2.81 -0.81
N SER B 16 0.46 1.73 -0.97
CA SER B 16 1.43 1.31 0.05
C SER B 16 2.80 1.97 -0.16
N ALA B 17 3.09 2.36 -1.41
CA ALA B 17 4.35 3.01 -1.76
C ALA B 17 4.26 4.54 -1.62
N SER B 18 3.31 4.99 -0.78
CA SER B 18 3.09 6.42 -0.55
C SER B 18 3.95 6.95 0.60
N LEU B 19 4.14 6.11 1.63
CA LEU B 19 4.94 6.47 2.81
C LEU B 19 6.44 6.15 2.60
N MET B 20 6.75 5.47 1.48
CA MET B 20 8.12 5.09 1.16
C MET B 20 8.76 6.13 0.24
N GLY B 21 9.98 6.57 0.61
CA GLY B 21 10.71 7.56 -0.16
C GLY B 21 12.04 7.03 -0.67
N THR B 22 12.87 6.55 0.26
CA THR B 22 14.19 6.02 -0.08
C THR B 22 14.17 4.49 -0.13
N ALA A 1 -9.60 22.09 4.21
CA ALA A 1 -10.41 20.85 4.29
C ALA A 1 -9.92 19.94 5.41
N ASP A 2 -10.86 19.48 6.23
CA ASP A 2 -10.53 18.59 7.37
C ASP A 2 -10.85 17.13 7.01
N GLN A 3 -12.02 16.90 6.40
CA GLN A 3 -12.45 15.56 6.00
C GLN A 3 -11.99 15.23 4.59
N LEU A 4 -11.73 13.94 4.33
CA LEU A 4 -11.30 13.49 3.04
C LEU A 4 -12.28 12.41 2.55
N THR A 5 -11.77 11.23 2.26
CA THR A 5 -12.53 10.09 1.81
C THR A 5 -12.76 9.13 2.96
N GLU A 6 -13.67 8.14 2.78
CA GLU A 6 -14.00 7.13 3.82
C GLU A 6 -12.78 6.51 4.50
N GLU A 7 -11.63 6.58 3.83
CA GLU A 7 -10.36 6.09 4.38
C GLU A 7 -10.15 6.60 5.81
N GLN A 8 -10.66 7.82 6.03
CA GLN A 8 -10.61 8.45 7.35
C GLN A 8 -11.44 7.70 8.35
N ILE A 9 -12.69 7.52 8.01
CA ILE A 9 -13.62 6.82 8.84
C ILE A 9 -13.20 5.35 9.03
N ALA A 10 -12.53 4.82 7.99
CA ALA A 10 -12.04 3.44 7.98
C ALA A 10 -10.80 3.17 8.86
N GLU A 11 -9.83 4.11 8.93
CA GLU A 11 -8.61 3.85 9.72
C GLU A 11 -8.28 4.93 10.73
N PHE A 12 -8.82 6.13 10.57
CA PHE A 12 -8.55 7.22 11.52
C PHE A 12 -9.27 6.95 12.85
N LYS A 13 -10.24 6.01 12.80
CA LYS A 13 -10.99 5.61 13.94
C LYS A 13 -10.17 4.61 14.75
N GLU A 14 -9.50 3.72 14.00
CA GLU A 14 -8.66 2.69 14.60
C GLU A 14 -7.32 3.22 15.04
N ALA A 15 -6.73 4.08 14.22
CA ALA A 15 -5.44 4.70 14.56
C ALA A 15 -5.63 5.62 15.76
N PHE A 16 -6.89 6.01 15.97
CA PHE A 16 -7.28 6.82 17.09
C PHE A 16 -7.59 5.94 18.29
N SER A 17 -8.36 4.87 18.05
CA SER A 17 -8.77 3.99 19.12
C SER A 17 -7.80 2.88 19.47
N LEU A 18 -6.81 2.63 18.62
CA LEU A 18 -5.83 1.57 18.91
C LEU A 18 -4.91 1.97 20.04
N PHE A 19 -4.67 3.27 20.19
CA PHE A 19 -3.79 3.78 21.21
C PHE A 19 -4.34 4.99 22.00
N ASP A 20 -5.49 5.57 21.59
CA ASP A 20 -6.02 6.72 22.32
C ASP A 20 -7.06 6.29 23.35
N LYS A 21 -6.57 5.79 24.49
CA LYS A 21 -7.42 5.33 25.57
C LYS A 21 -7.94 6.44 26.45
N ASP A 22 -7.08 7.40 26.73
CA ASP A 22 -7.41 8.56 27.53
C ASP A 22 -8.28 9.49 26.71
N GLY A 23 -8.19 9.31 25.38
CA GLY A 23 -8.94 10.15 24.43
C GLY A 23 -8.30 11.52 24.37
N ASP A 24 -6.99 11.47 24.14
CA ASP A 24 -6.12 12.63 24.14
C ASP A 24 -5.86 13.20 22.75
N GLY A 25 -6.77 12.90 21.83
CA GLY A 25 -6.67 13.35 20.45
C GLY A 25 -5.52 12.69 19.67
N THR A 26 -4.29 13.01 20.08
CA THR A 26 -3.09 12.47 19.45
C THR A 26 -2.54 11.27 20.21
N ILE A 27 -1.59 10.64 19.54
CA ILE A 27 -0.87 9.50 20.01
C ILE A 27 0.62 9.71 19.77
N THR A 28 1.44 9.21 20.71
CA THR A 28 2.89 9.33 20.65
C THR A 28 3.51 8.79 19.35
N THR A 29 4.70 9.31 19.01
CA THR A 29 5.43 8.94 17.81
C THR A 29 5.96 7.52 17.86
N LYS A 30 6.72 7.22 18.90
CA LYS A 30 7.26 5.88 19.15
C LYS A 30 6.15 4.83 19.21
N GLU A 31 4.91 5.31 19.33
CA GLU A 31 3.73 4.43 19.42
C GLU A 31 2.91 4.44 18.14
N LEU A 32 2.94 5.58 17.41
CA LEU A 32 2.22 5.75 16.14
C LEU A 32 2.61 4.67 15.14
N GLY A 33 3.88 4.25 15.19
CA GLY A 33 4.35 3.19 14.33
C GLY A 33 3.57 1.92 14.51
N THR A 34 3.20 1.67 15.76
CA THR A 34 2.43 0.49 16.14
C THR A 34 0.94 0.65 15.84
N VAL A 35 0.44 1.90 15.89
CA VAL A 35 -0.93 2.18 15.55
C VAL A 35 -1.03 2.12 14.02
N MET A 36 0.13 2.40 13.41
CA MET A 36 0.34 2.34 11.96
C MET A 36 0.50 0.90 11.48
N ARG A 37 1.19 0.07 12.26
CA ARG A 37 1.44 -1.31 11.90
C ARG A 37 0.30 -2.24 12.27
N SER A 38 -0.48 -1.86 13.28
CA SER A 38 -1.65 -2.64 13.69
C SER A 38 -2.72 -2.66 12.61
N LEU A 39 -2.45 -1.84 11.61
CA LEU A 39 -3.29 -1.69 10.43
C LEU A 39 -2.80 -2.62 9.31
N GLY A 40 -1.70 -3.35 9.58
CA GLY A 40 -1.18 -4.31 8.62
C GLY A 40 0.19 -4.02 8.07
N GLN A 41 0.60 -2.83 8.36
CA GLN A 41 1.91 -2.31 7.95
C GLN A 41 3.05 -2.91 8.80
N ASN A 42 4.27 -2.91 8.25
CA ASN A 42 5.46 -3.49 8.90
C ASN A 42 6.12 -2.53 9.91
N PRO A 43 6.45 -3.02 11.15
CA PRO A 43 7.07 -2.18 12.19
C PRO A 43 8.61 -2.13 12.18
N THR A 44 9.15 -1.04 11.66
CA THR A 44 10.59 -0.80 11.72
C THR A 44 10.85 0.62 12.12
N GLU A 45 12.11 0.90 12.24
CA GLU A 45 12.59 2.20 12.58
C GLU A 45 12.65 3.04 11.34
N ALA A 46 12.78 2.33 10.22
CA ALA A 46 12.94 2.99 8.93
C ALA A 46 11.66 3.67 8.47
N GLU A 47 10.54 3.04 8.79
CA GLU A 47 9.22 3.54 8.49
C GLU A 47 8.78 4.47 9.59
N LEU A 48 9.36 4.23 10.75
CA LEU A 48 9.15 5.04 11.92
C LEU A 48 9.91 6.34 11.77
N GLN A 49 10.88 6.31 10.87
CA GLN A 49 11.67 7.49 10.56
C GLN A 49 11.25 8.09 9.28
N ASP A 50 10.51 7.30 8.58
CA ASP A 50 9.93 7.70 7.32
C ASP A 50 8.58 8.37 7.52
N MET A 51 7.79 7.84 8.46
CA MET A 51 6.50 8.41 8.76
C MET A 51 6.61 9.51 9.80
N ILE A 52 7.61 9.39 10.69
CA ILE A 52 7.87 10.42 11.66
C ILE A 52 8.63 11.55 10.94
N ASN A 53 9.23 11.18 9.79
CA ASN A 53 9.89 12.17 8.92
C ASN A 53 8.87 12.96 8.12
N GLU A 54 7.76 12.29 7.73
CA GLU A 54 6.73 12.93 6.93
C GLU A 54 5.73 13.78 7.74
N VAL A 55 5.17 13.21 8.82
CA VAL A 55 4.20 13.91 9.65
C VAL A 55 4.86 14.71 10.78
N ASP A 56 5.72 14.05 11.57
CA ASP A 56 6.41 14.71 12.68
C ASP A 56 7.48 15.68 12.14
N ALA A 57 7.11 16.34 11.04
CA ALA A 57 7.98 17.30 10.35
C ALA A 57 7.89 18.68 10.95
N ASP A 58 6.98 18.77 11.88
CA ASP A 58 6.66 19.98 12.60
C ASP A 58 7.51 20.11 13.88
N GLY A 59 7.84 18.96 14.48
CA GLY A 59 8.65 18.94 15.70
C GLY A 59 7.84 19.14 16.97
N ASN A 60 6.76 18.35 17.11
CA ASN A 60 5.89 18.43 18.29
C ASN A 60 6.03 17.18 19.16
N GLY A 61 6.50 16.10 18.54
CA GLY A 61 6.70 14.82 19.23
C GLY A 61 5.42 14.07 19.54
N THR A 62 4.40 14.33 18.72
CA THR A 62 3.10 13.71 18.84
C THR A 62 2.44 13.59 17.46
N ILE A 63 1.21 13.04 17.40
CA ILE A 63 0.52 12.82 16.11
C ILE A 63 -1.00 13.10 16.16
N ASP A 64 -1.41 14.35 15.90
CA ASP A 64 -2.84 14.74 15.84
C ASP A 64 -3.57 13.94 14.75
N PHE A 65 -4.91 13.91 14.81
CA PHE A 65 -5.72 13.14 13.86
C PHE A 65 -5.98 13.84 12.50
N PRO A 66 -6.19 15.19 12.43
CA PRO A 66 -6.43 15.87 11.13
C PRO A 66 -5.19 15.91 10.24
N GLU A 67 -4.02 15.71 10.85
CA GLU A 67 -2.75 15.74 10.16
C GLU A 67 -2.24 14.39 9.66
N PHE A 68 -2.63 13.26 10.29
CA PHE A 68 -2.11 11.95 9.85
C PHE A 68 -2.88 11.33 8.69
N LEU A 69 -4.11 11.76 8.45
CA LEU A 69 -4.83 11.27 7.29
C LEU A 69 -4.32 11.97 6.07
N THR A 70 -3.88 13.18 6.32
CA THR A 70 -3.25 14.04 5.37
C THR A 70 -2.09 13.31 4.72
N MET A 71 -1.39 12.48 5.51
CA MET A 71 -0.30 11.67 4.99
C MET A 71 -0.86 10.54 4.10
N MET A 72 -2.12 10.15 4.39
CA MET A 72 -2.82 9.14 3.59
C MET A 72 -3.55 9.81 2.46
N ALA A 73 -3.88 11.08 2.67
CA ALA A 73 -4.54 11.88 1.68
C ALA A 73 -3.57 12.14 0.54
N ARG A 74 -2.28 12.32 0.87
CA ARG A 74 -1.28 12.54 -0.16
C ARG A 74 -0.91 11.25 -0.89
N LYS A 75 -1.17 10.09 -0.24
CA LYS A 75 -0.93 8.81 -0.88
C LYS A 75 -1.91 8.52 -2.03
N MET A 76 -3.00 9.30 -2.08
CA MET A 76 -4.04 9.11 -3.08
C MET A 76 -4.25 10.37 -3.92
N LYS A 77 -3.98 11.50 -3.30
CA LYS A 77 -4.11 12.81 -3.91
C LYS A 77 -2.85 13.24 -4.68
N ASP A 78 -1.68 12.84 -4.16
CA ASP A 78 -0.39 13.21 -4.75
C ASP A 78 0.26 12.05 -5.52
N THR A 79 -0.38 10.88 -5.49
CA THR A 79 0.12 9.68 -6.18
C THR A 79 0.24 9.91 -7.70
N ASP A 80 1.47 10.23 -8.14
CA ASP A 80 1.77 10.47 -9.56
C ASP A 80 1.62 9.19 -10.39
N SER A 81 1.14 9.35 -11.62
CA SER A 81 0.93 8.22 -12.54
C SER A 81 2.21 7.81 -13.29
N GLU A 82 3.23 8.66 -13.23
CA GLU A 82 4.50 8.43 -13.89
C GLU A 82 5.40 7.57 -13.01
N GLU A 83 5.46 7.97 -11.75
CA GLU A 83 6.24 7.28 -10.72
C GLU A 83 5.54 6.03 -10.20
N GLU A 84 4.22 5.94 -10.43
CA GLU A 84 3.41 4.80 -9.99
C GLU A 84 3.77 3.52 -10.76
N ILE A 85 4.42 3.70 -11.90
CA ILE A 85 4.85 2.61 -12.77
C ILE A 85 6.20 2.05 -12.31
N ARG A 86 7.21 2.93 -12.25
CA ARG A 86 8.57 2.53 -11.82
C ARG A 86 8.59 2.06 -10.37
N GLU A 87 7.58 2.47 -9.60
CA GLU A 87 7.43 2.06 -8.23
C GLU A 87 6.67 0.73 -8.19
N ALA A 88 5.94 0.46 -9.28
CA ALA A 88 5.19 -0.77 -9.43
C ALA A 88 6.13 -1.94 -9.59
N PHE A 89 7.35 -1.64 -10.02
CA PHE A 89 8.40 -2.63 -10.10
C PHE A 89 9.00 -2.77 -8.72
N ARG A 90 8.79 -1.71 -7.92
CA ARG A 90 9.21 -1.69 -6.53
C ARG A 90 8.17 -2.46 -5.72
N VAL A 91 6.96 -2.54 -6.29
CA VAL A 91 5.85 -3.23 -5.71
C VAL A 91 5.83 -4.71 -6.11
N PHE A 92 5.82 -4.99 -7.41
CA PHE A 92 5.72 -6.35 -7.90
C PHE A 92 7.06 -6.96 -8.37
N ASP A 93 7.84 -6.23 -9.17
CA ASP A 93 9.14 -6.72 -9.70
C ASP A 93 10.12 -7.06 -8.59
N LYS A 94 10.14 -8.35 -8.24
CA LYS A 94 11.01 -8.86 -7.17
C LYS A 94 12.38 -9.25 -7.67
N ASP A 95 12.41 -10.09 -8.72
CA ASP A 95 13.66 -10.62 -9.26
C ASP A 95 14.50 -9.60 -10.02
N GLY A 96 13.98 -8.38 -10.07
CA GLY A 96 14.62 -7.25 -10.75
C GLY A 96 15.09 -7.54 -12.18
N ASN A 97 14.36 -8.42 -12.87
CA ASN A 97 14.70 -8.80 -14.25
C ASN A 97 13.89 -8.00 -15.27
N GLY A 98 12.90 -7.24 -14.78
CA GLY A 98 12.06 -6.44 -15.65
C GLY A 98 10.68 -7.02 -15.83
N TYR A 99 10.58 -8.30 -15.54
CA TYR A 99 9.33 -9.05 -15.63
C TYR A 99 8.98 -9.67 -14.28
N ILE A 100 7.83 -9.26 -13.73
CA ILE A 100 7.33 -9.77 -12.47
C ILE A 100 6.71 -11.16 -12.69
N SER A 101 7.42 -12.20 -12.27
CA SER A 101 6.98 -13.58 -12.45
C SER A 101 5.97 -14.01 -11.39
N ALA A 102 5.29 -15.12 -11.68
CA ALA A 102 4.25 -15.70 -10.82
C ALA A 102 4.72 -16.07 -9.42
N ALA A 103 6.03 -16.11 -9.20
CA ALA A 103 6.58 -16.47 -7.90
C ALA A 103 6.72 -15.23 -7.07
N GLU A 104 6.94 -14.15 -7.80
CA GLU A 104 7.14 -12.85 -7.24
C GLU A 104 5.83 -12.21 -6.93
N LEU A 105 4.86 -12.43 -7.79
CA LEU A 105 3.53 -11.94 -7.54
C LEU A 105 2.98 -12.70 -6.34
N ARG A 106 3.41 -13.96 -6.25
CA ARG A 106 3.06 -14.81 -5.14
C ARG A 106 3.79 -14.32 -3.92
N HIS A 107 5.07 -14.02 -4.14
CA HIS A 107 5.93 -13.50 -3.10
C HIS A 107 5.45 -12.10 -2.76
N VAL A 108 4.74 -11.52 -3.72
CA VAL A 108 4.15 -10.20 -3.56
C VAL A 108 3.02 -10.34 -2.59
N MET A 109 2.19 -11.28 -2.96
CA MET A 109 1.05 -11.67 -2.19
C MET A 109 1.44 -12.15 -0.81
N THR A 110 2.55 -12.87 -0.72
CA THR A 110 2.98 -13.35 0.59
C THR A 110 3.51 -12.18 1.43
N ASN A 111 3.85 -11.07 0.73
CA ASN A 111 4.29 -9.86 1.38
C ASN A 111 3.08 -9.09 1.88
N LEU A 112 2.06 -8.99 1.00
CA LEU A 112 0.85 -8.26 1.32
C LEU A 112 -0.10 -9.08 2.19
N GLY A 113 -0.03 -10.40 2.05
CA GLY A 113 -0.88 -11.29 2.84
C GLY A 113 -1.44 -12.53 2.14
N GLU A 114 -1.32 -12.69 0.80
CA GLU A 114 -1.87 -13.87 0.16
C GLU A 114 -0.87 -14.94 -0.16
N LYS A 115 -1.37 -16.16 -0.17
CA LYS A 115 -0.59 -17.30 -0.55
C LYS A 115 -1.12 -17.76 -1.88
N LEU A 116 -0.21 -17.90 -2.81
CA LEU A 116 -0.55 -18.24 -4.17
C LEU A 116 0.35 -19.34 -4.75
N THR A 117 -0.28 -20.49 -5.05
CA THR A 117 0.39 -21.65 -5.61
C THR A 117 0.67 -21.48 -7.09
N ASP A 118 1.20 -22.55 -7.69
CA ASP A 118 1.58 -22.57 -9.10
C ASP A 118 0.39 -22.57 -10.07
N GLU A 119 -0.67 -23.28 -9.72
CA GLU A 119 -1.85 -23.35 -10.58
C GLU A 119 -2.87 -22.24 -10.31
N GLU A 120 -2.74 -21.57 -9.16
CA GLU A 120 -3.63 -20.46 -8.80
C GLU A 120 -3.10 -19.13 -9.36
N VAL A 121 -1.81 -19.12 -9.75
CA VAL A 121 -1.18 -17.93 -10.35
C VAL A 121 -1.46 -17.84 -11.83
N ASP A 122 -1.65 -19.01 -12.45
CA ASP A 122 -1.93 -19.12 -13.89
C ASP A 122 -3.33 -18.57 -14.26
N GLU A 123 -3.76 -17.58 -13.49
CA GLU A 123 -5.03 -16.88 -13.68
C GLU A 123 -4.92 -15.40 -13.31
N MET A 124 -3.90 -15.04 -12.54
CA MET A 124 -3.61 -13.65 -12.16
C MET A 124 -2.75 -13.00 -13.22
N ILE A 125 -2.05 -13.86 -13.97
CA ILE A 125 -1.17 -13.43 -15.04
C ILE A 125 -1.89 -13.29 -16.37
N ARG A 126 -2.71 -14.26 -16.72
CA ARG A 126 -3.45 -14.27 -18.00
C ARG A 126 -4.37 -13.05 -18.15
N GLU A 127 -4.91 -12.63 -17.03
CA GLU A 127 -5.77 -11.45 -16.94
C GLU A 127 -4.99 -10.20 -17.27
N ALA A 128 -3.72 -10.21 -16.84
CA ALA A 128 -2.83 -9.08 -17.05
C ALA A 128 -2.07 -9.25 -18.36
N ASP A 129 -1.63 -10.46 -18.56
CA ASP A 129 -0.84 -10.88 -19.71
C ASP A 129 -1.54 -10.69 -21.05
N ILE A 130 -0.86 -9.92 -21.88
CA ILE A 130 -1.32 -9.59 -23.23
C ILE A 130 -0.77 -10.61 -24.24
N ASP A 131 0.52 -10.96 -24.10
CA ASP A 131 1.18 -11.90 -24.98
C ASP A 131 1.15 -13.35 -24.44
N GLY A 132 1.04 -13.47 -23.11
CA GLY A 132 0.97 -14.78 -22.47
C GLY A 132 2.33 -15.44 -22.26
N ASP A 133 3.28 -14.70 -21.68
CA ASP A 133 4.63 -15.22 -21.42
C ASP A 133 4.74 -15.92 -20.06
N GLY A 134 3.80 -15.60 -19.16
CA GLY A 134 3.78 -16.19 -17.82
C GLY A 134 4.47 -15.35 -16.79
N GLN A 135 4.76 -14.13 -17.18
CA GLN A 135 5.39 -13.13 -16.36
C GLN A 135 4.72 -11.79 -16.61
N VAL A 136 4.15 -11.21 -15.56
CA VAL A 136 3.45 -9.93 -15.66
C VAL A 136 4.40 -8.73 -15.71
N ASN A 137 4.37 -8.09 -16.88
CA ASN A 137 5.20 -6.92 -17.17
C ASN A 137 4.55 -5.63 -16.68
N TYR A 138 5.03 -4.49 -17.19
CA TYR A 138 4.51 -3.18 -16.86
C TYR A 138 3.11 -3.00 -17.46
N GLU A 139 3.02 -3.14 -18.78
CA GLU A 139 1.75 -2.99 -19.52
C GLU A 139 0.68 -3.99 -19.11
N GLU A 140 1.07 -5.09 -18.49
CA GLU A 140 0.10 -6.09 -18.04
C GLU A 140 -0.37 -5.76 -16.65
N PHE A 141 0.56 -5.29 -15.84
CA PHE A 141 0.28 -4.84 -14.50
C PHE A 141 -0.37 -3.45 -14.55
N VAL A 142 -0.12 -2.75 -15.66
CA VAL A 142 -0.62 -1.39 -15.85
C VAL A 142 -2.02 -1.35 -16.42
N GLN A 143 -2.29 -2.24 -17.38
CA GLN A 143 -3.63 -2.30 -18.00
C GLN A 143 -4.78 -2.35 -16.96
N MET A 144 -4.55 -3.00 -15.80
CA MET A 144 -5.60 -3.06 -14.75
C MET A 144 -5.95 -1.66 -14.24
N MET A 145 -4.97 -0.76 -14.30
CA MET A 145 -5.15 0.62 -13.86
C MET A 145 -5.81 1.43 -15.00
N THR A 146 -6.00 0.77 -16.15
CA THR A 146 -6.64 1.36 -17.32
C THR A 146 -7.88 0.60 -17.75
N ALA A 147 -7.76 -0.75 -17.80
CA ALA A 147 -8.88 -1.64 -18.18
C ALA A 147 -10.13 -1.41 -17.31
N LYS A 148 -9.92 -1.19 -16.00
CA LYS A 148 -11.00 -0.96 -15.01
C LYS A 148 -12.02 -2.12 -14.98
N THR B 1 -12.82 -16.23 -7.83
CA THR B 1 -11.68 -17.01 -8.41
C THR B 1 -11.53 -16.74 -9.91
N ARG B 2 -12.66 -16.74 -10.63
CA ARG B 2 -12.66 -16.50 -12.07
C ARG B 2 -13.03 -15.04 -12.38
N LYS B 3 -12.55 -14.55 -13.54
CA LYS B 3 -12.80 -13.17 -14.02
C LYS B 3 -12.19 -12.12 -13.08
N LYS B 4 -11.27 -11.29 -13.64
CA LYS B 4 -10.57 -10.21 -12.90
C LYS B 4 -9.74 -10.77 -11.72
N THR B 5 -8.41 -10.57 -11.81
CA THR B 5 -7.49 -11.02 -10.76
C THR B 5 -6.51 -9.91 -10.39
N PHE B 6 -5.74 -9.41 -11.38
CA PHE B 6 -4.79 -8.31 -11.14
C PHE B 6 -5.55 -7.02 -10.82
N LYS B 7 -6.78 -6.92 -11.36
CA LYS B 7 -7.67 -5.76 -11.11
C LYS B 7 -7.96 -5.63 -9.61
N GLU B 8 -8.03 -6.78 -8.92
CA GLU B 8 -8.28 -6.84 -7.47
C GLU B 8 -7.01 -6.49 -6.66
N VAL B 9 -5.84 -6.96 -7.14
CA VAL B 9 -4.55 -6.71 -6.47
C VAL B 9 -4.11 -5.24 -6.65
N ALA B 10 -4.54 -4.64 -7.77
CA ALA B 10 -4.21 -3.24 -8.12
C ALA B 10 -4.72 -2.24 -7.08
N ASN B 11 -6.03 -2.31 -6.77
CA ASN B 11 -6.66 -1.40 -5.79
C ASN B 11 -6.10 -1.61 -4.37
N ALA B 12 -5.50 -2.78 -4.15
CA ALA B 12 -4.91 -3.15 -2.87
C ALA B 12 -3.54 -2.47 -2.63
N VAL B 13 -2.76 -2.27 -3.71
CA VAL B 13 -1.44 -1.66 -3.58
C VAL B 13 -1.21 -0.48 -4.57
N LYS B 14 -2.29 0.20 -5.00
CA LYS B 14 -2.16 1.35 -5.91
C LYS B 14 -1.98 2.67 -5.11
N ILE B 15 -1.26 2.56 -3.98
CA ILE B 15 -0.98 3.70 -3.10
C ILE B 15 0.41 4.29 -3.40
N SER B 16 0.70 5.48 -2.86
CA SER B 16 1.98 6.16 -3.07
C SER B 16 3.10 5.58 -2.20
N ALA B 17 4.29 6.18 -2.28
CA ALA B 17 5.46 5.74 -1.53
C ALA B 17 5.49 6.32 -0.10
N SER B 18 4.35 6.84 0.38
CA SER B 18 4.27 7.42 1.73
C SER B 18 3.90 6.32 2.74
N LEU B 19 2.74 5.66 2.55
CA LEU B 19 2.35 4.55 3.42
C LEU B 19 1.75 3.40 2.62
N MET B 20 2.55 2.32 2.50
CA MET B 20 2.14 1.13 1.76
C MET B 20 2.31 -0.14 2.61
N GLY B 21 1.48 -1.15 2.32
CA GLY B 21 1.53 -2.41 3.05
C GLY B 21 0.31 -3.27 2.81
N THR B 22 -0.87 -2.72 3.11
CA THR B 22 -2.14 -3.44 2.93
C THR B 22 -3.08 -2.65 2.01
N ALA A 1 -10.36 19.48 10.25
CA ALA A 1 -10.51 20.81 9.59
C ALA A 1 -9.97 20.79 8.15
N ASP A 2 -8.81 20.14 7.97
CA ASP A 2 -8.17 20.04 6.66
C ASP A 2 -8.26 18.62 6.12
N GLN A 3 -8.93 18.47 4.98
CA GLN A 3 -9.11 17.18 4.32
C GLN A 3 -8.68 17.25 2.86
N LEU A 4 -8.27 16.09 2.31
CA LEU A 4 -7.86 16.00 0.93
C LEU A 4 -8.96 15.30 0.12
N THR A 5 -8.71 14.06 -0.29
CA THR A 5 -9.64 13.25 -1.02
C THR A 5 -10.31 12.25 -0.08
N GLU A 6 -11.11 11.33 -0.64
CA GLU A 6 -11.82 10.30 0.15
C GLU A 6 -10.87 9.38 0.91
N GLU A 7 -9.65 9.26 0.40
CA GLU A 7 -8.59 8.45 1.03
C GLU A 7 -8.34 8.87 2.47
N GLN A 8 -8.58 10.15 2.70
CA GLN A 8 -8.43 10.76 4.00
C GLN A 8 -9.64 10.43 4.86
N ILE A 9 -10.82 10.56 4.26
CA ILE A 9 -12.07 10.27 4.93
C ILE A 9 -12.15 8.78 5.30
N ALA A 10 -11.54 7.95 4.44
CA ALA A 10 -11.52 6.49 4.62
C ALA A 10 -10.59 6.00 5.74
N GLU A 11 -9.45 6.68 5.96
CA GLU A 11 -8.50 6.24 6.98
C GLU A 11 -8.33 7.17 8.16
N PHE A 12 -8.73 8.44 8.03
CA PHE A 12 -8.60 9.38 9.16
C PHE A 12 -9.64 9.08 10.25
N LYS A 13 -10.64 8.30 9.85
CA LYS A 13 -11.71 7.88 10.72
C LYS A 13 -11.24 6.67 11.51
N GLU A 14 -10.52 5.79 10.80
CA GLU A 14 -10.01 4.56 11.39
C GLU A 14 -8.72 4.78 12.13
N ALA A 15 -7.84 5.62 11.60
CA ALA A 15 -6.56 5.92 12.28
C ALA A 15 -6.83 6.65 13.58
N PHE A 16 -8.01 7.28 13.63
CA PHE A 16 -8.47 7.97 14.81
C PHE A 16 -9.20 6.99 15.74
N SER A 17 -10.09 6.17 15.15
CA SER A 17 -10.89 5.26 15.94
C SER A 17 -10.24 3.91 16.21
N LEU A 18 -9.16 3.57 15.50
CA LEU A 18 -8.50 2.28 15.73
C LEU A 18 -7.82 2.24 17.08
N PHE A 19 -7.37 3.40 17.54
CA PHE A 19 -6.71 3.50 18.82
C PHE A 19 -7.27 4.59 19.74
N ASP A 20 -8.09 5.52 19.21
CA ASP A 20 -8.67 6.55 20.06
C ASP A 20 -10.13 6.22 20.37
N LYS A 21 -10.35 5.38 21.39
CA LYS A 21 -11.70 4.98 21.74
C LYS A 21 -12.38 5.96 22.68
N ASP A 22 -11.57 6.74 23.39
CA ASP A 22 -12.05 7.74 24.30
C ASP A 22 -12.47 8.98 23.51
N GLY A 23 -11.90 9.06 22.30
CA GLY A 23 -12.17 10.21 21.40
C GLY A 23 -11.34 11.39 21.82
N ASP A 24 -10.04 11.11 21.93
CA ASP A 24 -9.05 12.07 22.40
C ASP A 24 -8.34 12.82 21.29
N GLY A 25 -8.98 12.86 20.13
CA GLY A 25 -8.44 13.53 18.95
C GLY A 25 -7.20 12.87 18.36
N THR A 26 -6.10 12.89 19.13
CA THR A 26 -4.83 12.33 18.74
C THR A 26 -4.61 10.94 19.29
N ILE A 27 -3.77 10.17 18.60
CA ILE A 27 -3.45 8.81 18.97
C ILE A 27 -1.96 8.65 19.31
N THR A 28 -1.67 7.73 20.24
CA THR A 28 -0.32 7.46 20.71
C THR A 28 0.67 7.11 19.58
N THR A 29 1.94 7.48 19.79
CA THR A 29 3.01 7.28 18.83
C THR A 29 3.46 5.83 18.76
N LYS A 30 3.86 5.28 19.91
CA LYS A 30 4.29 3.88 20.04
C LYS A 30 3.22 2.92 19.48
N GLU A 31 2.02 3.46 19.26
CA GLU A 31 0.88 2.69 18.77
C GLU A 31 0.47 3.13 17.35
N LEU A 32 0.93 4.33 16.93
CA LEU A 32 0.62 4.88 15.60
C LEU A 32 1.01 3.93 14.48
N GLY A 33 2.16 3.27 14.63
CA GLY A 33 2.60 2.30 13.64
C GLY A 33 1.53 1.24 13.43
N THR A 34 0.92 0.84 14.54
CA THR A 34 -0.13 -0.18 14.55
C THR A 34 -1.46 0.37 14.03
N VAL A 35 -1.70 1.68 14.20
CA VAL A 35 -2.92 2.27 13.68
C VAL A 35 -2.72 2.41 12.17
N MET A 36 -1.43 2.52 11.82
CA MET A 36 -0.95 2.58 10.44
C MET A 36 -1.00 1.21 9.77
N ARG A 37 -0.59 0.17 10.51
CA ARG A 37 -0.57 -1.20 10.00
C ARG A 37 -1.92 -1.88 10.03
N SER A 38 -2.78 -1.48 10.98
CA SER A 38 -4.14 -2.04 11.09
C SER A 38 -5.00 -1.65 9.90
N LEU A 39 -4.45 -0.77 9.12
CA LEU A 39 -5.06 -0.27 7.89
C LEU A 39 -4.58 -1.11 6.70
N GLY A 40 -3.62 -2.01 6.96
CA GLY A 40 -3.09 -2.88 5.94
C GLY A 40 -1.76 -2.47 5.39
N GLN A 41 -1.32 -1.42 5.95
CA GLN A 41 -0.06 -0.77 5.61
C GLN A 41 1.13 -1.44 6.31
N ASN A 42 2.23 -1.61 5.56
CA ASN A 42 3.43 -2.23 6.10
C ASN A 42 4.62 -1.23 6.07
N PRO A 43 4.66 -0.24 7.01
CA PRO A 43 5.75 0.74 7.09
C PRO A 43 6.95 0.22 7.88
N THR A 44 7.98 1.05 8.05
CA THR A 44 9.18 0.68 8.77
C THR A 44 9.13 1.25 10.19
N GLU A 45 9.88 0.62 11.09
CA GLU A 45 9.99 1.08 12.47
C GLU A 45 10.97 2.21 12.55
N ALA A 46 11.90 2.17 11.60
CA ALA A 46 12.95 3.15 11.52
C ALA A 46 12.38 4.44 10.96
N GLU A 47 11.44 4.27 10.04
CA GLU A 47 10.71 5.37 9.43
C GLU A 47 9.66 5.86 10.42
N LEU A 48 9.19 4.91 11.24
CA LEU A 48 8.27 5.18 12.33
C LEU A 48 8.97 6.06 13.36
N GLN A 49 10.30 6.03 13.31
CA GLN A 49 11.15 6.83 14.18
C GLN A 49 11.59 8.07 13.51
N ASP A 50 11.40 8.03 12.25
CA ASP A 50 11.70 9.14 11.37
C ASP A 50 10.50 10.10 11.33
N MET A 51 9.30 9.53 11.40
CA MET A 51 8.07 10.31 11.42
C MET A 51 7.73 10.71 12.85
N ILE A 52 8.18 9.89 13.82
CA ILE A 52 7.99 10.22 15.23
C ILE A 52 9.06 11.27 15.58
N ASN A 53 10.16 11.22 14.81
CA ASN A 53 11.23 12.21 14.94
C ASN A 53 10.85 13.53 14.26
N GLU A 54 10.11 13.43 13.15
CA GLU A 54 9.69 14.60 12.38
C GLU A 54 8.36 15.19 12.86
N VAL A 55 7.35 14.34 13.06
CA VAL A 55 6.02 14.80 13.48
C VAL A 55 5.92 15.00 14.99
N ASP A 56 6.32 14.00 15.78
CA ASP A 56 6.27 14.10 17.24
C ASP A 56 7.36 15.07 17.74
N ALA A 57 7.52 16.15 16.97
CA ALA A 57 8.51 17.20 17.25
C ALA A 57 8.01 18.20 18.27
N ASP A 58 6.78 18.00 18.61
CA ASP A 58 6.04 18.82 19.56
C ASP A 58 6.27 18.35 21.01
N GLY A 59 6.41 17.02 21.17
CA GLY A 59 6.63 16.44 22.49
C GLY A 59 5.35 16.21 23.29
N ASN A 60 4.31 15.71 22.60
CA ASN A 60 3.02 15.44 23.23
C ASN A 60 2.77 13.94 23.33
N GLY A 61 3.45 13.17 22.47
CA GLY A 61 3.32 11.72 22.43
C GLY A 61 1.99 11.23 21.89
N THR A 62 1.39 12.06 21.03
CA THR A 62 0.11 11.77 20.42
C THR A 62 0.07 12.31 18.98
N ILE A 63 -0.78 11.71 18.13
CA ILE A 63 -0.87 12.09 16.70
C ILE A 63 -2.31 12.29 16.21
N ASP A 64 -2.57 13.46 15.62
CA ASP A 64 -3.86 13.79 15.02
C ASP A 64 -4.07 13.01 13.72
N PHE A 65 -5.33 12.84 13.32
CA PHE A 65 -5.70 12.08 12.12
C PHE A 65 -5.82 12.95 10.84
N PRO A 66 -6.39 14.20 10.88
CA PRO A 66 -6.52 15.04 9.66
C PRO A 66 -5.17 15.58 9.17
N GLU A 67 -4.17 15.56 10.06
CA GLU A 67 -2.85 16.07 9.76
C GLU A 67 -1.85 14.99 9.32
N PHE A 68 -2.16 13.69 9.53
CA PHE A 68 -1.21 12.62 9.17
C PHE A 68 -1.28 12.20 7.72
N LEU A 69 -2.46 12.19 7.12
CA LEU A 69 -2.59 11.84 5.73
C LEU A 69 -1.92 12.89 4.87
N THR A 70 -1.99 14.11 5.39
CA THR A 70 -1.35 15.27 4.87
C THR A 70 0.14 15.00 4.76
N MET A 71 0.64 14.20 5.71
CA MET A 71 2.03 13.77 5.69
C MET A 71 2.24 12.75 4.59
N MET A 72 1.17 11.99 4.30
CA MET A 72 1.17 10.98 3.23
C MET A 72 0.81 11.62 1.91
N ALA A 73 0.19 12.79 1.99
CA ALA A 73 -0.16 13.55 0.82
C ALA A 73 1.10 14.19 0.27
N ARG A 74 1.99 14.64 1.19
CA ARG A 74 3.24 15.24 0.76
C ARG A 74 4.26 14.19 0.29
N LYS A 75 4.03 12.92 0.66
CA LYS A 75 4.89 11.82 0.21
C LYS A 75 4.58 11.40 -1.23
N MET A 76 3.42 11.84 -1.76
CA MET A 76 3.00 11.44 -3.09
C MET A 76 2.71 12.64 -4.01
N LYS A 77 2.50 13.81 -3.41
CA LYS A 77 2.22 15.04 -4.13
C LYS A 77 3.34 15.48 -5.09
N ASP A 78 4.53 14.87 -4.94
CA ASP A 78 5.70 15.21 -5.78
C ASP A 78 5.94 14.15 -6.86
N THR A 79 5.58 12.90 -6.57
CA THR A 79 5.75 11.81 -7.53
C THR A 79 4.73 11.90 -8.67
N ASP A 80 5.22 12.35 -9.85
CA ASP A 80 4.41 12.51 -11.07
C ASP A 80 3.51 11.30 -11.35
N SER A 81 2.38 11.57 -12.03
CA SER A 81 1.38 10.53 -12.37
C SER A 81 1.88 9.56 -13.43
N GLU A 82 2.98 9.91 -14.09
CA GLU A 82 3.59 9.10 -15.14
C GLU A 82 4.47 8.02 -14.51
N GLU A 83 5.24 8.46 -13.53
CA GLU A 83 6.15 7.62 -12.77
C GLU A 83 5.41 6.71 -11.77
N GLU A 84 4.16 7.05 -11.46
CA GLU A 84 3.32 6.28 -10.52
C GLU A 84 2.99 4.87 -11.03
N ILE A 85 3.11 4.69 -12.34
CA ILE A 85 2.85 3.41 -12.99
C ILE A 85 4.10 2.53 -13.01
N ARG A 86 5.22 3.11 -13.49
CA ARG A 86 6.51 2.40 -13.57
C ARG A 86 7.01 1.88 -12.21
N GLU A 87 6.45 2.41 -11.13
CA GLU A 87 6.80 1.98 -9.79
C GLU A 87 6.17 0.62 -9.50
N ALA A 88 5.14 0.27 -10.29
CA ALA A 88 4.45 -1.00 -10.17
C ALA A 88 5.37 -2.14 -10.58
N PHE A 89 6.41 -1.79 -11.33
CA PHE A 89 7.45 -2.74 -11.71
C PHE A 89 8.44 -2.79 -10.56
N ARG A 90 8.41 -1.72 -9.76
CA ARG A 90 9.21 -1.64 -8.56
C ARG A 90 8.50 -2.40 -7.45
N VAL A 91 7.18 -2.55 -7.62
CA VAL A 91 6.33 -3.27 -6.71
C VAL A 91 6.25 -4.75 -7.05
N PHE A 92 5.84 -5.07 -8.29
CA PHE A 92 5.65 -6.44 -8.69
C PHE A 92 6.80 -7.03 -9.52
N ASP A 93 7.29 -6.29 -10.52
CA ASP A 93 8.41 -6.76 -11.38
C ASP A 93 9.68 -6.99 -10.56
N LYS A 94 9.84 -8.25 -10.15
CA LYS A 94 10.99 -8.65 -9.33
C LYS A 94 12.21 -9.02 -10.13
N ASP A 95 12.01 -9.89 -11.15
CA ASP A 95 13.11 -10.40 -11.94
C ASP A 95 13.71 -9.38 -12.90
N GLY A 96 13.16 -8.18 -12.85
CA GLY A 96 13.59 -7.05 -13.68
C GLY A 96 13.69 -7.35 -15.18
N ASN A 97 12.84 -8.26 -15.67
CA ASN A 97 12.83 -8.65 -17.07
C ASN A 97 11.75 -7.91 -17.87
N GLY A 98 10.91 -7.15 -17.15
CA GLY A 98 9.83 -6.40 -17.79
C GLY A 98 8.49 -7.07 -17.63
N TYR A 99 8.54 -8.35 -17.32
CA TYR A 99 7.37 -9.17 -17.10
C TYR A 99 7.36 -9.73 -15.70
N ILE A 100 6.34 -9.38 -14.91
CA ILE A 100 6.17 -9.84 -13.55
C ILE A 100 5.63 -11.28 -13.59
N SER A 101 6.55 -12.25 -13.50
CA SER A 101 6.20 -13.66 -13.55
C SER A 101 5.50 -14.14 -12.28
N ALA A 102 4.97 -15.36 -12.36
CA ALA A 102 4.26 -16.00 -11.27
C ALA A 102 5.11 -16.22 -10.03
N ALA A 103 6.43 -16.10 -10.18
CA ALA A 103 7.34 -16.29 -9.07
C ALA A 103 7.53 -15.00 -8.34
N GLU A 104 7.37 -13.94 -9.12
CA GLU A 104 7.54 -12.59 -8.67
C GLU A 104 6.35 -12.10 -7.96
N LEU A 105 5.16 -12.39 -8.49
CA LEU A 105 3.95 -11.99 -7.83
C LEU A 105 3.83 -12.80 -6.54
N ARG A 106 4.44 -13.99 -6.59
CA ARG A 106 4.54 -14.88 -5.47
C ARG A 106 5.56 -14.35 -4.51
N HIS A 107 6.70 -13.94 -5.08
CA HIS A 107 7.77 -13.35 -4.31
C HIS A 107 7.29 -12.03 -3.78
N VAL A 108 6.26 -11.50 -4.47
CA VAL A 108 5.63 -10.27 -4.05
C VAL A 108 4.82 -10.59 -2.83
N MET A 109 4.03 -11.62 -3.01
CA MET A 109 3.22 -12.18 -1.93
C MET A 109 4.05 -12.57 -0.73
N THR A 110 5.22 -13.16 -0.98
CA THR A 110 6.08 -13.57 0.14
C THR A 110 6.65 -12.33 0.84
N ASN A 111 6.62 -11.19 0.13
CA ASN A 111 7.05 -9.92 0.69
C ASN A 111 5.96 -9.34 1.56
N LEU A 112 4.72 -9.40 1.04
CA LEU A 112 3.57 -8.87 1.73
C LEU A 112 3.06 -9.83 2.81
N GLY A 113 3.29 -11.12 2.58
CA GLY A 113 2.87 -12.14 3.53
C GLY A 113 2.26 -13.43 2.95
N GLU A 114 1.98 -13.53 1.63
CA GLU A 114 1.38 -14.75 1.12
C GLU A 114 2.35 -15.68 0.43
N LYS A 115 1.98 -16.95 0.47
CA LYS A 115 2.70 -17.98 -0.20
C LYS A 115 1.83 -18.50 -1.31
N LEU A 116 2.42 -18.54 -2.49
CA LEU A 116 1.73 -18.93 -3.70
C LEU A 116 2.55 -19.91 -4.55
N THR A 117 2.01 -21.13 -4.70
CA THR A 117 2.63 -22.21 -5.47
C THR A 117 2.48 -22.02 -6.97
N ASP A 118 2.95 -23.02 -7.70
CA ASP A 118 2.95 -23.03 -9.16
C ASP A 118 1.56 -23.24 -9.79
N GLU A 119 0.75 -24.08 -9.18
CA GLU A 119 -0.61 -24.34 -9.69
C GLU A 119 -1.66 -23.38 -9.13
N GLU A 120 -1.33 -22.69 -8.04
CA GLU A 120 -2.24 -21.72 -7.45
C GLU A 120 -2.07 -20.34 -8.10
N VAL A 121 -0.95 -20.16 -8.82
CA VAL A 121 -0.67 -18.90 -9.53
C VAL A 121 -1.33 -18.83 -10.89
N ASP A 122 -1.47 -20.00 -11.51
CA ASP A 122 -2.06 -20.12 -12.85
C ASP A 122 -3.57 -19.78 -12.87
N GLU A 123 -3.95 -18.93 -11.92
CA GLU A 123 -5.30 -18.42 -11.76
C GLU A 123 -5.29 -16.94 -11.35
N MET A 124 -4.13 -16.47 -10.85
CA MET A 124 -3.89 -15.06 -10.45
C MET A 124 -3.39 -14.31 -11.65
N ILE A 125 -2.76 -15.07 -12.54
CA ILE A 125 -2.19 -14.50 -13.72
C ILE A 125 -3.17 -14.39 -14.88
N ARG A 126 -4.04 -15.38 -15.00
CA ARG A 126 -5.05 -15.40 -16.07
C ARG A 126 -6.05 -14.25 -15.92
N GLU A 127 -6.22 -13.87 -14.66
CA GLU A 127 -7.09 -12.76 -14.26
C GLU A 127 -6.61 -11.44 -14.85
N ALA A 128 -5.30 -11.29 -14.90
CA ALA A 128 -4.68 -10.07 -15.43
C ALA A 128 -4.23 -10.26 -16.86
N ASP A 129 -3.74 -11.47 -17.12
CA ASP A 129 -3.21 -11.88 -18.42
C ASP A 129 -4.23 -11.81 -19.55
N ILE A 130 -3.83 -11.09 -20.58
CA ILE A 130 -4.63 -10.88 -21.79
C ILE A 130 -4.33 -11.98 -22.82
N ASP A 131 -3.03 -12.22 -23.08
CA ASP A 131 -2.60 -13.23 -24.03
C ASP A 131 -2.39 -14.60 -23.38
N GLY A 132 -2.12 -14.60 -22.08
CA GLY A 132 -1.93 -15.85 -21.33
C GLY A 132 -0.54 -16.45 -21.47
N ASP A 133 0.49 -15.62 -21.27
CA ASP A 133 1.90 -16.07 -21.37
C ASP A 133 2.42 -16.66 -20.06
N GLY A 134 1.74 -16.32 -18.96
CA GLY A 134 2.12 -16.81 -17.64
C GLY A 134 2.95 -15.83 -16.86
N GLN A 135 2.99 -14.63 -17.38
CA GLN A 135 3.71 -13.51 -16.80
C GLN A 135 2.86 -12.26 -16.95
N VAL A 136 2.66 -11.54 -15.84
CA VAL A 136 1.84 -10.34 -15.83
C VAL A 136 2.66 -9.08 -16.08
N ASN A 137 2.22 -8.34 -17.10
CA ASN A 137 2.85 -7.09 -17.52
C ASN A 137 2.24 -5.88 -16.80
N TYR A 138 2.61 -4.69 -17.28
CA TYR A 138 2.11 -3.44 -16.77
C TYR A 138 0.62 -3.27 -17.10
N GLU A 139 0.29 -3.43 -18.40
CA GLU A 139 -1.09 -3.28 -18.91
C GLU A 139 -2.06 -4.32 -18.37
N GLU A 140 -1.56 -5.46 -17.91
CA GLU A 140 -2.44 -6.48 -17.37
C GLU A 140 -2.68 -6.22 -15.91
N PHE A 141 -1.60 -5.82 -15.25
CA PHE A 141 -1.64 -5.46 -13.85
C PHE A 141 -2.37 -4.12 -13.69
N VAL A 142 -2.38 -3.35 -14.79
CA VAL A 142 -3.01 -2.02 -14.81
C VAL A 142 -4.48 -2.11 -15.13
N GLN A 143 -4.80 -2.87 -16.16
CA GLN A 143 -6.21 -3.05 -16.54
C GLN A 143 -7.01 -3.70 -15.41
N MET A 144 -6.31 -4.35 -14.47
CA MET A 144 -6.94 -4.97 -13.32
C MET A 144 -7.46 -3.91 -12.35
N MET A 145 -6.87 -2.70 -12.44
CA MET A 145 -7.30 -1.57 -11.63
C MET A 145 -8.42 -0.81 -12.35
N THR A 146 -8.71 -1.24 -13.60
CA THR A 146 -9.75 -0.64 -14.43
C THR A 146 -10.87 -1.64 -14.73
N ALA A 147 -10.48 -2.88 -15.07
CA ALA A 147 -11.42 -4.00 -15.38
C ALA A 147 -12.62 -4.07 -14.42
N LYS A 148 -12.39 -3.72 -13.14
CA LYS A 148 -13.45 -3.74 -12.12
C LYS A 148 -14.32 -2.48 -12.20
N THR B 1 -16.27 -21.56 -7.16
CA THR B 1 -15.93 -20.19 -6.71
C THR B 1 -14.42 -19.95 -6.74
N ARG B 2 -14.02 -18.83 -7.35
CA ARG B 2 -12.62 -18.46 -7.48
C ARG B 2 -12.23 -17.42 -6.42
N LYS B 3 -11.05 -17.61 -5.82
CA LYS B 3 -10.56 -16.70 -4.79
C LYS B 3 -9.12 -16.26 -5.10
N LYS B 4 -8.77 -15.04 -4.62
CA LYS B 4 -7.42 -14.45 -4.81
C LYS B 4 -7.09 -14.23 -6.29
N THR B 5 -6.99 -12.95 -6.68
CA THR B 5 -6.68 -12.56 -8.07
C THR B 5 -5.68 -11.40 -8.08
N PHE B 6 -5.21 -10.99 -9.27
CA PHE B 6 -4.26 -9.86 -9.39
C PHE B 6 -4.93 -8.53 -8.98
N LYS B 7 -6.26 -8.45 -9.17
CA LYS B 7 -7.05 -7.26 -8.82
C LYS B 7 -6.97 -6.96 -7.31
N GLU B 8 -7.06 -8.03 -6.50
CA GLU B 8 -7.02 -7.93 -5.02
C GLU B 8 -5.60 -7.71 -4.49
N VAL B 9 -4.60 -8.31 -5.16
CA VAL B 9 -3.19 -8.20 -4.74
C VAL B 9 -2.65 -6.77 -4.99
N ALA B 10 -3.09 -6.17 -6.11
CA ALA B 10 -2.70 -4.81 -6.50
C ALA B 10 -3.38 -3.75 -5.64
N ASN B 11 -4.66 -3.99 -5.32
CA ASN B 11 -5.46 -3.06 -4.50
C ASN B 11 -4.90 -2.96 -3.07
N ALA B 12 -4.18 -4.00 -2.64
CA ALA B 12 -3.55 -4.04 -1.32
C ALA B 12 -2.30 -3.16 -1.25
N VAL B 13 -1.54 -3.15 -2.35
CA VAL B 13 -0.31 -2.35 -2.44
C VAL B 13 -0.52 -1.12 -3.39
N LYS B 14 -1.77 -0.75 -3.64
CA LYS B 14 -2.09 0.39 -4.51
C LYS B 14 -2.22 1.68 -3.69
N ILE B 15 -1.18 2.52 -3.80
CA ILE B 15 -1.13 3.82 -3.11
C ILE B 15 -0.25 4.81 -3.91
N SER B 16 0.63 4.24 -4.77
CA SER B 16 1.56 4.99 -5.64
C SER B 16 2.44 6.00 -4.88
N ALA B 17 3.66 5.53 -4.53
CA ALA B 17 4.69 6.31 -3.81
C ALA B 17 4.12 7.28 -2.77
N SER B 18 3.64 6.70 -1.65
CA SER B 18 3.06 7.48 -0.56
C SER B 18 3.65 7.03 0.78
N LEU B 19 3.72 5.70 0.99
CA LEU B 19 4.28 5.13 2.21
C LEU B 19 5.03 3.83 1.89
N MET B 20 6.18 3.99 1.21
CA MET B 20 7.01 2.84 0.83
C MET B 20 8.46 3.07 1.23
N GLY B 21 9.05 2.06 1.88
CA GLY B 21 10.44 2.14 2.33
C GLY B 21 11.24 0.92 1.92
N THR B 22 12.00 1.06 0.83
CA THR B 22 12.84 -0.03 0.32
C THR B 22 14.29 0.15 0.74
N ALA A 1 -5.15 22.24 4.76
CA ALA A 1 -6.04 21.14 4.29
C ALA A 1 -6.74 20.47 5.47
N ASP A 2 -8.06 20.31 5.34
CA ASP A 2 -8.88 19.68 6.38
C ASP A 2 -9.45 18.34 5.90
N GLN A 3 -9.91 18.30 4.64
CA GLN A 3 -10.48 17.10 4.05
C GLN A 3 -9.95 16.89 2.64
N LEU A 4 -9.85 15.62 2.23
CA LEU A 4 -9.36 15.26 0.93
C LEU A 4 -10.44 14.43 0.22
N THR A 5 -10.06 13.22 -0.19
CA THR A 5 -10.95 12.29 -0.85
C THR A 5 -11.40 11.22 0.14
N GLU A 6 -12.37 10.38 -0.26
CA GLU A 6 -12.93 9.29 0.59
C GLU A 6 -11.86 8.46 1.30
N GLU A 7 -10.65 8.48 0.76
CA GLU A 7 -9.49 7.78 1.37
C GLU A 7 -9.39 8.11 2.86
N GLN A 8 -9.80 9.34 3.19
CA GLN A 8 -9.84 9.80 4.58
C GLN A 8 -10.85 9.01 5.38
N ILE A 9 -12.08 9.02 4.90
CA ILE A 9 -13.17 8.31 5.52
C ILE A 9 -12.87 6.80 5.62
N ALA A 10 -12.10 6.32 4.64
CA ALA A 10 -11.71 4.91 4.56
C ALA A 10 -10.71 4.47 5.65
N GLU A 11 -9.77 5.34 6.05
CA GLU A 11 -8.76 4.94 7.05
C GLU A 11 -8.65 5.86 8.25
N PHE A 12 -9.14 7.10 8.17
CA PHE A 12 -9.05 8.01 9.32
C PHE A 12 -9.98 7.55 10.46
N LYS A 13 -10.92 6.65 10.11
CA LYS A 13 -11.85 6.10 11.04
C LYS A 13 -11.17 4.98 11.80
N GLU A 14 -10.38 4.19 11.04
CA GLU A 14 -9.65 3.06 11.61
C GLU A 14 -8.36 3.48 12.26
N ALA A 15 -7.63 4.39 11.62
CA ALA A 15 -6.36 4.90 12.18
C ALA A 15 -6.63 5.64 13.48
N PHE A 16 -7.91 6.02 13.62
CA PHE A 16 -8.40 6.68 14.81
C PHE A 16 -8.82 5.63 15.84
N SER A 17 -9.61 4.66 15.40
CA SER A 17 -10.14 3.64 16.28
C SER A 17 -9.25 2.42 16.48
N LEU A 18 -8.22 2.25 15.66
CA LEU A 18 -7.34 1.09 15.80
C LEU A 18 -6.50 1.14 17.06
N PHE A 19 -6.20 2.37 17.51
CA PHE A 19 -5.38 2.56 18.69
C PHE A 19 -5.90 3.60 19.70
N ASP A 20 -7.01 4.29 19.43
CA ASP A 20 -7.51 5.31 20.38
C ASP A 20 -8.36 4.70 21.53
N LYS A 21 -7.78 3.72 22.23
CA LYS A 21 -8.45 3.07 23.35
C LYS A 21 -8.28 3.79 24.69
N ASP A 22 -7.24 4.61 24.78
CA ASP A 22 -6.97 5.36 25.98
C ASP A 22 -7.99 6.47 26.17
N GLY A 23 -8.61 6.85 25.05
CA GLY A 23 -9.62 7.92 25.03
C GLY A 23 -8.93 9.27 25.15
N ASP A 24 -7.83 9.34 24.42
CA ASP A 24 -6.94 10.48 24.39
C ASP A 24 -7.16 11.39 23.18
N GLY A 25 -8.37 11.30 22.65
CA GLY A 25 -8.74 12.06 21.46
C GLY A 25 -8.34 11.32 20.21
N THR A 26 -7.06 11.43 19.84
CA THR A 26 -6.53 10.73 18.69
C THR A 26 -5.51 9.67 19.13
N ILE A 27 -4.96 8.93 18.17
CA ILE A 27 -4.02 7.86 18.44
C ILE A 27 -2.61 8.36 18.80
N THR A 28 -1.94 7.56 19.63
CA THR A 28 -0.58 7.83 20.13
C THR A 28 0.49 7.83 19.03
N THR A 29 1.66 8.40 19.36
CA THR A 29 2.79 8.52 18.45
C THR A 29 3.59 7.24 18.34
N LYS A 30 4.07 6.76 19.48
CA LYS A 30 4.83 5.50 19.57
C LYS A 30 4.02 4.32 19.02
N GLU A 31 2.72 4.56 18.83
CA GLU A 31 1.80 3.54 18.35
C GLU A 31 1.28 3.82 16.93
N LEU A 32 1.45 5.07 16.47
CA LEU A 32 1.03 5.50 15.13
C LEU A 32 1.57 4.60 14.02
N GLY A 33 2.84 4.21 14.14
CA GLY A 33 3.44 3.29 13.17
C GLY A 33 2.63 2.04 13.05
N THR A 34 2.14 1.58 14.20
CA THR A 34 1.34 0.37 14.30
C THR A 34 -0.09 0.57 13.81
N VAL A 35 -0.63 1.79 13.94
CA VAL A 35 -1.95 2.08 13.43
C VAL A 35 -1.82 2.19 11.91
N MET A 36 -0.60 2.56 11.52
CA MET A 36 -0.17 2.67 10.12
C MET A 36 0.04 1.28 9.51
N ARG A 37 0.67 0.39 10.28
CA ARG A 37 0.96 -0.97 9.84
C ARG A 37 -0.25 -1.89 9.92
N SER A 38 -1.15 -1.61 10.87
CA SER A 38 -2.37 -2.41 11.04
C SER A 38 -3.32 -2.22 9.87
N LEU A 39 -2.97 -1.28 9.05
CA LEU A 39 -3.69 -0.94 7.84
C LEU A 39 -3.07 -1.68 6.64
N GLY A 40 -1.94 -2.36 6.89
CA GLY A 40 -1.26 -3.12 5.86
C GLY A 40 -0.04 -2.49 5.30
N GLN A 41 0.21 -1.35 5.83
CA GLN A 41 1.33 -0.50 5.46
C GLN A 41 2.62 -0.92 6.16
N ASN A 42 3.73 -0.86 5.43
CA ASN A 42 5.04 -1.24 5.96
C ASN A 42 6.04 -0.06 5.92
N PRO A 43 5.87 0.96 6.81
CA PRO A 43 6.77 2.13 6.88
C PRO A 43 8.03 1.83 7.71
N THR A 44 8.91 2.85 7.84
CA THR A 44 10.13 2.72 8.61
C THR A 44 9.96 3.39 9.96
N GLU A 45 10.81 3.02 10.91
CA GLU A 45 10.80 3.61 12.25
C GLU A 45 11.53 4.92 12.24
N ALA A 46 12.48 4.99 11.31
CA ALA A 46 13.30 6.15 11.15
C ALA A 46 12.52 7.27 10.52
N GLU A 47 11.64 6.88 9.59
CA GLU A 47 10.73 7.80 8.92
C GLU A 47 9.58 8.12 9.87
N LEU A 48 9.28 7.13 10.72
CA LEU A 48 8.28 7.27 11.78
C LEU A 48 8.74 8.35 12.75
N GLN A 49 10.06 8.54 12.78
CA GLN A 49 10.71 9.54 13.63
C GLN A 49 10.88 10.82 12.89
N ASP A 50 10.80 10.67 11.63
CA ASP A 50 10.85 11.78 10.69
C ASP A 50 9.49 12.46 10.71
N MET A 51 8.45 11.65 11.01
CA MET A 51 7.09 12.12 11.14
C MET A 51 6.83 12.61 12.55
N ILE A 52 7.52 12.00 13.55
CA ILE A 52 7.42 12.44 14.94
C ILE A 52 8.20 13.74 15.04
N ASN A 53 9.20 13.86 14.15
CA ASN A 53 10.01 15.08 14.04
C ASN A 53 9.30 16.17 13.25
N GLU A 54 8.57 15.77 12.20
CA GLU A 54 7.86 16.72 11.35
C GLU A 54 6.44 17.06 11.85
N VAL A 55 5.64 16.03 12.17
CA VAL A 55 4.27 16.23 12.63
C VAL A 55 4.18 16.49 14.13
N ASP A 56 4.79 15.61 14.93
CA ASP A 56 4.78 15.76 16.39
C ASP A 56 5.69 16.93 16.81
N ALA A 57 5.62 17.99 16.00
CA ALA A 57 6.39 19.21 16.20
C ALA A 57 5.74 20.16 17.18
N ASP A 58 4.58 19.75 17.57
CA ASP A 58 3.71 20.47 18.49
C ASP A 58 4.03 20.10 19.94
N GLY A 59 4.30 18.80 20.18
CA GLY A 59 4.63 18.32 21.52
C GLY A 59 3.40 18.00 22.37
N ASN A 60 2.49 17.21 21.79
CA ASN A 60 1.26 16.82 22.49
C ASN A 60 1.27 15.34 22.86
N GLY A 61 2.12 14.57 22.16
CA GLY A 61 2.26 13.14 22.39
C GLY A 61 1.14 12.30 21.80
N THR A 62 0.53 12.83 20.74
CA THR A 62 -0.56 12.18 20.05
C THR A 62 -0.58 12.59 18.57
N ILE A 63 -1.49 11.99 17.78
CA ILE A 63 -1.58 12.27 16.35
C ILE A 63 -3.02 12.58 15.90
N ASP A 64 -3.37 13.88 15.86
CA ASP A 64 -4.70 14.35 15.40
C ASP A 64 -5.05 13.73 14.04
N PHE A 65 -6.36 13.61 13.73
CA PHE A 65 -6.81 12.97 12.48
C PHE A 65 -6.72 13.86 11.21
N PRO A 66 -7.03 15.19 11.24
CA PRO A 66 -6.97 16.04 10.03
C PRO A 66 -5.54 16.26 9.54
N GLU A 67 -4.56 15.99 10.42
CA GLU A 67 -3.15 16.19 10.12
C GLU A 67 -2.42 14.94 9.62
N PHE A 68 -2.89 13.72 9.97
CA PHE A 68 -2.16 12.51 9.53
C PHE A 68 -2.50 12.02 8.13
N LEU A 69 -3.64 12.43 7.60
CA LEU A 69 -3.99 12.04 6.25
C LEU A 69 -3.22 12.89 5.28
N THR A 70 -3.03 14.12 5.72
CA THR A 70 -2.24 15.11 5.04
C THR A 70 -0.85 14.58 4.78
N MET A 71 -0.34 13.77 5.73
CA MET A 71 0.96 13.14 5.54
C MET A 71 0.82 11.97 4.57
N MET A 72 -0.41 11.41 4.50
CA MET A 72 -0.72 10.32 3.58
C MET A 72 -1.16 10.86 2.24
N ALA A 73 -1.55 12.13 2.24
CA ALA A 73 -1.95 12.79 1.02
C ALA A 73 -0.72 13.14 0.23
N ARG A 74 0.37 13.50 0.93
CA ARG A 74 1.62 13.83 0.26
C ARG A 74 2.41 12.58 -0.15
N LYS A 75 2.10 11.42 0.47
CA LYS A 75 2.72 10.15 0.10
C LYS A 75 2.22 9.60 -1.23
N MET A 76 1.11 10.16 -1.73
CA MET A 76 0.52 9.70 -2.97
C MET A 76 0.45 10.80 -4.04
N LYS A 77 0.29 12.03 -3.56
CA LYS A 77 0.18 13.20 -4.38
C LYS A 77 1.52 13.70 -4.98
N ASP A 78 2.62 13.42 -4.27
CA ASP A 78 3.96 13.88 -4.70
C ASP A 78 4.82 12.77 -5.31
N THR A 79 4.36 11.51 -5.17
CA THR A 79 5.08 10.34 -5.68
C THR A 79 5.03 10.22 -7.22
N ASP A 80 4.26 11.10 -7.88
CA ASP A 80 4.09 11.11 -9.36
C ASP A 80 3.38 9.85 -9.86
N SER A 81 2.43 10.04 -10.77
CA SER A 81 1.62 8.94 -11.34
C SER A 81 2.33 8.22 -12.49
N GLU A 82 3.40 8.83 -13.02
CA GLU A 82 4.15 8.29 -14.15
C GLU A 82 5.09 7.17 -13.68
N GLU A 83 5.87 7.50 -12.66
CA GLU A 83 6.84 6.59 -12.06
C GLU A 83 6.18 5.59 -11.08
N GLU A 84 4.95 5.90 -10.64
CA GLU A 84 4.19 5.05 -9.70
C GLU A 84 3.85 3.68 -10.30
N ILE A 85 3.92 3.60 -11.63
CA ILE A 85 3.64 2.37 -12.36
C ILE A 85 4.91 1.52 -12.46
N ARG A 86 5.99 2.13 -12.97
CA ARG A 86 7.29 1.49 -13.13
C ARG A 86 7.86 0.95 -11.81
N GLU A 87 7.42 1.57 -10.71
CA GLU A 87 7.83 1.16 -9.38
C GLU A 87 7.02 -0.05 -8.91
N ALA A 88 5.85 -0.24 -9.55
CA ALA A 88 4.99 -1.37 -9.26
C ALA A 88 5.62 -2.64 -9.80
N PHE A 89 6.53 -2.43 -10.77
CA PHE A 89 7.33 -3.52 -11.32
C PHE A 89 8.47 -3.75 -10.35
N ARG A 90 8.74 -2.71 -9.54
CA ARG A 90 9.72 -2.80 -8.48
C ARG A 90 9.06 -3.56 -7.33
N VAL A 91 7.72 -3.57 -7.37
CA VAL A 91 6.89 -4.26 -6.41
C VAL A 91 6.65 -5.72 -6.83
N PHE A 92 6.15 -5.92 -8.05
CA PHE A 92 5.80 -7.24 -8.53
C PHE A 92 6.88 -7.87 -9.44
N ASP A 93 7.40 -7.09 -10.41
CA ASP A 93 8.43 -7.58 -11.36
C ASP A 93 9.73 -7.93 -10.63
N LYS A 94 9.83 -9.20 -10.28
CA LYS A 94 11.00 -9.72 -9.55
C LYS A 94 12.12 -10.17 -10.46
N ASP A 95 11.77 -10.97 -11.48
CA ASP A 95 12.78 -11.55 -12.36
C ASP A 95 13.41 -10.54 -13.32
N GLY A 96 12.98 -9.30 -13.17
CA GLY A 96 13.47 -8.16 -13.97
C GLY A 96 13.49 -8.40 -15.48
N ASN A 97 12.58 -9.26 -15.97
CA ASN A 97 12.50 -9.58 -17.39
C ASN A 97 11.39 -8.78 -18.09
N GLY A 98 10.62 -8.02 -17.29
CA GLY A 98 9.52 -7.23 -17.83
C GLY A 98 8.18 -7.87 -17.61
N TYR A 99 8.22 -9.16 -17.33
CA TYR A 99 7.04 -9.95 -17.08
C TYR A 99 7.05 -10.49 -15.64
N ILE A 100 6.05 -10.09 -14.84
CA ILE A 100 5.89 -10.55 -13.48
C ILE A 100 5.25 -11.96 -13.50
N SER A 101 6.10 -12.98 -13.55
CA SER A 101 5.67 -14.38 -13.64
C SER A 101 4.94 -14.86 -12.38
N ALA A 102 4.20 -15.96 -12.55
CA ALA A 102 3.41 -16.59 -11.50
C ALA A 102 4.21 -17.02 -10.26
N ALA A 103 5.53 -17.06 -10.38
CA ALA A 103 6.39 -17.46 -9.27
C ALA A 103 6.73 -16.26 -8.46
N GLU A 104 6.77 -15.16 -9.19
CA GLU A 104 7.11 -13.88 -8.65
C GLU A 104 5.96 -13.27 -7.94
N LEU A 105 4.77 -13.43 -8.50
CA LEU A 105 3.57 -12.95 -7.85
C LEU A 105 3.39 -13.74 -6.57
N ARG A 106 3.79 -15.01 -6.66
CA ARG A 106 3.79 -15.91 -5.53
C ARG A 106 4.86 -15.48 -4.57
N HIS A 107 6.03 -15.19 -5.13
CA HIS A 107 7.15 -14.72 -4.36
C HIS A 107 6.85 -13.33 -3.86
N VAL A 108 5.91 -12.68 -4.56
CA VAL A 108 5.44 -11.36 -4.18
C VAL A 108 4.63 -11.51 -2.94
N MET A 109 3.72 -12.44 -3.07
CA MET A 109 2.84 -12.82 -2.00
C MET A 109 3.58 -13.37 -0.83
N THR A 110 4.64 -14.14 -1.08
CA THR A 110 5.40 -14.69 0.03
C THR A 110 6.15 -13.56 0.75
N ASN A 111 6.30 -12.42 0.04
CA ASN A 111 6.90 -11.23 0.62
C ASN A 111 5.86 -10.51 1.45
N LEU A 112 4.65 -10.39 0.89
CA LEU A 112 3.55 -9.71 1.55
C LEU A 112 2.87 -10.59 2.60
N GLY A 113 2.91 -11.92 2.37
CA GLY A 113 2.32 -12.85 3.31
C GLY A 113 1.57 -14.06 2.71
N GLU A 114 1.27 -14.10 1.38
CA GLU A 114 0.52 -15.22 0.85
C GLU A 114 1.37 -16.25 0.14
N LYS A 115 0.85 -17.46 0.14
CA LYS A 115 1.44 -18.55 -0.57
C LYS A 115 0.55 -18.86 -1.74
N LEU A 116 1.15 -18.85 -2.90
CA LEU A 116 0.45 -19.03 -4.14
C LEU A 116 1.09 -20.11 -5.03
N THR A 117 0.34 -21.20 -5.25
CA THR A 117 0.77 -22.32 -6.07
C THR A 117 0.67 -22.00 -7.56
N ASP A 118 0.96 -23.02 -8.36
CA ASP A 118 0.96 -22.91 -9.82
C ASP A 118 -0.44 -22.80 -10.44
N GLU A 119 -1.40 -23.52 -9.91
CA GLU A 119 -2.77 -23.49 -10.42
C GLU A 119 -3.64 -22.40 -9.77
N GLU A 120 -3.20 -21.87 -8.63
CA GLU A 120 -3.93 -20.80 -7.95
C GLU A 120 -3.55 -19.44 -8.52
N VAL A 121 -2.44 -19.38 -9.26
CA VAL A 121 -1.99 -18.13 -9.91
C VAL A 121 -2.69 -17.88 -11.22
N ASP A 122 -3.16 -18.97 -11.84
CA ASP A 122 -3.88 -18.89 -13.14
C ASP A 122 -5.26 -18.23 -13.03
N GLU A 123 -5.37 -17.34 -12.05
CA GLU A 123 -6.55 -16.53 -11.78
C GLU A 123 -6.13 -15.10 -11.44
N MET A 124 -4.91 -14.97 -10.90
CA MET A 124 -4.28 -13.68 -10.56
C MET A 124 -3.68 -13.12 -11.83
N ILE A 125 -3.24 -14.03 -12.70
CA ILE A 125 -2.65 -13.67 -13.96
C ILE A 125 -3.68 -13.53 -15.06
N ARG A 126 -4.60 -14.47 -15.11
CA ARG A 126 -5.67 -14.50 -16.12
C ARG A 126 -6.53 -13.25 -16.05
N GLU A 127 -6.59 -12.69 -14.86
CA GLU A 127 -7.30 -11.46 -14.57
C GLU A 127 -6.71 -10.27 -15.35
N ALA A 128 -5.39 -10.35 -15.65
CA ALA A 128 -4.70 -9.28 -16.37
C ALA A 128 -4.07 -9.80 -17.66
N ASP A 129 -3.95 -11.13 -17.74
CA ASP A 129 -3.35 -11.80 -18.89
C ASP A 129 -4.08 -11.50 -20.21
N ILE A 130 -3.31 -10.91 -21.11
CA ILE A 130 -3.78 -10.52 -22.43
C ILE A 130 -3.55 -11.66 -23.46
N ASP A 131 -2.30 -12.13 -23.53
CA ASP A 131 -1.92 -13.21 -24.45
C ASP A 131 -2.04 -14.59 -23.82
N GLY A 132 -1.95 -14.65 -22.49
CA GLY A 132 -2.08 -15.92 -21.76
C GLY A 132 -0.80 -16.74 -21.73
N ASP A 133 0.31 -16.10 -21.34
CA ASP A 133 1.62 -16.77 -21.26
C ASP A 133 1.91 -17.32 -19.86
N GLY A 134 1.20 -16.78 -18.86
CA GLY A 134 1.36 -17.20 -17.48
C GLY A 134 2.21 -16.23 -16.69
N GLN A 135 2.35 -15.06 -17.28
CA GLN A 135 3.08 -13.96 -16.73
C GLN A 135 2.27 -12.67 -16.96
N VAL A 136 2.75 -11.52 -16.46
CA VAL A 136 2.02 -10.27 -16.63
C VAL A 136 2.94 -9.09 -16.91
N ASN A 137 2.58 -8.34 -17.97
CA ASN A 137 3.33 -7.15 -18.42
C ASN A 137 2.80 -5.89 -17.75
N TYR A 138 3.26 -4.74 -18.27
CA TYR A 138 2.84 -3.43 -17.80
C TYR A 138 1.35 -3.20 -18.13
N GLU A 139 1.00 -3.29 -19.42
CA GLU A 139 -0.37 -3.07 -19.90
C GLU A 139 -1.39 -4.02 -19.28
N GLU A 140 -0.93 -5.16 -18.77
CA GLU A 140 -1.85 -6.11 -18.13
C GLU A 140 -2.03 -5.75 -16.67
N PHE A 141 -0.91 -5.44 -16.03
CA PHE A 141 -0.90 -5.01 -14.66
C PHE A 141 -1.47 -3.59 -14.58
N VAL A 142 -1.42 -2.89 -15.72
CA VAL A 142 -1.91 -1.49 -15.81
C VAL A 142 -3.40 -1.45 -16.05
N GLN A 143 -3.87 -2.28 -16.98
CA GLN A 143 -5.29 -2.36 -17.24
C GLN A 143 -6.03 -2.83 -16.00
N MET A 144 -5.32 -3.59 -15.15
CA MET A 144 -5.85 -4.10 -13.90
C MET A 144 -6.21 -2.95 -12.94
N MET A 145 -5.56 -1.79 -13.12
CA MET A 145 -5.83 -0.62 -12.29
C MET A 145 -7.05 0.16 -12.86
N THR A 146 -7.51 -0.26 -14.04
CA THR A 146 -8.66 0.35 -14.71
C THR A 146 -9.76 -0.68 -14.99
N ALA A 147 -9.37 -1.92 -15.32
CA ALA A 147 -10.28 -3.06 -15.58
C ALA A 147 -11.56 -3.07 -14.71
N LYS A 148 -11.43 -2.61 -13.45
CA LYS A 148 -12.56 -2.56 -12.50
C LYS A 148 -13.61 -1.52 -12.93
N THR B 1 -10.20 -15.65 -8.87
CA THR B 1 -10.95 -14.70 -9.72
C THR B 1 -11.68 -13.67 -8.88
N ARG B 2 -12.33 -14.13 -7.80
CA ARG B 2 -13.08 -13.26 -6.89
C ARG B 2 -12.26 -12.89 -5.66
N LYS B 3 -11.50 -13.86 -5.13
CA LYS B 3 -10.66 -13.66 -3.95
C LYS B 3 -9.18 -13.82 -4.31
N LYS B 4 -8.37 -12.81 -3.93
CA LYS B 4 -6.91 -12.78 -4.20
C LYS B 4 -6.60 -12.82 -5.70
N THR B 5 -5.99 -11.73 -6.20
CA THR B 5 -5.62 -11.59 -7.62
C THR B 5 -4.83 -10.28 -7.85
N PHE B 6 -4.28 -10.08 -9.07
CA PHE B 6 -3.48 -8.85 -9.40
C PHE B 6 -4.27 -7.56 -9.11
N LYS B 7 -5.61 -7.63 -9.19
CA LYS B 7 -6.50 -6.47 -8.92
C LYS B 7 -6.53 -6.15 -7.42
N GLU B 8 -6.82 -7.17 -6.60
CA GLU B 8 -6.92 -7.04 -5.14
C GLU B 8 -5.56 -6.97 -4.42
N VAL B 9 -4.56 -7.73 -4.93
CA VAL B 9 -3.22 -7.78 -4.31
C VAL B 9 -2.44 -6.48 -4.54
N ALA B 10 -2.57 -5.91 -5.74
CA ALA B 10 -1.90 -4.65 -6.11
C ALA B 10 -2.52 -3.44 -5.42
N ASN B 11 -3.84 -3.49 -5.20
CA ASN B 11 -4.60 -2.42 -4.55
C ASN B 11 -4.06 -2.14 -3.14
N ALA B 12 -3.57 -3.20 -2.48
CA ALA B 12 -3.00 -3.11 -1.13
C ALA B 12 -1.59 -2.51 -1.16
N VAL B 13 -0.80 -2.88 -2.20
CA VAL B 13 0.57 -2.38 -2.34
C VAL B 13 0.66 -1.28 -3.44
N LYS B 14 -0.48 -0.63 -3.74
CA LYS B 14 -0.52 0.45 -4.74
C LYS B 14 -0.30 1.82 -4.10
N ILE B 15 -0.43 1.87 -2.76
CA ILE B 15 -0.24 3.11 -2.00
C ILE B 15 1.19 3.19 -1.43
N SER B 16 1.96 2.10 -1.55
CA SER B 16 3.34 2.05 -1.07
C SER B 16 4.31 2.52 -2.16
N ALA B 17 4.47 3.85 -2.22
CA ALA B 17 5.36 4.48 -3.21
C ALA B 17 6.31 5.47 -2.55
N SER B 18 5.79 6.22 -1.57
CA SER B 18 6.58 7.21 -0.83
C SER B 18 6.74 6.80 0.62
N LEU B 19 5.71 6.11 1.16
CA LEU B 19 5.73 5.65 2.56
C LEU B 19 6.33 4.23 2.65
N MET B 20 7.27 3.90 1.74
CA MET B 20 7.91 2.59 1.70
C MET B 20 9.08 2.51 2.70
N GLY B 21 9.17 1.38 3.40
CA GLY B 21 10.24 1.17 4.38
C GLY B 21 11.36 0.31 3.84
N THR B 22 12.00 -0.44 4.74
CA THR B 22 13.11 -1.33 4.37
C THR B 22 12.99 -2.68 5.07
N ALA A 1 -11.20 21.04 7.04
CA ALA A 1 -12.10 19.91 6.73
C ALA A 1 -11.53 19.01 5.63
N ASP A 2 -10.98 19.64 4.59
CA ASP A 2 -10.40 18.92 3.46
C ASP A 2 -8.97 19.41 3.17
N GLN A 3 -8.01 18.49 3.24
CA GLN A 3 -6.61 18.81 2.99
C GLN A 3 -6.20 18.49 1.57
N LEU A 4 -6.38 17.23 1.19
CA LEU A 4 -6.05 16.77 -0.12
C LEU A 4 -7.32 16.26 -0.82
N THR A 5 -7.30 14.99 -1.19
CA THR A 5 -8.39 14.34 -1.87
C THR A 5 -9.22 13.45 -0.93
N GLU A 6 -10.18 12.70 -1.53
CA GLU A 6 -11.08 11.79 -0.80
C GLU A 6 -10.33 10.70 -0.06
N GLU A 7 -9.14 10.37 -0.54
CA GLU A 7 -8.28 9.34 0.07
C GLU A 7 -8.05 9.61 1.55
N GLN A 8 -8.00 10.90 1.88
CA GLN A 8 -7.86 11.35 3.24
C GLN A 8 -9.18 11.19 3.95
N ILE A 9 -10.24 11.61 3.25
CA ILE A 9 -11.60 11.53 3.74
C ILE A 9 -11.98 10.10 4.15
N ALA A 10 -11.48 9.13 3.37
CA ALA A 10 -11.75 7.70 3.61
C ALA A 10 -11.03 7.11 4.83
N GLU A 11 -9.79 7.58 5.12
CA GLU A 11 -9.03 7.02 6.24
C GLU A 11 -8.77 7.99 7.39
N PHE A 12 -8.92 9.30 7.16
CA PHE A 12 -8.69 10.27 8.24
C PHE A 12 -9.84 10.22 9.27
N LYS A 13 -10.94 9.59 8.84
CA LYS A 13 -12.11 9.41 9.65
C LYS A 13 -11.90 8.21 10.56
N GLU A 14 -11.32 7.17 9.94
CA GLU A 14 -11.05 5.92 10.65
C GLU A 14 -9.79 5.99 11.48
N ALA A 15 -8.76 6.66 10.95
CA ALA A 15 -7.50 6.81 11.69
C ALA A 15 -7.72 7.67 12.92
N PHE A 16 -8.79 8.46 12.86
CA PHE A 16 -9.21 9.29 13.96
C PHE A 16 -10.12 8.50 14.89
N SER A 17 -11.08 7.77 14.32
CA SER A 17 -12.04 7.03 15.10
C SER A 17 -11.59 5.64 15.53
N LEU A 18 -10.50 5.13 14.96
CA LEU A 18 -10.02 3.80 15.35
C LEU A 18 -9.39 3.83 16.72
N PHE A 19 -8.81 4.97 17.09
CA PHE A 19 -8.16 5.11 18.38
C PHE A 19 -8.57 6.37 19.15
N ASP A 20 -9.34 7.29 18.55
CA ASP A 20 -9.76 8.49 19.29
C ASP A 20 -11.18 8.31 19.81
N LYS A 21 -11.29 7.60 20.93
CA LYS A 21 -12.59 7.31 21.55
C LYS A 21 -13.16 8.50 22.29
N ASP A 22 -12.29 9.18 23.00
CA ASP A 22 -12.65 10.37 23.74
C ASP A 22 -12.92 11.52 22.77
N GLY A 23 -12.37 11.37 21.56
CA GLY A 23 -12.51 12.38 20.51
C GLY A 23 -11.54 13.52 20.78
N ASP A 24 -10.30 13.12 20.97
CA ASP A 24 -9.21 14.01 21.33
C ASP A 24 -8.38 14.52 20.16
N GLY A 25 -8.99 14.48 18.97
CA GLY A 25 -8.34 14.93 17.74
C GLY A 25 -7.18 14.05 17.29
N THR A 26 -6.13 13.98 18.11
CA THR A 26 -4.95 13.21 17.83
C THR A 26 -4.96 11.85 18.51
N ILE A 27 -4.22 10.92 17.92
CA ILE A 27 -4.11 9.57 18.41
C ILE A 27 -2.69 9.26 18.88
N THR A 28 -2.58 8.38 19.88
CA THR A 28 -1.29 7.97 20.46
C THR A 28 -0.30 7.40 19.46
N THR A 29 1.01 7.58 19.78
CA THR A 29 2.12 7.13 18.95
C THR A 29 2.32 5.63 18.95
N LYS A 30 2.47 5.06 20.15
CA LYS A 30 2.62 3.61 20.34
C LYS A 30 1.45 2.84 19.72
N GLU A 31 0.39 3.59 19.39
CA GLU A 31 -0.84 3.01 18.83
C GLU A 31 -1.11 3.44 17.39
N LEU A 32 -0.44 4.52 16.92
CA LEU A 32 -0.61 5.04 15.54
C LEU A 32 -0.33 3.97 14.49
N GLY A 33 0.68 3.13 14.74
CA GLY A 33 1.01 2.05 13.82
C GLY A 33 -0.20 1.15 13.61
N THR A 34 -0.92 0.93 14.72
CA THR A 34 -2.10 0.09 14.72
C THR A 34 -3.30 0.78 14.06
N VAL A 35 -3.38 2.11 14.14
CA VAL A 35 -4.45 2.83 13.49
C VAL A 35 -4.15 2.80 11.99
N MET A 36 -2.83 2.71 11.73
CA MET A 36 -2.27 2.59 10.39
C MET A 36 -2.48 1.20 9.80
N ARG A 37 -2.29 0.17 10.63
CA ARG A 37 -2.45 -1.23 10.22
C ARG A 37 -3.90 -1.69 10.21
N SER A 38 -4.71 -1.10 11.09
CA SER A 38 -6.14 -1.43 11.16
C SER A 38 -6.89 -0.98 9.93
N LEU A 39 -6.17 -0.23 9.12
CA LEU A 39 -6.66 0.29 7.85
C LEU A 39 -6.36 -0.72 6.74
N GLY A 40 -5.56 -1.75 7.08
CA GLY A 40 -5.22 -2.78 6.12
C GLY A 40 -3.78 -2.83 5.74
N GLN A 41 -3.10 -1.87 6.26
CA GLN A 41 -1.67 -1.67 6.04
C GLN A 41 -0.82 -2.63 6.87
N ASN A 42 0.22 -3.18 6.23
CA ASN A 42 1.13 -4.12 6.89
C ASN A 42 2.60 -3.65 6.76
N PRO A 43 2.98 -2.49 7.39
CA PRO A 43 4.35 -1.96 7.33
C PRO A 43 5.24 -2.58 8.41
N THR A 44 6.51 -2.12 8.48
CA THR A 44 7.45 -2.63 9.49
C THR A 44 7.52 -1.68 10.67
N GLU A 45 8.44 -2.04 11.55
CA GLU A 45 8.74 -1.28 12.73
C GLU A 45 9.66 -0.17 12.36
N ALA A 46 10.36 -0.40 11.25
CA ALA A 46 11.34 0.55 10.77
C ALA A 46 10.69 1.83 10.24
N GLU A 47 9.49 1.67 9.71
CA GLU A 47 8.70 2.77 9.21
C GLU A 47 7.89 3.33 10.36
N LEU A 48 7.59 2.43 11.30
CA LEU A 48 6.91 2.78 12.54
C LEU A 48 7.84 3.63 13.40
N GLN A 49 9.14 3.52 13.10
CA GLN A 49 10.18 4.29 13.78
C GLN A 49 10.55 5.48 12.99
N ASP A 50 10.17 5.39 11.77
CA ASP A 50 10.34 6.46 10.81
C ASP A 50 9.24 7.49 11.00
N MET A 51 8.08 7.00 11.45
CA MET A 51 6.94 7.86 11.75
C MET A 51 7.03 8.38 13.17
N ILE A 52 7.61 7.58 14.09
CA ILE A 52 7.84 8.04 15.47
C ILE A 52 9.00 9.03 15.41
N ASN A 53 9.86 8.84 14.40
CA ASN A 53 10.98 9.74 14.14
C ASN A 53 10.52 11.05 13.49
N GLU A 54 9.49 10.95 12.62
CA GLU A 54 8.96 12.11 11.92
C GLU A 54 7.89 12.87 12.73
N VAL A 55 7.07 12.13 13.49
CA VAL A 55 5.99 12.72 14.28
C VAL A 55 6.51 13.37 15.57
N ASP A 56 7.42 12.70 16.28
CA ASP A 56 7.98 13.21 17.54
C ASP A 56 8.90 14.41 17.28
N ALA A 57 8.57 15.16 16.23
CA ALA A 57 9.31 16.34 15.82
C ALA A 57 8.84 17.58 16.54
N ASP A 58 7.77 17.35 17.24
CA ASP A 58 7.08 18.35 18.03
C ASP A 58 7.18 18.01 19.52
N GLY A 59 7.12 16.71 19.84
CA GLY A 59 7.19 16.24 21.22
C GLY A 59 5.86 16.25 21.95
N ASN A 60 4.80 15.81 21.27
CA ASN A 60 3.45 15.75 21.87
C ASN A 60 3.00 14.31 22.11
N GLY A 61 3.61 13.38 21.38
CA GLY A 61 3.30 11.95 21.50
C GLY A 61 1.90 11.58 21.01
N THR A 62 1.38 12.38 20.09
CA THR A 62 0.06 12.19 19.53
C THR A 62 0.05 12.60 18.05
N ILE A 63 -0.92 12.07 17.27
CA ILE A 63 -0.99 12.35 15.82
C ILE A 63 -2.41 12.70 15.35
N ASP A 64 -2.51 13.84 14.65
CA ASP A 64 -3.77 14.31 14.05
C ASP A 64 -4.07 13.51 12.78
N PHE A 65 -5.33 13.51 12.36
CA PHE A 65 -5.77 12.75 11.18
C PHE A 65 -5.73 13.55 9.86
N PRO A 66 -6.11 14.87 9.80
CA PRO A 66 -6.09 15.64 8.55
C PRO A 66 -4.67 16.02 8.11
N GLU A 67 -3.73 15.95 9.07
CA GLU A 67 -2.35 16.30 8.82
C GLU A 67 -1.43 15.09 8.55
N PHE A 68 -1.90 13.85 8.80
CA PHE A 68 -1.05 12.67 8.58
C PHE A 68 -1.02 12.17 7.16
N LEU A 69 -2.16 12.15 6.48
CA LEU A 69 -2.21 11.75 5.10
C LEU A 69 -1.41 12.70 4.24
N THR A 70 -1.46 13.94 4.66
CA THR A 70 -0.70 15.03 4.11
C THR A 70 0.77 14.67 4.15
N MET A 71 1.15 13.93 5.20
CA MET A 71 2.51 13.44 5.33
C MET A 71 2.74 12.34 4.30
N MET A 72 1.69 11.55 4.06
CA MET A 72 1.72 10.47 3.07
C MET A 72 1.55 11.01 1.67
N ALA A 73 1.00 12.22 1.59
CA ALA A 73 0.82 12.90 0.33
C ALA A 73 2.18 13.41 -0.11
N ARG A 74 2.97 13.93 0.85
CA ARG A 74 4.29 14.43 0.53
C ARG A 74 5.32 13.30 0.35
N LYS A 75 4.99 12.09 0.85
CA LYS A 75 5.85 10.92 0.66
C LYS A 75 5.78 10.36 -0.77
N MET A 76 4.75 10.78 -1.53
CA MET A 76 4.55 10.27 -2.88
C MET A 76 4.44 11.38 -3.93
N LYS A 77 3.97 12.54 -3.50
CA LYS A 77 3.79 13.71 -4.36
C LYS A 77 5.11 14.28 -4.92
N ASP A 78 6.25 13.84 -4.37
CA ASP A 78 7.57 14.33 -4.80
C ASP A 78 8.21 13.43 -5.86
N THR A 79 7.87 12.13 -5.83
CA THR A 79 8.39 11.15 -6.77
C THR A 79 7.57 11.11 -8.09
N ASP A 80 6.92 12.26 -8.42
CA ASP A 80 6.10 12.42 -9.63
C ASP A 80 4.86 11.52 -9.62
N SER A 81 3.78 11.99 -10.26
CA SER A 81 2.51 11.25 -10.34
C SER A 81 2.52 10.22 -11.47
N GLU A 82 3.50 10.34 -12.37
CA GLU A 82 3.67 9.45 -13.50
C GLU A 82 4.44 8.20 -13.06
N GLU A 83 5.49 8.47 -12.31
CA GLU A 83 6.38 7.44 -11.74
C GLU A 83 5.69 6.61 -10.66
N GLU A 84 4.57 7.13 -10.13
CA GLU A 84 3.78 6.45 -9.07
C GLU A 84 3.20 5.12 -9.55
N ILE A 85 2.99 5.03 -10.85
CA ILE A 85 2.44 3.82 -11.48
C ILE A 85 3.56 2.85 -11.86
N ARG A 86 4.56 3.36 -12.59
CA ARG A 86 5.72 2.56 -13.05
C ARG A 86 6.53 1.98 -11.89
N GLU A 87 6.33 2.53 -10.69
CA GLU A 87 7.00 2.05 -9.50
C GLU A 87 6.39 0.73 -9.04
N ALA A 88 5.16 0.47 -9.50
CA ALA A 88 4.45 -0.77 -9.20
C ALA A 88 5.13 -1.93 -9.92
N PHE A 89 5.89 -1.56 -10.95
CA PHE A 89 6.73 -2.50 -11.68
C PHE A 89 8.00 -2.68 -10.89
N ARG A 90 8.27 -1.69 -10.05
CA ARG A 90 9.38 -1.74 -9.12
C ARG A 90 8.97 -2.61 -7.95
N VAL A 91 7.63 -2.76 -7.81
CA VAL A 91 7.01 -3.58 -6.81
C VAL A 91 6.87 -5.03 -7.29
N PHE A 92 6.22 -5.22 -8.45
CA PHE A 92 5.96 -6.56 -8.97
C PHE A 92 6.92 -6.98 -10.10
N ASP A 93 7.18 -6.09 -11.08
CA ASP A 93 8.09 -6.40 -12.22
C ASP A 93 9.52 -6.67 -11.76
N LYS A 94 9.81 -7.96 -11.60
CA LYS A 94 11.15 -8.41 -11.16
C LYS A 94 12.11 -8.59 -12.30
N ASP A 95 11.63 -9.17 -13.40
CA ASP A 95 12.48 -9.48 -14.54
C ASP A 95 12.94 -8.25 -15.31
N GLY A 96 12.22 -7.21 -15.08
CA GLY A 96 12.47 -5.90 -15.70
C GLY A 96 12.26 -5.87 -17.21
N ASN A 97 11.49 -6.86 -17.72
CA ASN A 97 11.21 -6.96 -19.16
C ASN A 97 9.90 -6.23 -19.52
N GLY A 98 9.18 -5.77 -18.49
CA GLY A 98 7.92 -5.07 -18.70
C GLY A 98 6.72 -5.91 -18.33
N TYR A 99 6.95 -7.21 -18.26
CA TYR A 99 5.93 -8.18 -17.91
C TYR A 99 6.26 -8.87 -16.59
N ILE A 100 5.38 -8.70 -15.59
CA ILE A 100 5.51 -9.32 -14.29
C ILE A 100 5.02 -10.78 -14.38
N SER A 101 5.98 -11.70 -14.54
CA SER A 101 5.71 -13.13 -14.70
C SER A 101 5.31 -13.81 -13.39
N ALA A 102 4.77 -15.03 -13.54
CA ALA A 102 4.30 -15.85 -12.42
C ALA A 102 5.38 -16.26 -11.43
N ALA A 103 6.64 -16.11 -11.83
CA ALA A 103 7.75 -16.48 -10.96
C ALA A 103 8.12 -15.30 -10.13
N GLU A 104 7.93 -14.16 -10.75
CA GLU A 104 8.23 -12.88 -10.19
C GLU A 104 7.17 -12.48 -9.23
N LEU A 105 5.94 -12.77 -9.59
CA LEU A 105 4.81 -12.51 -8.73
C LEU A 105 4.96 -13.36 -7.49
N ARG A 106 5.47 -14.56 -7.72
CA ARG A 106 5.78 -15.48 -6.66
C ARG A 106 6.98 -14.97 -5.90
N HIS A 107 7.96 -14.52 -6.67
CA HIS A 107 9.17 -13.95 -6.11
C HIS A 107 8.81 -12.66 -5.43
N VAL A 108 7.67 -12.10 -5.86
CA VAL A 108 7.15 -10.88 -5.26
C VAL A 108 6.62 -11.26 -3.92
N MET A 109 5.80 -12.30 -3.96
CA MET A 109 5.23 -12.90 -2.77
C MET A 109 6.31 -13.33 -1.80
N THR A 110 7.39 -13.91 -2.32
CA THR A 110 8.48 -14.36 -1.44
C THR A 110 9.18 -13.16 -0.81
N ASN A 111 9.00 -11.98 -1.43
CA ASN A 111 9.55 -10.74 -0.91
C ASN A 111 8.66 -10.22 0.19
N LEU A 112 7.33 -10.26 -0.07
CA LEU A 112 6.35 -9.78 0.89
C LEU A 112 6.10 -10.80 1.99
N GLY A 113 6.29 -12.08 1.66
CA GLY A 113 6.10 -13.15 2.62
C GLY A 113 5.37 -14.41 2.12
N GLU A 114 4.79 -14.43 0.89
CA GLU A 114 4.08 -15.61 0.46
C GLU A 114 4.86 -16.50 -0.49
N LYS A 115 4.50 -17.76 -0.45
CA LYS A 115 5.04 -18.75 -1.35
C LYS A 115 3.95 -19.18 -2.29
N LEU A 116 4.27 -19.13 -3.56
CA LEU A 116 3.33 -19.43 -4.61
C LEU A 116 3.96 -20.24 -5.75
N THR A 117 3.47 -21.48 -5.94
CA THR A 117 3.94 -22.40 -6.97
C THR A 117 3.51 -21.96 -8.35
N ASP A 118 3.84 -22.79 -9.33
CA ASP A 118 3.57 -22.52 -10.73
C ASP A 118 2.09 -22.58 -11.13
N GLU A 119 1.37 -23.56 -10.59
CA GLU A 119 -0.05 -23.73 -10.90
C GLU A 119 -0.96 -22.85 -10.05
N GLU A 120 -0.44 -22.32 -8.94
CA GLU A 120 -1.19 -21.44 -8.07
C GLU A 120 -1.06 -19.97 -8.52
N VAL A 121 -0.07 -19.69 -9.39
CA VAL A 121 0.12 -18.34 -9.95
C VAL A 121 -0.73 -18.13 -11.19
N ASP A 122 -1.09 -19.23 -11.84
CA ASP A 122 -1.92 -19.20 -13.06
C ASP A 122 -3.39 -18.87 -12.78
N GLU A 123 -3.58 -18.06 -11.73
CA GLU A 123 -4.91 -17.60 -11.31
C GLU A 123 -4.82 -16.13 -10.85
N MET A 124 -3.67 -15.77 -10.27
CA MET A 124 -3.39 -14.40 -9.83
C MET A 124 -3.11 -13.52 -11.05
N ILE A 125 -2.70 -14.18 -12.14
CA ILE A 125 -2.42 -13.52 -13.41
C ILE A 125 -3.66 -13.43 -14.28
N ARG A 126 -4.29 -14.57 -14.49
CA ARG A 126 -5.50 -14.67 -15.33
C ARG A 126 -6.61 -13.73 -14.86
N GLU A 127 -6.57 -13.48 -13.56
CA GLU A 127 -7.51 -12.58 -12.89
C GLU A 127 -7.36 -11.13 -13.40
N ALA A 128 -6.11 -10.73 -13.74
CA ALA A 128 -5.87 -9.40 -14.25
C ALA A 128 -5.56 -9.45 -15.74
N ASP A 129 -4.97 -10.57 -16.13
CA ASP A 129 -4.56 -10.83 -17.50
C ASP A 129 -5.72 -10.83 -18.49
N ILE A 130 -5.54 -10.01 -19.53
CA ILE A 130 -6.51 -9.84 -20.59
C ILE A 130 -6.26 -10.85 -21.73
N ASP A 131 -5.00 -10.95 -22.16
CA ASP A 131 -4.60 -11.86 -23.22
C ASP A 131 -4.34 -13.28 -22.72
N GLY A 132 -3.98 -13.39 -21.44
CA GLY A 132 -3.72 -14.69 -20.82
C GLY A 132 -2.39 -15.33 -21.23
N ASP A 133 -1.30 -14.54 -21.15
CA ASP A 133 0.03 -15.04 -21.52
C ASP A 133 0.77 -15.67 -20.33
N GLY A 134 0.31 -15.33 -19.13
CA GLY A 134 0.89 -15.85 -17.90
C GLY A 134 1.85 -14.89 -17.25
N GLN A 135 1.79 -13.67 -17.73
CA GLN A 135 2.60 -12.57 -17.26
C GLN A 135 1.72 -11.32 -17.23
N VAL A 136 1.71 -10.64 -16.09
CA VAL A 136 0.86 -9.45 -15.91
C VAL A 136 1.56 -8.15 -16.33
N ASN A 137 0.80 -7.33 -17.08
CA ASN A 137 1.25 -6.05 -17.59
C ASN A 137 0.78 -4.91 -16.67
N TYR A 138 0.82 -3.68 -17.20
CA TYR A 138 0.39 -2.49 -16.49
C TYR A 138 -1.13 -2.39 -16.51
N GLU A 139 -1.72 -2.51 -17.71
CA GLU A 139 -3.18 -2.44 -17.90
C GLU A 139 -3.96 -3.53 -17.20
N GLU A 140 -3.29 -4.63 -16.86
CA GLU A 140 -3.96 -5.74 -16.17
C GLU A 140 -3.91 -5.52 -14.68
N PHE A 141 -2.76 -5.07 -14.24
CA PHE A 141 -2.54 -4.71 -12.85
C PHE A 141 -3.29 -3.41 -12.54
N VAL A 142 -3.55 -2.65 -13.61
CA VAL A 142 -4.24 -1.35 -13.49
C VAL A 142 -5.74 -1.54 -13.48
N GLN A 143 -6.21 -2.34 -14.43
CA GLN A 143 -7.63 -2.66 -14.48
C GLN A 143 -8.04 -3.46 -13.25
N MET A 144 -7.03 -4.05 -12.59
CA MET A 144 -7.23 -4.83 -11.36
C MET A 144 -7.64 -3.88 -10.23
N MET A 145 -7.25 -2.60 -10.33
CA MET A 145 -7.62 -1.59 -9.35
C MET A 145 -8.99 -0.97 -9.72
N THR A 146 -9.54 -1.42 -10.88
CA THR A 146 -10.82 -0.95 -11.37
C THR A 146 -11.83 -2.09 -11.51
N ALA A 147 -11.36 -3.23 -12.03
CA ALA A 147 -12.19 -4.45 -12.22
C ALA A 147 -13.07 -4.80 -11.00
N LYS A 148 -12.55 -4.53 -9.80
CA LYS A 148 -13.29 -4.81 -8.54
C LYS A 148 -14.17 -3.62 -8.13
N THR B 1 -3.91 -20.36 1.50
CA THR B 1 -4.18 -21.79 1.20
C THR B 1 -5.11 -21.95 -0.02
N ARG B 2 -6.14 -21.10 -0.09
CA ARG B 2 -7.11 -21.12 -1.18
C ARG B 2 -7.38 -19.71 -1.71
N LYS B 3 -7.77 -19.63 -3.00
CA LYS B 3 -8.08 -18.36 -3.70
C LYS B 3 -6.86 -17.43 -3.77
N LYS B 4 -6.43 -17.15 -5.00
CA LYS B 4 -5.28 -16.28 -5.27
C LYS B 4 -5.60 -15.28 -6.39
N THR B 5 -5.54 -13.97 -6.07
CA THR B 5 -5.84 -12.93 -7.05
C THR B 5 -4.95 -11.70 -6.88
N PHE B 6 -4.65 -11.01 -8.01
CA PHE B 6 -3.82 -9.78 -8.00
C PHE B 6 -4.59 -8.64 -7.30
N LYS B 7 -5.93 -8.71 -7.36
CA LYS B 7 -6.81 -7.73 -6.70
C LYS B 7 -6.67 -7.80 -5.18
N GLU B 8 -6.43 -9.02 -4.68
CA GLU B 8 -6.26 -9.30 -3.24
C GLU B 8 -4.87 -8.87 -2.73
N VAL B 9 -3.84 -9.03 -3.58
CA VAL B 9 -2.46 -8.68 -3.22
C VAL B 9 -2.27 -7.15 -3.17
N ALA B 10 -3.07 -6.44 -4.00
CA ALA B 10 -3.02 -4.98 -4.12
C ALA B 10 -3.19 -4.26 -2.78
N ASN B 11 -4.17 -4.68 -1.96
CA ASN B 11 -4.40 -4.07 -0.63
C ASN B 11 -3.14 -4.12 0.25
N ALA B 12 -2.27 -5.09 -0.05
CA ALA B 12 -1.01 -5.28 0.67
C ALA B 12 0.06 -4.28 0.20
N VAL B 13 0.18 -4.08 -1.14
CA VAL B 13 1.19 -3.15 -1.68
C VAL B 13 0.69 -2.34 -2.92
N LYS B 14 -0.42 -1.59 -2.73
CA LYS B 14 -0.95 -0.73 -3.81
C LYS B 14 -1.37 0.64 -3.25
N ILE B 15 -0.39 1.55 -3.19
CA ILE B 15 -0.61 2.93 -2.71
C ILE B 15 0.34 3.91 -3.41
N SER B 16 1.43 3.36 -4.00
CA SER B 16 2.45 4.12 -4.75
C SER B 16 3.25 5.10 -3.87
N ALA B 17 4.44 4.64 -3.42
CA ALA B 17 5.40 5.41 -2.60
C ALA B 17 4.76 6.36 -1.55
N SER B 18 3.71 5.87 -0.89
CA SER B 18 3.01 6.66 0.13
C SER B 18 3.54 6.32 1.53
N LEU B 19 3.61 5.02 1.83
CA LEU B 19 4.10 4.54 3.12
C LEU B 19 5.21 3.50 2.94
N MET B 20 5.22 2.86 1.76
CA MET B 20 6.22 1.82 1.43
C MET B 20 7.38 2.42 0.66
N GLY B 21 8.59 1.89 0.90
CA GLY B 21 9.78 2.36 0.22
C GLY B 21 10.59 3.31 1.09
N THR B 22 10.25 4.59 1.03
CA THR B 22 10.95 5.62 1.81
C THR B 22 10.09 6.11 2.97
N ALA A 1 -9.23 22.91 7.46
CA ALA A 1 -9.87 21.87 6.61
C ALA A 1 -10.40 20.71 7.44
N ASP A 2 -9.62 20.28 8.45
CA ASP A 2 -9.95 19.16 9.37
C ASP A 2 -9.96 17.81 8.65
N GLN A 3 -10.86 17.64 7.67
CA GLN A 3 -10.98 16.41 6.91
C GLN A 3 -10.80 16.67 5.42
N LEU A 4 -10.36 15.65 4.68
CA LEU A 4 -10.13 15.77 3.25
C LEU A 4 -11.16 14.92 2.49
N THR A 5 -10.69 13.84 1.88
CA THR A 5 -11.51 12.94 1.12
C THR A 5 -11.82 11.67 1.94
N GLU A 6 -12.45 10.69 1.30
CA GLU A 6 -12.83 9.42 1.94
C GLU A 6 -11.63 8.65 2.47
N GLU A 7 -10.46 8.90 1.88
CA GLU A 7 -9.19 8.25 2.31
C GLU A 7 -8.94 8.46 3.80
N GLN A 8 -9.39 9.61 4.27
CA GLN A 8 -9.28 10.01 5.67
C GLN A 8 -10.34 9.28 6.47
N ILE A 9 -11.54 9.28 5.93
CA ILE A 9 -12.67 8.63 6.52
C ILE A 9 -12.48 7.11 6.55
N ALA A 10 -11.82 6.61 5.52
CA ALA A 10 -11.54 5.18 5.34
C ALA A 10 -10.57 4.56 6.35
N GLU A 11 -9.44 5.23 6.70
CA GLU A 11 -8.49 4.57 7.61
C GLU A 11 -7.98 5.44 8.74
N PHE A 12 -7.88 6.75 8.53
CA PHE A 12 -7.39 7.63 9.59
C PHE A 12 -8.33 7.63 10.80
N LYS A 13 -9.54 7.08 10.61
CA LYS A 13 -10.52 6.95 11.66
C LYS A 13 -10.13 5.75 12.52
N GLU A 14 -9.72 4.67 11.82
CA GLU A 14 -9.32 3.42 12.46
C GLU A 14 -7.95 3.53 13.09
N ALA A 15 -7.03 4.15 12.36
CA ALA A 15 -5.66 4.39 12.87
C ALA A 15 -5.74 5.31 14.09
N PHE A 16 -6.88 6.00 14.19
CA PHE A 16 -7.19 6.87 15.28
C PHE A 16 -7.82 6.09 16.42
N SER A 17 -8.81 5.26 16.07
CA SER A 17 -9.56 4.49 17.06
C SER A 17 -8.92 3.17 17.43
N LEU A 18 -7.93 2.70 16.66
CA LEU A 18 -7.28 1.43 16.96
C LEU A 18 -6.42 1.54 18.21
N PHE A 19 -5.89 2.73 18.45
CA PHE A 19 -5.06 2.96 19.60
C PHE A 19 -5.54 4.13 20.49
N ASP A 20 -6.46 4.97 19.98
CA ASP A 20 -6.99 6.07 20.79
C ASP A 20 -8.36 5.67 21.32
N LYS A 21 -8.37 4.92 22.42
CA LYS A 21 -9.61 4.44 23.00
C LYS A 21 -10.37 5.52 23.75
N ASP A 22 -9.66 6.57 24.11
CA ASP A 22 -10.24 7.71 24.78
C ASP A 22 -10.80 8.64 23.72
N GLY A 23 -10.25 8.47 22.50
CA GLY A 23 -10.65 9.30 21.35
C GLY A 23 -9.93 10.63 21.41
N ASP A 24 -8.61 10.51 21.55
CA ASP A 24 -7.73 11.65 21.73
C ASP A 24 -7.11 12.19 20.44
N GLY A 25 -7.68 11.77 19.33
CA GLY A 25 -7.23 12.18 17.99
C GLY A 25 -5.81 11.74 17.60
N THR A 26 -4.82 12.13 18.40
CA THR A 26 -3.43 11.84 18.16
C THR A 26 -2.96 10.60 18.90
N ILE A 27 -2.31 9.70 18.14
CA ILE A 27 -1.79 8.46 18.65
C ILE A 27 -0.27 8.47 18.63
N THR A 28 0.34 7.75 19.58
CA THR A 28 1.79 7.66 19.71
C THR A 28 2.48 7.03 18.49
N THR A 29 3.71 7.48 18.24
CA THR A 29 4.54 7.01 17.14
C THR A 29 5.05 5.59 17.34
N LYS A 30 5.68 5.36 18.49
CA LYS A 30 6.18 4.02 18.89
C LYS A 30 5.07 2.96 18.81
N GLU A 31 3.83 3.45 18.71
CA GLU A 31 2.64 2.60 18.64
C GLU A 31 1.97 2.71 17.27
N LEU A 32 2.28 3.80 16.55
CA LEU A 32 1.75 4.07 15.20
C LEU A 32 2.05 2.93 14.24
N GLY A 33 3.24 2.34 14.37
CA GLY A 33 3.60 1.21 13.54
C GLY A 33 2.59 0.10 13.67
N THR A 34 2.16 -0.12 14.91
CA THR A 34 1.19 -1.14 15.24
C THR A 34 -0.23 -0.75 14.82
N VAL A 35 -0.53 0.56 14.77
CA VAL A 35 -1.82 1.02 14.33
C VAL A 35 -1.82 0.89 12.81
N MET A 36 -0.59 0.94 12.27
CA MET A 36 -0.29 0.77 10.85
C MET A 36 -0.37 -0.70 10.44
N ARG A 37 0.17 -1.59 11.29
CA ARG A 37 0.17 -3.03 11.02
C ARG A 37 -1.13 -3.71 11.39
N SER A 38 -1.84 -3.16 12.36
CA SER A 38 -3.14 -3.70 12.78
C SER A 38 -4.18 -3.55 11.67
N LEU A 39 -3.76 -2.83 10.66
CA LEU A 39 -4.55 -2.56 9.46
C LEU A 39 -4.23 -3.58 8.37
N GLY A 40 -3.24 -4.47 8.66
CA GLY A 40 -2.86 -5.49 7.72
C GLY A 40 -1.47 -5.38 7.17
N GLN A 41 -0.91 -4.27 7.45
CA GLN A 41 0.46 -3.92 7.04
C GLN A 41 1.50 -4.78 7.75
N ASN A 42 2.68 -4.92 7.11
CA ASN A 42 3.77 -5.76 7.63
C ASN A 42 4.58 -5.06 8.72
N PRO A 43 4.92 -5.78 9.84
CA PRO A 43 5.69 -5.19 10.95
C PRO A 43 7.21 -5.27 10.80
N THR A 44 7.84 -4.10 10.55
CA THR A 44 9.28 -4.01 10.46
C THR A 44 9.74 -2.85 11.32
N GLU A 45 10.94 -2.96 11.85
CA GLU A 45 11.51 -1.88 12.67
C GLU A 45 12.07 -0.83 11.76
N ALA A 46 12.49 -1.29 10.60
CA ALA A 46 13.08 -0.45 9.59
C ALA A 46 12.01 0.41 8.94
N GLU A 47 10.83 -0.19 8.88
CA GLU A 47 9.64 0.47 8.34
C GLU A 47 9.03 1.35 9.42
N LEU A 48 9.26 0.95 10.68
CA LEU A 48 8.84 1.73 11.84
C LEU A 48 9.75 2.93 11.96
N GLN A 49 10.91 2.83 11.32
CA GLN A 49 11.89 3.90 11.29
C GLN A 49 11.80 4.68 10.03
N ASP A 50 11.14 4.06 9.13
CA ASP A 50 10.85 4.65 7.83
C ASP A 50 9.57 5.47 7.89
N MET A 51 8.60 4.98 8.65
CA MET A 51 7.34 5.67 8.84
C MET A 51 7.44 6.66 9.98
N ILE A 52 8.26 6.34 10.99
CA ILE A 52 8.50 7.29 12.07
C ILE A 52 9.42 8.37 11.50
N ASN A 53 10.16 7.99 10.44
CA ASN A 53 11.01 8.94 9.72
C ASN A 53 10.15 9.94 8.94
N GLU A 54 9.00 9.47 8.42
CA GLU A 54 8.08 10.31 7.67
C GLU A 54 7.08 11.05 8.58
N VAL A 55 6.56 10.33 9.57
CA VAL A 55 5.58 10.86 10.53
C VAL A 55 6.19 11.91 11.48
N ASP A 56 7.39 11.65 12.01
CA ASP A 56 8.05 12.59 12.92
C ASP A 56 8.54 13.84 12.18
N ALA A 57 7.76 14.21 11.17
CA ALA A 57 8.04 15.37 10.32
C ALA A 57 7.48 16.64 10.91
N ASP A 58 6.77 16.43 11.98
CA ASP A 58 6.11 17.45 12.75
C ASP A 58 6.86 17.74 14.06
N GLY A 59 7.42 16.68 14.65
CA GLY A 59 8.18 16.80 15.90
C GLY A 59 7.32 16.79 17.16
N ASN A 60 6.15 16.14 17.10
CA ASN A 60 5.25 16.05 18.25
C ASN A 60 5.19 14.63 18.82
N GLY A 61 5.55 13.66 17.98
CA GLY A 61 5.55 12.24 18.37
C GLY A 61 4.17 11.63 18.49
N THR A 62 3.24 12.21 17.74
CA THR A 62 1.87 11.77 17.71
C THR A 62 1.30 11.94 16.29
N ILE A 63 0.05 11.48 16.04
CA ILE A 63 -0.53 11.57 14.68
C ILE A 63 -1.97 12.13 14.65
N ASP A 64 -2.08 13.44 14.38
CA ASP A 64 -3.36 14.15 14.21
C ASP A 64 -3.88 13.96 12.78
N PHE A 65 -5.16 14.31 12.54
CA PHE A 65 -5.78 14.14 11.22
C PHE A 65 -5.66 15.36 10.28
N PRO A 66 -5.80 16.65 10.76
CA PRO A 66 -5.71 17.84 9.89
C PRO A 66 -4.29 18.09 9.40
N GLU A 67 -3.32 17.47 10.07
CA GLU A 67 -1.92 17.63 9.77
C GLU A 67 -1.26 16.44 9.06
N PHE A 68 -1.60 15.19 9.46
CA PHE A 68 -0.93 14.02 8.88
C PHE A 68 -1.50 13.51 7.59
N LEU A 69 -2.82 13.52 7.43
CA LEU A 69 -3.40 13.08 6.17
C LEU A 69 -2.99 14.00 5.06
N THR A 70 -2.79 15.24 5.46
CA THR A 70 -2.28 16.30 4.64
C THR A 70 -0.94 15.87 4.05
N MET A 71 -0.19 15.10 4.86
CA MET A 71 1.08 14.52 4.43
C MET A 71 0.82 13.41 3.42
N MET A 72 -0.34 12.75 3.61
CA MET A 72 -0.77 11.67 2.71
C MET A 72 -1.49 12.23 1.51
N ALA A 73 -1.94 13.47 1.64
CA ALA A 73 -2.59 14.15 0.54
C ALA A 73 -1.51 14.67 -0.38
N ARG A 74 -0.36 15.09 0.19
CA ARG A 74 0.72 15.60 -0.64
C ARG A 74 1.59 14.51 -1.29
N LYS A 75 1.56 13.27 -0.75
CA LYS A 75 2.34 12.20 -1.38
C LYS A 75 1.57 11.53 -2.54
N MET A 76 0.27 11.81 -2.63
CA MET A 76 -0.57 11.22 -3.66
C MET A 76 -0.98 12.25 -4.70
N LYS A 77 -1.17 13.48 -4.23
CA LYS A 77 -1.57 14.61 -5.04
C LYS A 77 -0.42 15.17 -5.91
N ASP A 78 0.82 15.03 -5.42
CA ASP A 78 2.01 15.55 -6.12
C ASP A 78 2.60 14.52 -7.09
N THR A 79 2.44 13.23 -6.78
CA THR A 79 2.96 12.15 -7.61
C THR A 79 2.23 12.10 -8.97
N ASP A 80 2.89 12.62 -10.00
CA ASP A 80 2.35 12.67 -11.37
C ASP A 80 1.94 11.29 -11.89
N SER A 81 1.11 11.27 -12.94
CA SER A 81 0.60 10.03 -13.55
C SER A 81 1.70 9.20 -14.22
N GLU A 82 2.88 9.82 -14.41
CA GLU A 82 4.02 9.18 -15.04
C GLU A 82 4.77 8.32 -14.02
N GLU A 83 4.97 8.93 -12.85
CA GLU A 83 5.64 8.29 -11.71
C GLU A 83 4.73 7.31 -10.97
N GLU A 84 3.40 7.44 -11.16
CA GLU A 84 2.41 6.57 -10.52
C GLU A 84 2.48 5.13 -11.06
N ILE A 85 3.12 5.00 -12.22
CA ILE A 85 3.28 3.71 -12.89
C ILE A 85 4.55 3.00 -12.41
N ARG A 86 5.70 3.67 -12.55
CA ARG A 86 7.02 3.13 -12.15
C ARG A 86 7.08 2.71 -10.67
N GLU A 87 6.12 3.18 -9.88
CA GLU A 87 6.05 2.82 -8.47
C GLU A 87 5.47 1.43 -8.29
N ALA A 88 4.74 0.96 -9.32
CA ALA A 88 4.15 -0.36 -9.31
C ALA A 88 5.22 -1.43 -9.46
N PHE A 89 6.36 -1.01 -10.01
CA PHE A 89 7.52 -1.87 -10.14
C PHE A 89 8.26 -1.79 -8.82
N ARG A 90 7.99 -0.71 -8.08
CA ARG A 90 8.52 -0.50 -6.76
C ARG A 90 7.68 -1.32 -5.77
N VAL A 91 6.43 -1.58 -6.18
CA VAL A 91 5.50 -2.36 -5.41
C VAL A 91 5.61 -3.86 -5.71
N PHE A 92 5.45 -4.24 -6.99
CA PHE A 92 5.46 -5.64 -7.36
C PHE A 92 6.78 -6.15 -7.95
N ASP A 93 7.38 -5.42 -8.89
CA ASP A 93 8.64 -5.82 -9.54
C ASP A 93 9.79 -5.99 -8.55
N LYS A 94 9.96 -7.23 -8.12
CA LYS A 94 11.00 -7.57 -7.15
C LYS A 94 12.34 -7.92 -7.77
N ASP A 95 12.31 -8.78 -8.81
CA ASP A 95 13.52 -9.25 -9.45
C ASP A 95 14.25 -8.19 -10.28
N GLY A 96 13.69 -7.00 -10.25
CA GLY A 96 14.20 -5.82 -10.97
C GLY A 96 14.54 -6.06 -12.44
N ASN A 97 13.84 -7.01 -13.08
CA ASN A 97 14.07 -7.34 -14.49
C ASN A 97 13.04 -6.65 -15.39
N GLY A 98 12.05 -5.99 -14.78
CA GLY A 98 11.01 -5.30 -15.52
C GLY A 98 9.72 -6.08 -15.58
N TYR A 99 9.86 -7.37 -15.32
CA TYR A 99 8.74 -8.30 -15.31
C TYR A 99 8.54 -8.89 -13.91
N ILE A 100 7.38 -8.63 -13.31
CA ILE A 100 7.02 -9.14 -12.01
C ILE A 100 6.52 -10.60 -12.15
N SER A 101 7.39 -11.55 -11.78
CA SER A 101 7.08 -12.97 -11.88
C SER A 101 6.18 -13.45 -10.75
N ALA A 102 5.57 -14.62 -10.98
CA ALA A 102 4.62 -15.25 -10.06
C ALA A 102 5.18 -15.56 -8.68
N ALA A 103 6.50 -15.52 -8.52
CA ALA A 103 7.11 -15.81 -7.23
C ALA A 103 7.22 -14.55 -6.45
N GLU A 104 7.44 -13.50 -7.21
CA GLU A 104 7.58 -12.18 -6.69
C GLU A 104 6.25 -11.65 -6.32
N LEU A 105 5.27 -11.88 -7.19
CA LEU A 105 3.91 -11.46 -6.92
C LEU A 105 3.44 -12.13 -5.64
N ARG A 106 3.95 -13.35 -5.44
CA ARG A 106 3.67 -14.09 -4.24
C ARG A 106 4.45 -13.47 -3.11
N HIS A 107 5.71 -13.18 -3.41
CA HIS A 107 6.58 -12.53 -2.47
C HIS A 107 6.12 -11.11 -2.26
N VAL A 108 5.35 -10.63 -3.25
CA VAL A 108 4.77 -9.29 -3.18
C VAL A 108 3.64 -9.37 -2.18
N MET A 109 2.82 -10.36 -2.44
CA MET A 109 1.70 -10.70 -1.58
C MET A 109 2.15 -10.98 -0.17
N THR A 110 3.27 -11.70 -0.02
CA THR A 110 3.76 -12.02 1.32
C THR A 110 4.30 -10.76 2.00
N ASN A 111 4.61 -9.73 1.19
CA ASN A 111 5.06 -8.44 1.68
C ASN A 111 3.87 -7.63 2.16
N LEU A 112 2.80 -7.65 1.34
CA LEU A 112 1.60 -6.91 1.66
C LEU A 112 0.70 -7.66 2.63
N GLY A 113 0.79 -8.99 2.60
CA GLY A 113 0.00 -9.82 3.51
C GLY A 113 -0.57 -11.12 2.95
N GLU A 114 -0.51 -11.39 1.61
CA GLU A 114 -1.09 -12.62 1.11
C GLU A 114 -0.09 -13.71 0.82
N LYS A 115 -0.58 -14.94 0.93
CA LYS A 115 0.19 -16.11 0.62
C LYS A 115 -0.37 -16.70 -0.66
N LEU A 116 0.52 -16.95 -1.58
CA LEU A 116 0.17 -17.44 -2.90
C LEU A 116 1.14 -18.51 -3.41
N THR A 117 0.61 -19.74 -3.57
CA THR A 117 1.37 -20.89 -4.07
C THR A 117 1.62 -20.81 -5.57
N ASP A 118 2.23 -21.87 -6.08
CA ASP A 118 2.61 -21.96 -7.49
C ASP A 118 1.41 -22.17 -8.44
N GLU A 119 0.43 -22.95 -8.03
CA GLU A 119 -0.74 -23.21 -8.84
C GLU A 119 -1.87 -22.19 -8.63
N GLU A 120 -1.79 -21.42 -7.55
CA GLU A 120 -2.78 -20.38 -7.28
C GLU A 120 -2.40 -19.07 -7.96
N VAL A 121 -1.13 -18.96 -8.38
CA VAL A 121 -0.63 -17.77 -9.10
C VAL A 121 -0.94 -17.82 -10.58
N ASP A 122 -1.06 -19.05 -11.09
CA ASP A 122 -1.36 -19.29 -12.53
C ASP A 122 -2.76 -18.82 -12.94
N GLU A 123 -3.27 -17.84 -12.20
CA GLU A 123 -4.58 -17.23 -12.44
C GLU A 123 -4.56 -15.71 -12.17
N MET A 124 -3.51 -15.22 -11.50
CA MET A 124 -3.32 -13.79 -11.23
C MET A 124 -2.57 -13.16 -12.38
N ILE A 125 -1.84 -14.02 -13.10
CA ILE A 125 -1.03 -13.62 -14.23
C ILE A 125 -1.81 -13.63 -15.54
N ARG A 126 -2.54 -14.69 -15.79
CA ARG A 126 -3.31 -14.85 -17.04
C ARG A 126 -4.36 -13.76 -17.21
N GLU A 127 -4.88 -13.30 -16.09
CA GLU A 127 -5.87 -12.22 -16.01
C GLU A 127 -5.23 -10.90 -16.39
N ALA A 128 -3.94 -10.79 -16.05
CA ALA A 128 -3.18 -9.57 -16.33
C ALA A 128 -2.44 -9.70 -17.64
N ASP A 129 -1.89 -10.89 -17.83
CA ASP A 129 -1.10 -11.25 -19.00
C ASP A 129 -1.86 -11.14 -20.31
N ILE A 130 -1.32 -10.28 -21.15
CA ILE A 130 -1.84 -10.01 -22.48
C ILE A 130 -1.20 -10.94 -23.52
N ASP A 131 0.11 -11.20 -23.35
CA ASP A 131 0.86 -12.05 -24.24
C ASP A 131 0.96 -13.50 -23.71
N GLY A 132 0.86 -13.65 -22.38
CA GLY A 132 0.91 -14.96 -21.75
C GLY A 132 2.32 -15.52 -21.57
N ASP A 133 3.22 -14.71 -21.00
CA ASP A 133 4.62 -15.14 -20.78
C ASP A 133 4.83 -15.78 -19.40
N GLY A 134 3.90 -15.52 -18.49
CA GLY A 134 3.97 -16.07 -17.14
C GLY A 134 4.62 -15.15 -16.15
N GLN A 135 4.78 -13.92 -16.58
CA GLN A 135 5.36 -12.85 -15.81
C GLN A 135 4.56 -11.58 -16.08
N VAL A 136 4.03 -10.98 -15.02
CA VAL A 136 3.21 -9.78 -15.13
C VAL A 136 4.06 -8.50 -15.20
N ASN A 137 3.92 -7.81 -16.34
CA ASN A 137 4.64 -6.57 -16.63
C ASN A 137 3.90 -5.38 -16.03
N TYR A 138 4.26 -4.18 -16.51
CA TYR A 138 3.67 -2.93 -16.09
C TYR A 138 2.23 -2.81 -16.61
N GLU A 139 2.07 -2.93 -17.95
CA GLU A 139 0.77 -2.82 -18.62
C GLU A 139 -0.22 -3.92 -18.25
N GLU A 140 0.29 -5.04 -17.74
CA GLU A 140 -0.61 -6.13 -17.34
C GLU A 140 -1.06 -5.91 -15.93
N PHE A 141 -0.15 -5.36 -15.16
CA PHE A 141 -0.40 -5.00 -13.79
C PHE A 141 -1.20 -3.69 -13.75
N VAL A 142 -1.06 -2.92 -14.83
CA VAL A 142 -1.71 -1.60 -14.94
C VAL A 142 -3.12 -1.69 -15.45
N GLN A 143 -3.34 -2.57 -16.44
CA GLN A 143 -4.68 -2.74 -17.02
C GLN A 143 -5.77 -2.98 -15.97
N MET A 144 -5.43 -3.62 -14.82
CA MET A 144 -6.43 -3.86 -13.76
C MET A 144 -6.94 -2.53 -13.19
N MET A 145 -6.06 -1.52 -13.19
CA MET A 145 -6.39 -0.19 -12.71
C MET A 145 -7.12 0.60 -13.81
N THR A 146 -7.23 -0.02 -14.99
CA THR A 146 -7.92 0.58 -16.14
C THR A 146 -9.11 -0.27 -16.58
N ALA A 147 -8.92 -1.60 -16.62
CA ALA A 147 -9.97 -2.57 -17.01
C ALA A 147 -11.31 -2.34 -16.29
N LYS A 148 -11.24 -1.86 -15.04
CA LYS A 148 -12.43 -1.59 -14.22
C LYS A 148 -13.00 -0.20 -14.53
N THR B 1 -18.15 -19.67 -5.58
CA THR B 1 -16.72 -19.55 -5.20
C THR B 1 -16.01 -18.48 -6.02
N ARG B 2 -15.30 -17.58 -5.33
CA ARG B 2 -14.58 -16.50 -5.99
C ARG B 2 -13.07 -16.77 -5.98
N LYS B 3 -12.42 -16.50 -7.11
CA LYS B 3 -10.98 -16.71 -7.26
C LYS B 3 -10.22 -15.40 -7.10
N LYS B 4 -8.93 -15.51 -6.74
CA LYS B 4 -8.06 -14.34 -6.54
C LYS B 4 -7.32 -13.98 -7.83
N THR B 5 -7.45 -12.72 -8.25
CA THR B 5 -6.82 -12.22 -9.47
C THR B 5 -6.12 -10.87 -9.21
N PHE B 6 -5.45 -10.31 -10.25
CA PHE B 6 -4.77 -9.00 -10.10
C PHE B 6 -5.78 -7.89 -9.80
N LYS B 7 -7.02 -8.05 -10.29
CA LYS B 7 -8.11 -7.08 -10.07
C LYS B 7 -8.49 -6.99 -8.58
N GLU B 8 -8.41 -8.12 -7.87
CA GLU B 8 -8.75 -8.20 -6.43
C GLU B 8 -7.65 -7.60 -5.53
N VAL B 9 -6.39 -8.03 -5.76
CA VAL B 9 -5.24 -7.54 -4.98
C VAL B 9 -4.88 -6.08 -5.34
N ALA B 10 -5.20 -5.65 -6.57
CA ALA B 10 -4.92 -4.27 -7.06
C ALA B 10 -5.46 -3.19 -6.10
N ASN B 11 -6.68 -3.40 -5.59
CA ASN B 11 -7.32 -2.45 -4.66
C ASN B 11 -6.65 -2.49 -3.29
N ALA B 12 -5.95 -3.60 -3.00
CA ALA B 12 -5.24 -3.80 -1.74
C ALA B 12 -3.93 -3.02 -1.67
N VAL B 13 -3.22 -2.95 -2.81
CA VAL B 13 -1.93 -2.23 -2.87
C VAL B 13 -2.09 -0.74 -3.26
N LYS B 14 -3.14 -0.44 -4.06
CA LYS B 14 -3.40 0.94 -4.50
C LYS B 14 -3.78 1.85 -3.33
N ILE B 15 -3.14 3.04 -3.28
CA ILE B 15 -3.33 4.06 -2.21
C ILE B 15 -3.06 3.50 -0.79
N SER B 16 -2.37 2.35 -0.74
CA SER B 16 -2.01 1.70 0.53
C SER B 16 -0.50 1.71 0.73
N ALA B 17 0.24 1.56 -0.38
CA ALA B 17 1.71 1.56 -0.37
C ALA B 17 2.27 2.98 -0.57
N SER B 18 1.36 3.97 -0.58
CA SER B 18 1.72 5.39 -0.76
C SER B 18 2.11 6.04 0.57
N LEU B 19 2.39 5.21 1.58
CA LEU B 19 2.79 5.68 2.92
C LEU B 19 4.30 5.94 2.99
N MET B 20 4.96 5.96 1.81
CA MET B 20 6.39 6.19 1.71
C MET B 20 6.70 7.67 1.50
N GLY B 21 7.63 8.20 2.30
CA GLY B 21 8.01 9.60 2.22
C GLY B 21 9.43 9.85 2.68
N THR B 22 10.14 10.71 1.95
CA THR B 22 11.53 11.06 2.26
C THR B 22 11.77 12.56 2.12
N ALA A 1 -2.26 22.21 13.09
CA ALA A 1 -2.98 21.20 12.28
C ALA A 1 -3.72 21.87 11.12
N ASP A 2 -3.58 21.28 9.92
CA ASP A 2 -4.22 21.81 8.72
C ASP A 2 -5.01 20.70 8.00
N GLN A 3 -6.30 20.94 7.81
CA GLN A 3 -7.19 20.00 7.14
C GLN A 3 -7.15 20.16 5.62
N LEU A 4 -7.37 19.05 4.90
CA LEU A 4 -7.36 19.06 3.45
C LEU A 4 -8.81 18.96 2.95
N THR A 5 -9.14 17.83 2.32
CA THR A 5 -10.45 17.57 1.80
C THR A 5 -11.24 16.64 2.72
N GLU A 6 -12.43 16.21 2.27
CA GLU A 6 -13.32 15.31 3.04
C GLU A 6 -12.65 14.01 3.44
N GLU A 7 -11.64 13.61 2.67
CA GLU A 7 -10.86 12.38 2.95
C GLU A 7 -10.21 12.45 4.31
N GLN A 8 -9.91 13.67 4.70
CA GLN A 8 -9.32 13.96 5.98
C GLN A 8 -10.41 13.94 7.04
N ILE A 9 -11.51 14.59 6.72
CA ILE A 9 -12.66 14.67 7.59
C ILE A 9 -13.22 13.27 7.92
N ALA A 10 -13.18 12.38 6.92
CA ALA A 10 -13.69 11.02 7.05
C ALA A 10 -12.77 10.07 7.84
N GLU A 11 -11.44 10.23 7.73
CA GLU A 11 -10.52 9.33 8.43
C GLU A 11 -9.79 9.96 9.61
N PHE A 12 -9.76 11.29 9.70
CA PHE A 12 -9.09 11.95 10.82
C PHE A 12 -9.94 11.82 12.09
N LYS A 13 -11.20 11.46 11.88
CA LYS A 13 -12.15 11.25 12.94
C LYS A 13 -11.95 9.85 13.51
N GLU A 14 -11.72 8.91 12.57
CA GLU A 14 -11.52 7.52 12.93
C GLU A 14 -10.10 7.21 13.34
N ALA A 15 -9.12 7.81 12.67
CA ALA A 15 -7.71 7.59 13.02
C ALA A 15 -7.43 8.14 14.40
N PHE A 16 -8.29 9.07 14.81
CA PHE A 16 -8.23 9.65 16.13
C PHE A 16 -9.03 8.80 17.12
N SER A 17 -10.24 8.41 16.71
CA SER A 17 -11.11 7.65 17.58
C SER A 17 -10.93 6.15 17.55
N LEU A 18 -10.20 5.62 16.56
CA LEU A 18 -10.00 4.17 16.48
C LEU A 18 -9.10 3.69 17.62
N PHE A 19 -8.20 4.55 18.04
CA PHE A 19 -7.28 4.23 19.12
C PHE A 19 -7.22 5.28 20.24
N ASP A 20 -7.74 6.49 20.01
CA ASP A 20 -7.73 7.51 21.06
C ASP A 20 -9.12 7.64 21.67
N LYS A 21 -9.44 6.74 22.61
CA LYS A 21 -10.75 6.75 23.24
C LYS A 21 -10.85 7.74 24.38
N ASP A 22 -9.72 7.99 25.01
CA ASP A 22 -9.61 8.94 26.09
C ASP A 22 -9.73 10.36 25.57
N GLY A 23 -9.43 10.50 24.27
CA GLY A 23 -9.49 11.81 23.60
C GLY A 23 -8.23 12.60 23.91
N ASP A 24 -7.11 11.94 23.67
CA ASP A 24 -5.79 12.46 23.97
C ASP A 24 -5.07 13.09 22.78
N GLY A 25 -5.86 13.49 21.79
CA GLY A 25 -5.34 14.11 20.57
C GLY A 25 -4.50 13.19 19.70
N THR A 26 -3.34 12.75 20.23
CA THR A 26 -2.42 11.90 19.55
C THR A 26 -2.60 10.43 19.94
N ILE A 27 -2.23 9.55 19.00
CA ILE A 27 -2.34 8.11 19.18
C ILE A 27 -0.96 7.47 19.26
N THR A 28 -0.88 6.38 20.02
CA THR A 28 0.36 5.63 20.22
C THR A 28 1.04 5.19 18.90
N THR A 29 2.36 5.02 18.97
CA THR A 29 3.17 4.64 17.82
C THR A 29 3.01 3.19 17.42
N LYS A 30 3.26 2.30 18.37
CA LYS A 30 3.12 0.85 18.18
C LYS A 30 1.69 0.49 17.75
N GLU A 31 0.78 1.47 17.90
CA GLU A 31 -0.65 1.27 17.59
C GLU A 31 -1.10 2.07 16.37
N LEU A 32 -0.30 3.08 15.95
CA LEU A 32 -0.61 3.92 14.78
C LEU A 32 -0.79 3.08 13.52
N GLY A 33 0.09 2.09 13.32
CA GLY A 33 -0.03 1.21 12.18
C GLY A 33 -1.40 0.61 12.11
N THR A 34 -1.91 0.23 13.28
CA THR A 34 -3.23 -0.39 13.42
C THR A 34 -4.37 0.59 13.18
N VAL A 35 -4.20 1.86 13.54
CA VAL A 35 -5.23 2.85 13.29
C VAL A 35 -5.21 3.13 11.79
N MET A 36 -4.02 2.91 11.22
CA MET A 36 -3.75 3.03 9.79
C MET A 36 -4.30 1.83 9.01
N ARG A 37 -4.14 0.62 9.58
CA ARG A 37 -4.61 -0.60 8.94
C ARG A 37 -6.10 -0.83 9.13
N SER A 38 -6.64 -0.33 10.25
CA SER A 38 -8.08 -0.46 10.55
C SER A 38 -8.93 0.35 9.59
N LEU A 39 -8.23 1.13 8.80
CA LEU A 39 -8.82 1.96 7.76
C LEU A 39 -8.79 1.21 6.42
N GLY A 40 -8.14 0.03 6.42
CA GLY A 40 -8.07 -0.79 5.22
C GLY A 40 -6.73 -0.86 4.56
N GLN A 41 -5.88 -0.09 5.13
CA GLN A 41 -4.49 0.07 4.68
C GLN A 41 -3.60 -1.09 5.12
N ASN A 42 -2.73 -1.56 4.21
CA ASN A 42 -1.80 -2.64 4.50
C ASN A 42 -0.33 -2.20 4.30
N PRO A 43 0.19 -1.25 5.16
CA PRO A 43 1.57 -0.73 5.05
C PRO A 43 2.59 -1.65 5.74
N THR A 44 3.87 -1.24 5.73
CA THR A 44 4.95 -1.99 6.35
C THR A 44 5.24 -1.42 7.73
N GLU A 45 5.92 -2.22 8.56
CA GLU A 45 6.33 -1.79 9.90
C GLU A 45 7.56 -0.94 9.80
N ALA A 46 8.33 -1.25 8.77
CA ALA A 46 9.58 -0.58 8.51
C ALA A 46 9.31 0.87 8.12
N GLU A 47 8.18 1.04 7.45
CA GLU A 47 7.68 2.35 7.04
C GLU A 47 7.11 3.07 8.25
N LEU A 48 6.46 2.29 9.14
CA LEU A 48 5.96 2.79 10.40
C LEU A 48 7.12 3.24 11.27
N GLN A 49 8.31 2.72 10.92
CA GLN A 49 9.55 3.06 11.60
C GLN A 49 10.31 4.10 10.88
N ASP A 50 9.87 4.27 9.68
CA ASP A 50 10.40 5.28 8.79
C ASP A 50 9.68 6.60 9.01
N MET A 51 8.39 6.53 9.31
CA MET A 51 7.59 7.71 9.60
C MET A 51 7.70 8.08 11.07
N ILE A 52 7.88 7.04 11.92
CA ILE A 52 8.10 7.26 13.34
C ILE A 52 9.51 7.77 13.53
N ASN A 53 10.37 7.42 12.55
CA ASN A 53 11.75 7.90 12.52
C ASN A 53 11.82 9.34 11.96
N GLU A 54 10.94 9.65 10.98
CA GLU A 54 10.92 10.95 10.36
C GLU A 54 10.10 12.00 11.12
N VAL A 55 8.87 11.66 11.50
CA VAL A 55 8.00 12.59 12.22
C VAL A 55 8.11 12.43 13.73
N ASP A 56 7.94 11.18 14.22
CA ASP A 56 8.04 10.90 15.65
C ASP A 56 9.51 10.98 16.11
N ALA A 57 10.21 11.95 15.52
CA ALA A 57 11.62 12.21 15.78
C ALA A 57 11.84 13.03 17.03
N ASP A 58 10.73 13.43 17.57
CA ASP A 58 10.64 14.25 18.78
C ASP A 58 10.79 13.42 20.04
N GLY A 59 10.31 12.16 19.99
CA GLY A 59 10.39 11.25 21.13
C GLY A 59 9.25 11.43 22.12
N ASN A 60 8.02 11.43 21.61
CA ASN A 60 6.82 11.59 22.45
C ASN A 60 6.03 10.29 22.54
N GLY A 61 6.24 9.40 21.56
CA GLY A 61 5.56 8.10 21.52
C GLY A 61 4.08 8.18 21.22
N THR A 62 3.70 9.24 20.52
CA THR A 62 2.32 9.49 20.15
C THR A 62 2.24 10.21 18.80
N ILE A 63 1.13 10.02 18.07
CA ILE A 63 0.97 10.60 16.72
C ILE A 63 -0.39 11.29 16.53
N ASP A 64 -0.35 12.57 16.11
CA ASP A 64 -1.57 13.34 15.82
C ASP A 64 -2.18 12.87 14.49
N PHE A 65 -3.51 12.96 14.41
CA PHE A 65 -4.28 12.51 13.24
C PHE A 65 -4.28 13.47 12.03
N PRO A 66 -4.32 14.83 12.19
CA PRO A 66 -4.31 15.76 11.04
C PRO A 66 -3.01 15.74 10.24
N GLU A 67 -1.94 15.22 10.87
CA GLU A 67 -0.63 15.13 10.26
C GLU A 67 -0.39 13.85 9.45
N PHE A 68 -1.18 12.79 9.69
CA PHE A 68 -0.96 11.53 8.95
C PHE A 68 -1.64 11.50 7.60
N LEU A 69 -2.71 12.26 7.42
CA LEU A 69 -3.37 12.36 6.14
C LEU A 69 -2.50 13.12 5.19
N THR A 70 -1.74 14.02 5.80
CA THR A 70 -0.72 14.81 5.16
C THR A 70 0.27 13.87 4.50
N MET A 71 0.47 12.71 5.15
CA MET A 71 1.32 11.65 4.62
C MET A 71 0.61 10.98 3.45
N MET A 72 -0.73 11.08 3.46
CA MET A 72 -1.55 10.55 2.38
C MET A 72 -1.73 11.59 1.29
N ALA A 73 -1.56 12.83 1.68
CA ALA A 73 -1.67 13.94 0.76
C ALA A 73 -0.37 14.06 -0.03
N ARG A 74 0.72 13.52 0.53
CA ARG A 74 1.99 13.57 -0.15
C ARG A 74 2.21 12.38 -1.06
N LYS A 75 1.63 11.23 -0.72
CA LYS A 75 1.79 10.04 -1.56
C LYS A 75 0.97 10.08 -2.87
N MET A 76 0.04 11.04 -2.99
CA MET A 76 -0.80 11.11 -4.18
C MET A 76 -0.76 12.46 -4.89
N LYS A 77 -0.38 13.49 -4.16
CA LYS A 77 -0.35 14.85 -4.67
C LYS A 77 0.94 15.28 -5.38
N ASP A 78 2.11 14.80 -4.92
CA ASP A 78 3.39 15.23 -5.50
C ASP A 78 4.04 14.19 -6.42
N THR A 79 3.81 12.91 -6.15
CA THR A 79 4.39 11.83 -6.94
C THR A 79 3.58 11.49 -8.21
N ASP A 80 2.73 12.44 -8.64
CA ASP A 80 1.86 12.30 -9.85
C ASP A 80 0.85 11.15 -9.69
N SER A 81 -0.41 11.45 -10.02
CA SER A 81 -1.51 10.48 -9.91
C SER A 81 -1.61 9.55 -11.14
N GLU A 82 -0.91 9.92 -12.22
CA GLU A 82 -0.91 9.16 -13.46
C GLU A 82 0.18 8.07 -13.41
N GLU A 83 1.36 8.51 -13.03
CA GLU A 83 2.54 7.66 -12.88
C GLU A 83 2.47 6.78 -11.63
N GLU A 84 1.60 7.15 -10.68
CA GLU A 84 1.42 6.44 -9.41
C GLU A 84 0.96 5.00 -9.59
N ILE A 85 0.37 4.72 -10.74
CA ILE A 85 -0.15 3.40 -11.08
C ILE A 85 0.96 2.55 -11.74
N ARG A 86 1.59 3.11 -12.78
CA ARG A 86 2.66 2.43 -13.54
C ARG A 86 3.88 2.09 -12.68
N GLU A 87 3.98 2.72 -11.51
CA GLU A 87 5.06 2.47 -10.58
C GLU A 87 4.83 1.16 -9.83
N ALA A 88 3.55 0.72 -9.81
CA ALA A 88 3.18 -0.52 -9.16
C ALA A 88 3.76 -1.70 -9.91
N PHE A 89 3.98 -1.49 -11.20
CA PHE A 89 4.63 -2.49 -12.04
C PHE A 89 6.12 -2.38 -11.78
N ARG A 90 6.51 -1.20 -11.26
CA ARG A 90 7.87 -0.92 -10.84
C ARG A 90 8.06 -1.50 -9.43
N VAL A 91 6.90 -1.77 -8.80
CA VAL A 91 6.83 -2.36 -7.48
C VAL A 91 6.92 -3.89 -7.54
N PHE A 92 6.40 -4.46 -8.64
CA PHE A 92 6.38 -5.89 -8.79
C PHE A 92 7.64 -6.41 -9.49
N ASP A 93 8.15 -5.61 -10.44
CA ASP A 93 9.38 -5.90 -11.19
C ASP A 93 10.60 -6.00 -10.27
N LYS A 94 10.88 -7.22 -9.80
CA LYS A 94 12.00 -7.45 -8.88
C LYS A 94 13.31 -7.70 -9.59
N ASP A 95 13.31 -8.69 -10.49
CA ASP A 95 14.50 -9.11 -11.17
C ASP A 95 15.00 -8.11 -12.22
N GLY A 96 14.27 -7.03 -12.35
CA GLY A 96 14.57 -5.94 -13.29
C GLY A 96 14.86 -6.40 -14.72
N ASN A 97 14.22 -7.48 -15.15
CA ASN A 97 14.41 -8.02 -16.50
C ASN A 97 13.33 -7.53 -17.47
N GLY A 98 12.34 -6.81 -16.94
CA GLY A 98 11.25 -6.30 -17.77
C GLY A 98 9.99 -7.10 -17.60
N TYR A 99 10.15 -8.30 -17.09
CA TYR A 99 9.05 -9.21 -16.83
C TYR A 99 9.03 -9.61 -15.36
N ILE A 100 7.93 -9.28 -14.67
CA ILE A 100 7.73 -9.61 -13.27
C ILE A 100 7.35 -11.09 -13.19
N SER A 101 8.36 -11.92 -12.91
CA SER A 101 8.19 -13.36 -12.82
C SER A 101 7.49 -13.80 -11.53
N ALA A 102 7.02 -15.05 -11.54
CA ALA A 102 6.29 -15.67 -10.44
C ALA A 102 7.03 -15.68 -9.10
N ALA A 103 8.34 -15.44 -9.13
CA ALA A 103 9.13 -15.43 -7.91
C ALA A 103 9.13 -14.06 -7.34
N GLU A 104 9.01 -13.12 -8.26
CA GLU A 104 9.01 -11.72 -7.94
C GLU A 104 7.70 -11.31 -7.39
N LEU A 105 6.63 -11.79 -8.01
CA LEU A 105 5.30 -11.50 -7.53
C LEU A 105 5.15 -12.11 -6.16
N ARG A 106 5.82 -13.24 -5.97
CA ARG A 106 5.85 -13.92 -4.71
C ARG A 106 6.74 -13.14 -3.77
N HIS A 107 7.87 -12.70 -4.31
CA HIS A 107 8.80 -11.90 -3.56
C HIS A 107 8.17 -10.56 -3.30
N VAL A 108 7.18 -10.23 -4.14
CA VAL A 108 6.41 -9.01 -3.99
C VAL A 108 5.51 -9.20 -2.80
N MET A 109 4.81 -10.31 -2.87
CA MET A 109 3.94 -10.75 -1.80
C MET A 109 4.69 -10.92 -0.50
N THR A 110 5.90 -11.46 -0.56
CA THR A 110 6.69 -11.65 0.66
C THR A 110 7.15 -10.30 1.20
N ASN A 111 7.13 -9.29 0.32
CA ASN A 111 7.47 -7.92 0.70
C ASN A 111 6.29 -7.28 1.39
N LEU A 112 5.10 -7.48 0.78
CA LEU A 112 3.87 -6.90 1.31
C LEU A 112 3.32 -7.72 2.48
N GLY A 113 3.61 -9.02 2.46
CA GLY A 113 3.16 -9.90 3.53
C GLY A 113 2.69 -11.31 3.12
N GLU A 114 2.52 -11.63 1.82
CA GLU A 114 2.05 -12.96 1.48
C GLU A 114 3.13 -13.91 1.02
N LYS A 115 2.86 -15.18 1.27
CA LYS A 115 3.72 -16.26 0.83
C LYS A 115 2.99 -16.98 -0.27
N LEU A 116 3.70 -17.16 -1.36
CA LEU A 116 3.13 -17.76 -2.55
C LEU A 116 4.07 -18.76 -3.23
N THR A 117 3.64 -20.03 -3.25
CA THR A 117 4.38 -21.14 -3.86
C THR A 117 4.34 -21.08 -5.39
N ASP A 118 4.94 -22.11 -5.99
CA ASP A 118 5.08 -22.22 -7.43
C ASP A 118 3.77 -22.46 -8.20
N GLU A 119 2.88 -23.27 -7.65
CA GLU A 119 1.61 -23.57 -8.31
C GLU A 119 0.49 -22.59 -7.95
N GLU A 120 0.69 -21.82 -6.88
CA GLU A 120 -0.29 -20.83 -6.46
C GLU A 120 -0.08 -19.50 -7.21
N VAL A 121 1.10 -19.35 -7.84
CA VAL A 121 1.42 -18.15 -8.63
C VAL A 121 0.85 -18.25 -10.04
N ASP A 122 0.63 -19.48 -10.48
CA ASP A 122 0.08 -19.76 -11.83
C ASP A 122 -1.42 -19.42 -11.95
N GLU A 123 -1.82 -18.40 -11.18
CA GLU A 123 -3.18 -17.88 -11.18
C GLU A 123 -3.16 -16.35 -11.11
N MET A 124 -2.15 -15.82 -10.39
CA MET A 124 -1.93 -14.38 -10.25
C MET A 124 -1.31 -13.83 -11.53
N ILE A 125 -0.65 -14.73 -12.27
CA ILE A 125 -0.03 -14.41 -13.55
C ILE A 125 -0.99 -14.60 -14.69
N ARG A 126 -1.63 -15.75 -14.71
CA ARG A 126 -2.61 -16.11 -15.75
C ARG A 126 -3.76 -15.12 -15.81
N GLU A 127 -4.04 -14.54 -14.65
CA GLU A 127 -5.08 -13.52 -14.50
C GLU A 127 -4.72 -12.23 -15.26
N ALA A 128 -3.40 -11.96 -15.41
CA ALA A 128 -2.95 -10.78 -16.12
C ALA A 128 -2.39 -11.20 -17.46
N ASP A 129 -1.79 -12.39 -17.46
CA ASP A 129 -1.14 -12.98 -18.63
C ASP A 129 -2.12 -13.27 -19.76
N ILE A 130 -1.77 -12.73 -20.92
CA ILE A 130 -2.56 -12.89 -22.15
C ILE A 130 -2.07 -14.12 -22.94
N ASP A 131 -0.73 -14.23 -23.09
CA ASP A 131 -0.12 -15.33 -23.81
C ASP A 131 0.17 -16.54 -22.90
N GLY A 132 0.33 -16.27 -21.60
CA GLY A 132 0.58 -17.33 -20.62
C GLY A 132 2.04 -17.79 -20.57
N ASP A 133 2.97 -16.84 -20.48
CA ASP A 133 4.42 -17.16 -20.43
C ASP A 133 4.87 -17.55 -19.02
N GLY A 134 4.08 -17.14 -18.02
CA GLY A 134 4.37 -17.44 -16.62
C GLY A 134 5.16 -16.38 -15.92
N GLN A 135 5.45 -15.35 -16.68
CA GLN A 135 6.18 -14.19 -16.22
C GLN A 135 5.55 -12.94 -16.84
N VAL A 136 4.62 -12.37 -16.07
CA VAL A 136 3.84 -11.19 -16.46
C VAL A 136 4.70 -10.00 -16.96
N ASN A 137 4.18 -9.36 -18.01
CA ASN A 137 4.78 -8.17 -18.61
C ASN A 137 4.12 -6.94 -18.01
N TYR A 138 4.29 -5.81 -18.68
CA TYR A 138 3.67 -4.58 -18.25
C TYR A 138 2.20 -4.53 -18.70
N GLU A 139 1.98 -4.65 -20.02
CA GLU A 139 0.63 -4.60 -20.63
C GLU A 139 -0.35 -5.63 -20.08
N GLU A 140 0.16 -6.69 -19.46
CA GLU A 140 -0.71 -7.71 -18.88
C GLU A 140 -1.09 -7.31 -17.48
N PHE A 141 -0.11 -6.75 -16.81
CA PHE A 141 -0.29 -6.22 -15.47
C PHE A 141 -1.02 -4.89 -15.54
N VAL A 142 -0.95 -4.27 -16.72
CA VAL A 142 -1.58 -2.97 -16.97
C VAL A 142 -3.05 -3.12 -17.30
N GLN A 143 -3.34 -4.02 -18.22
CA GLN A 143 -4.73 -4.28 -18.61
C GLN A 143 -5.59 -4.65 -17.40
N MET A 144 -5.01 -5.36 -16.43
CA MET A 144 -5.72 -5.78 -15.23
C MET A 144 -6.12 -4.56 -14.37
N MET A 145 -5.45 -3.42 -14.61
CA MET A 145 -5.79 -2.17 -13.91
C MET A 145 -6.93 -1.45 -14.64
N THR A 146 -7.27 -1.96 -15.84
CA THR A 146 -8.36 -1.43 -16.66
C THR A 146 -9.41 -2.51 -16.95
N ALA A 147 -8.94 -3.76 -17.17
CA ALA A 147 -9.80 -4.95 -17.42
C ALA A 147 -11.16 -4.90 -16.70
N LYS A 148 -11.13 -4.51 -15.42
CA LYS A 148 -12.35 -4.43 -14.60
C LYS A 148 -12.94 -3.00 -14.63
N THR B 1 -14.18 -13.88 -0.13
CA THR B 1 -12.96 -14.04 -0.96
C THR B 1 -12.42 -15.45 -0.87
N ARG B 2 -12.22 -16.09 -2.03
CA ARG B 2 -11.70 -17.46 -2.10
C ARG B 2 -10.45 -17.52 -2.98
N LYS B 3 -10.51 -16.84 -4.14
CA LYS B 3 -9.40 -16.81 -5.09
C LYS B 3 -8.67 -15.47 -5.03
N LYS B 4 -7.35 -15.50 -5.27
CA LYS B 4 -6.53 -14.29 -5.25
C LYS B 4 -5.93 -14.01 -6.63
N THR B 5 -5.99 -12.75 -7.04
CA THR B 5 -5.47 -12.31 -8.33
C THR B 5 -4.73 -10.96 -8.20
N PHE B 6 -4.14 -10.48 -9.31
CA PHE B 6 -3.40 -9.20 -9.32
C PHE B 6 -4.37 -8.01 -9.12
N LYS B 7 -5.57 -8.10 -9.70
CA LYS B 7 -6.59 -7.02 -9.57
C LYS B 7 -6.83 -6.67 -8.08
N GLU B 8 -6.79 -7.70 -7.22
CA GLU B 8 -7.00 -7.55 -5.78
C GLU B 8 -5.76 -7.00 -5.04
N VAL B 9 -4.59 -7.67 -5.21
CA VAL B 9 -3.34 -7.28 -4.54
C VAL B 9 -2.72 -5.98 -5.11
N ALA B 10 -2.95 -5.70 -6.40
CA ALA B 10 -2.44 -4.49 -7.05
C ALA B 10 -3.16 -3.23 -6.59
N ASN B 11 -4.49 -3.36 -6.36
CA ASN B 11 -5.32 -2.25 -5.89
C ASN B 11 -4.83 -1.71 -4.54
N ALA B 12 -4.21 -2.60 -3.75
CA ALA B 12 -3.64 -2.24 -2.45
C ALA B 12 -2.32 -1.49 -2.59
N VAL B 13 -1.49 -1.91 -3.56
CA VAL B 13 -0.19 -1.26 -3.78
C VAL B 13 -0.22 -0.33 -5.04
N LYS B 14 -1.43 0.11 -5.43
CA LYS B 14 -1.59 1.01 -6.58
C LYS B 14 -1.60 2.49 -6.12
N ILE B 15 -1.06 2.75 -4.91
CA ILE B 15 -1.01 4.11 -4.36
C ILE B 15 0.42 4.51 -3.94
N SER B 16 1.25 4.81 -4.96
CA SER B 16 2.66 5.25 -4.80
C SER B 16 3.51 4.29 -3.94
N ALA B 17 4.80 4.58 -3.85
CA ALA B 17 5.74 3.79 -3.06
C ALA B 17 5.94 4.39 -1.65
N SER B 18 5.06 5.35 -1.29
CA SER B 18 5.13 6.02 0.00
C SER B 18 4.29 5.26 1.04
N LEU B 19 2.96 5.22 0.85
CA LEU B 19 2.09 4.45 1.74
C LEU B 19 1.11 3.61 0.94
N MET B 20 1.47 2.34 0.76
CA MET B 20 0.65 1.39 0.00
C MET B 20 -0.35 0.65 0.90
N GLY B 21 -1.64 0.88 0.64
CA GLY B 21 -2.71 0.25 1.41
C GLY B 21 -4.07 0.80 1.07
N THR B 22 -4.68 0.28 0.00
CA THR B 22 -6.01 0.71 -0.44
C THR B 22 -6.81 -0.46 -1.01
N ALA A 1 -9.16 19.13 2.53
CA ALA A 1 -8.64 19.58 3.86
C ALA A 1 -8.78 18.49 4.91
N ASP A 2 -9.93 17.79 4.90
CA ASP A 2 -10.19 16.72 5.87
C ASP A 2 -9.92 15.35 5.23
N GLN A 3 -10.34 15.18 3.97
CA GLN A 3 -10.15 13.93 3.24
C GLN A 3 -9.63 14.19 1.83
N LEU A 4 -8.86 13.23 1.30
CA LEU A 4 -8.30 13.33 -0.02
C LEU A 4 -8.97 12.31 -0.95
N THR A 5 -8.25 11.26 -1.30
CA THR A 5 -8.73 10.19 -2.13
C THR A 5 -9.13 8.98 -1.28
N GLU A 6 -9.49 7.86 -1.94
CA GLU A 6 -9.90 6.63 -1.26
C GLU A 6 -8.83 6.07 -0.33
N GLU A 7 -7.58 6.39 -0.62
CA GLU A 7 -6.43 5.96 0.21
C GLU A 7 -6.57 6.46 1.64
N GLN A 8 -7.25 7.59 1.76
CA GLN A 8 -7.54 8.23 3.02
C GLN A 8 -8.69 7.51 3.70
N ILE A 9 -9.72 7.22 2.92
CA ILE A 9 -10.89 6.54 3.41
C ILE A 9 -10.55 5.10 3.81
N ALA A 10 -9.60 4.50 3.10
CA ALA A 10 -9.16 3.12 3.34
C ALA A 10 -8.28 2.95 4.58
N GLU A 11 -7.44 3.95 4.92
CA GLU A 11 -6.55 3.83 6.07
C GLU A 11 -6.91 4.70 7.25
N PHE A 12 -7.73 5.73 7.05
CA PHE A 12 -8.12 6.60 8.17
C PHE A 12 -9.10 5.88 9.09
N LYS A 13 -9.67 4.80 8.57
CA LYS A 13 -10.62 4.00 9.28
C LYS A 13 -9.84 3.03 10.17
N GLU A 14 -8.76 2.49 9.60
CA GLU A 14 -7.92 1.53 10.31
C GLU A 14 -6.88 2.17 11.19
N ALA A 15 -6.31 3.28 10.74
CA ALA A 15 -5.29 3.99 11.54
C ALA A 15 -5.96 4.61 12.76
N PHE A 16 -7.26 4.85 12.61
CA PHE A 16 -8.08 5.38 13.68
C PHE A 16 -8.61 4.24 14.55
N SER A 17 -9.01 3.14 13.92
CA SER A 17 -9.58 2.04 14.65
C SER A 17 -8.56 1.05 15.21
N LEU A 18 -7.31 1.12 14.76
CA LEU A 18 -6.30 0.21 15.28
C LEU A 18 -5.92 0.55 16.71
N PHE A 19 -6.01 1.83 17.06
CA PHE A 19 -5.70 2.29 18.40
C PHE A 19 -6.77 3.20 19.03
N ASP A 20 -7.74 3.70 18.25
CA ASP A 20 -8.77 4.58 18.84
C ASP A 20 -10.03 3.78 19.18
N LYS A 21 -9.96 3.11 20.34
CA LYS A 21 -11.05 2.28 20.82
C LYS A 21 -12.23 3.07 21.36
N ASP A 22 -11.90 4.09 22.11
CA ASP A 22 -12.87 4.99 22.68
C ASP A 22 -13.34 5.96 21.61
N GLY A 23 -12.53 6.03 20.54
CA GLY A 23 -12.81 6.94 19.43
C GLY A 23 -12.35 8.33 19.80
N ASP A 24 -11.10 8.39 20.24
CA ASP A 24 -10.48 9.59 20.76
C ASP A 24 -9.79 10.47 19.69
N GLY A 25 -10.24 10.29 18.45
CA GLY A 25 -9.71 11.05 17.31
C GLY A 25 -8.24 10.79 16.97
N THR A 26 -7.35 11.04 17.93
CA THR A 26 -5.93 10.87 17.76
C THR A 26 -5.44 9.54 18.33
N ILE A 27 -4.32 9.07 17.78
CA ILE A 27 -3.72 7.83 18.16
C ILE A 27 -2.26 8.02 18.60
N THR A 28 -1.79 7.17 19.52
CA THR A 28 -0.44 7.23 20.09
C THR A 28 0.68 7.20 19.05
N THR A 29 1.82 7.80 19.44
CA THR A 29 3.01 7.90 18.61
C THR A 29 3.84 6.64 18.62
N LYS A 30 4.23 6.21 19.82
CA LYS A 30 4.99 4.97 20.02
C LYS A 30 4.30 3.76 19.38
N GLU A 31 3.04 3.97 19.01
CA GLU A 31 2.23 2.93 18.40
C GLU A 31 1.89 3.29 16.94
N LEU A 32 2.00 4.59 16.60
CA LEU A 32 1.72 5.12 15.25
C LEU A 32 2.47 4.34 14.17
N GLY A 33 3.72 3.96 14.44
CA GLY A 33 4.47 3.16 13.49
C GLY A 33 3.76 1.87 13.19
N THR A 34 3.19 1.29 14.25
CA THR A 34 2.45 0.04 14.17
C THR A 34 1.05 0.22 13.57
N VAL A 35 0.47 1.42 13.72
CA VAL A 35 -0.82 1.69 13.12
C VAL A 35 -0.57 1.91 11.62
N MET A 36 0.67 2.35 11.37
CA MET A 36 1.21 2.57 10.02
C MET A 36 1.57 1.24 9.36
N ARG A 37 2.20 0.33 10.12
CA ARG A 37 2.63 -0.97 9.62
C ARG A 37 1.49 -1.97 9.53
N SER A 38 0.48 -1.81 10.39
CA SER A 38 -0.69 -2.68 10.38
C SER A 38 -1.52 -2.50 9.11
N LEU A 39 -1.12 -1.50 8.38
CA LEU A 39 -1.70 -1.15 7.10
C LEU A 39 -0.93 -1.82 5.97
N GLY A 40 0.19 -2.48 6.33
CA GLY A 40 1.01 -3.17 5.36
C GLY A 40 2.24 -2.44 4.94
N GLN A 41 2.34 -1.30 5.54
CA GLN A 41 3.43 -0.35 5.32
C GLN A 41 4.68 -0.73 6.11
N ASN A 42 5.84 -0.58 5.46
CA ASN A 42 7.12 -0.89 6.08
C ASN A 42 8.01 0.37 6.13
N PRO A 43 7.71 1.34 7.06
CA PRO A 43 8.49 2.58 7.21
C PRO A 43 9.73 2.39 8.10
N THR A 44 10.47 3.48 8.32
CA THR A 44 11.67 3.44 9.15
C THR A 44 11.35 4.01 10.53
N GLU A 45 12.22 3.68 11.48
CA GLU A 45 12.08 4.19 12.85
C GLU A 45 12.64 5.58 12.94
N ALA A 46 13.61 5.82 12.06
CA ALA A 46 14.29 7.07 11.99
C ALA A 46 13.37 8.14 11.44
N GLU A 47 12.55 7.71 10.47
CA GLU A 47 11.53 8.55 9.86
C GLU A 47 10.35 8.66 10.81
N LEU A 48 10.16 7.59 11.59
CA LEU A 48 9.17 7.54 12.65
C LEU A 48 9.54 8.52 13.75
N GLN A 49 10.82 8.87 13.75
CA GLN A 49 11.38 9.83 14.71
C GLN A 49 11.50 11.18 14.09
N ASP A 50 11.39 11.14 12.81
CA ASP A 50 11.40 12.33 11.99
C ASP A 50 9.99 12.92 11.92
N MET A 51 8.99 12.05 11.90
CA MET A 51 7.60 12.47 11.87
C MET A 51 7.09 12.69 13.29
N ILE A 52 7.68 11.97 14.25
CA ILE A 52 7.34 12.19 15.66
C ILE A 52 8.08 13.44 16.11
N ASN A 53 9.18 13.73 15.41
CA ASN A 53 9.94 14.96 15.64
C ASN A 53 9.26 16.17 15.00
N GLU A 54 8.62 15.94 13.84
CA GLU A 54 7.94 17.00 13.11
C GLU A 54 6.48 17.20 13.54
N VAL A 55 5.75 16.10 13.76
CA VAL A 55 4.34 16.17 14.14
C VAL A 55 4.14 16.38 15.64
N ASP A 56 4.83 15.58 16.47
CA ASP A 56 4.71 15.70 17.93
C ASP A 56 5.43 16.98 18.41
N ALA A 57 5.26 18.04 17.60
CA ALA A 57 5.84 19.34 17.87
C ALA A 57 5.00 20.18 18.80
N ASP A 58 3.88 19.61 19.09
CA ASP A 58 2.86 20.18 19.95
C ASP A 58 3.00 19.67 21.39
N GLY A 59 3.42 18.40 21.52
CA GLY A 59 3.61 17.78 22.82
C GLY A 59 2.34 17.20 23.41
N ASN A 60 1.58 16.48 22.58
CA ASN A 60 0.33 15.85 23.01
C ASN A 60 0.46 14.33 23.08
N GLY A 61 1.45 13.79 22.36
CA GLY A 61 1.71 12.35 22.33
C GLY A 61 0.64 11.54 21.64
N THR A 62 -0.07 12.18 20.72
CA THR A 62 -1.15 11.57 19.98
C THR A 62 -1.22 12.15 18.55
N ILE A 63 -1.78 11.38 17.61
CA ILE A 63 -1.84 11.80 16.19
C ILE A 63 -3.23 11.59 15.56
N ASP A 64 -3.75 12.66 14.94
CA ASP A 64 -5.03 12.63 14.23
C ASP A 64 -4.84 12.04 12.81
N PHE A 65 -5.89 11.42 12.29
CA PHE A 65 -5.84 10.77 10.95
C PHE A 65 -5.99 11.72 9.74
N PRO A 66 -6.71 12.88 9.83
CA PRO A 66 -6.87 13.80 8.68
C PRO A 66 -5.57 14.54 8.34
N GLU A 67 -4.64 14.56 9.30
CA GLU A 67 -3.38 15.26 9.17
C GLU A 67 -2.22 14.44 8.61
N PHE A 68 -2.16 13.10 8.85
CA PHE A 68 -1.00 12.33 8.37
C PHE A 68 -1.09 11.84 6.93
N LEU A 69 -2.30 11.63 6.40
CA LEU A 69 -2.44 11.21 5.02
C LEU A 69 -2.04 12.33 4.10
N THR A 70 -2.41 13.52 4.54
CA THR A 70 -2.06 14.77 3.92
C THR A 70 -0.54 14.90 3.88
N MET A 71 0.08 14.30 4.90
CA MET A 71 1.53 14.23 4.98
C MET A 71 2.04 13.18 4.01
N MET A 72 1.15 12.22 3.69
CA MET A 72 1.45 11.18 2.71
C MET A 72 1.06 11.65 1.32
N ALA A 73 0.17 12.63 1.27
CA ALA A 73 -0.28 13.21 0.03
C ALA A 73 0.81 14.11 -0.50
N ARG A 74 1.59 14.70 0.41
CA ARG A 74 2.66 15.59 0.03
C ARG A 74 3.88 14.78 -0.39
N LYS A 75 3.97 13.54 0.14
CA LYS A 75 5.03 12.60 -0.21
C LYS A 75 4.90 12.07 -1.65
N MET A 76 3.72 12.27 -2.26
CA MET A 76 3.46 11.77 -3.60
C MET A 76 3.10 12.87 -4.60
N LYS A 77 2.53 13.95 -4.08
CA LYS A 77 2.11 15.11 -4.88
C LYS A 77 3.25 15.77 -5.68
N ASP A 78 4.50 15.60 -5.22
CA ASP A 78 5.65 16.21 -5.91
C ASP A 78 6.44 15.20 -6.73
N THR A 79 6.46 13.94 -6.30
CA THR A 79 7.17 12.89 -7.00
C THR A 79 6.33 12.33 -8.17
N ASP A 80 6.73 12.75 -9.39
CA ASP A 80 6.10 12.38 -10.69
C ASP A 80 5.13 11.18 -10.63
N SER A 81 3.98 11.36 -11.28
CA SER A 81 2.93 10.34 -11.35
C SER A 81 3.25 9.23 -12.36
N GLU A 82 4.26 9.48 -13.20
CA GLU A 82 4.69 8.56 -14.24
C GLU A 82 5.46 7.40 -13.61
N GLU A 83 6.29 7.76 -12.65
CA GLU A 83 7.11 6.81 -11.89
C GLU A 83 6.28 6.01 -10.88
N GLU A 84 5.08 6.51 -10.55
CA GLU A 84 4.17 5.86 -9.59
C GLU A 84 3.68 4.49 -10.07
N ILE A 85 3.79 4.25 -11.37
CA ILE A 85 3.36 2.99 -11.99
C ILE A 85 4.51 1.96 -11.95
N ARG A 86 5.69 2.39 -12.43
CA ARG A 86 6.88 1.52 -12.47
C ARG A 86 7.31 1.02 -11.09
N GLU A 87 6.80 1.70 -10.05
CA GLU A 87 7.08 1.35 -8.67
C GLU A 87 6.25 0.15 -8.21
N ALA A 88 5.15 -0.09 -8.93
CA ALA A 88 4.30 -1.24 -8.65
C ALA A 88 4.94 -2.50 -9.16
N PHE A 89 5.85 -2.31 -10.12
CA PHE A 89 6.66 -3.40 -10.65
C PHE A 89 7.83 -3.57 -9.70
N ARG A 90 8.10 -2.49 -8.96
CA ARG A 90 9.11 -2.51 -7.91
C ARG A 90 8.50 -3.26 -6.72
N VAL A 91 7.16 -3.29 -6.71
CA VAL A 91 6.39 -3.97 -5.71
C VAL A 91 6.13 -5.44 -6.07
N PHE A 92 5.61 -5.69 -7.28
CA PHE A 92 5.28 -7.04 -7.69
C PHE A 92 6.33 -7.70 -8.61
N ASP A 93 6.88 -6.92 -9.57
CA ASP A 93 7.92 -7.45 -10.50
C ASP A 93 9.19 -7.82 -9.75
N LYS A 94 9.27 -9.10 -9.40
CA LYS A 94 10.42 -9.62 -8.64
C LYS A 94 11.58 -10.05 -9.50
N ASP A 95 11.28 -10.84 -10.53
CA ASP A 95 12.31 -11.41 -11.38
C ASP A 95 12.98 -10.38 -12.31
N GLY A 96 12.53 -9.15 -12.18
CA GLY A 96 13.03 -8.02 -12.96
C GLY A 96 13.10 -8.26 -14.47
N ASN A 97 12.21 -9.11 -14.98
CA ASN A 97 12.16 -9.44 -16.41
C ASN A 97 11.12 -8.59 -17.16
N GLY A 98 10.34 -7.82 -16.40
CA GLY A 98 9.31 -6.98 -16.99
C GLY A 98 7.92 -7.53 -16.82
N TYR A 99 7.87 -8.82 -16.53
CA TYR A 99 6.64 -9.55 -16.31
C TYR A 99 6.60 -10.14 -14.91
N ILE A 100 5.59 -9.72 -14.11
CA ILE A 100 5.40 -10.22 -12.76
C ILE A 100 4.76 -11.62 -12.83
N SER A 101 5.61 -12.65 -12.83
CA SER A 101 5.19 -14.04 -12.93
C SER A 101 4.53 -14.54 -11.64
N ALA A 102 3.88 -15.71 -11.76
CA ALA A 102 3.16 -16.35 -10.67
C ALA A 102 4.02 -16.70 -9.46
N ALA A 103 5.35 -16.66 -9.65
CA ALA A 103 6.26 -16.98 -8.56
C ALA A 103 6.56 -15.74 -7.80
N GLU A 104 6.50 -14.64 -8.54
CA GLU A 104 6.78 -13.33 -8.03
C GLU A 104 5.62 -12.79 -7.28
N LEU A 105 4.42 -13.01 -7.79
CA LEU A 105 3.24 -12.59 -7.10
C LEU A 105 3.13 -13.40 -5.81
N ARG A 106 3.58 -14.65 -5.93
CA ARG A 106 3.65 -15.56 -4.82
C ARG A 106 4.74 -15.11 -3.88
N HIS A 107 5.87 -14.76 -4.48
CA HIS A 107 7.00 -14.26 -3.72
C HIS A 107 6.66 -12.90 -3.17
N VAL A 108 5.67 -12.28 -3.83
CA VAL A 108 5.17 -10.99 -3.38
C VAL A 108 4.42 -11.22 -2.11
N MET A 109 3.53 -12.16 -2.25
CA MET A 109 2.70 -12.60 -1.17
C MET A 109 3.51 -13.15 -0.02
N THR A 110 4.59 -13.88 -0.32
CA THR A 110 5.41 -14.42 0.75
C THR A 110 6.20 -13.29 1.42
N ASN A 111 6.31 -12.15 0.70
CA ASN A 111 6.96 -10.96 1.22
C ASN A 111 5.99 -10.22 2.13
N LEU A 112 4.73 -10.09 1.66
CA LEU A 112 3.71 -9.39 2.41
C LEU A 112 3.09 -10.27 3.50
N GLY A 113 3.08 -11.58 3.25
CA GLY A 113 2.54 -12.51 4.22
C GLY A 113 1.71 -13.69 3.67
N GLU A 114 1.39 -13.76 2.35
CA GLU A 114 0.60 -14.86 1.86
C GLU A 114 1.40 -15.94 1.19
N LYS A 115 0.85 -17.14 1.27
CA LYS A 115 1.41 -18.28 0.60
C LYS A 115 0.49 -18.63 -0.53
N LEU A 116 1.08 -18.70 -1.69
CA LEU A 116 0.37 -18.93 -2.93
C LEU A 116 1.00 -20.06 -3.75
N THR A 117 0.22 -21.15 -3.93
CA THR A 117 0.63 -22.31 -4.69
C THR A 117 0.61 -22.06 -6.19
N ASP A 118 0.89 -23.11 -6.95
CA ASP A 118 0.97 -23.04 -8.40
C ASP A 118 -0.40 -22.92 -9.10
N GLU A 119 -1.41 -23.59 -8.57
CA GLU A 119 -2.76 -23.55 -9.15
C GLU A 119 -3.61 -22.40 -8.61
N GLU A 120 -3.18 -21.81 -7.49
CA GLU A 120 -3.90 -20.68 -6.91
C GLU A 120 -3.46 -19.36 -7.54
N VAL A 121 -2.31 -19.39 -8.25
CA VAL A 121 -1.78 -18.20 -8.94
C VAL A 121 -2.42 -18.02 -10.31
N ASP A 122 -2.90 -19.13 -10.87
CA ASP A 122 -3.56 -19.12 -12.20
C ASP A 122 -4.98 -18.54 -12.14
N GLU A 123 -5.16 -17.62 -11.20
CA GLU A 123 -6.40 -16.89 -10.98
C GLU A 123 -6.09 -15.43 -10.60
N MET A 124 -4.92 -15.25 -9.97
CA MET A 124 -4.40 -13.92 -9.58
C MET A 124 -3.90 -13.23 -10.82
N ILE A 125 -3.45 -14.05 -11.77
CA ILE A 125 -2.93 -13.58 -13.02
C ILE A 125 -4.02 -13.40 -14.06
N ARG A 126 -4.79 -14.45 -14.26
CA ARG A 126 -5.89 -14.48 -15.25
C ARG A 126 -6.87 -13.34 -15.00
N GLU A 127 -6.96 -12.95 -13.74
CA GLU A 127 -7.82 -11.85 -13.29
C GLU A 127 -7.41 -10.52 -13.94
N ALA A 128 -6.10 -10.35 -14.18
CA ALA A 128 -5.60 -9.13 -14.80
C ALA A 128 -5.14 -9.41 -16.21
N ASP A 129 -4.65 -10.63 -16.41
CA ASP A 129 -4.13 -11.12 -17.68
C ASP A 129 -5.17 -11.13 -18.79
N ILE A 130 -4.79 -10.50 -19.90
CA ILE A 130 -5.63 -10.40 -21.09
C ILE A 130 -5.38 -11.60 -22.04
N ASP A 131 -4.10 -11.87 -22.31
CA ASP A 131 -3.70 -12.96 -23.19
C ASP A 131 -3.59 -14.30 -22.46
N GLY A 132 -3.35 -14.24 -21.14
CA GLY A 132 -3.25 -15.44 -20.31
C GLY A 132 -1.96 -16.22 -20.50
N ASP A 133 -0.82 -15.51 -20.42
CA ASP A 133 0.50 -16.13 -20.59
C ASP A 133 1.03 -16.73 -19.27
N GLY A 134 0.45 -16.25 -18.16
CA GLY A 134 0.83 -16.72 -16.82
C GLY A 134 1.76 -15.79 -16.11
N GLN A 135 1.92 -14.64 -16.71
CA GLN A 135 2.76 -13.56 -16.22
C GLN A 135 2.03 -12.24 -16.47
N VAL A 136 1.85 -11.46 -15.41
CA VAL A 136 1.13 -10.18 -15.50
C VAL A 136 2.04 -9.02 -15.91
N ASN A 137 1.55 -8.28 -16.92
CA ASN A 137 2.25 -7.11 -17.47
C ASN A 137 1.72 -5.83 -16.81
N TYR A 138 2.01 -4.69 -17.45
CA TYR A 138 1.57 -3.39 -16.99
C TYR A 138 0.08 -3.19 -17.29
N GLU A 139 -0.29 -3.35 -18.57
CA GLU A 139 -1.69 -3.18 -19.02
C GLU A 139 -2.67 -4.14 -18.38
N GLU A 140 -2.17 -5.26 -17.83
CA GLU A 140 -3.05 -6.22 -17.17
C GLU A 140 -3.24 -5.82 -15.73
N PHE A 141 -2.12 -5.50 -15.10
CA PHE A 141 -2.09 -5.00 -13.73
C PHE A 141 -2.74 -3.61 -13.68
N VAL A 142 -2.76 -2.95 -14.84
CA VAL A 142 -3.32 -1.59 -14.96
C VAL A 142 -4.81 -1.65 -15.18
N GLN A 143 -5.23 -2.50 -16.10
CA GLN A 143 -6.67 -2.67 -16.36
C GLN A 143 -7.40 -3.16 -15.11
N MET A 144 -6.72 -3.99 -14.31
CA MET A 144 -7.32 -4.52 -13.09
C MET A 144 -7.62 -3.39 -12.09
N MET A 145 -6.84 -2.30 -12.17
CA MET A 145 -7.07 -1.13 -11.31
C MET A 145 -8.18 -0.25 -11.90
N THR A 146 -8.62 -0.60 -13.14
CA THR A 146 -9.69 0.09 -13.84
C THR A 146 -10.90 -0.82 -13.99
N ALA A 147 -10.64 -2.06 -14.42
CA ALA A 147 -11.65 -3.13 -14.60
C ALA A 147 -12.85 -3.03 -13.64
N LYS A 148 -12.57 -2.75 -12.36
CA LYS A 148 -13.61 -2.62 -11.33
C LYS A 148 -14.08 -1.16 -11.20
N THR B 1 -19.25 -14.62 -10.94
CA THR B 1 -18.98 -14.43 -12.38
C THR B 1 -17.53 -14.01 -12.62
N ARG B 2 -17.05 -13.05 -11.81
CA ARG B 2 -15.68 -12.54 -11.93
C ARG B 2 -14.94 -12.67 -10.60
N LYS B 3 -13.70 -13.14 -10.66
CA LYS B 3 -12.86 -13.31 -9.47
C LYS B 3 -11.85 -12.19 -9.35
N LYS B 4 -11.75 -11.63 -8.14
CA LYS B 4 -10.81 -10.53 -7.86
C LYS B 4 -9.65 -11.02 -7.00
N THR B 5 -8.42 -10.80 -7.49
CA THR B 5 -7.22 -11.23 -6.77
C THR B 5 -6.11 -10.17 -6.85
N PHE B 6 -5.63 -9.83 -8.06
CA PHE B 6 -4.58 -8.80 -8.22
C PHE B 6 -5.13 -7.43 -7.81
N LYS B 7 -6.46 -7.26 -7.97
CA LYS B 7 -7.17 -6.02 -7.60
C LYS B 7 -7.16 -5.83 -6.07
N GLU B 8 -7.37 -6.95 -5.35
CA GLU B 8 -7.41 -6.96 -3.87
C GLU B 8 -6.02 -6.88 -3.24
N VAL B 9 -5.02 -7.52 -3.88
CA VAL B 9 -3.63 -7.52 -3.37
C VAL B 9 -2.96 -6.15 -3.57
N ALA B 10 -3.39 -5.45 -4.62
CA ALA B 10 -2.85 -4.14 -4.99
C ALA B 10 -3.30 -3.03 -4.03
N ASN B 11 -4.61 -3.00 -3.68
CA ASN B 11 -5.15 -1.96 -2.78
C ASN B 11 -4.34 -1.86 -1.47
N ALA B 12 -3.75 -3.00 -1.06
CA ALA B 12 -2.91 -3.08 0.14
C ALA B 12 -1.51 -2.51 -0.11
N VAL B 13 -0.97 -2.77 -1.32
CA VAL B 13 0.37 -2.29 -1.68
C VAL B 13 0.41 -1.65 -3.10
N LYS B 14 -0.51 -0.72 -3.36
CA LYS B 14 -0.58 -0.02 -4.65
C LYS B 14 0.27 1.26 -4.62
N ILE B 15 0.26 1.95 -3.47
CA ILE B 15 1.02 3.18 -3.30
C ILE B 15 2.41 2.88 -2.69
N SER B 16 3.47 3.31 -3.41
CA SER B 16 4.85 3.10 -2.96
C SER B 16 5.68 4.39 -3.12
N ALA B 17 5.11 5.40 -3.78
CA ALA B 17 5.77 6.68 -4.00
C ALA B 17 5.53 7.67 -2.85
N SER B 18 4.60 7.33 -1.95
CA SER B 18 4.28 8.19 -0.80
C SER B 18 5.20 7.88 0.39
N LEU B 19 4.96 6.74 1.05
CA LEU B 19 5.77 6.34 2.20
C LEU B 19 6.69 5.18 1.83
N MET B 20 7.93 5.51 1.48
CA MET B 20 8.93 4.51 1.08
C MET B 20 10.24 4.70 1.86
N GLY B 21 10.94 3.59 2.09
CA GLY B 21 12.20 3.63 2.83
C GLY B 21 13.39 3.22 1.96
N THR B 22 14.50 3.95 2.12
CA THR B 22 15.72 3.68 1.36
C THR B 22 16.72 2.89 2.22
N ALA A 1 -16.12 11.88 0.46
CA ALA A 1 -14.73 12.15 0.95
C ALA A 1 -14.77 13.02 2.21
N ASP A 2 -13.76 12.84 3.07
CA ASP A 2 -13.64 13.61 4.32
C ASP A 2 -12.75 14.83 4.15
N GLN A 3 -11.54 14.63 3.57
CA GLN A 3 -10.60 15.71 3.35
C GLN A 3 -9.93 15.60 1.99
N LEU A 4 -9.37 14.43 1.71
CA LEU A 4 -8.70 14.17 0.48
C LEU A 4 -9.49 13.14 -0.33
N THR A 5 -8.86 11.99 -0.57
CA THR A 5 -9.45 10.91 -1.31
C THR A 5 -9.93 9.79 -0.36
N GLU A 6 -10.37 8.67 -0.94
CA GLU A 6 -10.87 7.52 -0.17
C GLU A 6 -9.75 6.83 0.61
N GLU A 7 -8.51 7.04 0.17
CA GLU A 7 -7.31 6.50 0.83
C GLU A 7 -7.30 6.80 2.33
N GLN A 8 -7.93 7.91 2.65
CA GLN A 8 -8.08 8.39 4.00
C GLN A 8 -9.13 7.60 4.74
N ILE A 9 -10.26 7.43 4.08
CA ILE A 9 -11.37 6.69 4.59
C ILE A 9 -11.05 5.19 4.62
N ALA A 10 -10.18 4.79 3.70
CA ALA A 10 -9.74 3.41 3.54
C ALA A 10 -8.78 2.88 4.63
N GLU A 11 -7.78 3.69 5.09
CA GLU A 11 -6.84 3.14 6.08
C GLU A 11 -6.61 3.99 7.29
N PHE A 12 -6.64 5.32 7.16
CA PHE A 12 -6.45 6.18 8.32
C PHE A 12 -7.55 6.00 9.36
N LYS A 13 -8.65 5.35 8.93
CA LYS A 13 -9.75 5.03 9.79
C LYS A 13 -9.28 3.92 10.73
N GLU A 14 -8.53 2.98 10.12
CA GLU A 14 -7.97 1.83 10.83
C GLU A 14 -6.79 2.24 11.68
N ALA A 15 -5.89 3.04 11.11
CA ALA A 15 -4.73 3.57 11.86
C ALA A 15 -5.21 4.42 13.02
N PHE A 16 -6.48 4.84 12.92
CA PHE A 16 -7.15 5.60 13.94
C PHE A 16 -7.78 4.64 14.95
N SER A 17 -8.50 3.63 14.44
CA SER A 17 -9.20 2.69 15.28
C SER A 17 -8.36 1.50 15.74
N LEU A 18 -7.18 1.29 15.14
CA LEU A 18 -6.33 0.16 15.53
C LEU A 18 -5.75 0.38 16.92
N PHE A 19 -5.54 1.65 17.26
CA PHE A 19 -5.01 2.01 18.56
C PHE A 19 -5.87 3.00 19.33
N ASP A 20 -6.82 3.69 18.67
CA ASP A 20 -7.70 4.63 19.37
C ASP A 20 -9.07 3.98 19.58
N LYS A 21 -9.18 3.13 20.61
CA LYS A 21 -10.42 2.43 20.88
C LYS A 21 -11.46 3.31 21.53
N ASP A 22 -11.00 4.31 22.26
CA ASP A 22 -11.83 5.28 22.89
C ASP A 22 -12.46 6.22 21.85
N GLY A 23 -11.79 6.29 20.70
CA GLY A 23 -12.23 7.13 19.59
C GLY A 23 -11.84 8.58 19.84
N ASP A 24 -10.55 8.74 20.13
CA ASP A 24 -9.99 10.03 20.51
C ASP A 24 -9.25 10.75 19.37
N GLY A 25 -9.58 10.38 18.15
CA GLY A 25 -9.00 10.98 16.95
C GLY A 25 -7.49 10.74 16.74
N THR A 26 -6.69 11.13 17.74
CA THR A 26 -5.25 11.01 17.70
C THR A 26 -4.74 9.76 18.40
N ILE A 27 -3.72 9.13 17.80
CA ILE A 27 -3.09 7.95 18.33
C ILE A 27 -1.64 8.23 18.69
N THR A 28 -1.15 7.53 19.73
CA THR A 28 0.22 7.69 20.24
C THR A 28 1.31 7.42 19.20
N THR A 29 2.44 8.13 19.36
CA THR A 29 3.60 8.02 18.48
C THR A 29 4.37 6.73 18.68
N LYS A 30 4.79 6.49 19.92
CA LYS A 30 5.51 5.26 20.31
C LYS A 30 4.74 4.00 19.88
N GLU A 31 3.47 4.20 19.52
CA GLU A 31 2.58 3.12 19.10
C GLU A 31 2.18 3.25 17.63
N LEU A 32 2.39 4.45 17.05
CA LEU A 32 2.07 4.76 15.65
C LEU A 32 2.75 3.78 14.69
N GLY A 33 4.03 3.47 14.94
CA GLY A 33 4.73 2.51 14.12
C GLY A 33 3.99 1.20 14.07
N THR A 34 3.43 0.83 15.23
CA THR A 34 2.68 -0.40 15.39
C THR A 34 1.29 -0.31 14.76
N VAL A 35 0.71 0.91 14.70
CA VAL A 35 -0.58 1.08 14.06
C VAL A 35 -0.34 1.00 12.55
N MET A 36 0.89 1.36 12.20
CA MET A 36 1.41 1.31 10.84
C MET A 36 1.77 -0.12 10.43
N ARG A 37 2.39 -0.87 11.35
CA ARG A 37 2.81 -2.25 11.08
C ARG A 37 1.71 -3.28 11.26
N SER A 38 0.73 -2.96 12.13
CA SER A 38 -0.41 -3.86 12.36
C SER A 38 -1.27 -4.04 11.12
N LEU A 39 -0.94 -3.24 10.15
CA LEU A 39 -1.60 -3.24 8.84
C LEU A 39 -0.81 -4.14 7.88
N GLY A 40 0.36 -4.61 8.33
CA GLY A 40 1.18 -5.49 7.53
C GLY A 40 2.39 -4.83 6.93
N GLN A 41 2.45 -3.59 7.23
CA GLN A 41 3.50 -2.69 6.77
C GLN A 41 4.78 -2.86 7.57
N ASN A 42 5.92 -2.80 6.88
CA ASN A 42 7.24 -2.95 7.50
C ASN A 42 8.10 -1.68 7.23
N PRO A 43 7.78 -0.52 7.89
CA PRO A 43 8.55 0.73 7.72
C PRO A 43 9.84 0.74 8.55
N THR A 44 10.58 1.85 8.49
CA THR A 44 11.83 1.99 9.23
C THR A 44 11.59 2.77 10.51
N GLU A 45 12.52 2.62 11.44
CA GLU A 45 12.47 3.33 12.72
C GLU A 45 12.99 4.73 12.55
N ALA A 46 13.88 4.84 11.56
CA ALA A 46 14.52 6.09 11.25
C ALA A 46 13.53 7.02 10.59
N GLU A 47 12.67 6.42 9.77
CA GLU A 47 11.58 7.13 9.10
C GLU A 47 10.47 7.38 10.09
N LEU A 48 10.37 6.47 11.07
CA LEU A 48 9.44 6.59 12.18
C LEU A 48 9.87 7.77 13.04
N GLN A 49 11.13 8.15 12.89
CA GLN A 49 11.73 9.29 13.60
C GLN A 49 11.69 10.51 12.76
N ASP A 50 11.48 10.25 11.53
CA ASP A 50 11.33 11.28 10.51
C ASP A 50 9.88 11.75 10.49
N MET A 51 8.97 10.82 10.79
CA MET A 51 7.56 11.12 10.88
C MET A 51 7.23 11.60 12.27
N ILE A 52 7.91 11.05 13.29
CA ILE A 52 7.73 11.52 14.66
C ILE A 52 8.35 12.92 14.73
N ASN A 53 9.35 13.14 13.86
CA ASN A 53 9.98 14.45 13.72
C ASN A 53 8.97 15.44 13.12
N GLU A 54 8.10 14.91 12.24
CA GLU A 54 7.05 15.70 11.61
C GLU A 54 5.80 15.81 12.48
N VAL A 55 5.63 14.84 13.42
CA VAL A 55 4.49 14.81 14.31
C VAL A 55 4.69 15.74 15.52
N ASP A 56 5.93 15.79 16.04
CA ASP A 56 6.26 16.64 17.20
C ASP A 56 6.23 18.13 16.81
N ALA A 57 5.42 18.41 15.79
CA ALA A 57 5.25 19.77 15.27
C ALA A 57 4.16 20.52 16.00
N ASP A 58 3.52 19.76 16.83
CA ASP A 58 2.42 20.18 17.65
C ASP A 58 2.81 20.15 19.15
N GLY A 59 3.73 19.23 19.49
CA GLY A 59 4.19 19.09 20.87
C GLY A 59 3.29 18.20 21.73
N ASN A 60 2.45 17.37 21.10
CA ASN A 60 1.55 16.47 21.82
C ASN A 60 1.96 15.01 21.67
N GLY A 61 2.73 14.72 20.61
CA GLY A 61 3.20 13.36 20.34
C GLY A 61 2.12 12.38 19.94
N THR A 62 1.06 12.91 19.34
CA THR A 62 -0.07 12.13 18.90
C THR A 62 -0.32 12.31 17.39
N ILE A 63 -1.16 11.43 16.80
CA ILE A 63 -1.43 11.46 15.37
C ILE A 63 -2.94 11.51 15.03
N ASP A 64 -3.37 12.68 14.53
CA ASP A 64 -4.75 12.89 14.08
C ASP A 64 -4.90 12.42 12.63
N PHE A 65 -6.14 12.26 12.16
CA PHE A 65 -6.39 11.79 10.79
C PHE A 65 -6.53 12.94 9.76
N PRO A 66 -7.19 14.10 10.09
CA PRO A 66 -7.33 15.23 9.13
C PRO A 66 -6.00 15.95 8.84
N GLU A 67 -5.01 15.75 9.73
CA GLU A 67 -3.72 16.41 9.62
C GLU A 67 -2.59 15.50 9.09
N PHE A 68 -2.63 14.20 9.38
CA PHE A 68 -1.55 13.30 8.95
C PHE A 68 -1.71 12.78 7.53
N LEU A 69 -2.93 12.68 7.03
CA LEU A 69 -3.12 12.24 5.67
C LEU A 69 -2.66 13.33 4.74
N THR A 70 -2.87 14.54 5.22
CA THR A 70 -2.45 15.75 4.59
C THR A 70 -0.96 15.69 4.32
N MET A 71 -0.20 15.15 5.28
CA MET A 71 1.23 14.98 5.09
C MET A 71 1.49 13.84 4.12
N MET A 72 0.52 12.90 4.07
CA MET A 72 0.59 11.75 3.17
C MET A 72 0.13 12.10 1.79
N ALA A 73 -0.60 13.21 1.68
CA ALA A 73 -1.04 13.68 0.39
C ALA A 73 0.08 14.49 -0.22
N ARG A 74 0.87 15.17 0.64
CA ARG A 74 1.97 15.96 0.15
C ARG A 74 3.31 15.21 0.03
N LYS A 75 3.46 14.05 0.70
CA LYS A 75 4.72 13.31 0.56
C LYS A 75 4.76 12.39 -0.67
N MET A 76 3.60 12.17 -1.30
CA MET A 76 3.51 11.29 -2.46
C MET A 76 3.09 12.05 -3.73
N LYS A 77 2.33 13.11 -3.53
CA LYS A 77 1.81 13.93 -4.61
C LYS A 77 2.85 14.90 -5.20
N ASP A 78 3.90 15.22 -4.43
CA ASP A 78 4.92 16.17 -4.89
C ASP A 78 6.23 15.50 -5.34
N THR A 79 6.55 14.34 -4.75
CA THR A 79 7.78 13.62 -5.09
C THR A 79 7.78 13.09 -6.53
N ASP A 80 6.84 12.19 -6.80
CA ASP A 80 6.66 11.55 -8.13
C ASP A 80 5.29 10.88 -8.22
N SER A 81 4.32 11.61 -8.76
CA SER A 81 2.95 11.11 -8.92
C SER A 81 2.77 10.27 -10.20
N GLU A 82 3.75 10.37 -11.10
CA GLU A 82 3.73 9.66 -12.37
C GLU A 82 4.33 8.25 -12.21
N GLU A 83 5.50 8.23 -11.60
CA GLU A 83 6.25 7.00 -11.32
C GLU A 83 5.64 6.20 -10.16
N GLU A 84 4.80 6.85 -9.35
CA GLU A 84 4.15 6.25 -8.18
C GLU A 84 3.30 5.02 -8.55
N ILE A 85 2.86 4.99 -9.79
CA ILE A 85 2.03 3.90 -10.31
C ILE A 85 2.89 2.76 -10.87
N ARG A 86 3.81 3.11 -11.79
CA ARG A 86 4.72 2.13 -12.42
C ARG A 86 5.65 1.44 -11.42
N GLU A 87 5.82 2.05 -10.25
CA GLU A 87 6.65 1.50 -9.20
C GLU A 87 5.95 0.30 -8.55
N ALA A 88 4.62 0.24 -8.73
CA ALA A 88 3.82 -0.86 -8.22
C ALA A 88 4.13 -2.14 -8.96
N PHE A 89 4.66 -1.99 -10.18
CA PHE A 89 5.11 -3.12 -10.96
C PHE A 89 6.50 -3.44 -10.44
N ARG A 90 7.11 -2.43 -9.81
CA ARG A 90 8.40 -2.58 -9.15
C ARG A 90 8.17 -3.30 -7.83
N VAL A 91 6.89 -3.31 -7.42
CA VAL A 91 6.43 -3.99 -6.23
C VAL A 91 6.16 -5.48 -6.49
N PHE A 92 5.70 -5.80 -7.71
CA PHE A 92 5.36 -7.17 -8.05
C PHE A 92 6.49 -7.86 -8.84
N ASP A 93 7.16 -7.09 -9.70
CA ASP A 93 8.30 -7.57 -10.54
C ASP A 93 9.48 -7.99 -9.68
N LYS A 94 9.46 -9.26 -9.29
CA LYS A 94 10.52 -9.83 -8.45
C LYS A 94 11.70 -10.38 -9.24
N ASP A 95 11.39 -11.06 -10.35
CA ASP A 95 12.42 -11.71 -11.15
C ASP A 95 13.31 -10.74 -11.91
N GLY A 96 12.80 -9.56 -12.02
CA GLY A 96 13.46 -8.43 -12.70
C GLY A 96 13.58 -8.58 -14.21
N ASN A 97 12.78 -9.48 -14.80
CA ASN A 97 12.79 -9.71 -16.25
C ASN A 97 11.80 -8.80 -16.98
N GLY A 98 10.99 -8.08 -16.20
CA GLY A 98 9.98 -7.19 -16.75
C GLY A 98 8.60 -7.79 -16.66
N TYR A 99 8.59 -9.10 -16.49
CA TYR A 99 7.37 -9.87 -16.36
C TYR A 99 7.23 -10.44 -14.95
N ILE A 100 6.17 -10.03 -14.24
CA ILE A 100 5.89 -10.48 -12.90
C ILE A 100 5.25 -11.90 -12.97
N SER A 101 6.13 -12.91 -12.92
CA SER A 101 5.74 -14.33 -13.02
C SER A 101 4.82 -14.77 -11.89
N ALA A 102 4.12 -15.89 -12.15
CA ALA A 102 3.15 -16.49 -11.23
C ALA A 102 3.72 -16.88 -9.87
N ALA A 103 5.04 -16.95 -9.77
CA ALA A 103 5.68 -17.31 -8.52
C ALA A 103 5.93 -16.08 -7.72
N GLU A 104 6.05 -15.01 -8.49
CA GLU A 104 6.35 -13.70 -7.97
C GLU A 104 5.16 -13.04 -7.38
N LEU A 105 4.01 -13.11 -8.05
CA LEU A 105 2.82 -12.52 -7.45
C LEU A 105 2.48 -13.36 -6.23
N ARG A 106 2.83 -14.64 -6.31
CA ARG A 106 2.65 -15.56 -5.21
C ARG A 106 3.63 -15.21 -4.12
N HIS A 107 4.87 -14.96 -4.55
CA HIS A 107 5.93 -14.56 -3.65
C HIS A 107 5.64 -13.17 -3.15
N VAL A 108 4.81 -12.47 -3.94
CA VAL A 108 4.36 -11.13 -3.59
C VAL A 108 3.45 -11.26 -2.42
N MET A 109 2.52 -12.15 -2.64
CA MET A 109 1.54 -12.49 -1.65
C MET A 109 2.16 -13.08 -0.42
N THR A 110 3.19 -13.91 -0.58
CA THR A 110 3.84 -14.49 0.59
C THR A 110 4.64 -13.40 1.32
N ASN A 111 4.92 -12.30 0.60
CA ASN A 111 5.59 -11.15 1.17
C ASN A 111 4.60 -10.32 1.96
N LEU A 112 3.42 -10.10 1.34
CA LEU A 112 2.38 -9.30 1.95
C LEU A 112 1.58 -10.11 2.98
N GLY A 113 1.51 -11.42 2.77
CA GLY A 113 0.80 -12.29 3.68
C GLY A 113 -0.03 -13.43 3.07
N GLU A 114 -0.22 -13.50 1.72
CA GLU A 114 -1.04 -14.56 1.18
C GLU A 114 -0.25 -15.71 0.60
N LYS A 115 -0.91 -16.87 0.65
CA LYS A 115 -0.39 -18.06 0.05
C LYS A 115 -1.20 -18.31 -1.19
N LEU A 116 -0.49 -18.53 -2.27
CA LEU A 116 -1.10 -18.69 -3.56
C LEU A 116 -0.52 -19.89 -4.31
N THR A 117 -1.43 -20.76 -4.72
CA THR A 117 -1.12 -22.02 -5.42
C THR A 117 -1.24 -21.88 -6.92
N ASP A 118 -1.02 -23.01 -7.59
CA ASP A 118 -1.05 -23.08 -9.05
C ASP A 118 -2.42 -22.77 -9.67
N GLU A 119 -3.48 -23.27 -9.05
CA GLU A 119 -4.85 -23.05 -9.54
C GLU A 119 -5.38 -21.68 -9.18
N GLU A 120 -5.11 -21.27 -7.95
CA GLU A 120 -5.53 -19.95 -7.44
C GLU A 120 -4.68 -18.83 -8.05
N VAL A 121 -3.48 -19.21 -8.49
CA VAL A 121 -2.51 -18.30 -9.10
C VAL A 121 -2.71 -18.18 -10.61
N ASP A 122 -3.32 -19.19 -11.21
CA ASP A 122 -3.58 -19.17 -12.65
C ASP A 122 -4.94 -18.51 -12.96
N GLU A 123 -5.23 -17.47 -12.18
CA GLU A 123 -6.44 -16.68 -12.29
C GLU A 123 -6.11 -15.21 -12.11
N MET A 124 -5.25 -14.93 -11.15
CA MET A 124 -4.78 -13.56 -10.86
C MET A 124 -3.97 -12.99 -12.04
N ILE A 125 -3.44 -13.90 -12.88
CA ILE A 125 -2.69 -13.53 -14.07
C ILE A 125 -3.58 -13.35 -15.29
N ARG A 126 -4.42 -14.34 -15.53
CA ARG A 126 -5.35 -14.33 -16.68
C ARG A 126 -6.28 -13.14 -16.65
N GLU A 127 -6.54 -12.69 -15.43
CA GLU A 127 -7.39 -11.53 -15.17
C GLU A 127 -6.78 -10.23 -15.73
N ALA A 128 -5.44 -10.12 -15.71
CA ALA A 128 -4.76 -8.94 -16.22
C ALA A 128 -4.19 -9.22 -17.58
N ASP A 129 -3.79 -10.49 -17.74
CA ASP A 129 -3.20 -10.99 -18.97
C ASP A 129 -4.14 -10.92 -20.16
N ILE A 130 -3.65 -10.25 -21.19
CA ILE A 130 -4.38 -10.08 -22.45
C ILE A 130 -4.05 -11.22 -23.42
N ASP A 131 -2.74 -11.51 -23.57
CA ASP A 131 -2.26 -12.56 -24.45
C ASP A 131 -2.18 -13.93 -23.75
N GLY A 132 -2.04 -13.90 -22.42
CA GLY A 132 -1.99 -15.12 -21.64
C GLY A 132 -0.59 -15.74 -21.54
N ASP A 133 0.41 -14.93 -21.19
CA ASP A 133 1.81 -15.40 -21.07
C ASP A 133 2.04 -16.18 -19.77
N GLY A 134 1.16 -15.99 -18.80
CA GLY A 134 1.22 -16.68 -17.52
C GLY A 134 2.14 -16.04 -16.51
N GLN A 135 2.38 -14.76 -16.71
CA GLN A 135 3.20 -13.95 -15.85
C GLN A 135 2.52 -12.60 -15.60
N VAL A 136 2.54 -11.73 -16.63
CA VAL A 136 1.92 -10.37 -16.62
C VAL A 136 2.94 -9.29 -16.94
N ASN A 137 2.62 -8.55 -18.01
CA ASN A 137 3.45 -7.45 -18.51
C ASN A 137 3.06 -6.13 -17.83
N TYR A 138 3.51 -5.03 -18.44
CA TYR A 138 3.22 -3.69 -17.97
C TYR A 138 1.75 -3.31 -18.24
N GLU A 139 1.31 -3.46 -19.50
CA GLU A 139 -0.06 -3.12 -19.93
C GLU A 139 -1.12 -4.00 -19.30
N GLU A 140 -0.74 -5.18 -18.82
CA GLU A 140 -1.70 -6.08 -18.18
C GLU A 140 -1.82 -5.73 -16.71
N PHE A 141 -0.67 -5.47 -16.13
CA PHE A 141 -0.56 -5.03 -14.75
C PHE A 141 -1.13 -3.61 -14.63
N VAL A 142 -1.11 -2.90 -15.75
CA VAL A 142 -1.58 -1.51 -15.81
C VAL A 142 -3.07 -1.42 -16.04
N GLN A 143 -3.55 -2.16 -17.02
CA GLN A 143 -4.99 -2.17 -17.33
C GLN A 143 -5.81 -2.53 -16.10
N MET A 144 -5.27 -3.41 -15.25
CA MET A 144 -5.97 -3.85 -14.03
C MET A 144 -6.24 -2.66 -13.09
N MET A 145 -5.41 -1.61 -13.18
CA MET A 145 -5.57 -0.41 -12.36
C MET A 145 -6.52 0.58 -13.06
N THR A 146 -6.95 0.24 -14.29
CA THR A 146 -7.87 1.09 -15.05
C THR A 146 -9.04 0.31 -15.68
N ALA A 147 -8.86 -0.99 -15.97
CA ALA A 147 -9.90 -1.86 -16.55
C ALA A 147 -11.26 -1.75 -15.84
N LYS A 148 -11.22 -1.48 -14.52
CA LYS A 148 -12.44 -1.35 -13.69
C LYS A 148 -13.24 -0.10 -14.08
N THR B 1 -13.60 -10.59 1.87
CA THR B 1 -13.45 -10.90 0.42
C THR B 1 -12.77 -12.25 0.22
N ARG B 2 -13.19 -12.97 -0.81
CA ARG B 2 -12.63 -14.29 -1.14
C ARG B 2 -11.96 -14.27 -2.51
N LYS B 3 -10.76 -14.88 -2.58
CA LYS B 3 -9.95 -14.97 -3.82
C LYS B 3 -9.53 -13.58 -4.33
N LYS B 4 -8.22 -13.40 -4.50
CA LYS B 4 -7.68 -12.12 -4.98
C LYS B 4 -7.14 -12.24 -6.41
N THR B 5 -7.01 -11.09 -7.07
CA THR B 5 -6.52 -11.02 -8.45
C THR B 5 -5.55 -9.83 -8.62
N PHE B 6 -4.87 -9.74 -9.80
CA PHE B 6 -3.92 -8.64 -10.07
C PHE B 6 -4.59 -7.26 -9.90
N LYS B 7 -5.93 -7.24 -10.12
CA LYS B 7 -6.75 -6.02 -9.97
C LYS B 7 -6.91 -5.64 -8.49
N GLU B 8 -7.29 -6.64 -7.66
CA GLU B 8 -7.52 -6.44 -6.22
C GLU B 8 -6.22 -6.33 -5.39
N VAL B 9 -5.18 -7.09 -5.80
CA VAL B 9 -3.88 -7.10 -5.11
C VAL B 9 -3.16 -5.74 -5.25
N ALA B 10 -3.42 -5.06 -6.38
CA ALA B 10 -2.81 -3.76 -6.70
C ALA B 10 -3.37 -2.66 -5.81
N ASN B 11 -4.70 -2.63 -5.63
CA ASN B 11 -5.37 -1.62 -4.79
C ASN B 11 -4.91 -1.67 -3.33
N ALA B 12 -4.42 -2.85 -2.91
CA ALA B 12 -3.92 -3.06 -1.55
C ALA B 12 -2.53 -2.46 -1.36
N VAL B 13 -1.68 -2.58 -2.40
CA VAL B 13 -0.31 -2.05 -2.35
C VAL B 13 -0.10 -0.89 -3.37
N LYS B 14 -1.19 -0.19 -3.72
CA LYS B 14 -1.13 0.94 -4.67
C LYS B 14 -0.82 2.25 -3.93
N ILE B 15 -1.34 2.38 -2.71
CA ILE B 15 -1.13 3.56 -1.87
C ILE B 15 -0.13 3.27 -0.73
N SER B 16 0.58 2.12 -0.83
CA SER B 16 1.55 1.71 0.18
C SER B 16 2.94 2.32 -0.08
N ALA B 17 3.11 2.90 -1.28
CA ALA B 17 4.37 3.53 -1.68
C ALA B 17 4.36 5.04 -1.39
N SER B 18 3.32 5.50 -0.69
CA SER B 18 3.18 6.92 -0.33
C SER B 18 3.95 7.27 0.95
N LEU B 19 4.00 6.31 1.89
CA LEU B 19 4.70 6.48 3.16
C LEU B 19 6.20 6.17 3.01
N MET B 20 6.58 5.62 1.86
CA MET B 20 7.97 5.28 1.56
C MET B 20 8.65 6.38 0.76
N GLY B 21 9.84 6.78 1.21
CA GLY B 21 10.59 7.83 0.54
C GLY B 21 12.05 7.87 0.96
N THR B 22 12.66 9.06 0.89
CA THR B 22 14.06 9.26 1.26
C THR B 22 14.18 9.80 2.68
N ALA A 1 -8.43 20.11 2.53
CA ALA A 1 -8.39 20.88 3.81
C ALA A 1 -8.79 20.01 5.00
N ASP A 2 -9.84 19.20 4.81
CA ASP A 2 -10.34 18.30 5.86
C ASP A 2 -10.19 16.83 5.47
N GLN A 3 -10.51 16.53 4.20
CA GLN A 3 -10.42 15.18 3.67
C GLN A 3 -9.93 15.21 2.23
N LEU A 4 -9.35 14.08 1.76
CA LEU A 4 -8.85 13.97 0.43
C LEU A 4 -9.84 13.15 -0.39
N THR A 5 -9.39 12.01 -0.91
CA THR A 5 -10.23 11.12 -1.67
C THR A 5 -10.59 9.94 -0.77
N GLU A 6 -11.25 8.94 -1.32
CA GLU A 6 -11.58 7.72 -0.57
C GLU A 6 -10.32 6.99 -0.13
N GLU A 7 -9.18 7.39 -0.71
CA GLU A 7 -7.88 6.79 -0.36
C GLU A 7 -7.65 6.73 1.14
N GLN A 8 -8.07 7.80 1.83
CA GLN A 8 -7.96 7.88 3.28
C GLN A 8 -8.97 6.97 3.94
N ILE A 9 -10.20 7.09 3.47
CA ILE A 9 -11.31 6.31 3.93
C ILE A 9 -11.07 4.81 3.66
N ALA A 10 -10.29 4.54 2.61
CA ALA A 10 -9.95 3.17 2.19
C ALA A 10 -9.04 2.41 3.18
N GLU A 11 -7.92 3.02 3.63
CA GLU A 11 -6.98 2.32 4.53
C GLU A 11 -6.50 3.16 5.68
N PHE A 12 -6.45 4.46 5.47
CA PHE A 12 -6.03 5.41 6.50
C PHE A 12 -7.00 5.37 7.67
N LYS A 13 -8.19 4.77 7.42
CA LYS A 13 -9.22 4.59 8.41
C LYS A 13 -8.76 3.48 9.35
N GLU A 14 -8.13 2.47 8.72
CA GLU A 14 -7.59 1.32 9.45
C GLU A 14 -6.39 1.72 10.26
N ALA A 15 -5.53 2.51 9.66
CA ALA A 15 -4.34 3.07 10.35
C ALA A 15 -4.81 3.96 11.49
N PHE A 16 -6.09 4.36 11.38
CA PHE A 16 -6.77 5.16 12.37
C PHE A 16 -7.35 4.25 13.46
N SER A 17 -8.07 3.20 13.02
CA SER A 17 -8.73 2.27 13.91
C SER A 17 -7.88 1.09 14.38
N LEU A 18 -6.72 0.85 13.77
CA LEU A 18 -5.87 -0.28 14.16
C LEU A 18 -5.30 -0.11 15.55
N PHE A 19 -5.09 1.14 15.95
CA PHE A 19 -4.51 1.46 17.24
C PHE A 19 -5.33 2.43 18.10
N ASP A 20 -6.45 2.98 17.56
CA ASP A 20 -7.27 3.93 18.33
C ASP A 20 -8.17 3.24 19.37
N LYS A 21 -7.56 2.44 20.25
CA LYS A 21 -8.29 1.73 21.30
C LYS A 21 -8.50 2.53 22.57
N ASP A 22 -7.67 3.54 22.78
CA ASP A 22 -7.77 4.40 23.94
C ASP A 22 -8.99 5.30 23.83
N GLY A 23 -9.43 5.49 22.59
CA GLY A 23 -10.59 6.34 22.30
C GLY A 23 -10.20 7.79 22.43
N ASP A 24 -9.03 8.06 21.88
CA ASP A 24 -8.38 9.36 21.94
C ASP A 24 -8.50 10.13 20.63
N GLY A 25 -9.52 9.79 19.87
CA GLY A 25 -9.77 10.41 18.59
C GLY A 25 -8.90 9.79 17.51
N THR A 26 -7.63 10.20 17.47
CA THR A 26 -6.68 9.68 16.53
C THR A 26 -5.58 8.91 17.26
N ILE A 27 -4.79 8.14 16.50
CA ILE A 27 -3.74 7.30 17.04
C ILE A 27 -2.48 8.08 17.44
N THR A 28 -1.81 7.57 18.47
CA THR A 28 -0.59 8.13 19.04
C THR A 28 0.62 8.01 18.10
N THR A 29 1.68 8.78 18.41
CA THR A 29 2.92 8.81 17.65
C THR A 29 3.77 7.57 17.90
N LYS A 30 4.06 7.33 19.18
CA LYS A 30 4.82 6.15 19.62
C LYS A 30 4.14 4.85 19.15
N GLU A 31 2.90 4.99 18.70
CA GLU A 31 2.10 3.85 18.24
C GLU A 31 1.86 3.90 16.73
N LEU A 32 1.89 5.12 16.15
CA LEU A 32 1.69 5.33 14.71
C LEU A 32 2.68 4.53 13.88
N GLY A 33 3.93 4.43 14.36
CA GLY A 33 4.92 3.65 13.67
C GLY A 33 4.47 2.23 13.49
N THR A 34 3.84 1.71 14.55
CA THR A 34 3.33 0.35 14.55
C THR A 34 2.07 0.19 13.72
N VAL A 35 1.27 1.26 13.57
CA VAL A 35 0.11 1.20 12.72
C VAL A 35 0.61 1.29 11.29
N MET A 36 1.78 1.93 11.17
CA MET A 36 2.52 2.08 9.92
C MET A 36 3.14 0.76 9.48
N ARG A 37 3.69 0.01 10.46
CA ARG A 37 4.32 -1.27 10.21
C ARG A 37 3.36 -2.45 10.22
N SER A 38 2.25 -2.31 10.96
CA SER A 38 1.22 -3.36 11.00
C SER A 38 0.55 -3.55 9.63
N LEU A 39 0.91 -2.63 8.76
CA LEU A 39 0.45 -2.59 7.37
C LEU A 39 1.43 -3.36 6.46
N GLY A 40 2.53 -3.83 7.06
CA GLY A 40 3.53 -4.58 6.30
C GLY A 40 4.87 -3.95 6.20
N GLN A 41 4.88 -2.72 6.58
CA GLN A 41 6.09 -1.88 6.59
C GLN A 41 7.10 -2.35 7.63
N ASN A 42 8.39 -2.10 7.38
CA ASN A 42 9.49 -2.52 8.26
C ASN A 42 9.62 -1.64 9.52
N PRO A 43 9.61 -2.26 10.74
CA PRO A 43 9.71 -1.51 12.00
C PRO A 43 11.14 -1.21 12.47
N THR A 44 11.42 0.08 12.60
CA THR A 44 12.69 0.57 13.12
C THR A 44 12.39 1.71 14.07
N GLU A 45 13.28 1.92 15.02
CA GLU A 45 13.12 3.02 15.97
C GLU A 45 13.59 4.29 15.34
N ALA A 46 14.55 4.12 14.45
CA ALA A 46 15.15 5.22 13.74
C ALA A 46 14.17 5.79 12.74
N GLU A 47 13.33 4.89 12.22
CA GLU A 47 12.27 5.24 11.28
C GLU A 47 11.08 5.77 12.04
N LEU A 48 10.94 5.30 13.27
CA LEU A 48 9.91 5.78 14.17
C LEU A 48 10.28 7.16 14.66
N GLN A 49 11.57 7.47 14.52
CA GLN A 49 12.11 8.77 14.88
C GLN A 49 12.28 9.64 13.69
N ASP A 50 12.22 8.97 12.60
CA ASP A 50 12.29 9.60 11.29
C ASP A 50 10.90 10.02 10.84
N MET A 51 9.91 9.21 11.18
CA MET A 51 8.52 9.49 10.85
C MET A 51 7.89 10.35 11.92
N ILE A 52 8.36 10.22 13.17
CA ILE A 52 7.89 11.08 14.25
C ILE A 52 8.60 12.43 14.08
N ASN A 53 9.76 12.38 13.42
CA ASN A 53 10.50 13.60 13.09
C ASN A 53 9.87 14.31 11.88
N GLU A 54 9.34 13.53 10.93
CA GLU A 54 8.73 14.07 9.73
C GLU A 54 7.23 14.35 9.90
N VAL A 55 6.49 13.39 10.47
CA VAL A 55 5.04 13.53 10.66
C VAL A 55 4.68 14.35 11.90
N ASP A 56 5.23 13.97 13.07
CA ASP A 56 4.95 14.71 14.31
C ASP A 56 5.67 16.07 14.30
N ALA A 57 5.62 16.69 13.12
CA ALA A 57 6.25 17.99 12.88
C ALA A 57 5.44 19.16 13.42
N ASP A 58 4.29 18.78 13.90
CA ASP A 58 3.32 19.69 14.46
C ASP A 58 3.50 19.84 15.99
N GLY A 59 3.74 18.69 16.66
CA GLY A 59 3.94 18.68 18.11
C GLY A 59 2.65 18.63 18.91
N ASN A 60 1.77 17.68 18.57
CA ASN A 60 0.48 17.52 19.26
C ASN A 60 0.45 16.24 20.10
N GLY A 61 1.34 15.30 19.76
CA GLY A 61 1.43 14.01 20.46
C GLY A 61 0.35 13.03 20.07
N THR A 62 -0.16 13.21 18.85
CA THR A 62 -1.21 12.37 18.27
C THR A 62 -1.18 12.54 16.74
N ILE A 63 -1.97 11.74 16.02
CA ILE A 63 -2.00 11.83 14.55
C ILE A 63 -3.41 12.05 14.00
N ASP A 64 -3.88 13.32 14.10
CA ASP A 64 -5.19 13.75 13.57
C ASP A 64 -5.37 13.32 12.11
N PHE A 65 -6.63 13.12 11.68
CA PHE A 65 -6.90 12.67 10.30
C PHE A 65 -7.10 13.84 9.29
N PRO A 66 -7.83 14.96 9.63
CA PRO A 66 -8.05 16.06 8.68
C PRO A 66 -6.76 16.81 8.32
N GLU A 67 -5.73 16.63 9.15
CA GLU A 67 -4.46 17.28 8.98
C GLU A 67 -3.33 16.36 8.50
N PHE A 68 -3.29 15.11 9.00
CA PHE A 68 -2.19 14.19 8.65
C PHE A 68 -2.39 13.41 7.36
N LEU A 69 -3.63 13.26 6.89
CA LEU A 69 -3.85 12.57 5.63
C LEU A 69 -3.38 13.45 4.51
N THR A 70 -3.70 14.71 4.70
CA THR A 70 -3.28 15.81 3.88
C THR A 70 -1.75 15.80 3.77
N MET A 71 -1.12 15.31 4.85
CA MET A 71 0.31 15.13 4.90
C MET A 71 0.70 13.93 4.03
N MET A 72 -0.22 12.97 3.96
CA MET A 72 -0.05 11.76 3.12
C MET A 72 -0.51 12.05 1.71
N ALA A 73 -1.30 13.11 1.58
CA ALA A 73 -1.76 13.55 0.29
C ALA A 73 -0.59 14.22 -0.42
N ARG A 74 0.20 15.00 0.35
CA ARG A 74 1.35 15.68 -0.22
C ARG A 74 2.54 14.73 -0.45
N LYS A 75 2.52 13.56 0.23
CA LYS A 75 3.56 12.55 0.02
C LYS A 75 3.42 11.85 -1.34
N MET A 76 2.27 12.04 -2.00
CA MET A 76 2.01 11.38 -3.27
C MET A 76 1.55 12.33 -4.38
N LYS A 77 0.89 13.40 -3.98
CA LYS A 77 0.34 14.39 -4.90
C LYS A 77 1.36 15.18 -5.74
N ASP A 78 2.40 15.74 -5.10
CA ASP A 78 3.38 16.57 -5.83
C ASP A 78 4.73 15.89 -6.07
N THR A 79 5.15 15.00 -5.18
CA THR A 79 6.44 14.32 -5.31
C THR A 79 6.41 13.10 -6.25
N ASP A 80 6.86 13.34 -7.50
CA ASP A 80 6.96 12.33 -8.58
C ASP A 80 5.76 11.36 -8.65
N SER A 81 4.79 11.71 -9.50
CA SER A 81 3.58 10.90 -9.72
C SER A 81 3.82 9.78 -10.74
N GLU A 82 4.93 9.89 -11.48
CA GLU A 82 5.32 8.92 -12.51
C GLU A 82 5.94 7.69 -11.86
N GLU A 83 6.83 7.97 -10.91
CA GLU A 83 7.54 6.95 -10.14
C GLU A 83 6.59 6.14 -9.23
N GLU A 84 5.39 6.70 -8.97
CA GLU A 84 4.37 6.04 -8.13
C GLU A 84 3.90 4.72 -8.73
N ILE A 85 4.00 4.61 -10.04
CA ILE A 85 3.61 3.42 -10.79
C ILE A 85 4.79 2.44 -10.88
N ARG A 86 5.96 2.98 -11.26
CA ARG A 86 7.21 2.19 -11.38
C ARG A 86 7.61 1.48 -10.10
N GLU A 87 7.04 1.92 -8.97
CA GLU A 87 7.29 1.31 -7.68
C GLU A 87 6.56 -0.03 -7.60
N ALA A 88 5.56 -0.20 -8.47
CA ALA A 88 4.78 -1.43 -8.54
C ALA A 88 5.63 -2.59 -9.02
N PHE A 89 6.70 -2.25 -9.73
CA PHE A 89 7.67 -3.24 -10.16
C PHE A 89 8.64 -3.44 -9.00
N ARG A 90 8.66 -2.43 -8.12
CA ARG A 90 9.45 -2.49 -6.91
C ARG A 90 8.67 -3.29 -5.87
N VAL A 91 7.33 -3.32 -6.05
CA VAL A 91 6.43 -4.04 -5.19
C VAL A 91 6.23 -5.48 -5.66
N PHE A 92 5.82 -5.65 -6.92
CA PHE A 92 5.52 -6.97 -7.44
C PHE A 92 6.62 -7.59 -8.31
N ASP A 93 7.21 -6.82 -9.22
CA ASP A 93 8.30 -7.32 -10.10
C ASP A 93 9.53 -7.70 -9.31
N LYS A 94 9.58 -8.98 -8.93
CA LYS A 94 10.68 -9.52 -8.14
C LYS A 94 11.85 -10.03 -8.97
N ASP A 95 11.55 -10.81 -10.01
CA ASP A 95 12.58 -11.42 -10.82
C ASP A 95 13.34 -10.43 -11.72
N GLY A 96 12.97 -9.18 -11.56
CA GLY A 96 13.57 -8.05 -12.31
C GLY A 96 13.66 -8.25 -13.83
N ASN A 97 12.71 -9.02 -14.38
CA ASN A 97 12.70 -9.30 -15.83
C ASN A 97 11.66 -8.41 -16.54
N GLY A 98 10.92 -7.61 -15.77
CA GLY A 98 9.90 -6.74 -16.33
C GLY A 98 8.51 -7.33 -16.22
N TYR A 99 8.48 -8.63 -16.03
CA TYR A 99 7.26 -9.39 -15.89
C TYR A 99 7.13 -9.95 -14.48
N ILE A 100 6.09 -9.54 -13.75
CA ILE A 100 5.81 -10.03 -12.42
C ILE A 100 5.14 -11.40 -12.56
N SER A 101 5.98 -12.42 -12.59
CA SER A 101 5.55 -13.80 -12.76
C SER A 101 4.75 -14.32 -11.57
N ALA A 102 4.09 -15.46 -11.78
CA ALA A 102 3.23 -16.10 -10.77
C ALA A 102 3.96 -16.50 -9.49
N ALA A 103 5.29 -16.52 -9.54
CA ALA A 103 6.07 -16.88 -8.37
C ALA A 103 6.33 -15.68 -7.54
N GLU A 104 6.34 -14.56 -8.26
CA GLU A 104 6.62 -13.27 -7.70
C GLU A 104 5.44 -12.70 -6.99
N LEU A 105 4.26 -12.81 -7.59
CA LEU A 105 3.06 -12.32 -6.94
C LEU A 105 2.82 -13.20 -5.73
N ARG A 106 3.23 -14.45 -5.88
CA ARG A 106 3.18 -15.43 -4.83
C ARG A 106 4.21 -15.11 -3.79
N HIS A 107 5.42 -14.82 -4.26
CA HIS A 107 6.51 -14.45 -3.39
C HIS A 107 6.19 -13.11 -2.78
N VAL A 108 5.29 -12.38 -3.47
CA VAL A 108 4.82 -11.10 -2.97
C VAL A 108 3.92 -11.38 -1.81
N MET A 109 3.03 -12.30 -2.09
CA MET A 109 2.08 -12.82 -1.10
C MET A 109 2.79 -13.38 0.10
N THR A 110 3.89 -14.12 -0.12
CA THR A 110 4.62 -14.70 1.00
C THR A 110 5.30 -13.60 1.82
N ASN A 111 5.46 -12.42 1.20
CA ASN A 111 6.01 -11.25 1.87
C ASN A 111 4.95 -10.59 2.71
N LEU A 112 3.75 -10.44 2.12
CA LEU A 112 2.64 -9.80 2.80
C LEU A 112 1.94 -10.76 3.77
N GLY A 113 2.01 -12.05 3.47
CA GLY A 113 1.40 -13.06 4.32
C GLY A 113 0.69 -14.23 3.63
N GLU A 114 0.49 -14.22 2.29
CA GLU A 114 -0.22 -15.32 1.66
C GLU A 114 0.67 -16.34 0.99
N LYS A 115 0.15 -17.55 0.94
CA LYS A 115 0.78 -18.65 0.26
C LYS A 115 -0.06 -18.97 -0.95
N LEU A 116 0.59 -19.05 -2.07
CA LEU A 116 -0.07 -19.27 -3.35
C LEU A 116 0.63 -20.33 -4.21
N THR A 117 -0.10 -21.43 -4.45
CA THR A 117 0.39 -22.56 -5.26
C THR A 117 0.37 -22.27 -6.76
N ASP A 118 0.72 -23.31 -7.51
CA ASP A 118 0.81 -23.25 -8.97
C ASP A 118 -0.55 -23.17 -9.69
N GLU A 119 -1.54 -23.88 -9.18
CA GLU A 119 -2.87 -23.86 -9.78
C GLU A 119 -3.78 -22.76 -9.22
N GLU A 120 -3.40 -22.19 -8.07
CA GLU A 120 -4.16 -21.12 -7.46
C GLU A 120 -3.72 -19.76 -8.01
N VAL A 121 -2.54 -19.73 -8.66
CA VAL A 121 -2.01 -18.51 -9.27
C VAL A 121 -2.63 -18.24 -10.63
N ASP A 122 -2.99 -19.33 -11.31
CA ASP A 122 -3.59 -19.27 -12.66
C ASP A 122 -5.02 -18.66 -12.66
N GLU A 123 -5.23 -17.76 -11.71
CA GLU A 123 -6.49 -17.00 -11.55
C GLU A 123 -6.18 -15.57 -11.12
N MET A 124 -5.06 -15.42 -10.39
CA MET A 124 -4.54 -14.11 -9.93
C MET A 124 -3.99 -13.37 -11.11
N ILE A 125 -3.49 -14.16 -12.06
CA ILE A 125 -2.88 -13.63 -13.25
C ILE A 125 -3.86 -13.37 -14.36
N ARG A 126 -4.67 -14.38 -14.66
CA ARG A 126 -5.69 -14.29 -15.73
C ARG A 126 -6.66 -13.14 -15.48
N GLU A 127 -6.82 -12.83 -14.21
CA GLU A 127 -7.67 -11.74 -13.75
C GLU A 127 -7.15 -10.37 -14.25
N ALA A 128 -5.82 -10.24 -14.36
CA ALA A 128 -5.22 -8.99 -14.82
C ALA A 128 -4.62 -9.16 -16.20
N ASP A 129 -4.17 -10.39 -16.46
CA ASP A 129 -3.54 -10.76 -17.72
C ASP A 129 -4.44 -10.57 -18.94
N ILE A 130 -3.91 -9.84 -19.91
CA ILE A 130 -4.61 -9.54 -21.16
C ILE A 130 -4.31 -10.60 -22.22
N ASP A 131 -3.01 -10.87 -22.43
CA ASP A 131 -2.56 -11.85 -23.42
C ASP A 131 -2.53 -13.27 -22.87
N GLY A 132 -2.38 -13.39 -21.55
CA GLY A 132 -2.36 -14.69 -20.89
C GLY A 132 -1.03 -15.42 -21.00
N ASP A 133 0.08 -14.72 -20.68
CA ASP A 133 1.43 -15.30 -20.73
C ASP A 133 1.77 -16.06 -19.45
N GLY A 134 1.05 -15.76 -18.39
CA GLY A 134 1.24 -16.40 -17.09
C GLY A 134 2.12 -15.62 -16.16
N GLN A 135 2.40 -14.40 -16.56
CA GLN A 135 3.20 -13.46 -15.83
C GLN A 135 2.57 -12.07 -15.98
N VAL A 136 2.20 -11.46 -14.85
CA VAL A 136 1.54 -10.15 -14.86
C VAL A 136 2.51 -8.98 -15.08
N ASN A 137 2.20 -8.19 -16.10
CA ASN A 137 2.99 -7.01 -16.49
C ASN A 137 2.49 -5.76 -15.78
N TYR A 138 2.93 -4.59 -16.28
CA TYR A 138 2.50 -3.30 -15.77
C TYR A 138 1.04 -3.03 -16.14
N GLU A 139 0.75 -3.07 -17.46
CA GLU A 139 -0.60 -2.80 -17.99
C GLU A 139 -1.67 -3.74 -17.45
N GLU A 140 -1.28 -4.90 -16.95
CA GLU A 140 -2.25 -5.85 -16.40
C GLU A 140 -2.48 -5.56 -14.94
N PHE A 141 -1.40 -5.23 -14.28
CA PHE A 141 -1.43 -4.83 -12.89
C PHE A 141 -1.97 -3.41 -12.78
N VAL A 142 -1.83 -2.67 -13.88
CA VAL A 142 -2.26 -1.26 -13.96
C VAL A 142 -3.72 -1.13 -14.29
N GLN A 143 -4.18 -1.96 -15.21
CA GLN A 143 -5.60 -1.98 -15.59
C GLN A 143 -6.49 -2.24 -14.36
N MET A 144 -5.89 -2.81 -13.31
CA MET A 144 -6.59 -3.09 -12.05
C MET A 144 -6.97 -1.78 -11.36
N MET A 145 -6.17 -0.74 -11.61
CA MET A 145 -6.41 0.59 -11.05
C MET A 145 -7.40 1.35 -11.96
N THR A 146 -7.77 0.73 -13.09
CA THR A 146 -8.70 1.30 -14.04
C THR A 146 -9.97 0.45 -14.18
N ALA A 147 -9.78 -0.87 -14.30
CA ALA A 147 -10.90 -1.84 -14.41
C ALA A 147 -11.91 -1.72 -13.26
N LYS A 148 -11.42 -1.33 -12.08
CA LYS A 148 -12.26 -1.16 -10.89
C LYS A 148 -13.02 0.16 -10.90
N THR B 1 -16.00 -15.18 -14.44
CA THR B 1 -15.25 -14.85 -13.20
C THR B 1 -16.04 -13.87 -12.33
N ARG B 2 -15.99 -14.10 -11.02
CA ARG B 2 -16.71 -13.25 -10.06
C ARG B 2 -15.77 -12.78 -8.93
N LYS B 3 -14.77 -13.60 -8.61
CA LYS B 3 -13.81 -13.30 -7.55
C LYS B 3 -12.58 -12.56 -8.10
N LYS B 4 -12.15 -11.52 -7.39
CA LYS B 4 -10.99 -10.73 -7.77
C LYS B 4 -9.74 -11.16 -7.00
N THR B 5 -8.56 -10.94 -7.59
CA THR B 5 -7.30 -11.32 -6.96
C THR B 5 -6.24 -10.21 -7.07
N PHE B 6 -5.69 -9.96 -8.30
CA PHE B 6 -4.67 -8.90 -8.47
C PHE B 6 -5.25 -7.51 -8.14
N LYS B 7 -6.57 -7.36 -8.32
CA LYS B 7 -7.29 -6.11 -8.03
C LYS B 7 -7.30 -5.84 -6.51
N GLU B 8 -7.57 -6.89 -5.72
CA GLU B 8 -7.62 -6.81 -4.26
C GLU B 8 -6.23 -6.76 -3.59
N VAL B 9 -5.26 -7.51 -4.18
CA VAL B 9 -3.89 -7.57 -3.64
C VAL B 9 -3.12 -6.25 -3.85
N ALA B 10 -3.34 -5.63 -5.02
CA ALA B 10 -2.69 -4.38 -5.41
C ALA B 10 -3.26 -3.17 -4.65
N ASN B 11 -4.56 -3.23 -4.34
CA ASN B 11 -5.25 -2.15 -3.62
C ASN B 11 -4.70 -1.99 -2.19
N ALA B 12 -4.24 -3.11 -1.62
CA ALA B 12 -3.66 -3.13 -0.26
C ALA B 12 -2.23 -2.58 -0.24
N VAL B 13 -1.46 -2.90 -1.29
CA VAL B 13 -0.07 -2.45 -1.40
C VAL B 13 0.10 -1.36 -2.49
N LYS B 14 -0.99 -0.63 -2.79
CA LYS B 14 -0.96 0.45 -3.81
C LYS B 14 -0.28 1.72 -3.28
N ILE B 15 0.01 1.74 -1.96
CA ILE B 15 0.69 2.87 -1.32
C ILE B 15 2.21 2.67 -1.38
N SER B 16 2.95 3.78 -1.35
CA SER B 16 4.42 3.73 -1.43
C SER B 16 5.06 3.60 -0.05
N ALA B 17 6.38 3.37 -0.05
CA ALA B 17 7.17 3.22 1.17
C ALA B 17 7.59 4.59 1.74
N SER B 18 6.92 5.65 1.26
CA SER B 18 7.21 7.03 1.69
C SER B 18 5.97 7.71 2.29
N LEU B 19 4.91 6.91 2.58
CA LEU B 19 3.64 7.41 3.17
C LEU B 19 2.78 8.17 2.14
N MET B 20 2.77 7.61 0.92
CA MET B 20 2.01 8.17 -0.21
C MET B 20 0.50 7.93 -0.05
N GLY B 21 -0.27 7.97 -1.16
CA GLY B 21 -1.70 7.75 -1.10
C GLY B 21 -2.19 6.79 -2.17
N THR B 22 -2.81 7.34 -3.23
CA THR B 22 -3.33 6.54 -4.34
C THR B 22 -2.29 6.41 -5.45
N ALA A 1 -14.70 14.00 6.75
CA ALA A 1 -14.71 12.51 6.65
C ALA A 1 -13.93 12.03 5.42
N ASP A 2 -14.10 12.75 4.30
CA ASP A 2 -13.43 12.41 3.04
C ASP A 2 -12.58 13.58 2.55
N GLN A 3 -11.31 13.29 2.22
CA GLN A 3 -10.38 14.30 1.74
C GLN A 3 -9.64 13.84 0.51
N LEU A 4 -9.14 12.63 0.55
CA LEU A 4 -8.43 12.04 -0.54
C LEU A 4 -9.25 10.89 -1.11
N THR A 5 -8.64 9.71 -1.17
CA THR A 5 -9.26 8.52 -1.67
C THR A 5 -9.69 7.59 -0.53
N GLU A 6 -10.16 6.38 -0.88
CA GLU A 6 -10.59 5.37 0.10
C GLU A 6 -9.48 4.98 1.06
N GLU A 7 -8.24 5.19 0.64
CA GLU A 7 -7.05 4.89 1.47
C GLU A 7 -7.19 5.48 2.87
N GLN A 8 -7.75 6.69 2.93
CA GLN A 8 -8.00 7.33 4.23
C GLN A 8 -9.10 6.59 4.95
N ILE A 9 -10.18 6.37 4.23
CA ILE A 9 -11.35 5.67 4.71
C ILE A 9 -10.98 4.29 5.32
N ALA A 10 -10.08 3.58 4.63
CA ALA A 10 -9.64 2.25 5.04
C ALA A 10 -8.70 2.24 6.26
N GLU A 11 -7.83 3.25 6.41
CA GLU A 11 -6.89 3.26 7.52
C GLU A 11 -7.14 4.32 8.58
N PHE A 12 -7.90 5.37 8.28
CA PHE A 12 -8.19 6.39 9.31
C PHE A 12 -9.22 5.86 10.30
N LYS A 13 -9.88 4.75 9.91
CA LYS A 13 -10.85 4.10 10.72
C LYS A 13 -10.13 3.21 11.72
N GLU A 14 -9.09 2.54 11.22
CA GLU A 14 -8.29 1.62 12.02
C GLU A 14 -7.20 2.32 12.80
N ALA A 15 -6.54 3.29 12.18
CA ALA A 15 -5.48 4.06 12.86
C ALA A 15 -6.09 4.86 14.01
N PHE A 16 -7.41 5.01 13.92
CA PHE A 16 -8.20 5.68 14.93
C PHE A 16 -8.59 4.66 16.01
N SER A 17 -9.12 3.52 15.58
CA SER A 17 -9.58 2.52 16.52
C SER A 17 -8.53 1.55 17.00
N LEU A 18 -7.37 1.49 16.36
CA LEU A 18 -6.32 0.56 16.78
C LEU A 18 -5.68 1.00 18.08
N PHE A 19 -5.64 2.32 18.29
CA PHE A 19 -5.06 2.88 19.49
C PHE A 19 -5.91 3.96 20.17
N ASP A 20 -7.00 4.41 19.54
CA ASP A 20 -7.85 5.44 20.16
C ASP A 20 -9.09 4.80 20.77
N LYS A 21 -8.94 4.26 22.00
CA LYS A 21 -10.04 3.60 22.66
C LYS A 21 -10.93 4.54 23.45
N ASP A 22 -10.30 5.54 24.03
CA ASP A 22 -10.98 6.56 24.80
C ASP A 22 -11.81 7.46 23.89
N GLY A 23 -11.41 7.48 22.61
CA GLY A 23 -12.08 8.31 21.60
C GLY A 23 -11.60 9.73 21.70
N ASP A 24 -10.29 9.86 21.69
CA ASP A 24 -9.59 11.12 21.86
C ASP A 24 -9.15 11.75 20.54
N GLY A 25 -9.83 11.36 19.47
CA GLY A 25 -9.53 11.86 18.13
C GLY A 25 -8.20 11.38 17.57
N THR A 26 -7.11 11.83 18.18
CA THR A 26 -5.77 11.46 17.79
C THR A 26 -5.20 10.32 18.64
N ILE A 27 -4.01 9.91 18.24
CA ILE A 27 -3.25 8.86 18.86
C ILE A 27 -1.80 9.31 19.07
N THR A 28 -1.18 8.80 20.13
CA THR A 28 0.21 9.13 20.49
C THR A 28 1.22 8.86 19.37
N THR A 29 2.35 9.59 19.44
CA THR A 29 3.43 9.51 18.48
C THR A 29 4.26 8.24 18.63
N LYS A 30 4.78 8.03 19.83
CA LYS A 30 5.57 6.84 20.17
C LYS A 30 4.79 5.55 19.87
N GLU A 31 3.48 5.71 19.63
CA GLU A 31 2.58 4.57 19.36
C GLU A 31 2.08 4.56 17.91
N LEU A 32 2.20 5.71 17.21
CA LEU A 32 1.75 5.84 15.81
C LEU A 32 2.43 4.82 14.91
N GLY A 33 3.73 4.57 15.13
CA GLY A 33 4.45 3.59 14.36
C GLY A 33 3.73 2.26 14.39
N THR A 34 3.23 1.92 15.57
CA THR A 34 2.53 0.67 15.81
C THR A 34 1.12 0.67 15.24
N VAL A 35 0.45 1.83 15.21
CA VAL A 35 -0.87 1.91 14.61
C VAL A 35 -0.68 1.84 13.09
N MET A 36 0.52 2.27 12.70
CA MET A 36 0.99 2.25 11.31
C MET A 36 1.40 0.83 10.90
N ARG A 37 2.09 0.11 11.79
CA ARG A 37 2.56 -1.25 11.51
C ARG A 37 1.48 -2.29 11.68
N SER A 38 0.52 -2.02 12.57
CA SER A 38 -0.60 -2.93 12.80
C SER A 38 -1.54 -3.00 11.60
N LEU A 39 -1.25 -2.10 10.68
CA LEU A 39 -1.97 -1.99 9.42
C LEU A 39 -1.28 -2.85 8.35
N GLY A 40 -0.10 -3.39 8.71
CA GLY A 40 0.63 -4.25 7.79
C GLY A 40 1.94 -3.70 7.32
N GLN A 41 2.12 -2.50 7.70
CA GLN A 41 3.31 -1.70 7.37
C GLN A 41 4.51 -2.11 8.22
N ASN A 42 5.68 -2.18 7.58
CA ASN A 42 6.92 -2.56 8.27
C ASN A 42 8.05 -1.51 8.02
N PRO A 43 7.85 -0.22 8.47
CA PRO A 43 8.86 0.83 8.30
C PRO A 43 9.86 0.88 9.46
N THR A 44 10.80 1.82 9.42
CA THR A 44 11.80 1.97 10.48
C THR A 44 11.41 3.09 11.43
N GLU A 45 12.33 3.34 12.34
CA GLU A 45 12.21 4.38 13.33
C GLU A 45 12.61 5.68 12.70
N ALA A 46 13.43 5.53 11.64
CA ALA A 46 13.95 6.68 10.95
C ALA A 46 12.87 7.41 10.15
N GLU A 47 11.88 6.63 9.71
CA GLU A 47 10.73 7.14 8.99
C GLU A 47 9.68 7.54 10.00
N LEU A 48 9.75 6.89 11.16
CA LEU A 48 8.92 7.19 12.31
C LEU A 48 9.34 8.55 12.88
N GLN A 49 10.57 8.94 12.53
CA GLN A 49 11.13 10.22 12.95
C GLN A 49 10.99 11.23 11.87
N ASP A 50 10.74 10.69 10.73
CA ASP A 50 10.52 11.47 9.54
C ASP A 50 9.04 11.85 9.41
N MET A 51 8.17 10.95 9.89
CA MET A 51 6.74 11.19 9.90
C MET A 51 6.35 11.94 11.16
N ILE A 52 7.03 11.63 12.28
CA ILE A 52 6.81 12.35 13.52
C ILE A 52 7.39 13.76 13.34
N ASN A 53 8.41 13.84 12.45
CA ASN A 53 9.00 15.12 12.07
C ASN A 53 8.02 15.93 11.20
N GLU A 54 7.25 15.22 10.37
CA GLU A 54 6.27 15.84 9.49
C GLU A 54 4.98 16.21 10.21
N VAL A 55 4.59 15.41 11.21
CA VAL A 55 3.37 15.67 11.99
C VAL A 55 3.60 16.69 13.10
N ASP A 56 4.74 16.60 13.79
CA ASP A 56 5.08 17.54 14.87
C ASP A 56 5.44 18.91 14.30
N ALA A 57 4.74 19.26 13.21
CA ALA A 57 4.93 20.52 12.51
C ALA A 57 4.10 21.64 13.10
N ASP A 58 3.30 21.19 14.03
CA ASP A 58 2.38 22.00 14.78
C ASP A 58 2.78 22.07 16.25
N GLY A 59 3.44 21.00 16.72
CA GLY A 59 3.90 20.91 18.11
C GLY A 59 2.83 20.41 19.08
N ASN A 60 2.13 19.34 18.69
CA ASN A 60 1.08 18.75 19.54
C ASN A 60 1.49 17.39 20.10
N GLY A 61 2.46 16.75 19.41
CA GLY A 61 2.96 15.43 19.82
C GLY A 61 1.95 14.31 19.70
N THR A 62 0.99 14.50 18.80
CA THR A 62 -0.05 13.54 18.55
C THR A 62 -0.37 13.47 17.04
N ILE A 63 -1.38 12.67 16.66
CA ILE A 63 -1.73 12.47 15.24
C ILE A 63 -3.25 12.51 14.95
N ASP A 64 -3.76 13.68 14.54
CA ASP A 64 -5.16 13.82 14.13
C ASP A 64 -5.40 13.01 12.84
N PHE A 65 -6.63 12.51 12.64
CA PHE A 65 -6.95 11.67 11.48
C PHE A 65 -7.17 12.43 10.15
N PRO A 66 -7.83 13.62 10.13
CA PRO A 66 -8.05 14.36 8.87
C PRO A 66 -6.78 15.01 8.32
N GLU A 67 -5.77 15.15 9.20
CA GLU A 67 -4.53 15.80 8.85
C GLU A 67 -3.33 14.87 8.59
N PHE A 68 -3.34 13.59 9.02
CA PHE A 68 -2.15 12.74 8.81
C PHE A 68 -2.07 12.07 7.45
N LEU A 69 -3.17 11.51 6.96
CA LEU A 69 -3.15 10.85 5.67
C LEU A 69 -2.83 11.84 4.57
N THR A 70 -3.29 13.05 4.79
CA THR A 70 -3.01 14.18 3.95
C THR A 70 -1.51 14.41 3.93
N MET A 71 -0.88 14.14 5.09
CA MET A 71 0.56 14.22 5.22
C MET A 71 1.20 13.02 4.53
N MET A 72 0.39 11.96 4.39
CA MET A 72 0.81 10.73 3.72
C MET A 72 0.53 10.80 2.24
N ALA A 73 -0.35 11.72 1.87
CA ALA A 73 -0.67 11.94 0.47
C ALA A 73 0.40 12.82 -0.13
N ARG A 74 0.95 13.74 0.68
CA ARG A 74 1.97 14.65 0.19
C ARG A 74 3.40 14.08 0.26
N LYS A 75 3.63 13.01 1.04
CA LYS A 75 4.96 12.41 1.10
C LYS A 75 5.22 11.45 -0.06
N MET A 76 4.16 11.06 -0.77
CA MET A 76 4.27 10.11 -1.86
C MET A 76 3.95 10.75 -3.21
N LYS A 77 3.03 11.71 -3.18
CA LYS A 77 2.58 12.45 -4.35
C LYS A 77 3.67 13.38 -4.95
N ASP A 78 4.73 13.65 -4.17
CA ASP A 78 5.80 14.53 -4.61
C ASP A 78 7.07 13.77 -5.03
N THR A 79 7.29 12.60 -4.41
CA THR A 79 8.46 11.77 -4.71
C THR A 79 8.31 11.01 -6.06
N ASP A 80 8.50 11.76 -7.16
CA ASP A 80 8.40 11.23 -8.55
C ASP A 80 7.04 10.57 -8.83
N SER A 81 6.24 11.22 -9.68
CA SER A 81 4.90 10.74 -10.05
C SER A 81 4.97 9.70 -11.18
N GLU A 82 6.13 9.59 -11.83
CA GLU A 82 6.34 8.66 -12.92
C GLU A 82 6.79 7.31 -12.34
N GLU A 83 7.73 7.41 -11.41
CA GLU A 83 8.31 6.27 -10.70
C GLU A 83 7.37 5.67 -9.65
N GLU A 84 6.34 6.45 -9.22
CA GLU A 84 5.39 5.98 -8.19
C GLU A 84 4.65 4.70 -8.59
N ILE A 85 4.51 4.52 -9.90
CA ILE A 85 3.84 3.36 -10.49
C ILE A 85 4.85 2.22 -10.70
N ARG A 86 5.97 2.56 -11.34
CA ARG A 86 7.06 1.60 -11.64
C ARG A 86 7.60 0.91 -10.39
N GLU A 87 7.33 1.50 -9.22
CA GLU A 87 7.75 0.94 -7.94
C GLU A 87 6.88 -0.27 -7.59
N ALA A 88 5.70 -0.34 -8.22
CA ALA A 88 4.79 -1.46 -8.03
C ALA A 88 5.37 -2.71 -8.68
N PHE A 89 6.29 -2.46 -9.61
CA PHE A 89 7.04 -3.52 -10.26
C PHE A 89 8.16 -3.89 -9.31
N ARG A 90 8.47 -2.94 -8.42
CA ARG A 90 9.42 -3.17 -7.34
C ARG A 90 8.71 -4.04 -6.30
N VAL A 91 7.37 -4.03 -6.39
CA VAL A 91 6.51 -4.81 -5.54
C VAL A 91 6.26 -6.21 -6.12
N PHE A 92 5.81 -6.28 -7.38
CA PHE A 92 5.48 -7.55 -8.01
C PHE A 92 6.59 -8.08 -8.94
N ASP A 93 7.16 -7.19 -9.80
CA ASP A 93 8.23 -7.58 -10.75
C ASP A 93 9.48 -8.03 -10.00
N LYS A 94 9.55 -9.34 -9.80
CA LYS A 94 10.68 -9.95 -9.06
C LYS A 94 11.86 -10.31 -9.94
N ASP A 95 11.58 -10.97 -11.07
CA ASP A 95 12.62 -11.46 -11.95
C ASP A 95 13.35 -10.35 -12.72
N GLY A 96 12.93 -9.13 -12.44
CA GLY A 96 13.50 -7.91 -13.06
C GLY A 96 13.59 -7.95 -14.59
N ASN A 97 12.69 -8.72 -15.23
CA ASN A 97 12.68 -8.86 -16.68
C ASN A 97 11.67 -7.90 -17.33
N GLY A 98 10.87 -7.24 -16.48
CA GLY A 98 9.87 -6.30 -16.96
C GLY A 98 8.47 -6.86 -16.91
N TYR A 99 8.41 -8.18 -16.83
CA TYR A 99 7.15 -8.90 -16.75
C TYR A 99 7.06 -9.72 -15.47
N ILE A 100 6.06 -9.41 -14.64
CA ILE A 100 5.80 -10.11 -13.39
C ILE A 100 5.12 -11.46 -13.71
N SER A 101 5.91 -12.53 -13.67
CA SER A 101 5.43 -13.88 -13.98
C SER A 101 4.69 -14.53 -12.83
N ALA A 102 3.98 -15.63 -13.17
CA ALA A 102 3.16 -16.39 -12.24
C ALA A 102 3.91 -16.99 -11.06
N ALA A 103 5.24 -17.03 -11.14
CA ALA A 103 6.03 -17.60 -10.05
C ALA A 103 6.35 -16.53 -9.06
N GLU A 104 6.47 -15.35 -9.61
CA GLU A 104 6.79 -14.16 -8.88
C GLU A 104 5.59 -13.64 -8.20
N LEU A 105 4.47 -13.73 -8.89
CA LEU A 105 3.19 -13.31 -8.34
C LEU A 105 2.89 -14.22 -7.16
N ARG A 106 3.27 -15.48 -7.35
CA ARG A 106 3.16 -16.47 -6.32
C ARG A 106 4.18 -16.20 -5.25
N HIS A 107 5.39 -15.88 -5.71
CA HIS A 107 6.46 -15.54 -4.82
C HIS A 107 6.14 -14.22 -4.17
N VAL A 108 5.26 -13.46 -4.82
CA VAL A 108 4.80 -12.20 -4.26
C VAL A 108 3.87 -12.54 -3.13
N MET A 109 2.95 -13.41 -3.47
CA MET A 109 2.00 -13.95 -2.51
C MET A 109 2.69 -14.60 -1.34
N THR A 110 3.77 -15.34 -1.61
CA THR A 110 4.48 -16.01 -0.52
C THR A 110 5.20 -14.98 0.36
N ASN A 111 5.40 -13.77 -0.20
CA ASN A 111 5.99 -12.66 0.53
C ASN A 111 4.94 -12.01 1.42
N LEU A 112 3.75 -11.81 0.83
CA LEU A 112 2.66 -11.19 1.55
C LEU A 112 1.94 -12.17 2.47
N GLY A 113 1.97 -13.45 2.09
CA GLY A 113 1.35 -14.50 2.89
C GLY A 113 0.59 -15.58 2.13
N GLU A 114 0.37 -15.49 0.79
CA GLU A 114 -0.36 -16.52 0.10
C GLU A 114 0.49 -17.52 -0.65
N LYS A 115 -0.07 -18.72 -0.77
CA LYS A 115 0.54 -19.78 -1.52
C LYS A 115 -0.31 -19.99 -2.74
N LEU A 116 0.35 -20.01 -3.88
CA LEU A 116 -0.30 -20.12 -5.16
C LEU A 116 0.41 -21.07 -6.12
N THR A 117 -0.30 -22.14 -6.52
CA THR A 117 0.22 -23.16 -7.44
C THR A 117 0.29 -22.67 -8.87
N ASP A 118 0.67 -23.58 -9.75
CA ASP A 118 0.85 -23.30 -11.18
C ASP A 118 -0.45 -23.08 -11.96
N GLU A 119 -1.49 -23.83 -11.64
CA GLU A 119 -2.78 -23.70 -12.33
C GLU A 119 -3.70 -22.66 -11.70
N GLU A 120 -3.39 -22.26 -10.47
CA GLU A 120 -4.17 -21.24 -9.78
C GLU A 120 -3.68 -19.82 -10.15
N VAL A 121 -2.48 -19.75 -10.74
CA VAL A 121 -1.89 -18.46 -11.18
C VAL A 121 -2.40 -18.06 -12.55
N ASP A 122 -2.81 -19.06 -13.34
CA ASP A 122 -3.33 -18.82 -14.70
C ASP A 122 -4.75 -18.21 -14.71
N GLU A 123 -5.01 -17.40 -13.67
CA GLU A 123 -6.27 -16.69 -13.50
C GLU A 123 -6.00 -15.29 -12.94
N MET A 124 -4.95 -15.19 -12.11
CA MET A 124 -4.50 -13.93 -11.52
C MET A 124 -3.84 -13.06 -12.59
N ILE A 125 -3.31 -13.75 -13.62
CA ILE A 125 -2.67 -13.11 -14.76
C ILE A 125 -3.66 -12.78 -15.85
N ARG A 126 -4.41 -13.79 -16.25
CA ARG A 126 -5.43 -13.67 -17.32
C ARG A 126 -6.44 -12.56 -17.03
N GLU A 127 -6.63 -12.34 -15.73
CA GLU A 127 -7.52 -11.29 -15.23
C GLU A 127 -7.01 -9.89 -15.62
N ALA A 128 -5.68 -9.73 -15.70
CA ALA A 128 -5.10 -8.45 -16.06
C ALA A 128 -4.54 -8.52 -17.47
N ASP A 129 -4.06 -9.72 -17.80
CA ASP A 129 -3.46 -10.02 -19.09
C ASP A 129 -4.41 -9.81 -20.25
N ILE A 130 -3.96 -8.98 -21.18
CA ILE A 130 -4.70 -8.63 -22.39
C ILE A 130 -4.35 -9.61 -23.53
N ASP A 131 -3.05 -9.90 -23.68
CA ASP A 131 -2.57 -10.79 -24.72
C ASP A 131 -2.58 -12.26 -24.28
N GLY A 132 -2.51 -12.48 -22.95
CA GLY A 132 -2.54 -13.83 -22.39
C GLY A 132 -1.24 -14.61 -22.56
N ASP A 133 -0.11 -13.99 -22.20
CA ASP A 133 1.21 -14.63 -22.32
C ASP A 133 1.59 -15.41 -21.05
N GLY A 134 0.93 -15.07 -19.94
CA GLY A 134 1.19 -15.73 -18.67
C GLY A 134 2.13 -14.97 -17.78
N GLN A 135 2.38 -13.74 -18.21
CA GLN A 135 3.24 -12.80 -17.54
C GLN A 135 2.59 -11.42 -17.63
N VAL A 136 2.30 -10.85 -16.46
CA VAL A 136 1.62 -9.55 -16.38
C VAL A 136 2.57 -8.37 -16.56
N ASN A 137 2.15 -7.46 -17.46
CA ASN A 137 2.90 -6.24 -17.78
C ASN A 137 2.44 -5.08 -16.90
N TYR A 138 2.82 -3.87 -17.33
CA TYR A 138 2.45 -2.63 -16.65
C TYR A 138 0.99 -2.29 -16.92
N GLU A 139 0.61 -2.18 -18.20
CA GLU A 139 -0.76 -1.84 -18.61
C GLU A 139 -1.81 -2.84 -18.16
N GLU A 140 -1.40 -4.05 -17.84
CA GLU A 140 -2.35 -5.06 -17.38
C GLU A 140 -2.54 -4.94 -15.88
N PHE A 141 -1.44 -4.74 -15.20
CA PHE A 141 -1.43 -4.53 -13.76
C PHE A 141 -1.99 -3.14 -13.47
N VAL A 142 -1.89 -2.27 -14.47
CA VAL A 142 -2.33 -0.86 -14.33
C VAL A 142 -3.80 -0.71 -14.62
N GLN A 143 -4.26 -1.34 -15.69
CA GLN A 143 -5.67 -1.29 -16.04
C GLN A 143 -6.55 -1.89 -14.94
N MET A 144 -5.95 -2.69 -14.06
CA MET A 144 -6.67 -3.30 -12.94
C MET A 144 -7.00 -2.23 -11.89
N MET A 145 -6.22 -1.14 -11.90
CA MET A 145 -6.45 -0.02 -10.99
C MET A 145 -7.43 0.97 -11.64
N THR A 146 -7.82 0.67 -12.90
CA THR A 146 -8.75 1.50 -13.66
C THR A 146 -10.01 0.72 -14.06
N ALA A 147 -9.81 -0.54 -14.49
CA ALA A 147 -10.90 -1.46 -14.90
C ALA A 147 -12.18 -1.34 -14.05
N LYS A 148 -12.03 -1.04 -12.76
CA LYS A 148 -13.16 -0.90 -11.83
C LYS A 148 -13.85 0.46 -12.02
N THR B 1 -17.25 -9.08 2.37
CA THR B 1 -16.31 -8.59 1.33
C THR B 1 -15.95 -9.69 0.34
N ARG B 2 -15.84 -9.32 -0.94
CA ARG B 2 -15.50 -10.27 -2.00
C ARG B 2 -14.02 -10.18 -2.35
N LYS B 3 -13.43 -11.33 -2.71
CA LYS B 3 -12.02 -11.40 -3.08
C LYS B 3 -11.85 -11.44 -4.59
N LYS B 4 -10.74 -10.86 -5.08
CA LYS B 4 -10.43 -10.82 -6.51
C LYS B 4 -8.98 -11.24 -6.76
N THR B 5 -8.58 -11.29 -8.04
CA THR B 5 -7.23 -11.71 -8.43
C THR B 5 -6.22 -10.53 -8.37
N PHE B 6 -5.59 -10.13 -9.51
CA PHE B 6 -4.61 -9.01 -9.51
C PHE B 6 -5.25 -7.70 -9.03
N LYS B 7 -6.58 -7.57 -9.26
CA LYS B 7 -7.35 -6.39 -8.84
C LYS B 7 -7.27 -6.16 -7.33
N GLU B 8 -7.54 -7.22 -6.54
CA GLU B 8 -7.53 -7.16 -5.07
C GLU B 8 -6.11 -7.18 -4.48
N VAL B 9 -5.21 -8.00 -5.07
CA VAL B 9 -3.82 -8.11 -4.58
C VAL B 9 -3.07 -6.76 -4.66
N ALA B 10 -3.42 -5.97 -5.69
CA ALA B 10 -2.82 -4.65 -5.93
C ALA B 10 -3.33 -3.61 -4.94
N ASN B 11 -4.64 -3.63 -4.64
CA ASN B 11 -5.26 -2.70 -3.69
C ASN B 11 -4.72 -2.88 -2.27
N ALA B 12 -4.25 -4.10 -1.97
CA ALA B 12 -3.68 -4.44 -0.66
C ALA B 12 -2.27 -3.89 -0.49
N VAL B 13 -1.48 -3.93 -1.58
CA VAL B 13 -0.09 -3.44 -1.56
C VAL B 13 0.08 -2.16 -2.44
N LYS B 14 -1.02 -1.40 -2.63
CA LYS B 14 -1.00 -0.16 -3.42
C LYS B 14 -0.48 1.01 -2.57
N ILE B 15 -0.86 1.01 -1.29
CA ILE B 15 -0.44 2.04 -0.35
C ILE B 15 0.42 1.40 0.78
N SER B 16 1.54 0.81 0.36
CA SER B 16 2.48 0.15 1.27
C SER B 16 3.92 0.59 0.98
N ALA B 17 4.25 0.70 -0.31
CA ALA B 17 5.59 1.11 -0.76
C ALA B 17 5.68 2.64 -0.90
N SER B 18 4.56 3.33 -0.60
CA SER B 18 4.49 4.79 -0.69
C SER B 18 5.00 5.46 0.60
N LEU B 19 5.06 4.68 1.69
CA LEU B 19 5.54 5.17 2.98
C LEU B 19 7.08 5.06 3.09
N MET B 20 7.68 4.42 2.08
CA MET B 20 9.14 4.22 2.03
C MET B 20 9.84 5.40 1.35
N GLY B 21 11.07 5.67 1.77
CA GLY B 21 11.85 6.76 1.20
C GLY B 21 13.13 7.02 1.96
N THR B 22 13.55 8.29 2.02
CA THR B 22 14.77 8.69 2.71
C THR B 22 14.55 9.97 3.50
#